data_2KSM
#
_entry.id   2KSM
#
_entity_poly.entity_id   1
_entity_poly.type   'polypeptide(L)'
_entity_poly.pdbx_seq_one_letter_code
;GASALSLSLLSISRSGNTVTLIGDFPDEAAKAALMTALNGLLAPGVNVIDQIHVDPVVRSLDFSSAEPVFTASVPIPDFG
LKVERDTVTLTGTAPSSEHKDAVKRAATSTWPDMKIVNNIEVTGQAPPGPP
;
_entity_poly.pdbx_strand_id   A
#
# COMPACT_ATOMS: atom_id res chain seq x y z
N GLY A 1 -15.85 10.38 -22.19
CA GLY A 1 -14.96 11.43 -22.77
C GLY A 1 -13.50 11.02 -22.58
N ALA A 2 -13.19 9.78 -22.94
CA ALA A 2 -11.82 9.28 -22.81
C ALA A 2 -11.40 9.29 -21.34
N SER A 3 -12.34 9.56 -20.45
CA SER A 3 -12.05 9.60 -19.02
C SER A 3 -10.82 10.46 -18.75
N ALA A 4 -10.45 10.56 -17.47
CA ALA A 4 -9.29 11.35 -17.09
C ALA A 4 -8.06 10.46 -16.92
N LEU A 5 -6.89 11.01 -17.26
CA LEU A 5 -5.65 10.25 -17.16
C LEU A 5 -5.02 10.46 -15.78
N SER A 6 -5.86 10.60 -14.76
CA SER A 6 -5.38 10.80 -13.40
C SER A 6 -6.03 9.83 -12.43
N LEU A 7 -5.24 9.28 -11.53
CA LEU A 7 -5.76 8.34 -10.53
C LEU A 7 -5.97 9.03 -9.20
N SER A 8 -7.07 8.69 -8.52
CA SER A 8 -7.37 9.30 -7.23
C SER A 8 -6.28 8.99 -6.21
N LEU A 9 -5.83 10.02 -5.50
CA LEU A 9 -4.80 9.83 -4.49
C LEU A 9 -5.26 8.86 -3.42
N LEU A 10 -4.36 8.02 -2.93
CA LEU A 10 -4.69 7.06 -1.90
C LEU A 10 -3.66 7.09 -0.78
N SER A 11 -4.08 6.68 0.41
CA SER A 11 -3.19 6.67 1.56
C SER A 11 -3.39 5.41 2.40
N ILE A 12 -2.32 4.65 2.59
CA ILE A 12 -2.41 3.42 3.38
C ILE A 12 -1.26 3.34 4.39
N SER A 13 -1.62 3.19 5.66
CA SER A 13 -0.64 3.08 6.72
C SER A 13 -0.82 1.77 7.48
N ARG A 14 0.28 1.06 7.70
CA ARG A 14 0.25 -0.20 8.42
C ARG A 14 1.37 -0.25 9.44
N SER A 15 1.00 -0.21 10.72
CA SER A 15 1.98 -0.24 11.81
C SER A 15 1.92 -1.57 12.57
N GLY A 16 0.73 -2.14 12.63
CA GLY A 16 0.54 -3.41 13.33
C GLY A 16 -0.76 -3.42 14.11
N ASN A 17 -0.74 -2.83 15.30
CA ASN A 17 -1.93 -2.76 16.13
C ASN A 17 -3.15 -2.42 15.30
N THR A 18 -3.25 -1.16 14.89
CA THR A 18 -4.36 -0.70 14.07
C THR A 18 -3.90 -0.35 12.66
N VAL A 19 -4.82 -0.40 11.70
CA VAL A 19 -4.49 -0.07 10.31
C VAL A 19 -5.27 1.16 9.87
N THR A 20 -4.60 2.05 9.13
CA THR A 20 -5.24 3.28 8.67
C THR A 20 -5.12 3.45 7.16
N LEU A 21 -6.23 3.28 6.45
CA LEU A 21 -6.24 3.43 5.00
C LEU A 21 -7.55 4.07 4.53
N ILE A 22 -7.42 5.29 4.00
CA ILE A 22 -8.58 6.02 3.51
C ILE A 22 -8.42 6.35 2.02
N GLY A 23 -9.55 6.64 1.37
CA GLY A 23 -9.51 6.97 -0.06
C GLY A 23 -10.84 6.65 -0.74
N ASP A 24 -10.78 6.42 -2.04
CA ASP A 24 -12.00 6.11 -2.80
C ASP A 24 -11.76 4.93 -3.74
N PHE A 25 -12.72 4.01 -3.77
CA PHE A 25 -12.63 2.83 -4.62
C PHE A 25 -13.64 2.91 -5.75
N PRO A 26 -13.42 2.21 -6.85
CA PRO A 26 -14.38 2.22 -7.99
C PRO A 26 -15.62 1.40 -7.70
N ASP A 27 -15.41 0.23 -7.10
CA ASP A 27 -16.52 -0.66 -6.76
C ASP A 27 -16.35 -1.20 -5.34
N GLU A 28 -17.29 -2.05 -4.93
CA GLU A 28 -17.24 -2.62 -3.59
C GLU A 28 -16.58 -3.99 -3.63
N ALA A 29 -16.82 -4.74 -4.70
CA ALA A 29 -16.23 -6.07 -4.83
C ALA A 29 -14.71 -5.99 -4.84
N ALA A 30 -14.21 -4.82 -5.20
CA ALA A 30 -12.77 -4.59 -5.26
C ALA A 30 -12.14 -4.77 -3.88
N LYS A 31 -12.91 -4.47 -2.83
CA LYS A 31 -12.42 -4.60 -1.47
C LYS A 31 -12.08 -6.05 -1.16
N ALA A 32 -12.84 -6.98 -1.72
CA ALA A 32 -12.62 -8.41 -1.47
C ALA A 32 -11.21 -8.84 -1.90
N ALA A 33 -10.71 -8.27 -2.99
CA ALA A 33 -9.37 -8.63 -3.47
C ALA A 33 -8.30 -8.12 -2.51
N LEU A 34 -8.53 -6.93 -1.97
CA LEU A 34 -7.58 -6.35 -1.02
C LEU A 34 -7.77 -6.98 0.35
N MET A 35 -9.01 -6.97 0.82
CA MET A 35 -9.33 -7.55 2.13
C MET A 35 -8.70 -8.93 2.26
N THR A 36 -8.91 -9.77 1.25
CA THR A 36 -8.35 -11.11 1.28
C THR A 36 -6.86 -11.04 1.64
N ALA A 37 -6.28 -9.87 1.44
CA ALA A 37 -4.88 -9.67 1.75
C ALA A 37 -4.70 -9.45 3.25
N LEU A 38 -5.64 -8.72 3.84
CA LEU A 38 -5.60 -8.46 5.28
C LEU A 38 -5.65 -9.76 6.06
N ASN A 39 -6.44 -10.71 5.57
CA ASN A 39 -6.57 -12.00 6.24
C ASN A 39 -5.20 -12.51 6.67
N GLY A 40 -4.15 -11.98 6.05
CA GLY A 40 -2.79 -12.39 6.38
C GLY A 40 -2.27 -11.62 7.59
N LEU A 41 -2.69 -10.37 7.72
CA LEU A 41 -2.24 -9.55 8.85
C LEU A 41 -3.27 -9.59 9.98
N LEU A 42 -4.50 -9.95 9.64
CA LEU A 42 -5.57 -10.03 10.64
C LEU A 42 -5.11 -10.82 11.84
N ALA A 43 -4.98 -10.15 12.98
CA ALA A 43 -4.55 -10.79 14.22
C ALA A 43 -5.66 -10.70 15.26
N PRO A 44 -5.60 -11.51 16.29
CA PRO A 44 -6.62 -11.51 17.37
C PRO A 44 -6.57 -10.23 18.20
N GLY A 45 -7.66 -9.45 18.16
CA GLY A 45 -7.73 -8.21 18.90
C GLY A 45 -7.26 -7.03 18.05
N VAL A 46 -6.94 -7.33 16.79
CA VAL A 46 -6.48 -6.29 15.87
C VAL A 46 -7.63 -5.39 15.45
N ASN A 47 -7.37 -4.08 15.44
CA ASN A 47 -8.39 -3.12 15.05
C ASN A 47 -8.15 -2.64 13.62
N VAL A 48 -9.23 -2.40 12.88
CA VAL A 48 -9.12 -1.94 11.50
C VAL A 48 -9.90 -0.64 11.31
N ILE A 49 -9.30 0.30 10.58
CA ILE A 49 -9.94 1.57 10.32
C ILE A 49 -9.77 1.95 8.85
N ASP A 50 -10.58 1.33 8.00
CA ASP A 50 -10.51 1.58 6.57
C ASP A 50 -11.85 2.09 6.04
N GLN A 51 -11.85 3.31 5.54
CA GLN A 51 -13.07 3.91 5.01
C GLN A 51 -12.86 4.35 3.57
N ILE A 52 -13.42 3.59 2.64
CA ILE A 52 -13.30 3.89 1.23
C ILE A 52 -14.67 4.22 0.64
N HIS A 53 -14.70 5.18 -0.27
CA HIS A 53 -15.94 5.58 -0.90
C HIS A 53 -16.06 4.90 -2.27
N VAL A 54 -17.29 4.61 -2.69
CA VAL A 54 -17.49 3.97 -3.98
C VAL A 54 -17.63 5.02 -5.07
N ASP A 55 -17.06 4.73 -6.24
CA ASP A 55 -17.14 5.67 -7.35
C ASP A 55 -16.82 4.96 -8.68
N PRO A 56 -17.74 4.22 -9.21
CA PRO A 56 -17.54 3.48 -10.49
C PRO A 56 -17.00 4.36 -11.62
N VAL A 57 -16.72 5.63 -11.33
CA VAL A 57 -16.22 6.56 -12.35
C VAL A 57 -14.81 7.07 -12.05
N VAL A 58 -14.54 7.41 -10.80
CA VAL A 58 -13.22 7.94 -10.45
C VAL A 58 -12.13 6.88 -10.61
N ARG A 59 -11.13 7.22 -11.40
CA ARG A 59 -10.03 6.30 -11.66
C ARG A 59 -9.17 6.13 -10.41
N SER A 60 -9.09 4.88 -9.94
CA SER A 60 -8.33 4.57 -8.74
C SER A 60 -7.29 3.50 -9.00
N LEU A 61 -6.37 3.34 -8.05
CA LEU A 61 -5.32 2.34 -8.15
C LEU A 61 -5.93 0.95 -8.35
N ASP A 62 -5.40 0.20 -9.31
CA ASP A 62 -5.90 -1.14 -9.58
C ASP A 62 -5.21 -2.14 -8.65
N PHE A 63 -5.89 -2.50 -7.55
CA PHE A 63 -5.31 -3.41 -6.58
C PHE A 63 -5.66 -4.86 -6.91
N SER A 64 -6.36 -5.09 -8.02
CA SER A 64 -6.74 -6.45 -8.39
C SER A 64 -5.57 -7.41 -8.15
N SER A 65 -4.35 -6.90 -8.30
CA SER A 65 -3.15 -7.70 -8.10
C SER A 65 -2.34 -7.14 -6.94
N ALA A 66 -3.03 -6.61 -5.94
CA ALA A 66 -2.35 -6.09 -4.79
C ALA A 66 -2.10 -7.22 -3.81
N GLU A 67 -2.87 -8.29 -3.92
CA GLU A 67 -2.64 -9.43 -3.07
C GLU A 67 -1.17 -9.82 -3.20
N PRO A 68 -0.74 -10.24 -4.36
CA PRO A 68 0.68 -10.61 -4.58
C PRO A 68 1.62 -9.53 -4.04
N VAL A 69 1.29 -8.26 -4.28
CA VAL A 69 2.15 -7.18 -3.79
C VAL A 69 2.04 -7.04 -2.26
N PHE A 70 0.86 -6.64 -1.80
CA PHE A 70 0.63 -6.47 -0.37
C PHE A 70 1.15 -7.70 0.39
N THR A 71 0.94 -8.87 -0.19
CA THR A 71 1.40 -10.12 0.42
C THR A 71 2.93 -10.10 0.53
N ALA A 72 3.55 -9.40 -0.42
CA ALA A 72 5.00 -9.30 -0.45
C ALA A 72 5.47 -8.36 0.66
N SER A 73 4.55 -7.55 1.17
CA SER A 73 4.86 -6.60 2.23
C SER A 73 4.28 -7.06 3.56
N VAL A 74 3.64 -8.22 3.57
CA VAL A 74 3.05 -8.76 4.79
C VAL A 74 4.08 -8.88 5.92
N PRO A 75 5.20 -9.53 5.71
CA PRO A 75 6.23 -9.69 6.79
C PRO A 75 6.78 -8.35 7.30
N ILE A 76 6.03 -7.28 7.04
CA ILE A 76 6.44 -5.95 7.49
C ILE A 76 5.18 -5.13 7.84
N PRO A 77 4.75 -5.15 9.08
CA PRO A 77 3.55 -4.39 9.50
C PRO A 77 3.85 -2.92 9.75
N ASP A 78 5.03 -2.49 9.31
CA ASP A 78 5.46 -1.10 9.48
C ASP A 78 5.70 -0.46 8.12
N PHE A 79 4.93 -0.89 7.12
CA PHE A 79 5.11 -0.38 5.77
C PHE A 79 4.04 0.64 5.39
N GLY A 80 4.39 1.51 4.44
CA GLY A 80 3.49 2.54 3.96
C GLY A 80 3.35 2.51 2.44
N LEU A 81 2.15 2.83 1.96
CA LEU A 81 1.87 2.83 0.52
C LEU A 81 1.24 4.17 0.14
N LYS A 82 1.78 4.82 -0.88
CA LYS A 82 1.23 6.10 -1.32
C LYS A 82 1.11 6.18 -2.83
N VAL A 83 -0.07 6.57 -3.29
CA VAL A 83 -0.34 6.70 -4.72
C VAL A 83 -0.73 8.14 -5.02
N GLU A 84 -0.18 8.71 -6.10
CA GLU A 84 -0.47 10.08 -6.46
C GLU A 84 -1.48 10.14 -7.60
N ARG A 85 -1.37 11.17 -8.43
CA ARG A 85 -2.25 11.32 -9.58
C ARG A 85 -1.45 11.08 -10.86
N ASP A 86 -0.15 10.96 -10.67
CA ASP A 86 0.77 10.73 -11.78
C ASP A 86 1.85 9.70 -11.42
N THR A 87 2.16 9.59 -10.14
CA THR A 87 3.20 8.64 -9.71
C THR A 87 2.80 7.90 -8.44
N VAL A 88 3.57 6.87 -8.11
CA VAL A 88 3.32 6.07 -6.91
C VAL A 88 4.63 5.90 -6.14
N THR A 89 4.60 6.21 -4.84
CA THR A 89 5.80 6.10 -4.01
C THR A 89 5.66 4.99 -2.97
N LEU A 90 6.79 4.34 -2.69
CA LEU A 90 6.80 3.24 -1.73
C LEU A 90 7.83 3.51 -0.63
N THR A 91 7.41 3.48 0.63
CA THR A 91 8.35 3.70 1.72
C THR A 91 7.96 2.89 2.96
N GLY A 92 8.93 2.14 3.48
CA GLY A 92 8.68 1.33 4.66
C GLY A 92 9.96 1.01 5.43
N THR A 93 9.82 0.89 6.73
CA THR A 93 10.97 0.59 7.59
C THR A 93 11.41 -0.85 7.37
N ALA A 94 12.60 -1.04 6.81
CA ALA A 94 13.11 -2.38 6.55
C ALA A 94 14.42 -2.63 7.31
N PRO A 95 14.35 -3.08 8.53
CA PRO A 95 15.56 -3.37 9.35
C PRO A 95 16.56 -4.27 8.62
N SER A 96 16.20 -4.72 7.42
CA SER A 96 17.06 -5.59 6.64
C SER A 96 17.61 -4.85 5.43
N SER A 97 17.21 -5.27 4.23
CA SER A 97 17.68 -4.63 3.00
C SER A 97 16.96 -5.21 1.78
N GLU A 98 17.59 -6.18 1.13
CA GLU A 98 17.01 -6.80 -0.06
C GLU A 98 15.54 -7.14 0.18
N HIS A 99 15.19 -7.33 1.45
CA HIS A 99 13.81 -7.67 1.80
C HIS A 99 12.82 -6.76 1.08
N LYS A 100 13.29 -5.57 0.70
CA LYS A 100 12.44 -4.61 0.00
C LYS A 100 12.38 -4.92 -1.50
N ASP A 101 13.41 -5.58 -2.00
CA ASP A 101 13.48 -5.91 -3.42
C ASP A 101 12.18 -6.56 -3.90
N ALA A 102 11.85 -7.71 -3.33
CA ALA A 102 10.63 -8.42 -3.71
C ALA A 102 9.44 -7.47 -3.72
N VAL A 103 9.38 -6.58 -2.75
CA VAL A 103 8.27 -5.63 -2.66
C VAL A 103 8.21 -4.73 -3.90
N LYS A 104 9.37 -4.19 -4.30
CA LYS A 104 9.41 -3.31 -5.46
C LYS A 104 9.05 -4.06 -6.74
N ARG A 105 9.63 -5.25 -6.91
CA ARG A 105 9.36 -6.06 -8.10
C ARG A 105 7.86 -6.32 -8.23
N ALA A 106 7.22 -6.60 -7.11
CA ALA A 106 5.78 -6.88 -7.11
C ALA A 106 4.99 -5.65 -7.57
N ALA A 107 5.36 -4.49 -7.06
CA ALA A 107 4.67 -3.25 -7.40
C ALA A 107 4.88 -2.92 -8.88
N THR A 108 6.14 -2.96 -9.34
CA THR A 108 6.46 -2.66 -10.73
C THR A 108 5.53 -3.43 -11.66
N SER A 109 5.39 -4.72 -11.40
CA SER A 109 4.54 -5.56 -12.24
C SER A 109 3.08 -5.10 -12.17
N THR A 110 2.65 -4.61 -11.01
CA THR A 110 1.27 -4.16 -10.84
C THR A 110 1.03 -2.80 -11.46
N TRP A 111 2.03 -1.92 -11.41
CA TRP A 111 1.88 -0.58 -11.96
C TRP A 111 3.10 -0.21 -12.79
N PRO A 112 3.21 -0.73 -13.98
CA PRO A 112 4.37 -0.47 -14.88
C PRO A 112 4.28 0.86 -15.64
N ASP A 113 3.07 1.27 -16.02
CA ASP A 113 2.91 2.52 -16.75
C ASP A 113 2.94 3.71 -15.81
N MET A 114 3.09 3.43 -14.52
CA MET A 114 3.15 4.48 -13.51
C MET A 114 4.52 4.50 -12.86
N LYS A 115 5.05 5.69 -12.60
CA LYS A 115 6.37 5.81 -11.99
C LYS A 115 6.36 5.30 -10.55
N ILE A 116 7.25 4.36 -10.27
CA ILE A 116 7.36 3.80 -8.93
C ILE A 116 8.69 4.17 -8.29
N VAL A 117 8.63 4.85 -7.14
CA VAL A 117 9.84 5.23 -6.44
C VAL A 117 9.83 4.60 -5.05
N ASN A 118 10.61 3.54 -4.90
CA ASN A 118 10.69 2.82 -3.63
C ASN A 118 12.00 3.15 -2.93
N ASN A 119 11.94 4.11 -2.02
CA ASN A 119 13.14 4.52 -1.31
C ASN A 119 13.08 4.17 0.18
N ILE A 120 13.53 2.96 0.50
CA ILE A 120 13.55 2.46 1.87
C ILE A 120 14.63 3.18 2.67
N GLU A 121 14.38 3.40 3.95
CA GLU A 121 15.35 4.05 4.81
C GLU A 121 15.37 3.34 6.17
N VAL A 122 16.49 2.71 6.49
CA VAL A 122 16.61 1.99 7.76
C VAL A 122 16.75 2.97 8.92
N THR A 123 15.77 2.94 9.82
CA THR A 123 15.79 3.82 10.99
C THR A 123 16.83 3.35 12.00
N GLY A 124 18.00 3.99 11.97
CA GLY A 124 19.07 3.62 12.90
C GLY A 124 20.13 4.72 12.96
N GLN A 125 20.91 4.85 11.90
CA GLN A 125 21.96 5.87 11.85
C GLN A 125 21.37 7.25 12.06
N ALA A 126 20.52 7.67 11.13
CA ALA A 126 19.89 8.98 11.23
C ALA A 126 18.85 8.99 12.36
N PRO A 127 18.49 10.16 12.83
CA PRO A 127 17.49 10.29 13.93
C PRO A 127 16.07 9.99 13.47
N PRO A 128 15.17 9.71 14.37
CA PRO A 128 13.75 9.42 14.03
C PRO A 128 13.21 10.35 12.95
N GLY A 129 12.68 9.77 11.87
CA GLY A 129 12.13 10.57 10.77
C GLY A 129 10.80 11.19 11.17
N PRO A 130 10.09 11.72 10.21
CA PRO A 130 8.76 12.37 10.46
C PRO A 130 7.81 11.43 11.21
N PRO A 131 6.81 11.96 11.86
CA PRO A 131 5.82 11.14 12.63
C PRO A 131 4.92 10.32 11.71
N GLY A 1 -13.92 7.43 -27.02
CA GLY A 1 -14.66 6.97 -25.82
C GLY A 1 -14.24 7.81 -24.61
N ALA A 2 -13.08 7.50 -24.05
CA ALA A 2 -12.58 8.23 -22.88
C ALA A 2 -11.06 8.29 -22.91
N SER A 3 -10.49 9.22 -22.14
CA SER A 3 -9.05 9.38 -22.08
C SER A 3 -8.60 9.55 -20.63
N ALA A 4 -7.38 9.09 -20.34
CA ALA A 4 -6.84 9.20 -18.99
C ALA A 4 -6.62 10.66 -18.62
N LEU A 5 -6.81 10.98 -17.34
CA LEU A 5 -6.64 12.35 -16.86
C LEU A 5 -5.88 12.36 -15.54
N SER A 6 -6.57 12.01 -14.46
CA SER A 6 -5.96 11.99 -13.14
C SER A 6 -6.52 10.85 -12.31
N LEU A 7 -5.67 10.26 -11.47
CA LEU A 7 -6.09 9.15 -10.62
C LEU A 7 -6.45 9.66 -9.23
N SER A 8 -7.52 9.13 -8.65
CA SER A 8 -7.94 9.56 -7.32
C SER A 8 -6.86 9.24 -6.30
N LEU A 9 -6.45 10.26 -5.53
CA LEU A 9 -5.42 10.07 -4.52
C LEU A 9 -5.84 9.01 -3.50
N LEU A 10 -4.86 8.22 -3.06
CA LEU A 10 -5.12 7.17 -2.07
C LEU A 10 -4.07 7.21 -0.97
N SER A 11 -4.47 6.86 0.25
CA SER A 11 -3.53 6.86 1.37
C SER A 11 -3.71 5.62 2.23
N ILE A 12 -2.62 4.89 2.44
CA ILE A 12 -2.66 3.68 3.25
C ILE A 12 -1.43 3.57 4.13
N SER A 13 -1.64 3.59 5.44
CA SER A 13 -0.55 3.51 6.40
C SER A 13 -0.71 2.28 7.29
N ARG A 14 0.39 1.58 7.55
CA ARG A 14 0.36 0.40 8.42
C ARG A 14 1.58 0.39 9.33
N SER A 15 1.35 0.59 10.62
CA SER A 15 2.42 0.60 11.61
C SER A 15 1.85 0.72 13.01
N GLY A 16 1.16 -0.33 13.46
CA GLY A 16 0.57 -0.34 14.80
C GLY A 16 -0.57 -1.35 14.87
N ASN A 17 -0.93 -1.73 16.09
CA ASN A 17 -2.01 -2.70 16.29
C ASN A 17 -3.22 -2.34 15.43
N THR A 18 -3.30 -1.07 15.02
CA THR A 18 -4.41 -0.61 14.19
C THR A 18 -3.93 -0.23 12.79
N VAL A 19 -4.85 -0.28 11.82
CA VAL A 19 -4.51 0.08 10.44
C VAL A 19 -5.36 1.26 9.98
N THR A 20 -4.75 2.13 9.18
CA THR A 20 -5.45 3.32 8.68
C THR A 20 -5.40 3.39 7.16
N LEU A 21 -6.56 3.21 6.53
CA LEU A 21 -6.64 3.25 5.06
C LEU A 21 -7.90 3.99 4.62
N ILE A 22 -7.72 5.16 4.01
CA ILE A 22 -8.85 5.95 3.54
C ILE A 22 -8.62 6.33 2.07
N GLY A 23 -9.64 6.16 1.23
CA GLY A 23 -9.50 6.51 -0.18
C GLY A 23 -10.84 6.36 -0.90
N ASP A 24 -10.79 6.31 -2.24
CA ASP A 24 -11.99 6.17 -3.05
C ASP A 24 -11.90 4.96 -3.97
N PHE A 25 -12.90 4.09 -3.90
CA PHE A 25 -12.94 2.89 -4.72
C PHE A 25 -14.04 3.00 -5.78
N PRO A 26 -13.89 2.34 -6.91
CA PRO A 26 -14.91 2.37 -7.98
C PRO A 26 -16.11 1.49 -7.66
N ASP A 27 -15.83 0.31 -7.12
CA ASP A 27 -16.88 -0.63 -6.75
C ASP A 27 -16.66 -1.13 -5.32
N GLU A 28 -17.58 -1.97 -4.85
CA GLU A 28 -17.47 -2.51 -3.51
C GLU A 28 -16.77 -3.86 -3.51
N ALA A 29 -16.98 -4.63 -4.57
CA ALA A 29 -16.35 -5.95 -4.70
C ALA A 29 -14.83 -5.82 -4.74
N ALA A 30 -14.36 -4.65 -5.15
CA ALA A 30 -12.92 -4.39 -5.24
C ALA A 30 -12.25 -4.59 -3.87
N LYS A 31 -13.00 -4.30 -2.82
CA LYS A 31 -12.46 -4.45 -1.47
C LYS A 31 -12.12 -5.92 -1.21
N ALA A 32 -12.93 -6.82 -1.76
CA ALA A 32 -12.71 -8.26 -1.57
C ALA A 32 -11.31 -8.69 -2.03
N ALA A 33 -10.85 -8.14 -3.15
CA ALA A 33 -9.52 -8.49 -3.67
C ALA A 33 -8.45 -8.05 -2.69
N LEU A 34 -8.68 -6.92 -2.05
CA LEU A 34 -7.71 -6.41 -1.09
C LEU A 34 -7.86 -7.14 0.25
N MET A 35 -9.10 -7.21 0.73
CA MET A 35 -9.38 -7.88 1.99
C MET A 35 -8.67 -9.22 2.06
N THR A 36 -8.83 -10.03 1.01
CA THR A 36 -8.18 -11.34 0.98
C THR A 36 -6.72 -11.21 1.40
N ALA A 37 -6.18 -10.00 1.26
CA ALA A 37 -4.79 -9.76 1.64
C ALA A 37 -4.69 -9.54 3.14
N LEU A 38 -5.69 -8.87 3.71
CA LEU A 38 -5.71 -8.60 5.14
C LEU A 38 -5.71 -9.90 5.93
N ASN A 39 -6.47 -10.89 5.43
CA ASN A 39 -6.54 -12.18 6.10
C ASN A 39 -5.15 -12.64 6.55
N GLY A 40 -4.12 -12.06 5.94
CA GLY A 40 -2.75 -12.41 6.28
C GLY A 40 -2.26 -11.62 7.48
N LEU A 41 -2.74 -10.38 7.61
CA LEU A 41 -2.33 -9.53 8.73
C LEU A 41 -3.33 -9.65 9.89
N LEU A 42 -4.57 -9.96 9.55
CA LEU A 42 -5.61 -10.09 10.56
C LEU A 42 -5.08 -10.84 11.78
N ALA A 43 -4.95 -10.11 12.90
CA ALA A 43 -4.45 -10.70 14.13
C ALA A 43 -5.53 -10.66 15.20
N PRO A 44 -5.38 -11.43 16.26
CA PRO A 44 -6.36 -11.47 17.38
C PRO A 44 -6.35 -10.17 18.20
N GLY A 45 -7.48 -9.47 18.21
CA GLY A 45 -7.59 -8.22 18.94
C GLY A 45 -7.15 -7.04 18.10
N VAL A 46 -6.94 -7.28 16.81
CA VAL A 46 -6.52 -6.22 15.90
C VAL A 46 -7.70 -5.35 15.49
N ASN A 47 -7.50 -4.04 15.54
CA ASN A 47 -8.56 -3.10 15.17
C ASN A 47 -8.32 -2.56 13.76
N VAL A 48 -9.39 -2.47 12.98
CA VAL A 48 -9.27 -1.97 11.61
C VAL A 48 -10.11 -0.70 11.43
N ILE A 49 -9.58 0.25 10.69
CA ILE A 49 -10.28 1.50 10.44
C ILE A 49 -10.12 1.89 8.98
N ASP A 50 -10.90 1.26 8.11
CA ASP A 50 -10.84 1.55 6.69
C ASP A 50 -12.17 2.12 6.20
N GLN A 51 -12.13 3.36 5.71
CA GLN A 51 -13.33 4.00 5.21
C GLN A 51 -13.12 4.47 3.78
N ILE A 52 -13.71 3.75 2.85
CA ILE A 52 -13.59 4.07 1.45
C ILE A 52 -14.95 4.42 0.87
N HIS A 53 -14.97 5.40 -0.04
CA HIS A 53 -16.23 5.81 -0.66
C HIS A 53 -16.37 5.15 -2.03
N VAL A 54 -17.62 4.86 -2.41
CA VAL A 54 -17.88 4.25 -3.69
C VAL A 54 -18.16 5.33 -4.74
N ASP A 55 -17.73 5.09 -5.98
CA ASP A 55 -17.94 6.06 -7.04
C ASP A 55 -18.22 5.34 -8.36
N PRO A 56 -18.82 6.02 -9.31
CA PRO A 56 -19.13 5.42 -10.64
C PRO A 56 -17.99 4.52 -11.11
N VAL A 57 -16.89 5.13 -11.54
CA VAL A 57 -15.73 4.39 -12.01
C VAL A 57 -14.50 5.30 -11.95
N VAL A 58 -14.37 6.02 -10.83
CA VAL A 58 -13.25 6.93 -10.65
C VAL A 58 -11.92 6.24 -10.93
N ARG A 59 -11.02 6.97 -11.54
CA ARG A 59 -9.72 6.42 -11.88
C ARG A 59 -8.90 6.21 -10.61
N SER A 60 -8.83 4.95 -10.19
CA SER A 60 -8.10 4.58 -8.98
C SER A 60 -7.10 3.46 -9.26
N LEU A 61 -6.22 3.21 -8.29
CA LEU A 61 -5.23 2.16 -8.41
C LEU A 61 -5.91 0.80 -8.55
N ASP A 62 -5.48 0.01 -9.53
CA ASP A 62 -6.07 -1.31 -9.73
C ASP A 62 -5.39 -2.31 -8.80
N PHE A 63 -6.04 -2.61 -7.68
CA PHE A 63 -5.47 -3.53 -6.70
C PHE A 63 -5.77 -4.99 -7.05
N SER A 64 -6.44 -5.24 -8.17
CA SER A 64 -6.77 -6.61 -8.55
C SER A 64 -5.60 -7.53 -8.27
N SER A 65 -4.40 -6.96 -8.31
CA SER A 65 -3.17 -7.71 -8.06
C SER A 65 -2.40 -7.10 -6.89
N ALA A 66 -3.13 -6.59 -5.91
CA ALA A 66 -2.50 -6.02 -4.74
C ALA A 66 -2.16 -7.16 -3.79
N GLU A 67 -2.89 -8.26 -3.93
CA GLU A 67 -2.60 -9.42 -3.11
C GLU A 67 -1.12 -9.76 -3.26
N PRO A 68 -0.68 -10.13 -4.44
CA PRO A 68 0.75 -10.44 -4.68
C PRO A 68 1.66 -9.35 -4.11
N VAL A 69 1.25 -8.08 -4.25
CA VAL A 69 2.09 -7.00 -3.71
C VAL A 69 1.95 -6.92 -2.18
N PHE A 70 0.76 -6.56 -1.70
CA PHE A 70 0.53 -6.46 -0.26
C PHE A 70 1.11 -7.69 0.44
N THR A 71 0.95 -8.86 -0.19
CA THR A 71 1.47 -10.10 0.38
C THR A 71 2.99 -10.04 0.44
N ALA A 72 3.59 -9.34 -0.52
CA ALA A 72 5.04 -9.22 -0.56
C ALA A 72 5.54 -8.30 0.55
N SER A 73 4.61 -7.51 1.10
CA SER A 73 4.94 -6.58 2.17
C SER A 73 4.32 -7.02 3.49
N VAL A 74 3.68 -8.18 3.49
CA VAL A 74 3.05 -8.70 4.69
C VAL A 74 4.04 -8.82 5.85
N PRO A 75 5.19 -9.44 5.66
CA PRO A 75 6.18 -9.59 6.77
C PRO A 75 6.74 -8.26 7.25
N ILE A 76 6.03 -7.18 6.94
CA ILE A 76 6.44 -5.85 7.34
C ILE A 76 5.19 -5.02 7.72
N PRO A 77 4.71 -5.14 8.92
CA PRO A 77 3.50 -4.39 9.37
C PRO A 77 3.80 -2.93 9.67
N ASP A 78 4.97 -2.46 9.22
CA ASP A 78 5.39 -1.09 9.42
C ASP A 78 5.65 -0.43 8.07
N PHE A 79 4.90 -0.86 7.07
CA PHE A 79 5.08 -0.36 5.71
C PHE A 79 4.08 0.74 5.36
N GLY A 80 4.42 1.50 4.31
CA GLY A 80 3.57 2.57 3.84
C GLY A 80 3.33 2.47 2.34
N LEU A 81 2.08 2.69 1.92
CA LEU A 81 1.72 2.63 0.52
C LEU A 81 0.99 3.93 0.14
N LYS A 82 1.49 4.62 -0.89
CA LYS A 82 0.87 5.87 -1.29
C LYS A 82 0.80 6.01 -2.81
N VAL A 83 -0.39 6.35 -3.28
CA VAL A 83 -0.62 6.56 -4.71
C VAL A 83 -1.01 8.01 -4.94
N GLU A 84 -0.47 8.63 -6.00
CA GLU A 84 -0.76 10.02 -6.30
C GLU A 84 -1.81 10.14 -7.39
N ARG A 85 -1.71 11.20 -8.18
CA ARG A 85 -2.63 11.43 -9.29
C ARG A 85 -1.95 11.03 -10.59
N ASP A 86 -0.70 10.61 -10.45
CA ASP A 86 0.08 10.18 -11.60
C ASP A 86 1.34 9.39 -11.20
N THR A 87 1.69 9.39 -9.92
CA THR A 87 2.87 8.67 -9.45
C THR A 87 2.54 7.83 -8.21
N VAL A 88 3.37 6.81 -7.95
CA VAL A 88 3.17 5.95 -6.79
C VAL A 88 4.51 5.76 -6.06
N THR A 89 4.52 6.08 -4.77
CA THR A 89 5.75 5.96 -3.98
C THR A 89 5.63 4.87 -2.93
N LEU A 90 6.76 4.20 -2.67
CA LEU A 90 6.81 3.11 -1.70
C LEU A 90 7.87 3.35 -0.63
N THR A 91 7.48 3.28 0.64
CA THR A 91 8.44 3.48 1.71
C THR A 91 8.11 2.59 2.92
N GLY A 92 9.12 1.85 3.39
CA GLY A 92 8.94 0.97 4.53
C GLY A 92 10.27 0.67 5.22
N THR A 93 10.28 0.74 6.55
CA THR A 93 11.49 0.46 7.31
C THR A 93 11.80 -1.03 7.27
N ALA A 94 13.02 -1.37 6.83
CA ALA A 94 13.42 -2.77 6.73
C ALA A 94 14.84 -2.97 7.30
N PRO A 95 14.96 -3.26 8.57
CA PRO A 95 16.30 -3.47 9.21
C PRO A 95 17.18 -4.47 8.45
N SER A 96 16.64 -5.02 7.36
CA SER A 96 17.40 -5.98 6.56
C SER A 96 18.07 -5.28 5.38
N SER A 97 17.81 -5.76 4.16
CA SER A 97 18.40 -5.17 2.98
C SER A 97 17.62 -5.56 1.73
N GLU A 98 18.16 -6.50 0.96
CA GLU A 98 17.51 -6.96 -0.27
C GLU A 98 16.02 -7.20 -0.02
N HIS A 99 15.67 -7.41 1.24
CA HIS A 99 14.28 -7.66 1.61
C HIS A 99 13.35 -6.67 0.92
N LYS A 100 13.89 -5.52 0.53
CA LYS A 100 13.10 -4.49 -0.15
C LYS A 100 12.95 -4.80 -1.63
N ASP A 101 13.94 -5.50 -2.18
CA ASP A 101 13.93 -5.84 -3.60
C ASP A 101 12.63 -6.51 -4.01
N ALA A 102 12.31 -7.63 -3.38
CA ALA A 102 11.08 -8.35 -3.71
C ALA A 102 9.87 -7.43 -3.67
N VAL A 103 9.81 -6.57 -2.66
CA VAL A 103 8.70 -5.64 -2.53
C VAL A 103 8.61 -4.73 -3.75
N LYS A 104 9.75 -4.20 -4.19
CA LYS A 104 9.78 -3.32 -5.34
C LYS A 104 9.40 -4.06 -6.62
N ARG A 105 9.99 -5.22 -6.81
CA ARG A 105 9.72 -6.02 -8.01
C ARG A 105 8.23 -6.31 -8.14
N ALA A 106 7.61 -6.72 -7.03
CA ALA A 106 6.19 -7.04 -7.03
C ALA A 106 5.36 -5.79 -7.32
N ALA A 107 5.70 -4.68 -6.70
CA ALA A 107 4.96 -3.44 -6.89
C ALA A 107 5.14 -2.91 -8.31
N THR A 108 6.39 -2.82 -8.75
CA THR A 108 6.68 -2.30 -10.10
C THR A 108 5.91 -3.09 -11.17
N SER A 109 5.95 -4.42 -11.07
CA SER A 109 5.27 -5.26 -12.05
C SER A 109 3.76 -5.02 -12.03
N THR A 110 3.25 -4.59 -10.88
CA THR A 110 1.82 -4.33 -10.75
C THR A 110 1.47 -2.96 -11.31
N TRP A 111 2.43 -2.03 -11.26
CA TRP A 111 2.20 -0.70 -11.76
C TRP A 111 3.44 -0.22 -12.51
N PRO A 112 3.68 -0.76 -13.68
CA PRO A 112 4.87 -0.43 -14.51
C PRO A 112 4.74 0.88 -15.29
N ASP A 113 3.53 1.23 -15.71
CA ASP A 113 3.33 2.46 -16.46
C ASP A 113 3.21 3.66 -15.52
N MET A 114 3.30 3.40 -14.23
CA MET A 114 3.21 4.46 -13.23
C MET A 114 4.54 4.63 -12.51
N LYS A 115 5.00 5.88 -12.39
CA LYS A 115 6.25 6.15 -11.71
C LYS A 115 6.27 5.47 -10.35
N ILE A 116 7.10 4.44 -10.22
CA ILE A 116 7.20 3.71 -8.97
C ILE A 116 8.55 3.96 -8.31
N VAL A 117 8.52 4.53 -7.10
CA VAL A 117 9.76 4.80 -6.38
C VAL A 117 9.73 4.17 -5.00
N ASN A 118 10.43 3.05 -4.87
CA ASN A 118 10.49 2.34 -3.60
C ASN A 118 11.82 2.64 -2.91
N ASN A 119 11.78 3.57 -1.96
CA ASN A 119 12.99 3.97 -1.25
C ASN A 119 12.96 3.58 0.22
N ILE A 120 13.41 2.36 0.50
CA ILE A 120 13.47 1.85 1.87
C ILE A 120 14.70 2.42 2.56
N GLU A 121 14.60 2.68 3.86
CA GLU A 121 15.73 3.20 4.61
C GLU A 121 15.81 2.49 5.96
N VAL A 122 16.94 1.84 6.21
CA VAL A 122 17.12 1.11 7.47
C VAL A 122 17.34 2.06 8.64
N THR A 123 16.39 2.07 9.56
CA THR A 123 16.49 2.94 10.74
C THR A 123 17.18 2.21 11.88
N GLY A 124 18.35 2.70 12.28
CA GLY A 124 19.10 2.09 13.35
C GLY A 124 20.38 2.86 13.65
N GLN A 125 21.41 2.62 12.85
CA GLN A 125 22.69 3.31 13.03
C GLN A 125 23.16 3.16 14.48
N ALA A 126 24.37 3.63 14.75
CA ALA A 126 24.94 3.53 16.09
C ALA A 126 24.18 4.46 17.04
N PRO A 127 24.30 4.23 18.32
CA PRO A 127 23.61 5.07 19.35
C PRO A 127 24.26 6.45 19.48
N PRO A 128 23.55 7.40 20.03
CA PRO A 128 24.08 8.79 20.22
C PRO A 128 25.52 8.79 20.72
N GLY A 129 26.00 7.63 21.18
CA GLY A 129 27.36 7.51 21.69
C GLY A 129 28.06 6.30 21.09
N PRO A 130 28.52 6.40 19.86
CA PRO A 130 29.23 5.28 19.17
C PRO A 130 30.38 4.74 20.01
N PRO A 131 30.80 3.53 19.76
CA PRO A 131 31.92 2.89 20.53
C PRO A 131 33.27 3.55 20.22
N GLY A 1 -17.61 15.62 -14.04
CA GLY A 1 -17.03 14.26 -14.33
C GLY A 1 -15.91 14.40 -15.35
N ALA A 2 -16.13 13.88 -16.54
CA ALA A 2 -15.13 13.95 -17.60
C ALA A 2 -13.86 13.22 -17.18
N SER A 3 -13.11 12.74 -18.16
CA SER A 3 -11.85 12.03 -17.88
C SER A 3 -10.72 13.02 -17.62
N ALA A 4 -10.39 13.21 -16.35
CA ALA A 4 -9.32 14.12 -15.97
C ALA A 4 -7.98 13.40 -15.95
N LEU A 5 -7.02 13.91 -16.71
CA LEU A 5 -5.70 13.30 -16.78
C LEU A 5 -5.18 13.02 -15.37
N SER A 6 -5.63 13.79 -14.41
CA SER A 6 -5.20 13.62 -13.03
C SER A 6 -6.32 13.02 -12.18
N LEU A 7 -6.09 11.80 -11.70
CA LEU A 7 -7.07 11.12 -10.87
C LEU A 7 -6.88 11.48 -9.40
N SER A 8 -7.61 10.80 -8.54
CA SER A 8 -7.50 11.05 -7.10
C SER A 8 -6.31 10.31 -6.51
N LEU A 9 -6.04 10.54 -5.23
CA LEU A 9 -4.92 9.90 -4.55
C LEU A 9 -5.43 9.01 -3.42
N LEU A 10 -4.60 8.07 -2.98
CA LEU A 10 -4.97 7.17 -1.89
C LEU A 10 -3.94 7.25 -0.78
N SER A 11 -4.34 6.85 0.42
CA SER A 11 -3.44 6.89 1.58
C SER A 11 -3.61 5.64 2.44
N ILE A 12 -2.50 4.93 2.68
CA ILE A 12 -2.54 3.73 3.50
C ILE A 12 -1.38 3.69 4.48
N SER A 13 -1.72 3.58 5.76
CA SER A 13 -0.72 3.54 6.82
C SER A 13 -0.97 2.36 7.75
N ARG A 14 0.06 1.55 7.98
CA ARG A 14 -0.06 0.39 8.86
C ARG A 14 1.16 0.28 9.77
N SER A 15 0.94 0.54 11.06
CA SER A 15 2.00 0.47 12.06
C SER A 15 1.44 0.68 13.46
N GLY A 16 1.86 -0.16 14.39
CA GLY A 16 1.39 -0.06 15.77
C GLY A 16 0.45 -1.22 16.10
N ASN A 17 -0.84 -0.94 16.14
CA ASN A 17 -1.83 -1.97 16.44
C ASN A 17 -3.04 -1.83 15.53
N THR A 18 -3.33 -0.60 15.12
CA THR A 18 -4.46 -0.33 14.23
C THR A 18 -3.96 0.11 12.86
N VAL A 19 -4.79 -0.08 11.83
CA VAL A 19 -4.42 0.31 10.47
C VAL A 19 -5.29 1.48 10.00
N THR A 20 -4.68 2.41 9.27
CA THR A 20 -5.41 3.58 8.78
C THR A 20 -5.28 3.74 7.27
N LEU A 21 -6.39 3.52 6.57
CA LEU A 21 -6.40 3.64 5.11
C LEU A 21 -7.71 4.25 4.63
N ILE A 22 -7.62 5.45 4.05
CA ILE A 22 -8.79 6.15 3.55
C ILE A 22 -8.63 6.46 2.07
N GLY A 23 -9.76 6.70 1.39
CA GLY A 23 -9.71 7.01 -0.03
C GLY A 23 -11.03 6.66 -0.73
N ASP A 24 -10.96 6.53 -2.05
CA ASP A 24 -12.13 6.20 -2.85
C ASP A 24 -11.83 5.06 -3.83
N PHE A 25 -12.76 4.12 -3.93
CA PHE A 25 -12.60 2.97 -4.83
C PHE A 25 -13.59 3.08 -5.98
N PRO A 26 -13.33 2.42 -7.09
CA PRO A 26 -14.25 2.45 -8.26
C PRO A 26 -15.47 1.57 -8.01
N ASP A 27 -15.22 0.39 -7.46
CA ASP A 27 -16.30 -0.55 -7.17
C ASP A 27 -16.20 -1.02 -5.71
N GLU A 28 -17.15 -1.85 -5.30
CA GLU A 28 -17.15 -2.35 -3.93
C GLU A 28 -16.46 -3.71 -3.84
N ALA A 29 -16.68 -4.56 -4.84
CA ALA A 29 -16.06 -5.88 -4.86
C ALA A 29 -14.54 -5.76 -4.85
N ALA A 30 -14.06 -4.62 -5.33
CA ALA A 30 -12.63 -4.36 -5.40
C ALA A 30 -12.00 -4.52 -4.00
N LYS A 31 -12.81 -4.26 -2.97
CA LYS A 31 -12.32 -4.39 -1.60
C LYS A 31 -11.97 -5.84 -1.27
N ALA A 32 -12.75 -6.76 -1.80
CA ALA A 32 -12.52 -8.19 -1.55
C ALA A 32 -11.10 -8.60 -1.94
N ALA A 33 -10.61 -8.12 -3.08
CA ALA A 33 -9.27 -8.47 -3.52
C ALA A 33 -8.23 -7.93 -2.55
N LEU A 34 -8.52 -6.76 -1.99
CA LEU A 34 -7.61 -6.15 -1.03
C LEU A 34 -7.73 -6.85 0.32
N MET A 35 -8.97 -6.89 0.82
CA MET A 35 -9.23 -7.53 2.11
C MET A 35 -8.53 -8.88 2.19
N THR A 36 -8.71 -9.70 1.16
CA THR A 36 -8.08 -11.02 1.13
C THR A 36 -6.59 -10.89 1.45
N ALA A 37 -6.05 -9.71 1.21
CA ALA A 37 -4.64 -9.46 1.48
C ALA A 37 -4.41 -9.27 2.97
N LEU A 38 -5.33 -8.55 3.62
CA LEU A 38 -5.23 -8.32 5.06
C LEU A 38 -5.16 -9.63 5.80
N ASN A 39 -5.85 -10.64 5.28
CA ASN A 39 -5.87 -11.95 5.90
C ASN A 39 -4.48 -12.32 6.39
N GLY A 40 -3.46 -11.73 5.78
CA GLY A 40 -2.08 -12.02 6.17
C GLY A 40 -1.65 -11.15 7.35
N LEU A 41 -2.16 -9.92 7.40
CA LEU A 41 -1.81 -9.01 8.48
C LEU A 41 -2.87 -9.07 9.59
N LEU A 42 -3.99 -9.73 9.29
CA LEU A 42 -5.07 -9.86 10.26
C LEU A 42 -4.57 -10.53 11.54
N ALA A 43 -4.50 -9.76 12.63
CA ALA A 43 -4.03 -10.29 13.90
C ALA A 43 -5.15 -10.22 14.94
N PRO A 44 -5.02 -10.92 16.03
CA PRO A 44 -6.04 -10.92 17.12
C PRO A 44 -6.06 -9.61 17.90
N GLY A 45 -7.25 -9.17 18.29
CA GLY A 45 -7.39 -7.93 19.04
C GLY A 45 -6.99 -6.73 18.17
N VAL A 46 -6.62 -7.02 16.93
CA VAL A 46 -6.22 -5.96 16.00
C VAL A 46 -7.43 -5.14 15.57
N ASN A 47 -7.29 -3.82 15.58
CA ASN A 47 -8.37 -2.93 15.20
C ASN A 47 -8.14 -2.43 13.77
N VAL A 48 -9.23 -2.22 13.04
CA VAL A 48 -9.13 -1.74 11.67
C VAL A 48 -9.91 -0.44 11.50
N ILE A 49 -9.31 0.51 10.78
CA ILE A 49 -9.95 1.79 10.54
C ILE A 49 -9.81 2.15 9.06
N ASP A 50 -10.63 1.53 8.23
CA ASP A 50 -10.58 1.76 6.80
C ASP A 50 -11.93 2.24 6.28
N GLN A 51 -11.96 3.47 5.78
CA GLN A 51 -13.20 4.03 5.25
C GLN A 51 -13.00 4.45 3.79
N ILE A 52 -13.56 3.65 2.89
CA ILE A 52 -13.44 3.90 1.47
C ILE A 52 -14.81 4.19 0.87
N HIS A 53 -14.84 5.12 -0.09
CA HIS A 53 -16.10 5.49 -0.74
C HIS A 53 -16.07 5.07 -2.21
N VAL A 54 -17.24 4.88 -2.79
CA VAL A 54 -17.33 4.47 -4.19
C VAL A 54 -17.35 5.71 -5.10
N ASP A 55 -16.71 5.61 -6.25
CA ASP A 55 -16.65 6.72 -7.20
C ASP A 55 -16.44 6.21 -8.62
N PRO A 56 -17.48 5.72 -9.25
CA PRO A 56 -17.42 5.17 -10.63
C PRO A 56 -16.79 6.12 -11.66
N VAL A 57 -16.41 7.33 -11.24
CA VAL A 57 -15.79 8.28 -12.18
C VAL A 57 -14.28 8.30 -12.00
N VAL A 58 -13.84 8.27 -10.75
CA VAL A 58 -12.41 8.27 -10.45
C VAL A 58 -11.90 6.84 -10.59
N ARG A 59 -10.62 6.60 -10.28
CA ARG A 59 -10.07 5.26 -10.40
C ARG A 59 -9.10 4.98 -9.25
N SER A 60 -8.73 3.72 -9.10
CA SER A 60 -7.80 3.33 -8.04
C SER A 60 -6.87 2.22 -8.52
N LEU A 61 -5.91 1.85 -7.68
CA LEU A 61 -4.97 0.80 -8.02
C LEU A 61 -5.69 -0.51 -8.27
N ASP A 62 -5.29 -1.23 -9.32
CA ASP A 62 -5.91 -2.50 -9.64
C ASP A 62 -5.44 -3.56 -8.65
N PHE A 63 -6.21 -3.75 -7.58
CA PHE A 63 -5.85 -4.70 -6.55
C PHE A 63 -5.99 -6.16 -7.01
N SER A 64 -6.52 -6.36 -8.20
CA SER A 64 -6.71 -7.71 -8.72
C SER A 64 -5.48 -8.58 -8.39
N SER A 65 -4.30 -7.99 -8.49
CA SER A 65 -3.05 -8.70 -8.22
C SER A 65 -2.32 -8.10 -7.00
N ALA A 66 -3.08 -7.66 -6.01
CA ALA A 66 -2.47 -7.12 -4.80
C ALA A 66 -2.18 -8.23 -3.81
N GLU A 67 -2.87 -9.35 -3.94
CA GLU A 67 -2.62 -10.46 -3.04
C GLU A 67 -1.15 -10.84 -3.10
N PRO A 68 -0.64 -11.17 -4.26
CA PRO A 68 0.79 -11.53 -4.40
C PRO A 68 1.71 -10.36 -4.05
N VAL A 69 1.31 -9.15 -4.44
CA VAL A 69 2.13 -7.96 -4.14
C VAL A 69 1.89 -7.44 -2.72
N PHE A 70 0.68 -6.97 -2.46
CA PHE A 70 0.33 -6.40 -1.16
C PHE A 70 0.66 -7.35 0.00
N THR A 71 0.40 -8.64 -0.19
CA THR A 71 0.67 -9.61 0.87
C THR A 71 2.19 -9.82 0.99
N ALA A 72 2.87 -9.87 -0.15
CA ALA A 72 4.32 -10.06 -0.15
C ALA A 72 5.02 -8.75 0.19
N SER A 73 4.31 -7.64 0.02
CA SER A 73 4.88 -6.33 0.31
C SER A 73 4.44 -5.81 1.68
N VAL A 74 3.70 -6.64 2.42
CA VAL A 74 3.26 -6.23 3.75
C VAL A 74 3.63 -7.28 4.81
N PRO A 75 4.80 -7.86 4.74
CA PRO A 75 5.26 -8.86 5.73
C PRO A 75 5.45 -8.22 7.09
N ILE A 76 5.86 -6.97 7.08
CA ILE A 76 6.09 -6.21 8.30
C ILE A 76 4.84 -5.34 8.58
N PRO A 77 4.23 -5.44 9.74
CA PRO A 77 3.00 -4.65 10.05
C PRO A 77 3.29 -3.17 10.26
N ASP A 78 4.47 -2.73 9.83
CA ASP A 78 4.89 -1.33 9.97
C ASP A 78 5.12 -0.73 8.59
N PHE A 79 4.38 -1.22 7.61
CA PHE A 79 4.55 -0.75 6.23
C PHE A 79 3.44 0.21 5.80
N GLY A 80 3.75 1.03 4.80
CA GLY A 80 2.80 2.01 4.29
C GLY A 80 2.76 2.00 2.76
N LEU A 81 1.57 2.25 2.22
CA LEU A 81 1.38 2.32 0.78
C LEU A 81 0.84 3.71 0.46
N LYS A 82 1.48 4.42 -0.47
CA LYS A 82 1.05 5.75 -0.82
C LYS A 82 0.93 5.91 -2.32
N VAL A 83 -0.23 6.35 -2.77
CA VAL A 83 -0.47 6.55 -4.19
C VAL A 83 -0.83 8.00 -4.46
N GLU A 84 -0.22 8.60 -5.48
CA GLU A 84 -0.47 9.99 -5.83
C GLU A 84 -1.54 10.04 -6.92
N ARG A 85 -1.46 11.07 -7.75
CA ARG A 85 -2.38 11.19 -8.86
C ARG A 85 -2.06 10.13 -9.91
N ASP A 86 -0.90 10.28 -10.56
CA ASP A 86 -0.47 9.32 -11.59
C ASP A 86 0.83 8.63 -11.21
N THR A 87 1.26 8.80 -9.96
CA THR A 87 2.50 8.17 -9.48
C THR A 87 2.22 7.33 -8.24
N VAL A 88 3.14 6.41 -7.90
CA VAL A 88 2.95 5.56 -6.73
C VAL A 88 4.25 5.43 -5.94
N THR A 89 4.17 5.70 -4.63
CA THR A 89 5.36 5.64 -3.77
C THR A 89 5.22 4.56 -2.70
N LEU A 90 6.34 3.91 -2.39
CA LEU A 90 6.37 2.85 -1.39
C LEU A 90 7.35 3.17 -0.26
N THR A 91 6.89 3.00 0.98
CA THR A 91 7.75 3.25 2.13
C THR A 91 7.48 2.24 3.23
N GLY A 92 8.54 1.61 3.74
CA GLY A 92 8.38 0.62 4.78
C GLY A 92 9.68 0.41 5.58
N THR A 93 9.56 0.43 6.90
CA THR A 93 10.73 0.24 7.75
C THR A 93 11.17 -1.23 7.65
N ALA A 94 12.37 -1.46 7.13
CA ALA A 94 12.87 -2.81 6.97
C ALA A 94 14.31 -2.92 7.48
N PRO A 95 14.52 -3.28 8.73
CA PRO A 95 15.89 -3.41 9.32
C PRO A 95 16.82 -4.27 8.46
N SER A 96 16.33 -4.79 7.34
CA SER A 96 17.16 -5.62 6.46
C SER A 96 17.78 -4.76 5.36
N SER A 97 17.67 -5.24 4.12
CA SER A 97 18.23 -4.51 2.98
C SER A 97 17.55 -4.93 1.68
N GLU A 98 18.25 -5.75 0.88
CA GLU A 98 17.69 -6.21 -0.38
C GLU A 98 16.25 -6.66 -0.20
N HIS A 99 15.91 -6.98 1.04
CA HIS A 99 14.56 -7.42 1.36
C HIS A 99 13.53 -6.50 0.71
N LYS A 100 13.94 -5.26 0.42
CA LYS A 100 13.05 -4.30 -0.21
C LYS A 100 12.99 -4.50 -1.72
N ASP A 101 14.07 -5.06 -2.27
CA ASP A 101 14.16 -5.28 -3.71
C ASP A 101 13.00 -6.11 -4.25
N ALA A 102 12.81 -7.30 -3.69
CA ALA A 102 11.73 -8.19 -4.16
C ALA A 102 10.38 -7.49 -4.14
N VAL A 103 10.16 -6.66 -3.12
CA VAL A 103 8.90 -5.95 -2.99
C VAL A 103 8.73 -4.92 -4.10
N LYS A 104 9.79 -4.17 -4.37
CA LYS A 104 9.74 -3.14 -5.42
C LYS A 104 9.46 -3.77 -6.78
N ARG A 105 10.14 -4.87 -7.08
CA ARG A 105 9.96 -5.55 -8.35
C ARG A 105 8.53 -6.05 -8.50
N ALA A 106 7.92 -6.43 -7.38
CA ALA A 106 6.56 -6.94 -7.40
C ALA A 106 5.57 -5.85 -7.82
N ALA A 107 5.74 -4.64 -7.29
CA ALA A 107 4.84 -3.55 -7.62
C ALA A 107 5.03 -3.12 -9.08
N THR A 108 6.27 -3.09 -9.53
CA THR A 108 6.55 -2.70 -10.92
C THR A 108 5.75 -3.56 -11.88
N SER A 109 5.72 -4.87 -11.61
CA SER A 109 4.99 -5.80 -12.46
C SER A 109 3.48 -5.54 -12.41
N THR A 110 2.99 -5.12 -11.24
CA THR A 110 1.57 -4.87 -11.07
C THR A 110 1.17 -3.50 -11.60
N TRP A 111 2.06 -2.51 -11.46
CA TRP A 111 1.77 -1.16 -11.92
C TRP A 111 2.96 -0.62 -12.70
N PRO A 112 3.22 -1.17 -13.86
CA PRO A 112 4.37 -0.76 -14.72
C PRO A 112 4.17 0.56 -15.44
N ASP A 113 2.93 0.88 -15.81
CA ASP A 113 2.67 2.13 -16.53
C ASP A 113 2.66 3.31 -15.56
N MET A 114 2.80 3.02 -14.28
CA MET A 114 2.82 4.06 -13.25
C MET A 114 4.19 4.15 -12.60
N LYS A 115 4.69 5.37 -12.42
CA LYS A 115 6.00 5.54 -11.80
C LYS A 115 6.00 5.01 -10.38
N ILE A 116 6.90 4.08 -10.10
CA ILE A 116 7.00 3.50 -8.77
C ILE A 116 8.31 3.88 -8.10
N VAL A 117 8.21 4.51 -6.93
CA VAL A 117 9.39 4.90 -6.17
C VAL A 117 9.36 4.24 -4.80
N ASN A 118 10.16 3.20 -4.65
CA ASN A 118 10.23 2.47 -3.39
C ASN A 118 11.53 2.78 -2.68
N ASN A 119 11.48 3.75 -1.78
CA ASN A 119 12.68 4.14 -1.05
C ASN A 119 12.63 3.75 0.42
N ILE A 120 13.06 2.53 0.71
CA ILE A 120 13.09 2.01 2.07
C ILE A 120 14.45 2.29 2.70
N GLU A 121 14.48 2.51 4.01
CA GLU A 121 15.74 2.78 4.68
C GLU A 121 15.77 2.06 6.03
N VAL A 122 16.91 1.48 6.38
CA VAL A 122 17.03 0.76 7.64
C VAL A 122 17.09 1.72 8.82
N THR A 123 16.13 1.62 9.72
CA THR A 123 16.08 2.48 10.88
C THR A 123 17.47 2.62 11.50
N GLY A 124 18.13 3.74 11.22
CA GLY A 124 19.48 3.99 11.75
C GLY A 124 19.70 5.48 11.95
N GLN A 125 19.63 6.23 10.85
CA GLN A 125 19.84 7.68 10.91
C GLN A 125 21.20 8.01 11.48
N ALA A 126 22.07 7.01 11.58
CA ALA A 126 23.41 7.22 12.10
C ALA A 126 24.28 7.94 11.07
N PRO A 127 25.38 8.51 11.48
CA PRO A 127 26.29 9.25 10.55
C PRO A 127 27.08 8.29 9.65
N PRO A 128 27.06 8.49 8.34
CA PRO A 128 27.81 7.60 7.41
C PRO A 128 29.24 7.31 7.90
N GLY A 129 29.39 6.26 8.69
CA GLY A 129 30.71 5.90 9.22
C GLY A 129 30.60 4.83 10.30
N PRO A 130 31.71 4.48 10.89
CA PRO A 130 31.74 3.44 11.97
C PRO A 130 30.71 3.73 13.07
N PRO A 131 30.34 2.73 13.84
CA PRO A 131 29.33 2.91 14.93
C PRO A 131 29.90 3.72 16.09
N GLY A 1 -16.68 1.00 -17.73
CA GLY A 1 -16.01 1.49 -16.50
C GLY A 1 -15.89 3.01 -16.55
N ALA A 2 -14.69 3.50 -16.82
CA ALA A 2 -14.45 4.93 -16.91
C ALA A 2 -13.44 5.25 -17.99
N SER A 3 -13.64 6.37 -18.69
CA SER A 3 -12.73 6.77 -19.75
C SER A 3 -11.78 7.86 -19.27
N ALA A 4 -12.00 8.32 -18.04
CA ALA A 4 -11.16 9.36 -17.46
C ALA A 4 -9.85 8.77 -16.95
N LEU A 5 -8.83 9.61 -16.82
CA LEU A 5 -7.52 9.16 -16.35
C LEU A 5 -7.58 8.86 -14.86
N SER A 6 -6.51 8.27 -14.33
CA SER A 6 -6.44 7.94 -12.92
C SER A 6 -5.84 9.09 -12.13
N LEU A 7 -6.69 9.81 -11.40
CA LEU A 7 -6.23 10.94 -10.60
C LEU A 7 -6.93 10.98 -9.24
N SER A 8 -6.51 10.09 -8.36
CA SER A 8 -7.09 10.02 -7.02
C SER A 8 -6.03 9.56 -6.02
N LEU A 9 -5.56 10.50 -5.20
CA LEU A 9 -4.53 10.19 -4.21
C LEU A 9 -5.06 9.23 -3.15
N LEU A 10 -4.18 8.34 -2.69
CA LEU A 10 -4.53 7.37 -1.67
C LEU A 10 -3.48 7.36 -0.57
N SER A 11 -3.88 6.93 0.63
CA SER A 11 -2.96 6.88 1.76
C SER A 11 -3.16 5.59 2.56
N ILE A 12 -2.07 4.84 2.75
CA ILE A 12 -2.14 3.60 3.50
C ILE A 12 -1.01 3.50 4.52
N SER A 13 -1.38 3.23 5.78
CA SER A 13 -0.40 3.10 6.84
C SER A 13 -0.66 1.83 7.65
N ARG A 14 0.39 1.04 7.84
CA ARG A 14 0.29 -0.21 8.61
C ARG A 14 1.40 -0.27 9.65
N SER A 15 1.01 -0.21 10.92
CA SER A 15 1.99 -0.26 12.02
C SER A 15 1.85 -1.56 12.81
N GLY A 16 0.76 -2.28 12.57
CA GLY A 16 0.52 -3.54 13.26
C GLY A 16 -0.76 -3.47 14.08
N ASN A 17 -0.64 -2.94 15.30
CA ASN A 17 -1.80 -2.81 16.18
C ASN A 17 -3.02 -2.35 15.38
N THR A 18 -2.97 -1.09 14.94
CA THR A 18 -4.07 -0.52 14.17
C THR A 18 -3.62 -0.22 12.74
N VAL A 19 -4.58 -0.18 11.81
CA VAL A 19 -4.28 0.10 10.42
C VAL A 19 -5.06 1.33 9.95
N THR A 20 -4.38 2.21 9.19
CA THR A 20 -5.02 3.42 8.71
C THR A 20 -4.91 3.55 7.20
N LEU A 21 -6.03 3.36 6.51
CA LEU A 21 -6.06 3.47 5.05
C LEU A 21 -7.35 4.13 4.59
N ILE A 22 -7.23 5.35 4.07
CA ILE A 22 -8.39 6.10 3.60
C ILE A 22 -8.24 6.43 2.12
N GLY A 23 -9.36 6.73 1.46
CA GLY A 23 -9.32 7.09 0.05
C GLY A 23 -10.66 6.82 -0.64
N ASP A 24 -10.62 6.68 -1.96
CA ASP A 24 -11.82 6.43 -2.73
C ASP A 24 -11.62 5.26 -3.69
N PHE A 25 -12.59 4.36 -3.72
CA PHE A 25 -12.52 3.19 -4.59
C PHE A 25 -13.52 3.30 -5.73
N PRO A 26 -13.30 2.62 -6.83
CA PRO A 26 -14.24 2.66 -7.98
C PRO A 26 -15.50 1.84 -7.72
N ASP A 27 -15.31 0.66 -7.15
CA ASP A 27 -16.43 -0.23 -6.83
C ASP A 27 -16.32 -0.73 -5.40
N GLU A 28 -17.28 -1.54 -4.98
CA GLU A 28 -17.27 -2.06 -3.62
C GLU A 28 -16.64 -3.46 -3.57
N ALA A 29 -16.91 -4.26 -4.60
CA ALA A 29 -16.35 -5.61 -4.66
C ALA A 29 -14.81 -5.54 -4.68
N ALA A 30 -14.32 -4.40 -5.14
CA ALA A 30 -12.87 -4.19 -5.22
C ALA A 30 -12.23 -4.40 -3.84
N LYS A 31 -12.99 -4.16 -2.80
CA LYS A 31 -12.50 -4.33 -1.44
C LYS A 31 -12.19 -5.80 -1.15
N ALA A 32 -13.00 -6.69 -1.70
CA ALA A 32 -12.82 -8.13 -1.48
C ALA A 32 -11.43 -8.60 -1.93
N ALA A 33 -10.95 -8.10 -3.06
CA ALA A 33 -9.64 -8.51 -3.57
C ALA A 33 -8.53 -8.03 -2.63
N LEU A 34 -8.70 -6.83 -2.09
CA LEU A 34 -7.71 -6.30 -1.17
C LEU A 34 -7.87 -6.92 0.21
N MET A 35 -9.10 -6.91 0.71
CA MET A 35 -9.40 -7.48 2.01
C MET A 35 -8.81 -8.89 2.11
N THR A 36 -9.07 -9.71 1.10
CA THR A 36 -8.54 -11.07 1.10
C THR A 36 -7.05 -11.04 1.38
N ALA A 37 -6.44 -9.88 1.16
CA ALA A 37 -5.01 -9.71 1.40
C ALA A 37 -4.75 -9.56 2.90
N LEU A 38 -5.64 -8.83 3.57
CA LEU A 38 -5.50 -8.61 5.00
C LEU A 38 -5.50 -9.95 5.76
N ASN A 39 -6.27 -10.90 5.23
CA ASN A 39 -6.35 -12.21 5.87
C ASN A 39 -4.98 -12.68 6.33
N GLY A 40 -3.94 -12.12 5.72
CA GLY A 40 -2.57 -12.50 6.07
C GLY A 40 -2.08 -11.71 7.29
N LEU A 41 -2.53 -10.46 7.40
CA LEU A 41 -2.11 -9.63 8.53
C LEU A 41 -3.08 -9.78 9.70
N LEU A 42 -4.31 -10.21 9.38
CA LEU A 42 -5.33 -10.40 10.41
C LEU A 42 -4.72 -11.01 11.67
N ALA A 43 -4.54 -10.18 12.69
CA ALA A 43 -3.97 -10.63 13.96
C ALA A 43 -5.01 -10.51 15.07
N PRO A 44 -4.80 -11.19 16.17
CA PRO A 44 -5.74 -11.15 17.33
C PRO A 44 -5.77 -9.79 18.02
N GLY A 45 -6.97 -9.29 18.31
CA GLY A 45 -7.12 -8.01 18.97
C GLY A 45 -6.71 -6.86 18.05
N VAL A 46 -6.51 -7.18 16.78
CA VAL A 46 -6.10 -6.16 15.81
C VAL A 46 -7.31 -5.33 15.37
N ASN A 47 -7.15 -4.01 15.40
CA ASN A 47 -8.22 -3.12 14.98
C ASN A 47 -7.94 -2.55 13.59
N VAL A 48 -8.98 -2.47 12.77
CA VAL A 48 -8.83 -1.95 11.42
C VAL A 48 -9.65 -0.68 11.24
N ILE A 49 -9.06 0.30 10.55
CA ILE A 49 -9.75 1.57 10.30
C ILE A 49 -9.59 1.95 8.84
N ASP A 50 -10.38 1.33 7.97
CA ASP A 50 -10.32 1.60 6.54
C ASP A 50 -11.65 2.14 6.04
N GLN A 51 -11.64 3.38 5.55
CA GLN A 51 -12.86 4.01 5.05
C GLN A 51 -12.67 4.46 3.61
N ILE A 52 -13.27 3.70 2.68
CA ILE A 52 -13.18 4.01 1.27
C ILE A 52 -14.54 4.40 0.73
N HIS A 53 -14.57 5.37 -0.17
CA HIS A 53 -15.82 5.81 -0.78
C HIS A 53 -15.90 5.31 -2.21
N VAL A 54 -17.12 5.10 -2.70
CA VAL A 54 -17.31 4.62 -4.06
C VAL A 54 -17.37 5.80 -5.03
N ASP A 55 -16.80 5.62 -6.22
CA ASP A 55 -16.77 6.68 -7.23
C ASP A 55 -16.54 6.10 -8.62
N PRO A 56 -17.56 5.55 -9.23
CA PRO A 56 -17.46 4.94 -10.58
C PRO A 56 -16.90 5.89 -11.66
N VAL A 57 -16.56 7.11 -11.26
CA VAL A 57 -16.03 8.08 -12.22
C VAL A 57 -14.50 8.20 -12.08
N VAL A 58 -14.04 8.31 -10.84
CA VAL A 58 -12.60 8.40 -10.60
C VAL A 58 -11.98 7.04 -10.91
N ARG A 59 -10.74 6.82 -10.51
CA ARG A 59 -10.09 5.55 -10.77
C ARG A 59 -9.08 5.24 -9.67
N SER A 60 -8.74 3.97 -9.53
CA SER A 60 -7.78 3.57 -8.51
C SER A 60 -6.85 2.47 -9.02
N LEU A 61 -5.89 2.11 -8.19
CA LEU A 61 -4.94 1.06 -8.54
C LEU A 61 -5.67 -0.27 -8.71
N ASP A 62 -5.26 -1.04 -9.70
CA ASP A 62 -5.89 -2.34 -9.95
C ASP A 62 -5.27 -3.36 -9.00
N PHE A 63 -5.98 -3.65 -7.93
CA PHE A 63 -5.47 -4.59 -6.93
C PHE A 63 -5.67 -6.04 -7.34
N SER A 64 -6.21 -6.27 -8.54
CA SER A 64 -6.45 -7.65 -8.98
C SER A 64 -5.24 -8.52 -8.60
N SER A 65 -4.06 -7.91 -8.68
CA SER A 65 -2.82 -8.60 -8.32
C SER A 65 -2.13 -7.87 -7.17
N ALA A 66 -2.93 -7.35 -6.24
CA ALA A 66 -2.37 -6.70 -5.08
C ALA A 66 -2.06 -7.76 -4.05
N GLU A 67 -2.78 -8.86 -4.12
CA GLU A 67 -2.52 -9.96 -3.22
C GLU A 67 -1.03 -10.29 -3.27
N PRO A 68 -0.53 -10.72 -4.40
CA PRO A 68 0.91 -11.03 -4.55
C PRO A 68 1.78 -9.88 -4.06
N VAL A 69 1.39 -8.63 -4.35
CA VAL A 69 2.18 -7.49 -3.90
C VAL A 69 2.01 -7.26 -2.40
N PHE A 70 0.78 -6.88 -2.00
CA PHE A 70 0.49 -6.64 -0.59
C PHE A 70 1.03 -7.78 0.27
N THR A 71 0.88 -9.02 -0.22
CA THR A 71 1.38 -10.18 0.51
C THR A 71 2.90 -10.11 0.62
N ALA A 72 3.52 -9.49 -0.37
CA ALA A 72 4.97 -9.36 -0.37
C ALA A 72 5.40 -8.36 0.70
N SER A 73 4.46 -7.55 1.17
CA SER A 73 4.74 -6.55 2.19
C SER A 73 4.05 -6.93 3.50
N VAL A 74 3.37 -8.07 3.52
CA VAL A 74 2.67 -8.51 4.71
C VAL A 74 3.62 -8.80 5.88
N PRO A 75 4.73 -9.49 5.66
CA PRO A 75 5.68 -9.80 6.77
C PRO A 75 6.32 -8.55 7.38
N ILE A 76 5.68 -7.40 7.14
CA ILE A 76 6.19 -6.14 7.69
C ILE A 76 5.00 -5.26 8.11
N PRO A 77 4.55 -5.34 9.33
CA PRO A 77 3.38 -4.53 9.79
C PRO A 77 3.76 -3.07 10.02
N ASP A 78 4.95 -2.68 9.58
CA ASP A 78 5.43 -1.32 9.73
C ASP A 78 5.68 -0.70 8.37
N PHE A 79 4.89 -1.12 7.37
CA PHE A 79 5.06 -0.64 6.00
C PHE A 79 3.89 0.23 5.55
N GLY A 80 4.18 1.17 4.65
CA GLY A 80 3.16 2.07 4.14
C GLY A 80 3.07 2.03 2.62
N LEU A 81 1.87 2.29 2.10
CA LEU A 81 1.65 2.33 0.65
C LEU A 81 1.08 3.71 0.30
N LYS A 82 1.70 4.38 -0.66
CA LYS A 82 1.24 5.71 -1.04
C LYS A 82 1.09 5.81 -2.56
N VAL A 83 -0.09 6.23 -3.00
CA VAL A 83 -0.35 6.38 -4.42
C VAL A 83 -0.74 7.82 -4.72
N GLU A 84 -0.18 8.40 -5.78
CA GLU A 84 -0.47 9.76 -6.16
C GLU A 84 -1.51 9.79 -7.27
N ARG A 85 -1.43 10.81 -8.11
CA ARG A 85 -2.33 10.93 -9.24
C ARG A 85 -1.95 9.90 -10.31
N ASP A 86 -0.79 10.09 -10.93
CA ASP A 86 -0.33 9.18 -11.98
C ASP A 86 0.96 8.46 -11.57
N THR A 87 1.37 8.60 -10.31
CA THR A 87 2.59 7.95 -9.82
C THR A 87 2.27 7.07 -8.62
N VAL A 88 3.22 6.21 -8.24
CA VAL A 88 3.02 5.33 -7.09
C VAL A 88 4.28 5.31 -6.22
N THR A 89 4.11 5.57 -4.93
CA THR A 89 5.26 5.60 -4.01
C THR A 89 5.12 4.56 -2.92
N LEU A 90 6.26 3.98 -2.54
CA LEU A 90 6.29 2.95 -1.50
C LEU A 90 7.37 3.27 -0.48
N THR A 91 6.98 3.37 0.79
CA THR A 91 7.96 3.63 1.84
C THR A 91 7.62 2.83 3.09
N GLY A 92 8.61 2.11 3.60
CA GLY A 92 8.39 1.30 4.79
C GLY A 92 9.69 1.04 5.54
N THR A 93 9.59 1.01 6.87
CA THR A 93 10.75 0.77 7.72
C THR A 93 11.14 -0.70 7.63
N ALA A 94 12.36 -0.95 7.14
CA ALA A 94 12.84 -2.33 6.99
C ALA A 94 14.16 -2.54 7.75
N PRO A 95 14.43 -3.74 8.23
CA PRO A 95 15.71 -4.03 8.95
C PRO A 95 16.93 -3.67 8.11
N SER A 96 16.69 -3.20 6.89
CA SER A 96 17.78 -2.82 5.97
C SER A 96 18.30 -4.04 5.22
N SER A 97 17.90 -4.16 3.95
CA SER A 97 18.36 -5.28 3.14
C SER A 97 17.52 -5.42 1.87
N GLU A 98 18.00 -6.25 0.94
CA GLU A 98 17.30 -6.49 -0.32
C GLU A 98 15.81 -6.73 -0.07
N HIS A 99 15.48 -7.10 1.16
CA HIS A 99 14.10 -7.37 1.52
C HIS A 99 13.17 -6.27 0.99
N LYS A 100 13.73 -5.09 0.72
CA LYS A 100 12.95 -3.98 0.20
C LYS A 100 12.76 -4.08 -1.31
N ASP A 101 13.73 -4.71 -1.98
CA ASP A 101 13.68 -4.86 -3.43
C ASP A 101 12.50 -5.72 -3.87
N ALA A 102 12.25 -6.82 -3.17
CA ALA A 102 11.15 -7.71 -3.53
C ALA A 102 9.83 -6.96 -3.61
N VAL A 103 9.65 -6.00 -2.70
CA VAL A 103 8.41 -5.23 -2.68
C VAL A 103 8.31 -4.34 -3.92
N LYS A 104 9.43 -3.81 -4.37
CA LYS A 104 9.46 -2.94 -5.54
C LYS A 104 9.20 -3.75 -6.81
N ARG A 105 9.86 -4.89 -6.94
CA ARG A 105 9.70 -5.74 -8.11
C ARG A 105 8.24 -6.17 -8.27
N ALA A 106 7.63 -6.56 -7.16
CA ALA A 106 6.24 -7.01 -7.19
C ALA A 106 5.31 -5.91 -7.72
N ALA A 107 5.57 -4.68 -7.32
CA ALA A 107 4.74 -3.57 -7.77
C ALA A 107 4.99 -3.25 -9.24
N THR A 108 6.26 -3.22 -9.64
CA THR A 108 6.61 -2.93 -11.02
C THR A 108 5.75 -3.74 -11.99
N SER A 109 5.66 -5.03 -11.74
CA SER A 109 4.88 -5.92 -12.60
C SER A 109 3.39 -5.57 -12.53
N THR A 110 2.92 -5.13 -11.37
CA THR A 110 1.51 -4.80 -11.20
C THR A 110 1.18 -3.42 -11.75
N TRP A 111 2.12 -2.49 -11.65
CA TRP A 111 1.88 -1.13 -12.13
C TRP A 111 3.08 -0.64 -12.93
N PRO A 112 3.35 -1.25 -14.06
CA PRO A 112 4.51 -0.89 -14.91
C PRO A 112 4.33 0.41 -15.69
N ASP A 113 3.11 0.73 -16.12
CA ASP A 113 2.88 1.96 -16.87
C ASP A 113 2.83 3.18 -15.96
N MET A 114 2.92 2.93 -14.65
CA MET A 114 2.87 4.02 -13.68
C MET A 114 4.22 4.14 -12.97
N LYS A 115 4.72 5.36 -12.85
CA LYS A 115 6.00 5.59 -12.20
C LYS A 115 5.97 5.07 -10.77
N ILE A 116 6.87 4.13 -10.47
CA ILE A 116 6.95 3.56 -9.12
C ILE A 116 8.24 4.00 -8.44
N VAL A 117 8.09 4.65 -7.28
CA VAL A 117 9.25 5.08 -6.51
C VAL A 117 9.24 4.40 -5.15
N ASN A 118 10.07 3.39 -5.00
CA ASN A 118 10.15 2.64 -3.75
C ASN A 118 11.43 2.96 -3.02
N ASN A 119 11.31 3.88 -2.05
CA ASN A 119 12.47 4.28 -1.27
C ASN A 119 12.33 3.96 0.22
N ILE A 120 12.74 2.75 0.60
CA ILE A 120 12.70 2.32 2.00
C ILE A 120 13.73 3.09 2.80
N GLU A 121 13.44 3.37 4.07
CA GLU A 121 14.37 4.10 4.92
C GLU A 121 14.41 3.46 6.30
N VAL A 122 15.58 3.02 6.72
CA VAL A 122 15.71 2.37 8.01
C VAL A 122 15.60 3.39 9.15
N THR A 123 14.53 3.30 9.91
CA THR A 123 14.31 4.23 11.03
C THR A 123 14.58 3.54 12.36
N GLY A 124 15.40 4.17 13.19
CA GLY A 124 15.74 3.60 14.49
C GLY A 124 17.12 4.07 14.94
N GLN A 125 17.78 4.85 14.10
CA GLN A 125 19.11 5.37 14.42
C GLN A 125 20.00 4.23 14.94
N ALA A 126 21.16 4.60 15.47
CA ALA A 126 22.09 3.61 16.00
C ALA A 126 21.42 2.77 17.08
N PRO A 127 21.96 1.63 17.39
CA PRO A 127 21.40 0.71 18.43
C PRO A 127 21.58 1.28 19.85
N PRO A 128 20.86 0.75 20.82
CA PRO A 128 20.98 1.22 22.23
C PRO A 128 22.43 1.39 22.67
N GLY A 129 22.62 1.75 23.94
CA GLY A 129 23.97 1.94 24.48
C GLY A 129 23.92 2.50 25.89
N PRO A 130 23.47 1.71 26.83
CA PRO A 130 23.37 2.14 28.25
C PRO A 130 24.70 2.68 28.77
N PRO A 131 24.67 3.45 29.83
CA PRO A 131 25.91 4.04 30.42
C PRO A 131 26.78 2.99 31.10
N GLY A 1 -14.97 9.27 -20.50
CA GLY A 1 -15.73 9.51 -19.24
C GLY A 1 -15.35 10.87 -18.66
N ALA A 2 -14.43 10.87 -17.71
CA ALA A 2 -13.99 12.11 -17.09
C ALA A 2 -12.66 12.55 -17.67
N SER A 3 -12.69 13.62 -18.46
CA SER A 3 -11.47 14.15 -19.08
C SER A 3 -11.01 15.41 -18.37
N ALA A 4 -11.76 15.81 -17.34
CA ALA A 4 -11.41 17.01 -16.58
C ALA A 4 -10.44 16.68 -15.46
N LEU A 5 -9.72 17.69 -14.97
CA LEU A 5 -8.75 17.48 -13.90
C LEU A 5 -9.46 17.00 -12.64
N SER A 6 -9.53 15.69 -12.47
CA SER A 6 -10.18 15.10 -11.29
C SER A 6 -9.14 14.56 -10.32
N LEU A 7 -9.51 14.51 -9.04
CA LEU A 7 -8.61 14.01 -8.02
C LEU A 7 -8.86 12.52 -7.76
N SER A 8 -7.80 11.78 -7.51
CA SER A 8 -7.94 10.36 -7.22
C SER A 8 -6.66 9.82 -6.57
N LEU A 9 -6.58 9.89 -5.24
CA LEU A 9 -5.39 9.40 -4.53
C LEU A 9 -5.79 8.41 -3.45
N LEU A 10 -4.82 7.61 -3.01
CA LEU A 10 -5.07 6.62 -1.97
C LEU A 10 -4.04 6.76 -0.86
N SER A 11 -4.43 6.41 0.37
CA SER A 11 -3.52 6.50 1.50
C SER A 11 -3.67 5.29 2.41
N ILE A 12 -2.55 4.59 2.65
CA ILE A 12 -2.57 3.41 3.50
C ILE A 12 -1.40 3.45 4.50
N SER A 13 -1.74 3.31 5.77
CA SER A 13 -0.72 3.32 6.82
C SER A 13 -0.95 2.16 7.78
N ARG A 14 0.10 1.37 8.00
CA ARG A 14 0.00 0.22 8.91
C ARG A 14 1.25 0.14 9.77
N SER A 15 1.06 0.41 11.07
CA SER A 15 2.16 0.37 12.04
C SER A 15 2.26 -1.01 12.66
N GLY A 16 1.11 -1.55 13.08
CA GLY A 16 1.08 -2.87 13.70
C GLY A 16 -0.17 -3.05 14.55
N ASN A 17 -0.54 -2.01 15.28
CA ASN A 17 -1.72 -2.07 16.13
C ASN A 17 -2.97 -1.67 15.37
N THR A 18 -3.06 -0.39 15.00
CA THR A 18 -4.22 0.11 14.27
C THR A 18 -3.83 0.37 12.81
N VAL A 19 -4.82 0.36 11.92
CA VAL A 19 -4.58 0.60 10.50
C VAL A 19 -5.47 1.74 10.01
N THR A 20 -4.90 2.61 9.19
CA THR A 20 -5.65 3.76 8.67
C THR A 20 -5.67 3.74 7.15
N LEU A 21 -6.87 3.56 6.58
CA LEU A 21 -7.02 3.54 5.13
C LEU A 21 -8.04 4.60 4.70
N ILE A 22 -7.67 5.37 3.67
CA ILE A 22 -8.55 6.42 3.18
C ILE A 22 -8.42 6.61 1.67
N GLY A 23 -9.55 6.75 1.01
CA GLY A 23 -9.57 6.94 -0.43
C GLY A 23 -10.94 6.62 -1.04
N ASP A 24 -10.95 6.33 -2.34
CA ASP A 24 -12.18 6.01 -3.04
C ASP A 24 -12.00 4.77 -3.91
N PHE A 25 -12.95 3.85 -3.82
CA PHE A 25 -12.90 2.62 -4.59
C PHE A 25 -13.89 2.68 -5.75
N PRO A 26 -13.69 1.87 -6.77
CA PRO A 26 -14.61 1.84 -7.94
C PRO A 26 -15.93 1.18 -7.59
N ASP A 27 -15.86 0.08 -6.84
CA ASP A 27 -17.05 -0.64 -6.42
C ASP A 27 -16.87 -1.16 -5.01
N GLU A 28 -17.84 -1.96 -4.54
CA GLU A 28 -17.77 -2.52 -3.21
C GLU A 28 -17.12 -3.90 -3.23
N ALA A 29 -17.41 -4.68 -4.27
CA ALA A 29 -16.84 -6.02 -4.40
C ALA A 29 -15.32 -5.95 -4.49
N ALA A 30 -14.82 -4.80 -4.94
CA ALA A 30 -13.38 -4.60 -5.08
C ALA A 30 -12.68 -4.81 -3.74
N LYS A 31 -13.39 -4.51 -2.67
CA LYS A 31 -12.82 -4.66 -1.33
C LYS A 31 -12.50 -6.13 -1.05
N ALA A 32 -13.32 -7.03 -1.57
CA ALA A 32 -13.13 -8.45 -1.36
C ALA A 32 -11.77 -8.92 -1.86
N ALA A 33 -11.32 -8.39 -3.00
CA ALA A 33 -10.03 -8.79 -3.55
C ALA A 33 -8.88 -8.32 -2.66
N LEU A 34 -9.03 -7.13 -2.11
CA LEU A 34 -7.98 -6.60 -1.23
C LEU A 34 -8.10 -7.23 0.15
N MET A 35 -9.32 -7.24 0.68
CA MET A 35 -9.57 -7.82 1.99
C MET A 35 -8.87 -9.18 2.11
N THR A 36 -9.06 -10.04 1.11
CA THR A 36 -8.44 -11.36 1.14
C THR A 36 -6.97 -11.23 1.54
N ALA A 37 -6.42 -10.04 1.31
CA ALA A 37 -5.02 -9.78 1.65
C ALA A 37 -4.91 -9.42 3.13
N LEU A 38 -5.90 -8.70 3.64
CA LEU A 38 -5.90 -8.31 5.04
C LEU A 38 -5.87 -9.55 5.93
N ASN A 39 -6.64 -10.56 5.54
CA ASN A 39 -6.70 -11.80 6.30
C ASN A 39 -5.30 -12.25 6.71
N GLY A 40 -4.29 -11.73 6.03
CA GLY A 40 -2.91 -12.09 6.34
C GLY A 40 -2.37 -11.23 7.47
N LEU A 41 -2.79 -9.98 7.53
CA LEU A 41 -2.34 -9.06 8.57
C LEU A 41 -3.29 -9.09 9.75
N LEU A 42 -4.55 -9.40 9.49
CA LEU A 42 -5.56 -9.46 10.54
C LEU A 42 -5.02 -10.18 11.77
N ALA A 43 -4.84 -9.43 12.86
CA ALA A 43 -4.33 -10.00 14.10
C ALA A 43 -5.39 -9.89 15.20
N PRO A 44 -5.23 -10.63 16.27
CA PRO A 44 -6.19 -10.60 17.42
C PRO A 44 -6.11 -9.29 18.20
N GLY A 45 -7.27 -8.68 18.44
CA GLY A 45 -7.33 -7.43 19.19
C GLY A 45 -6.91 -6.26 18.30
N VAL A 46 -6.67 -6.54 17.03
CA VAL A 46 -6.26 -5.51 16.09
C VAL A 46 -7.46 -4.63 15.69
N ASN A 47 -7.25 -3.31 15.70
CA ASN A 47 -8.31 -2.39 15.34
C ASN A 47 -8.10 -1.88 13.92
N VAL A 48 -9.19 -1.71 13.19
CA VAL A 48 -9.11 -1.23 11.81
C VAL A 48 -10.01 -0.02 11.59
N ILE A 49 -9.53 0.94 10.83
CA ILE A 49 -10.30 2.14 10.53
C ILE A 49 -10.13 2.51 9.07
N ASP A 50 -10.85 1.81 8.20
CA ASP A 50 -10.77 2.05 6.77
C ASP A 50 -12.09 2.60 6.24
N GLN A 51 -12.03 3.80 5.65
CA GLN A 51 -13.22 4.42 5.10
C GLN A 51 -13.02 4.77 3.64
N ILE A 52 -13.62 3.99 2.76
CA ILE A 52 -13.49 4.20 1.33
C ILE A 52 -14.86 4.43 0.70
N HIS A 53 -14.93 5.34 -0.27
CA HIS A 53 -16.19 5.64 -0.94
C HIS A 53 -16.22 4.98 -2.32
N VAL A 54 -17.42 4.77 -2.85
CA VAL A 54 -17.56 4.15 -4.16
C VAL A 54 -17.51 5.22 -5.26
N ASP A 55 -16.82 4.89 -6.36
CA ASP A 55 -16.72 5.82 -7.49
C ASP A 55 -16.28 5.05 -8.74
N PRO A 56 -17.19 4.42 -9.44
CA PRO A 56 -16.88 3.62 -10.66
C PRO A 56 -16.04 4.37 -11.71
N VAL A 57 -15.53 5.54 -11.36
CA VAL A 57 -14.71 6.32 -12.29
C VAL A 57 -13.38 6.72 -11.67
N VAL A 58 -13.20 6.39 -10.39
CA VAL A 58 -11.96 6.75 -9.69
C VAL A 58 -10.79 5.90 -10.16
N ARG A 59 -9.93 6.50 -10.97
CA ARG A 59 -8.76 5.78 -11.47
C ARG A 59 -7.79 5.54 -10.33
N SER A 60 -7.64 4.27 -9.97
CA SER A 60 -6.77 3.89 -8.88
C SER A 60 -5.97 2.63 -9.21
N LEU A 61 -5.11 2.22 -8.30
CA LEU A 61 -4.31 1.02 -8.50
C LEU A 61 -5.18 -0.22 -8.51
N ASP A 62 -4.96 -1.09 -9.49
CA ASP A 62 -5.74 -2.32 -9.61
C ASP A 62 -5.27 -3.37 -8.62
N PHE A 63 -5.97 -3.47 -7.50
CA PHE A 63 -5.63 -4.44 -6.46
C PHE A 63 -5.78 -5.87 -6.96
N SER A 64 -6.33 -6.03 -8.16
CA SER A 64 -6.51 -7.37 -8.71
C SER A 64 -5.28 -8.23 -8.43
N SER A 65 -4.11 -7.64 -8.62
CA SER A 65 -2.84 -8.33 -8.39
C SER A 65 -2.13 -7.76 -7.16
N ALA A 66 -2.89 -7.39 -6.13
CA ALA A 66 -2.28 -6.88 -4.91
C ALA A 66 -2.09 -8.00 -3.91
N GLU A 67 -2.93 -9.03 -3.96
CA GLU A 67 -2.81 -10.14 -3.01
C GLU A 67 -1.38 -10.68 -3.01
N PRO A 68 -0.78 -10.85 -4.16
CA PRO A 68 0.62 -11.34 -4.28
C PRO A 68 1.63 -10.23 -3.96
N VAL A 69 1.37 -9.01 -4.44
CA VAL A 69 2.29 -7.91 -4.18
C VAL A 69 2.12 -7.39 -2.74
N PHE A 70 0.91 -6.95 -2.42
CA PHE A 70 0.64 -6.42 -1.09
C PHE A 70 1.12 -7.37 0.02
N THR A 71 0.92 -8.67 -0.17
CA THR A 71 1.35 -9.64 0.83
C THR A 71 2.86 -9.76 0.80
N ALA A 72 3.46 -9.50 -0.36
CA ALA A 72 4.91 -9.56 -0.49
C ALA A 72 5.52 -8.24 -0.05
N SER A 73 4.73 -7.17 -0.15
CA SER A 73 5.20 -5.85 0.24
C SER A 73 4.78 -5.52 1.67
N VAL A 74 4.19 -6.51 2.34
CA VAL A 74 3.76 -6.31 3.72
C VAL A 74 4.38 -7.38 4.64
N PRO A 75 5.65 -7.65 4.50
CA PRO A 75 6.34 -8.64 5.36
C PRO A 75 6.47 -8.13 6.79
N ILE A 76 6.48 -6.81 6.91
CA ILE A 76 6.58 -6.16 8.22
C ILE A 76 5.23 -5.53 8.57
N PRO A 77 4.70 -5.76 9.75
CA PRO A 77 3.39 -5.17 10.15
C PRO A 77 3.51 -3.67 10.40
N ASP A 78 4.60 -3.08 9.92
CA ASP A 78 4.86 -1.65 10.10
C ASP A 78 5.11 -1.00 8.75
N PHE A 79 4.44 -1.51 7.71
CA PHE A 79 4.63 -1.02 6.34
C PHE A 79 3.59 0.01 5.95
N GLY A 80 3.90 0.76 4.89
CA GLY A 80 2.99 1.79 4.40
C GLY A 80 2.97 1.85 2.88
N LEU A 81 1.77 2.05 2.33
CA LEU A 81 1.59 2.18 0.89
C LEU A 81 1.06 3.58 0.60
N LYS A 82 1.68 4.28 -0.34
CA LYS A 82 1.25 5.63 -0.65
C LYS A 82 1.14 5.83 -2.16
N VAL A 83 -0.04 6.25 -2.60
CA VAL A 83 -0.28 6.50 -4.02
C VAL A 83 -0.67 7.95 -4.23
N GLU A 84 -0.11 8.57 -5.26
CA GLU A 84 -0.41 9.96 -5.58
C GLU A 84 -1.45 10.02 -6.69
N ARG A 85 -1.38 11.07 -7.50
CA ARG A 85 -2.31 11.20 -8.62
C ARG A 85 -2.00 10.11 -9.64
N ASP A 86 -0.84 10.22 -10.29
CA ASP A 86 -0.43 9.25 -11.30
C ASP A 86 0.92 8.60 -10.94
N THR A 87 1.34 8.76 -9.69
CA THR A 87 2.61 8.17 -9.23
C THR A 87 2.37 7.28 -8.02
N VAL A 88 3.34 6.41 -7.70
CA VAL A 88 3.19 5.51 -6.56
C VAL A 88 4.50 5.45 -5.76
N THR A 89 4.40 5.66 -4.44
CA THR A 89 5.58 5.64 -3.59
C THR A 89 5.47 4.58 -2.48
N LEU A 90 6.60 3.95 -2.18
CA LEU A 90 6.65 2.90 -1.18
C LEU A 90 7.59 3.24 -0.03
N THR A 91 7.14 3.02 1.20
CA THR A 91 7.98 3.29 2.36
C THR A 91 7.72 2.25 3.46
N GLY A 92 8.79 1.64 3.95
CA GLY A 92 8.67 0.64 4.99
C GLY A 92 9.98 0.46 5.76
N THR A 93 9.90 0.47 7.08
CA THR A 93 11.09 0.29 7.90
C THR A 93 11.56 -1.16 7.79
N ALA A 94 12.77 -1.36 7.29
CA ALA A 94 13.30 -2.71 7.13
C ALA A 94 14.78 -2.79 7.55
N PRO A 95 15.07 -3.20 8.77
CA PRO A 95 16.47 -3.32 9.25
C PRO A 95 17.38 -4.11 8.31
N SER A 96 16.82 -4.59 7.19
CA SER A 96 17.61 -5.36 6.23
C SER A 96 18.05 -4.46 5.06
N SER A 97 18.06 -5.03 3.85
CA SER A 97 18.47 -4.27 2.67
C SER A 97 17.72 -4.74 1.42
N GLU A 98 18.35 -5.61 0.66
CA GLU A 98 17.73 -6.13 -0.57
C GLU A 98 16.27 -6.51 -0.32
N HIS A 99 15.96 -6.75 0.95
CA HIS A 99 14.60 -7.13 1.32
C HIS A 99 13.59 -6.23 0.61
N LYS A 100 14.04 -5.04 0.21
CA LYS A 100 13.17 -4.09 -0.48
C LYS A 100 13.09 -4.39 -1.98
N ASP A 101 14.14 -5.00 -2.51
CA ASP A 101 14.21 -5.32 -3.93
C ASP A 101 12.99 -6.10 -4.41
N ALA A 102 12.76 -7.28 -3.85
CA ALA A 102 11.64 -8.12 -4.26
C ALA A 102 10.32 -7.36 -4.22
N VAL A 103 10.20 -6.46 -3.26
CA VAL A 103 8.98 -5.67 -3.13
C VAL A 103 8.83 -4.67 -4.27
N LYS A 104 9.95 -4.04 -4.65
CA LYS A 104 9.92 -3.05 -5.72
C LYS A 104 9.62 -3.70 -7.06
N ARG A 105 10.29 -4.81 -7.34
CA ARG A 105 10.08 -5.51 -8.60
C ARG A 105 8.64 -6.02 -8.70
N ALA A 106 8.11 -6.49 -7.58
CA ALA A 106 6.74 -7.00 -7.56
C ALA A 106 5.75 -5.91 -7.95
N ALA A 107 5.98 -4.69 -7.48
CA ALA A 107 5.09 -3.58 -7.79
C ALA A 107 5.26 -3.13 -9.24
N THR A 108 6.51 -3.07 -9.70
CA THR A 108 6.79 -2.65 -11.07
C THR A 108 5.94 -3.44 -12.06
N SER A 109 5.92 -4.76 -11.88
CA SER A 109 5.16 -5.62 -12.77
C SER A 109 3.65 -5.36 -12.64
N THR A 110 3.22 -4.92 -11.46
CA THR A 110 1.81 -4.66 -11.23
C THR A 110 1.41 -3.26 -11.69
N TRP A 111 2.33 -2.30 -11.57
CA TRP A 111 2.04 -0.93 -11.97
C TRP A 111 3.21 -0.36 -12.75
N PRO A 112 3.41 -0.85 -13.95
CA PRO A 112 4.55 -0.40 -14.81
C PRO A 112 4.31 0.96 -15.49
N ASP A 113 3.06 1.27 -15.82
CA ASP A 113 2.77 2.54 -16.49
C ASP A 113 2.77 3.70 -15.48
N MET A 114 2.86 3.35 -14.20
CA MET A 114 2.88 4.35 -13.13
C MET A 114 4.26 4.39 -12.48
N LYS A 115 4.78 5.59 -12.26
CA LYS A 115 6.10 5.73 -11.65
C LYS A 115 6.10 5.15 -10.23
N ILE A 116 7.01 4.23 -9.99
CA ILE A 116 7.12 3.59 -8.68
C ILE A 116 8.43 3.99 -7.99
N VAL A 117 8.33 4.55 -6.80
CA VAL A 117 9.50 4.94 -6.03
C VAL A 117 9.47 4.26 -4.67
N ASN A 118 10.27 3.21 -4.53
CA ASN A 118 10.36 2.47 -3.28
C ASN A 118 11.69 2.72 -2.61
N ASN A 119 11.69 3.64 -1.65
CA ASN A 119 12.93 3.99 -0.96
C ASN A 119 12.89 3.62 0.52
N ILE A 120 13.31 2.39 0.81
CA ILE A 120 13.36 1.88 2.18
C ILE A 120 14.62 2.40 2.85
N GLU A 121 14.56 2.64 4.16
CA GLU A 121 15.73 3.13 4.88
C GLU A 121 15.80 2.39 6.22
N VAL A 122 16.98 1.87 6.55
CA VAL A 122 17.15 1.15 7.80
C VAL A 122 17.14 2.11 8.99
N THR A 123 16.13 1.98 9.84
CA THR A 123 16.01 2.83 11.02
C THR A 123 16.89 2.30 12.16
N GLY A 124 18.11 2.82 12.23
CA GLY A 124 19.04 2.39 13.28
C GLY A 124 19.82 3.59 13.83
N GLN A 125 19.96 4.62 13.01
CA GLN A 125 20.69 5.81 13.43
C GLN A 125 20.17 6.31 14.78
N ALA A 126 18.86 6.40 14.90
CA ALA A 126 18.25 6.87 16.14
C ALA A 126 17.92 5.69 17.05
N PRO A 127 17.73 5.92 18.32
CA PRO A 127 17.40 4.85 19.30
C PRO A 127 15.97 4.34 19.13
N PRO A 128 15.68 3.17 19.65
CA PRO A 128 14.31 2.58 19.55
C PRO A 128 13.22 3.61 19.77
N GLY A 129 12.44 3.88 18.74
CA GLY A 129 11.36 4.86 18.83
C GLY A 129 10.07 4.19 19.30
N PRO A 130 9.02 4.95 19.44
CA PRO A 130 7.69 4.44 19.89
C PRO A 130 7.28 3.19 19.11
N PRO A 131 6.40 2.38 19.66
CA PRO A 131 5.94 1.13 18.99
C PRO A 131 5.05 1.42 17.78
N GLY A 1 -13.85 18.42 -11.23
CA GLY A 1 -14.70 19.33 -12.05
C GLY A 1 -13.86 19.92 -13.18
N ALA A 2 -13.59 21.23 -13.09
CA ALA A 2 -12.80 21.90 -14.10
C ALA A 2 -11.36 22.08 -13.64
N SER A 3 -10.59 21.00 -13.70
CA SER A 3 -9.19 21.04 -13.28
C SER A 3 -9.09 21.34 -11.79
N ALA A 4 -8.31 20.54 -11.08
CA ALA A 4 -8.13 20.73 -9.63
C ALA A 4 -6.69 20.44 -9.23
N LEU A 5 -6.21 21.19 -8.25
CA LEU A 5 -4.84 21.02 -7.77
C LEU A 5 -4.60 19.56 -7.36
N SER A 6 -5.18 19.17 -6.24
CA SER A 6 -5.02 17.80 -5.75
C SER A 6 -6.26 16.98 -6.11
N LEU A 7 -6.03 15.83 -6.75
CA LEU A 7 -7.13 14.96 -7.15
C LEU A 7 -7.27 13.79 -6.19
N SER A 8 -8.18 12.88 -6.53
CA SER A 8 -8.43 11.70 -5.70
C SER A 8 -7.12 11.10 -5.19
N LEU A 9 -6.76 11.45 -3.96
CA LEU A 9 -5.53 10.93 -3.35
C LEU A 9 -5.81 9.61 -2.65
N LEU A 10 -4.76 8.85 -2.38
CA LEU A 10 -4.91 7.56 -1.70
C LEU A 10 -3.77 7.38 -0.69
N SER A 11 -4.12 7.13 0.57
CA SER A 11 -3.10 6.96 1.60
C SER A 11 -3.37 5.72 2.45
N ILE A 12 -2.35 4.87 2.59
CA ILE A 12 -2.48 3.65 3.38
C ILE A 12 -1.34 3.50 4.37
N SER A 13 -1.67 3.22 5.62
CA SER A 13 -0.67 3.06 6.66
C SER A 13 -0.98 1.83 7.53
N ARG A 14 0.01 0.96 7.69
CA ARG A 14 -0.16 -0.25 8.48
C ARG A 14 0.98 -0.40 9.47
N SER A 15 0.65 -0.37 10.78
CA SER A 15 1.64 -0.50 11.84
C SER A 15 1.54 -1.87 12.49
N GLY A 16 0.32 -2.29 12.79
CA GLY A 16 0.10 -3.60 13.41
C GLY A 16 -1.22 -3.62 14.18
N ASN A 17 -1.17 -3.21 15.45
CA ASN A 17 -2.36 -3.18 16.28
C ASN A 17 -3.49 -2.44 15.58
N THR A 18 -3.18 -1.28 15.01
CA THR A 18 -4.17 -0.47 14.33
C THR A 18 -3.75 -0.21 12.89
N VAL A 19 -4.72 -0.20 11.97
CA VAL A 19 -4.44 0.05 10.57
C VAL A 19 -5.19 1.29 10.09
N THR A 20 -4.53 2.12 9.29
CA THR A 20 -5.14 3.35 8.78
C THR A 20 -5.13 3.39 7.25
N LEU A 21 -6.32 3.28 6.67
CA LEU A 21 -6.45 3.31 5.21
C LEU A 21 -7.64 4.17 4.80
N ILE A 22 -7.36 5.26 4.10
CA ILE A 22 -8.42 6.17 3.66
C ILE A 22 -8.31 6.47 2.17
N GLY A 23 -9.42 6.92 1.58
CA GLY A 23 -9.44 7.24 0.17
C GLY A 23 -10.78 6.90 -0.48
N ASP A 24 -10.75 6.75 -1.81
CA ASP A 24 -11.96 6.42 -2.57
C ASP A 24 -11.65 5.37 -3.63
N PHE A 25 -12.60 4.46 -3.85
CA PHE A 25 -12.43 3.39 -4.84
C PHE A 25 -13.51 3.47 -5.91
N PRO A 26 -13.27 2.91 -7.08
CA PRO A 26 -14.27 2.92 -8.19
C PRO A 26 -15.42 1.94 -7.94
N ASP A 27 -15.09 0.76 -7.45
CA ASP A 27 -16.10 -0.26 -7.19
C ASP A 27 -16.00 -0.78 -5.75
N GLU A 28 -16.96 -1.58 -5.35
CA GLU A 28 -16.97 -2.13 -4.00
C GLU A 28 -16.28 -3.48 -3.97
N ALA A 29 -16.50 -4.29 -5.01
CA ALA A 29 -15.88 -5.61 -5.09
C ALA A 29 -14.35 -5.48 -5.07
N ALA A 30 -13.88 -4.32 -5.51
CA ALA A 30 -12.44 -4.06 -5.56
C ALA A 30 -11.82 -4.29 -4.18
N LYS A 31 -12.61 -4.04 -3.14
CA LYS A 31 -12.13 -4.22 -1.77
C LYS A 31 -11.80 -5.69 -1.53
N ALA A 32 -12.62 -6.58 -2.08
CA ALA A 32 -12.41 -8.02 -1.90
C ALA A 32 -10.98 -8.44 -2.27
N ALA A 33 -10.48 -7.96 -3.40
CA ALA A 33 -9.13 -8.31 -3.83
C ALA A 33 -8.10 -7.84 -2.80
N LEU A 34 -8.37 -6.70 -2.20
CA LEU A 34 -7.44 -6.17 -1.18
C LEU A 34 -7.69 -6.86 0.16
N MET A 35 -8.96 -7.11 0.46
CA MET A 35 -9.33 -7.75 1.72
C MET A 35 -8.64 -9.10 1.84
N THR A 36 -8.82 -9.95 0.83
CA THR A 36 -8.20 -11.27 0.84
C THR A 36 -6.74 -11.16 1.26
N ALA A 37 -6.19 -9.95 1.11
CA ALA A 37 -4.80 -9.70 1.46
C ALA A 37 -4.68 -9.51 2.97
N LEU A 38 -5.67 -8.84 3.56
CA LEU A 38 -5.67 -8.60 5.00
C LEU A 38 -5.66 -9.93 5.75
N ASN A 39 -6.43 -10.89 5.26
CA ASN A 39 -6.51 -12.19 5.90
C ASN A 39 -5.13 -12.65 6.35
N GLY A 40 -4.09 -12.08 5.75
CA GLY A 40 -2.72 -12.45 6.09
C GLY A 40 -2.23 -11.65 7.30
N LEU A 41 -2.71 -10.42 7.42
CA LEU A 41 -2.32 -9.56 8.54
C LEU A 41 -3.29 -9.72 9.70
N LEU A 42 -4.52 -10.13 9.39
CA LEU A 42 -5.53 -10.32 10.42
C LEU A 42 -4.94 -10.96 11.67
N ALA A 43 -4.75 -10.16 12.70
CA ALA A 43 -4.19 -10.64 13.96
C ALA A 43 -5.22 -10.50 15.08
N PRO A 44 -5.02 -11.15 16.19
CA PRO A 44 -5.95 -11.09 17.35
C PRO A 44 -5.90 -9.75 18.08
N GLY A 45 -7.05 -9.27 18.52
CA GLY A 45 -7.12 -7.99 19.23
C GLY A 45 -6.73 -6.82 18.33
N VAL A 46 -6.46 -7.13 17.06
CA VAL A 46 -6.07 -6.11 16.10
C VAL A 46 -7.27 -5.26 15.69
N ASN A 47 -7.09 -3.94 15.70
CA ASN A 47 -8.17 -3.04 15.30
C ASN A 47 -7.94 -2.53 13.88
N VAL A 48 -9.03 -2.30 13.16
CA VAL A 48 -8.92 -1.81 11.78
C VAL A 48 -9.77 -0.56 11.60
N ILE A 49 -9.21 0.43 10.90
CA ILE A 49 -9.92 1.67 10.65
C ILE A 49 -9.79 2.06 9.19
N ASP A 50 -10.57 1.41 8.34
CA ASP A 50 -10.52 1.69 6.91
C ASP A 50 -11.86 2.24 6.42
N GLN A 51 -11.83 3.47 5.90
CA GLN A 51 -13.04 4.10 5.40
C GLN A 51 -12.84 4.52 3.95
N ILE A 52 -13.44 3.77 3.05
CA ILE A 52 -13.33 4.04 1.62
C ILE A 52 -14.70 4.36 1.04
N HIS A 53 -14.74 5.32 0.12
CA HIS A 53 -15.99 5.70 -0.51
C HIS A 53 -16.01 5.26 -1.97
N VAL A 54 -17.20 5.04 -2.51
CA VAL A 54 -17.35 4.61 -3.90
C VAL A 54 -17.51 5.83 -4.80
N ASP A 55 -16.95 5.75 -6.00
CA ASP A 55 -17.04 6.86 -6.95
C ASP A 55 -16.83 6.35 -8.38
N PRO A 56 -17.84 5.78 -8.97
CA PRO A 56 -17.76 5.23 -10.34
C PRO A 56 -17.30 6.25 -11.39
N VAL A 57 -16.95 7.47 -10.94
CA VAL A 57 -16.50 8.51 -11.87
C VAL A 57 -15.00 8.76 -11.73
N VAL A 58 -14.54 8.99 -10.50
CA VAL A 58 -13.11 9.24 -10.28
C VAL A 58 -12.32 8.05 -10.80
N ARG A 59 -11.05 7.92 -10.41
CA ARG A 59 -10.25 6.81 -10.86
C ARG A 59 -9.21 6.45 -9.79
N SER A 60 -8.79 5.20 -9.76
CA SER A 60 -7.82 4.75 -8.78
C SER A 60 -6.96 3.62 -9.32
N LEU A 61 -6.00 3.18 -8.50
CA LEU A 61 -5.11 2.09 -8.89
C LEU A 61 -5.87 0.78 -8.84
N ASP A 62 -5.52 -0.15 -9.74
CA ASP A 62 -6.18 -1.45 -9.77
C ASP A 62 -5.49 -2.39 -8.79
N PHE A 63 -6.15 -2.65 -7.67
CA PHE A 63 -5.57 -3.51 -6.64
C PHE A 63 -5.90 -4.98 -6.89
N SER A 64 -6.62 -5.27 -7.97
CA SER A 64 -6.98 -6.64 -8.27
C SER A 64 -5.79 -7.58 -8.05
N SER A 65 -4.59 -7.05 -8.27
CA SER A 65 -3.36 -7.82 -8.09
C SER A 65 -2.54 -7.26 -6.94
N ALA A 66 -3.22 -6.77 -5.92
CA ALA A 66 -2.54 -6.23 -4.78
C ALA A 66 -2.23 -7.34 -3.79
N GLU A 67 -2.94 -8.46 -3.88
CA GLU A 67 -2.64 -9.56 -3.00
C GLU A 67 -1.18 -9.98 -3.20
N PRO A 68 -0.77 -10.31 -4.41
CA PRO A 68 0.64 -10.67 -4.66
C PRO A 68 1.57 -9.59 -4.13
N VAL A 69 1.20 -8.32 -4.29
CA VAL A 69 2.06 -7.25 -3.77
C VAL A 69 1.97 -7.19 -2.24
N PHE A 70 0.80 -6.83 -1.73
CA PHE A 70 0.61 -6.75 -0.28
C PHE A 70 1.18 -7.99 0.40
N THR A 71 0.99 -9.15 -0.23
CA THR A 71 1.51 -10.40 0.32
C THR A 71 3.04 -10.33 0.41
N ALA A 72 3.64 -9.61 -0.53
CA ALA A 72 5.08 -9.46 -0.56
C ALA A 72 5.53 -8.50 0.55
N SER A 73 4.58 -7.73 1.07
CA SER A 73 4.88 -6.77 2.13
C SER A 73 4.39 -7.29 3.48
N VAL A 74 3.85 -8.50 3.49
CA VAL A 74 3.34 -9.08 4.74
C VAL A 74 4.35 -9.02 5.87
N PRO A 75 5.56 -9.52 5.70
CA PRO A 75 6.59 -9.50 6.79
C PRO A 75 6.98 -8.07 7.20
N ILE A 76 6.14 -7.11 6.87
CA ILE A 76 6.41 -5.71 7.20
C ILE A 76 5.12 -5.02 7.66
N PRO A 77 4.74 -5.19 8.90
CA PRO A 77 3.50 -4.56 9.43
C PRO A 77 3.68 -3.07 9.71
N ASP A 78 4.83 -2.54 9.30
CA ASP A 78 5.14 -1.13 9.50
C ASP A 78 5.37 -0.45 8.16
N PHE A 79 4.66 -0.93 7.13
CA PHE A 79 4.81 -0.38 5.79
C PHE A 79 3.56 0.33 5.31
N GLY A 80 3.77 1.35 4.47
CA GLY A 80 2.66 2.13 3.93
C GLY A 80 2.68 2.13 2.40
N LEU A 81 1.49 2.30 1.81
CA LEU A 81 1.34 2.36 0.36
C LEU A 81 0.71 3.70 0.00
N LYS A 82 1.30 4.39 -0.98
CA LYS A 82 0.77 5.68 -1.38
C LYS A 82 0.73 5.79 -2.90
N VAL A 83 -0.45 6.16 -3.40
CA VAL A 83 -0.65 6.34 -4.84
C VAL A 83 -1.02 7.79 -5.13
N GLU A 84 -0.45 8.35 -6.19
CA GLU A 84 -0.73 9.72 -6.57
C GLU A 84 -1.74 9.74 -7.71
N ARG A 85 -1.65 10.75 -8.56
CA ARG A 85 -2.53 10.85 -9.72
C ARG A 85 -2.18 9.75 -10.72
N ASP A 86 -1.01 9.88 -11.34
CA ASP A 86 -0.55 8.90 -12.33
C ASP A 86 0.77 8.26 -11.91
N THR A 87 1.15 8.45 -10.65
CA THR A 87 2.40 7.87 -10.13
C THR A 87 2.13 7.06 -8.87
N VAL A 88 3.09 6.23 -8.47
CA VAL A 88 2.91 5.40 -7.27
C VAL A 88 4.17 5.42 -6.42
N THR A 89 4.01 5.69 -5.12
CA THR A 89 5.15 5.73 -4.22
C THR A 89 5.07 4.65 -3.15
N LEU A 90 6.23 4.12 -2.78
CA LEU A 90 6.30 3.06 -1.77
C LEU A 90 7.26 3.45 -0.65
N THR A 91 6.78 3.38 0.59
CA THR A 91 7.63 3.70 1.73
C THR A 91 7.36 2.73 2.86
N GLY A 92 8.43 2.14 3.39
CA GLY A 92 8.29 1.19 4.48
C GLY A 92 9.59 1.05 5.27
N THR A 93 9.49 1.10 6.59
CA THR A 93 10.67 0.96 7.42
C THR A 93 11.14 -0.49 7.36
N ALA A 94 12.37 -0.69 6.87
CA ALA A 94 12.92 -2.04 6.74
C ALA A 94 14.33 -2.11 7.31
N PRO A 95 14.48 -2.34 8.59
CA PRO A 95 15.82 -2.44 9.24
C PRO A 95 16.76 -3.41 8.52
N SER A 96 16.25 -4.05 7.46
CA SER A 96 17.06 -5.01 6.71
C SER A 96 17.69 -4.31 5.50
N SER A 97 17.74 -5.02 4.37
CA SER A 97 18.33 -4.46 3.16
C SER A 97 17.60 -4.98 1.92
N GLU A 98 18.18 -5.97 1.26
CA GLU A 98 17.57 -6.54 0.06
C GLU A 98 16.09 -6.80 0.29
N HIS A 99 15.71 -6.90 1.56
CA HIS A 99 14.33 -7.14 1.93
C HIS A 99 13.40 -6.21 1.14
N LYS A 100 13.94 -5.09 0.67
CA LYS A 100 13.16 -4.12 -0.09
C LYS A 100 13.01 -4.56 -1.55
N ASP A 101 14.00 -5.32 -2.02
CA ASP A 101 13.99 -5.80 -3.40
C ASP A 101 12.69 -6.52 -3.75
N ALA A 102 12.37 -7.57 -3.00
CA ALA A 102 11.15 -8.34 -3.27
C ALA A 102 9.92 -7.44 -3.30
N VAL A 103 9.83 -6.53 -2.34
CA VAL A 103 8.68 -5.64 -2.26
C VAL A 103 8.60 -4.76 -3.51
N LYS A 104 9.74 -4.23 -3.93
CA LYS A 104 9.77 -3.36 -5.10
C LYS A 104 9.50 -4.15 -6.38
N ARG A 105 10.17 -5.29 -6.54
CA ARG A 105 10.00 -6.11 -7.73
C ARG A 105 8.54 -6.55 -7.87
N ALA A 106 7.94 -6.94 -6.76
CA ALA A 106 6.55 -7.38 -6.77
C ALA A 106 5.64 -6.28 -7.32
N ALA A 107 5.91 -5.04 -6.93
CA ALA A 107 5.10 -3.91 -7.38
C ALA A 107 5.35 -3.62 -8.86
N THR A 108 6.61 -3.59 -9.26
CA THR A 108 6.96 -3.30 -10.65
C THR A 108 6.18 -4.19 -11.63
N SER A 109 6.18 -5.48 -11.37
CA SER A 109 5.49 -6.43 -12.25
C SER A 109 3.98 -6.22 -12.23
N THR A 110 3.46 -5.66 -11.15
CA THR A 110 2.01 -5.45 -11.04
C THR A 110 1.59 -4.10 -11.61
N TRP A 111 2.46 -3.10 -11.53
CA TRP A 111 2.14 -1.78 -12.02
C TRP A 111 3.29 -1.25 -12.88
N PRO A 112 3.57 -1.91 -13.98
CA PRO A 112 4.70 -1.54 -14.90
C PRO A 112 4.48 -0.22 -15.65
N ASP A 113 3.26 0.05 -16.08
CA ASP A 113 2.98 1.27 -16.82
C ASP A 113 2.78 2.44 -15.85
N MET A 114 2.72 2.10 -14.57
CA MET A 114 2.54 3.11 -13.53
C MET A 114 3.87 3.39 -12.84
N LYS A 115 4.32 4.64 -12.91
CA LYS A 115 5.59 5.01 -12.28
C LYS A 115 5.61 4.59 -10.82
N ILE A 116 6.63 3.81 -10.46
CA ILE A 116 6.76 3.33 -9.09
C ILE A 116 8.08 3.81 -8.47
N VAL A 117 7.98 4.52 -7.34
CA VAL A 117 9.17 5.02 -6.65
C VAL A 117 9.20 4.47 -5.22
N ASN A 118 10.04 3.47 -5.01
CA ASN A 118 10.16 2.84 -3.70
C ASN A 118 11.46 3.26 -3.02
N ASN A 119 11.35 4.26 -2.14
CA ASN A 119 12.53 4.75 -1.44
C ASN A 119 12.47 4.42 0.06
N ILE A 120 12.96 3.24 0.42
CA ILE A 120 12.98 2.77 1.81
C ILE A 120 14.27 3.22 2.48
N GLU A 121 14.21 3.47 3.78
CA GLU A 121 15.40 3.88 4.52
C GLU A 121 15.43 3.19 5.87
N VAL A 122 16.59 2.63 6.23
CA VAL A 122 16.72 1.94 7.50
C VAL A 122 16.80 2.92 8.66
N THR A 123 15.81 2.84 9.56
CA THR A 123 15.77 3.72 10.71
C THR A 123 15.86 2.91 12.00
N GLY A 124 16.99 3.00 12.68
CA GLY A 124 17.19 2.25 13.92
C GLY A 124 18.60 2.50 14.48
N GLN A 125 19.61 2.01 13.77
CA GLN A 125 20.99 2.18 14.21
C GLN A 125 21.12 1.82 15.69
N ALA A 126 21.03 2.83 16.55
CA ALA A 126 21.14 2.60 17.99
C ALA A 126 19.78 2.24 18.57
N PRO A 127 19.75 1.66 19.75
CA PRO A 127 18.49 1.25 20.41
C PRO A 127 17.70 2.46 20.94
N PRO A 128 16.41 2.30 21.18
CA PRO A 128 15.57 3.40 21.69
C PRO A 128 16.27 4.23 22.76
N GLY A 129 16.90 3.54 23.71
CA GLY A 129 17.61 4.20 24.79
C GLY A 129 16.64 4.91 25.73
N PRO A 130 15.85 4.17 26.45
CA PRO A 130 14.85 4.73 27.41
C PRO A 130 15.49 5.73 28.37
N PRO A 131 14.70 6.60 28.96
CA PRO A 131 15.22 7.62 29.92
C PRO A 131 15.67 6.99 31.24
N GLY A 1 -14.81 7.53 -19.28
CA GLY A 1 -15.74 7.59 -20.44
C GLY A 1 -15.76 9.02 -20.99
N ALA A 2 -15.63 10.00 -20.11
CA ALA A 2 -15.64 11.40 -20.53
C ALA A 2 -15.05 12.28 -19.43
N SER A 3 -13.99 13.02 -19.78
CA SER A 3 -13.34 13.90 -18.83
C SER A 3 -12.76 13.10 -17.67
N ALA A 4 -11.46 13.25 -17.45
CA ALA A 4 -10.79 12.53 -16.36
C ALA A 4 -9.52 13.25 -15.93
N LEU A 5 -8.71 13.64 -16.92
CA LEU A 5 -7.47 14.35 -16.63
C LEU A 5 -6.66 13.61 -15.56
N SER A 6 -6.65 14.16 -14.35
CA SER A 6 -5.93 13.55 -13.24
C SER A 6 -6.87 12.74 -12.36
N LEU A 7 -6.40 11.61 -11.86
CA LEU A 7 -7.21 10.76 -11.00
C LEU A 7 -6.99 11.11 -9.54
N SER A 8 -7.71 10.44 -8.64
CA SER A 8 -7.58 10.69 -7.22
C SER A 8 -6.38 9.94 -6.65
N LEU A 9 -6.11 10.14 -5.37
CA LEU A 9 -4.98 9.47 -4.72
C LEU A 9 -5.47 8.56 -3.59
N LEU A 10 -4.62 7.61 -3.19
CA LEU A 10 -4.97 6.68 -2.12
C LEU A 10 -4.00 6.84 -0.96
N SER A 11 -4.43 6.41 0.23
CA SER A 11 -3.58 6.50 1.42
C SER A 11 -3.71 5.25 2.27
N ILE A 12 -2.59 4.57 2.50
CA ILE A 12 -2.60 3.35 3.30
C ILE A 12 -1.47 3.37 4.33
N SER A 13 -1.84 3.15 5.59
CA SER A 13 -0.86 3.13 6.68
C SER A 13 -0.97 1.84 7.49
N ARG A 14 0.17 1.21 7.74
CA ARG A 14 0.19 -0.01 8.52
C ARG A 14 1.33 0.03 9.53
N SER A 15 0.98 0.11 10.82
CA SER A 15 1.98 0.18 11.89
C SER A 15 2.01 -1.13 12.68
N GLY A 16 0.83 -1.59 13.09
CA GLY A 16 0.73 -2.83 13.85
C GLY A 16 -0.46 -2.78 14.79
N ASN A 17 -1.28 -3.82 14.78
CA ASN A 17 -2.46 -3.88 15.62
C ASN A 17 -3.55 -2.96 15.06
N THR A 18 -3.12 -1.82 14.52
CA THR A 18 -4.04 -0.86 13.95
C THR A 18 -3.66 -0.53 12.51
N VAL A 19 -4.66 -0.46 11.63
CA VAL A 19 -4.41 -0.15 10.22
C VAL A 19 -5.24 1.06 9.79
N THR A 20 -4.61 1.98 9.06
CA THR A 20 -5.31 3.18 8.61
C THR A 20 -5.30 3.29 7.08
N LEU A 21 -6.50 3.23 6.50
CA LEU A 21 -6.65 3.33 5.05
C LEU A 21 -7.85 4.19 4.70
N ILE A 22 -7.59 5.29 4.01
CA ILE A 22 -8.65 6.22 3.62
C ILE A 22 -8.53 6.60 2.15
N GLY A 23 -9.63 7.09 1.58
CA GLY A 23 -9.65 7.50 0.18
C GLY A 23 -11.00 7.25 -0.48
N ASP A 24 -11.00 7.24 -1.81
CA ASP A 24 -12.22 7.01 -2.57
C ASP A 24 -12.05 5.84 -3.53
N PHE A 25 -13.04 4.94 -3.54
CA PHE A 25 -13.00 3.77 -4.41
C PHE A 25 -14.02 3.91 -5.53
N PRO A 26 -13.86 3.17 -6.61
CA PRO A 26 -14.83 3.22 -7.76
C PRO A 26 -16.05 2.37 -7.47
N ASP A 27 -15.81 1.18 -6.90
CA ASP A 27 -16.88 0.26 -6.56
C ASP A 27 -16.64 -0.31 -5.17
N GLU A 28 -17.51 -1.23 -4.75
CA GLU A 28 -17.37 -1.84 -3.45
C GLU A 28 -16.67 -3.20 -3.54
N ALA A 29 -16.91 -3.92 -4.63
CA ALA A 29 -16.28 -5.23 -4.82
C ALA A 29 -14.76 -5.08 -4.80
N ALA A 30 -14.30 -3.90 -5.18
CA ALA A 30 -12.86 -3.62 -5.22
C ALA A 30 -12.22 -3.93 -3.85
N LYS A 31 -13.01 -3.78 -2.80
CA LYS A 31 -12.52 -4.05 -1.45
C LYS A 31 -12.16 -5.52 -1.30
N ALA A 32 -12.96 -6.40 -1.89
CA ALA A 32 -12.74 -7.84 -1.79
C ALA A 32 -11.34 -8.23 -2.25
N ALA A 33 -10.89 -7.70 -3.39
CA ALA A 33 -9.56 -8.03 -3.90
C ALA A 33 -8.48 -7.63 -2.90
N LEU A 34 -8.70 -6.52 -2.22
CA LEU A 34 -7.71 -6.06 -1.24
C LEU A 34 -7.89 -6.82 0.07
N MET A 35 -9.15 -7.00 0.49
CA MET A 35 -9.43 -7.71 1.72
C MET A 35 -8.72 -9.06 1.73
N THR A 36 -8.90 -9.84 0.66
CA THR A 36 -8.25 -11.14 0.57
C THR A 36 -6.79 -11.01 0.96
N ALA A 37 -6.25 -9.80 0.80
CA ALA A 37 -4.87 -9.54 1.14
C ALA A 37 -4.69 -9.48 2.65
N LEU A 38 -5.66 -8.86 3.33
CA LEU A 38 -5.59 -8.76 4.78
C LEU A 38 -5.57 -10.15 5.42
N ASN A 39 -6.35 -11.05 4.86
CA ASN A 39 -6.41 -12.42 5.38
C ASN A 39 -5.01 -12.92 5.76
N GLY A 40 -3.99 -12.31 5.16
CA GLY A 40 -2.62 -12.71 5.44
C GLY A 40 -2.07 -11.98 6.66
N LEU A 41 -2.51 -10.74 6.86
CA LEU A 41 -2.04 -9.95 8.01
C LEU A 41 -3.02 -10.06 9.17
N LEU A 42 -4.23 -10.51 8.88
CA LEU A 42 -5.24 -10.65 9.91
C LEU A 42 -4.66 -11.34 11.15
N ALA A 43 -4.50 -10.57 12.22
CA ALA A 43 -3.96 -11.10 13.47
C ALA A 43 -5.00 -11.00 14.57
N PRO A 44 -4.82 -11.72 15.66
CA PRO A 44 -5.78 -11.70 16.80
C PRO A 44 -5.70 -10.38 17.59
N GLY A 45 -6.86 -9.79 17.83
CA GLY A 45 -6.93 -8.54 18.58
C GLY A 45 -6.59 -7.35 17.69
N VAL A 46 -6.35 -7.62 16.41
CA VAL A 46 -6.02 -6.57 15.46
C VAL A 46 -7.26 -5.78 15.06
N ASN A 47 -7.17 -4.45 15.14
CA ASN A 47 -8.29 -3.60 14.78
C ASN A 47 -8.02 -2.93 13.43
N VAL A 48 -8.97 -3.06 12.51
CA VAL A 48 -8.80 -2.47 11.19
C VAL A 48 -9.64 -1.19 11.08
N ILE A 49 -9.07 -0.17 10.45
CA ILE A 49 -9.78 1.09 10.27
C ILE A 49 -9.68 1.56 8.83
N ASP A 50 -10.48 0.95 7.97
CA ASP A 50 -10.48 1.29 6.54
C ASP A 50 -11.85 1.81 6.13
N GLN A 51 -11.91 3.08 5.76
CA GLN A 51 -13.18 3.68 5.34
C GLN A 51 -13.09 4.18 3.91
N ILE A 52 -13.70 3.44 3.01
CA ILE A 52 -13.69 3.81 1.60
C ILE A 52 -15.08 4.20 1.14
N HIS A 53 -15.16 5.22 0.29
CA HIS A 53 -16.43 5.68 -0.24
C HIS A 53 -16.46 5.48 -1.75
N VAL A 54 -17.65 5.29 -2.29
CA VAL A 54 -17.78 5.09 -3.73
C VAL A 54 -17.94 6.43 -4.44
N ASP A 55 -17.34 6.55 -5.62
CA ASP A 55 -17.42 7.79 -6.38
C ASP A 55 -17.31 7.50 -7.87
N PRO A 56 -18.37 7.01 -8.46
CA PRO A 56 -18.40 6.65 -9.91
C PRO A 56 -17.88 7.75 -10.85
N VAL A 57 -17.40 8.86 -10.30
CA VAL A 57 -16.86 9.94 -11.14
C VAL A 57 -15.34 10.01 -11.01
N VAL A 58 -14.79 9.02 -10.33
CA VAL A 58 -13.34 8.95 -10.13
C VAL A 58 -12.84 7.55 -10.46
N ARG A 59 -11.54 7.32 -10.25
CA ARG A 59 -10.95 6.02 -10.51
C ARG A 59 -9.90 5.73 -9.46
N SER A 60 -9.47 4.48 -9.37
CA SER A 60 -8.47 4.11 -8.37
C SER A 60 -7.45 3.11 -8.93
N LEU A 61 -6.42 2.87 -8.15
CA LEU A 61 -5.37 1.93 -8.54
C LEU A 61 -5.97 0.53 -8.68
N ASP A 62 -5.47 -0.24 -9.63
CA ASP A 62 -5.98 -1.59 -9.82
C ASP A 62 -5.25 -2.53 -8.87
N PHE A 63 -5.90 -2.86 -7.75
CA PHE A 63 -5.28 -3.72 -6.75
C PHE A 63 -5.59 -5.19 -6.99
N SER A 64 -6.30 -5.51 -8.07
CA SER A 64 -6.65 -6.90 -8.37
C SER A 64 -5.46 -7.82 -8.08
N SER A 65 -4.26 -7.28 -8.24
CA SER A 65 -3.02 -8.04 -7.99
C SER A 65 -2.28 -7.41 -6.83
N ALA A 66 -3.02 -6.93 -5.85
CA ALA A 66 -2.40 -6.34 -4.68
C ALA A 66 -2.12 -7.41 -3.65
N GLU A 67 -2.85 -8.51 -3.69
CA GLU A 67 -2.56 -9.56 -2.74
C GLU A 67 -1.10 -9.96 -2.94
N PRO A 68 -0.69 -10.35 -4.14
CA PRO A 68 0.73 -10.67 -4.39
C PRO A 68 1.64 -9.59 -3.82
N VAL A 69 1.28 -8.32 -4.05
CA VAL A 69 2.11 -7.22 -3.54
C VAL A 69 1.97 -7.08 -2.02
N PHE A 70 0.78 -6.72 -1.56
CA PHE A 70 0.54 -6.55 -0.12
C PHE A 70 1.12 -7.75 0.64
N THR A 71 0.94 -8.94 0.07
CA THR A 71 1.47 -10.15 0.70
C THR A 71 2.99 -10.09 0.76
N ALA A 72 3.57 -9.35 -0.19
CA ALA A 72 5.02 -9.20 -0.25
C ALA A 72 5.49 -8.25 0.86
N SER A 73 4.55 -7.47 1.38
CA SER A 73 4.88 -6.52 2.44
C SER A 73 4.21 -6.93 3.75
N VAL A 74 3.60 -8.11 3.76
CA VAL A 74 2.93 -8.62 4.95
C VAL A 74 3.89 -8.77 6.13
N PRO A 75 5.06 -9.34 5.95
CA PRO A 75 6.02 -9.53 7.07
C PRO A 75 6.59 -8.19 7.57
N ILE A 76 5.89 -7.12 7.24
CA ILE A 76 6.32 -5.78 7.66
C ILE A 76 5.08 -4.92 7.96
N PRO A 77 4.57 -4.96 9.17
CA PRO A 77 3.36 -4.18 9.54
C PRO A 77 3.70 -2.71 9.81
N ASP A 78 4.89 -2.30 9.41
CA ASP A 78 5.35 -0.94 9.59
C ASP A 78 5.61 -0.30 8.23
N PHE A 79 4.83 -0.73 7.24
CA PHE A 79 5.00 -0.23 5.88
C PHE A 79 3.90 0.75 5.48
N GLY A 80 4.21 1.55 4.47
CA GLY A 80 3.27 2.54 3.97
C GLY A 80 3.12 2.45 2.45
N LEU A 81 1.90 2.66 1.98
CA LEU A 81 1.63 2.63 0.54
C LEU A 81 0.94 3.93 0.15
N LYS A 82 1.48 4.62 -0.85
CA LYS A 82 0.89 5.89 -1.26
C LYS A 82 0.82 5.97 -2.78
N VAL A 83 -0.38 6.25 -3.27
CA VAL A 83 -0.60 6.39 -4.71
C VAL A 83 -1.06 7.81 -5.00
N GLU A 84 -0.51 8.42 -6.04
CA GLU A 84 -0.88 9.78 -6.40
C GLU A 84 -1.89 9.77 -7.54
N ARG A 85 -1.86 10.81 -8.36
CA ARG A 85 -2.76 10.90 -9.49
C ARG A 85 -2.33 9.88 -10.56
N ASP A 86 -1.17 10.13 -11.17
CA ASP A 86 -0.65 9.24 -12.21
C ASP A 86 0.69 8.60 -11.80
N THR A 87 1.06 8.75 -10.53
CA THR A 87 2.32 8.17 -10.04
C THR A 87 2.05 7.30 -8.80
N VAL A 88 3.00 6.44 -8.46
CA VAL A 88 2.85 5.57 -7.29
C VAL A 88 4.14 5.52 -6.47
N THR A 89 4.01 5.75 -5.16
CA THR A 89 5.18 5.76 -4.29
C THR A 89 5.12 4.67 -3.23
N LEU A 90 6.29 4.13 -2.90
CA LEU A 90 6.39 3.05 -1.91
C LEU A 90 7.46 3.39 -0.87
N THR A 91 7.07 3.43 0.41
CA THR A 91 8.03 3.71 1.46
C THR A 91 7.72 2.88 2.70
N GLY A 92 8.73 2.19 3.20
CA GLY A 92 8.55 1.35 4.38
C GLY A 92 9.86 1.11 5.12
N THR A 93 9.76 1.05 6.44
CA THR A 93 10.95 0.84 7.28
C THR A 93 11.43 -0.59 7.12
N ALA A 94 12.65 -0.76 6.60
CA ALA A 94 13.22 -2.09 6.40
C ALA A 94 14.63 -2.17 6.98
N PRO A 95 14.74 -2.28 8.28
CA PRO A 95 16.06 -2.37 8.98
C PRO A 95 16.91 -3.52 8.44
N SER A 96 16.36 -4.26 7.47
CA SER A 96 17.08 -5.38 6.88
C SER A 96 17.96 -4.91 5.72
N SER A 97 17.76 -5.52 4.56
CA SER A 97 18.54 -5.15 3.38
C SER A 97 17.81 -5.53 2.11
N GLU A 98 18.43 -6.42 1.32
CA GLU A 98 17.82 -6.86 0.07
C GLU A 98 16.38 -7.32 0.30
N HIS A 99 16.09 -7.68 1.55
CA HIS A 99 14.75 -8.12 1.91
C HIS A 99 13.72 -7.05 1.57
N LYS A 100 14.18 -5.81 1.50
CA LYS A 100 13.30 -4.69 1.18
C LYS A 100 13.06 -4.57 -0.31
N ASP A 101 14.02 -5.07 -1.10
CA ASP A 101 13.92 -5.01 -2.55
C ASP A 101 12.78 -5.88 -3.08
N ALA A 102 12.62 -7.06 -2.49
CA ALA A 102 11.56 -7.97 -2.93
C ALA A 102 10.21 -7.27 -2.99
N VAL A 103 10.00 -6.32 -2.08
CA VAL A 103 8.75 -5.57 -2.04
C VAL A 103 8.63 -4.64 -3.24
N LYS A 104 9.75 -4.05 -3.64
CA LYS A 104 9.76 -3.13 -4.78
C LYS A 104 9.52 -3.88 -6.09
N ARG A 105 10.24 -4.99 -6.28
CA ARG A 105 10.09 -5.78 -7.49
C ARG A 105 8.66 -6.26 -7.66
N ALA A 106 8.11 -6.81 -6.58
CA ALA A 106 6.74 -7.32 -6.60
C ALA A 106 5.77 -6.22 -7.03
N ALA A 107 6.00 -5.01 -6.53
CA ALA A 107 5.14 -3.88 -6.87
C ALA A 107 5.33 -3.45 -8.32
N THR A 108 6.59 -3.33 -8.73
CA THR A 108 6.91 -2.93 -10.10
C THR A 108 6.13 -3.76 -11.12
N SER A 109 6.16 -5.08 -10.95
CA SER A 109 5.45 -5.97 -11.87
C SER A 109 3.95 -5.70 -11.83
N THR A 110 3.47 -5.28 -10.66
CA THR A 110 2.05 -4.99 -10.51
C THR A 110 1.70 -3.66 -11.14
N TRP A 111 2.65 -2.73 -11.13
CA TRP A 111 2.42 -1.41 -11.70
C TRP A 111 3.65 -0.96 -12.49
N PRO A 112 3.93 -1.64 -13.57
CA PRO A 112 5.13 -1.34 -14.42
C PRO A 112 4.96 -0.10 -15.31
N ASP A 113 3.78 0.09 -15.87
CA ASP A 113 3.55 1.24 -16.75
C ASP A 113 3.20 2.48 -15.92
N MET A 114 3.14 2.28 -14.60
CA MET A 114 2.81 3.35 -13.68
C MET A 114 4.07 3.81 -12.94
N LYS A 115 4.43 5.08 -13.09
CA LYS A 115 5.61 5.60 -12.42
C LYS A 115 5.66 5.10 -10.98
N ILE A 116 6.63 4.22 -10.70
CA ILE A 116 6.78 3.66 -9.37
C ILE A 116 8.08 4.10 -8.72
N VAL A 117 7.98 4.75 -7.56
CA VAL A 117 9.16 5.22 -6.84
C VAL A 117 9.23 4.58 -5.45
N ASN A 118 10.11 3.59 -5.30
CA ASN A 118 10.27 2.89 -4.03
C ASN A 118 11.57 3.27 -3.35
N ASN A 119 11.49 4.24 -2.45
CA ASN A 119 12.68 4.69 -1.74
C ASN A 119 12.64 4.35 -0.25
N ILE A 120 13.14 3.16 0.08
CA ILE A 120 13.19 2.67 1.46
C ILE A 120 14.52 3.07 2.09
N GLU A 121 14.52 3.30 3.40
CA GLU A 121 15.75 3.67 4.10
C GLU A 121 16.06 2.59 5.15
N VAL A 122 17.24 2.64 5.74
CA VAL A 122 17.63 1.65 6.75
C VAL A 122 17.84 2.31 8.11
N THR A 123 17.08 1.87 9.10
CA THR A 123 17.19 2.42 10.45
C THR A 123 18.62 2.30 10.95
N GLY A 124 19.43 3.34 10.70
CA GLY A 124 20.81 3.34 11.14
C GLY A 124 21.39 4.75 11.11
N GLN A 125 21.70 5.24 9.92
CA GLN A 125 22.26 6.57 9.77
C GLN A 125 21.30 7.62 10.36
N ALA A 126 21.85 8.55 11.13
CA ALA A 126 21.04 9.59 11.73
C ALA A 126 20.39 10.46 10.66
N PRO A 127 19.36 11.19 11.00
CA PRO A 127 18.65 12.07 10.03
C PRO A 127 19.49 13.31 9.65
N PRO A 128 19.15 13.96 8.55
CA PRO A 128 19.89 15.17 8.09
C PRO A 128 20.20 16.14 9.23
N GLY A 129 19.58 15.92 10.39
CA GLY A 129 19.81 16.80 11.53
C GLY A 129 18.63 17.75 11.72
N PRO A 130 18.77 18.73 12.57
CA PRO A 130 17.69 19.72 12.82
C PRO A 130 17.20 20.42 11.55
N PRO A 131 18.10 20.85 10.69
CA PRO A 131 17.71 21.54 9.43
C PRO A 131 17.41 20.55 8.31
N GLY A 1 -17.83 14.28 -20.43
CA GLY A 1 -16.90 14.38 -21.59
C GLY A 1 -15.51 14.77 -21.10
N ALA A 2 -14.88 13.87 -20.35
CA ALA A 2 -13.54 14.12 -19.83
C ALA A 2 -13.06 12.94 -19.00
N SER A 3 -12.00 12.29 -19.48
CA SER A 3 -11.44 11.13 -18.77
C SER A 3 -10.56 11.59 -17.61
N ALA A 4 -10.37 12.91 -17.50
CA ALA A 4 -9.55 13.46 -16.43
C ALA A 4 -8.26 12.66 -16.28
N LEU A 5 -7.25 13.03 -17.04
CA LEU A 5 -5.96 12.34 -16.98
C LEU A 5 -5.46 12.27 -15.53
N SER A 6 -5.90 13.21 -14.71
CA SER A 6 -5.49 13.25 -13.31
C SER A 6 -6.46 12.44 -12.46
N LEU A 7 -5.99 11.29 -11.97
CA LEU A 7 -6.83 10.43 -11.14
C LEU A 7 -6.67 10.79 -9.67
N SER A 8 -7.46 10.15 -8.81
CA SER A 8 -7.38 10.41 -7.38
C SER A 8 -6.15 9.73 -6.79
N LEU A 9 -5.88 9.98 -5.51
CA LEU A 9 -4.73 9.39 -4.84
C LEU A 9 -5.20 8.47 -3.72
N LEU A 10 -4.32 7.57 -3.27
CA LEU A 10 -4.65 6.64 -2.20
C LEU A 10 -3.66 6.79 -1.05
N SER A 11 -4.10 6.43 0.15
CA SER A 11 -3.23 6.53 1.31
C SER A 11 -3.40 5.31 2.22
N ILE A 12 -2.30 4.61 2.49
CA ILE A 12 -2.35 3.43 3.34
C ILE A 12 -1.22 3.46 4.37
N SER A 13 -1.59 3.34 5.64
CA SER A 13 -0.61 3.34 6.72
C SER A 13 -0.82 2.14 7.63
N ARG A 14 0.27 1.43 7.91
CA ARG A 14 0.19 0.25 8.78
C ARG A 14 1.38 0.23 9.73
N SER A 15 1.09 0.43 11.01
CA SER A 15 2.13 0.44 12.04
C SER A 15 2.13 -0.88 12.82
N GLY A 16 0.94 -1.35 13.18
CA GLY A 16 0.82 -2.59 13.93
C GLY A 16 -0.39 -2.53 14.85
N ASN A 17 -1.21 -3.58 14.81
CA ASN A 17 -2.41 -3.63 15.65
C ASN A 17 -3.50 -2.76 15.07
N THR A 18 -3.11 -1.60 14.54
CA THR A 18 -4.06 -0.67 13.94
C THR A 18 -3.67 -0.35 12.51
N VAL A 19 -4.66 -0.25 11.61
CA VAL A 19 -4.39 0.05 10.21
C VAL A 19 -5.28 1.20 9.74
N THR A 20 -4.68 2.15 9.02
CA THR A 20 -5.43 3.31 8.52
C THR A 20 -5.39 3.38 6.99
N LEU A 21 -6.57 3.31 6.37
CA LEU A 21 -6.66 3.39 4.92
C LEU A 21 -7.82 4.31 4.52
N ILE A 22 -7.49 5.36 3.78
CA ILE A 22 -8.49 6.33 3.35
C ILE A 22 -8.37 6.63 1.86
N GLY A 23 -9.46 7.11 1.28
CA GLY A 23 -9.48 7.46 -0.14
C GLY A 23 -10.84 7.18 -0.77
N ASP A 24 -10.84 6.90 -2.08
CA ASP A 24 -12.07 6.61 -2.79
C ASP A 24 -11.89 5.41 -3.72
N PHE A 25 -12.87 4.52 -3.72
CA PHE A 25 -12.82 3.32 -4.56
C PHE A 25 -13.86 3.42 -5.67
N PRO A 26 -13.67 2.70 -6.75
CA PRO A 26 -14.64 2.71 -7.89
C PRO A 26 -15.86 1.85 -7.59
N ASP A 27 -15.61 0.67 -7.02
CA ASP A 27 -16.70 -0.25 -6.68
C ASP A 27 -16.53 -0.73 -5.25
N GLU A 28 -17.47 -1.57 -4.81
CA GLU A 28 -17.43 -2.09 -3.45
C GLU A 28 -16.75 -3.46 -3.41
N ALA A 29 -16.98 -4.27 -4.45
CA ALA A 29 -16.39 -5.60 -4.52
C ALA A 29 -14.86 -5.49 -4.54
N ALA A 30 -14.36 -4.38 -5.06
CA ALA A 30 -12.92 -4.15 -5.14
C ALA A 30 -12.26 -4.40 -3.78
N LYS A 31 -13.04 -4.19 -2.73
CA LYS A 31 -12.53 -4.38 -1.37
C LYS A 31 -12.24 -5.86 -1.11
N ALA A 32 -13.08 -6.73 -1.65
CA ALA A 32 -12.91 -8.17 -1.47
C ALA A 32 -11.53 -8.64 -1.92
N ALA A 33 -11.07 -8.17 -3.08
CA ALA A 33 -9.75 -8.57 -3.59
C ALA A 33 -8.65 -8.12 -2.63
N LEU A 34 -8.83 -6.95 -2.05
CA LEU A 34 -7.85 -6.43 -1.11
C LEU A 34 -7.96 -7.15 0.23
N MET A 35 -9.18 -7.16 0.77
CA MET A 35 -9.43 -7.81 2.04
C MET A 35 -8.81 -9.22 2.05
N THR A 36 -9.06 -9.99 1.00
CA THR A 36 -8.51 -11.33 0.92
C THR A 36 -7.02 -11.31 1.20
N ALA A 37 -6.42 -10.14 1.03
CA ALA A 37 -4.99 -9.98 1.28
C ALA A 37 -4.73 -9.83 2.78
N LEU A 38 -5.60 -9.08 3.45
CA LEU A 38 -5.44 -8.86 4.88
C LEU A 38 -5.41 -10.19 5.62
N ASN A 39 -6.15 -11.16 5.10
CA ASN A 39 -6.21 -12.48 5.73
C ASN A 39 -4.82 -12.91 6.20
N GLY A 40 -3.78 -12.34 5.58
CA GLY A 40 -2.42 -12.68 5.96
C GLY A 40 -1.94 -11.85 7.14
N LEU A 41 -2.41 -10.61 7.21
CA LEU A 41 -2.02 -9.72 8.31
C LEU A 41 -3.01 -9.85 9.46
N LEU A 42 -4.19 -10.39 9.16
CA LEU A 42 -5.22 -10.57 10.17
C LEU A 42 -4.65 -11.24 11.41
N ALA A 43 -4.48 -10.47 12.48
CA ALA A 43 -3.95 -10.99 13.74
C ALA A 43 -5.00 -10.88 14.84
N PRO A 44 -4.82 -11.59 15.92
CA PRO A 44 -5.79 -11.58 17.06
C PRO A 44 -5.73 -10.26 17.83
N GLY A 45 -6.88 -9.59 17.91
CA GLY A 45 -6.96 -8.32 18.62
C GLY A 45 -6.58 -7.14 17.72
N VAL A 46 -6.34 -7.44 16.45
CA VAL A 46 -5.96 -6.39 15.51
C VAL A 46 -7.17 -5.58 15.09
N ASN A 47 -7.03 -4.25 15.13
CA ASN A 47 -8.12 -3.36 14.75
C ASN A 47 -7.85 -2.77 13.37
N VAL A 48 -8.90 -2.66 12.56
CA VAL A 48 -8.78 -2.12 11.22
C VAL A 48 -9.60 -0.85 11.07
N ILE A 49 -9.03 0.16 10.43
CA ILE A 49 -9.71 1.42 10.22
C ILE A 49 -9.57 1.85 8.77
N ASP A 50 -10.37 1.23 7.90
CA ASP A 50 -10.33 1.55 6.47
C ASP A 50 -11.69 2.05 6.01
N GLN A 51 -11.74 3.31 5.60
CA GLN A 51 -12.98 3.90 5.12
C GLN A 51 -12.84 4.38 3.70
N ILE A 52 -13.43 3.63 2.78
CA ILE A 52 -13.37 3.97 1.37
C ILE A 52 -14.75 4.36 0.86
N HIS A 53 -14.79 5.36 -0.02
CA HIS A 53 -16.06 5.83 -0.58
C HIS A 53 -16.18 5.35 -2.02
N VAL A 54 -17.40 5.13 -2.47
CA VAL A 54 -17.62 4.68 -3.84
C VAL A 54 -17.79 5.88 -4.77
N ASP A 55 -17.26 5.77 -5.98
CA ASP A 55 -17.36 6.86 -6.96
C ASP A 55 -17.13 6.33 -8.37
N PRO A 56 -18.13 5.71 -8.95
CA PRO A 56 -18.04 5.14 -10.33
C PRO A 56 -17.51 6.13 -11.36
N VAL A 57 -17.14 7.35 -10.94
CA VAL A 57 -16.62 8.35 -11.87
C VAL A 57 -15.11 8.54 -11.69
N VAL A 58 -14.68 8.68 -10.44
CA VAL A 58 -13.24 8.84 -10.17
C VAL A 58 -12.53 7.55 -10.51
N ARG A 59 -11.26 7.43 -10.15
CA ARG A 59 -10.52 6.21 -10.43
C ARG A 59 -9.56 5.91 -9.29
N SER A 60 -9.25 4.64 -9.09
CA SER A 60 -8.35 4.25 -8.01
C SER A 60 -7.37 3.19 -8.47
N LEU A 61 -6.38 2.91 -7.62
CA LEU A 61 -5.36 1.92 -7.92
C LEU A 61 -6.02 0.57 -8.21
N ASP A 62 -5.53 -0.12 -9.24
CA ASP A 62 -6.06 -1.43 -9.58
C ASP A 62 -5.44 -2.48 -8.68
N PHE A 63 -6.15 -2.86 -7.62
CA PHE A 63 -5.62 -3.83 -6.68
C PHE A 63 -5.94 -5.27 -7.08
N SER A 64 -6.61 -5.46 -8.20
CA SER A 64 -6.96 -6.81 -8.64
C SER A 64 -5.79 -7.75 -8.39
N SER A 65 -4.58 -7.23 -8.55
CA SER A 65 -3.35 -8.01 -8.34
C SER A 65 -2.58 -7.44 -7.14
N ALA A 66 -3.31 -6.97 -6.13
CA ALA A 66 -2.64 -6.44 -4.96
C ALA A 66 -2.35 -7.54 -3.95
N GLU A 67 -3.02 -8.69 -4.02
CA GLU A 67 -2.71 -9.73 -3.05
C GLU A 67 -1.22 -10.06 -3.16
N PRO A 68 -0.70 -10.31 -4.34
CA PRO A 68 0.76 -10.57 -4.52
C PRO A 68 1.62 -9.42 -4.00
N VAL A 69 1.25 -8.16 -4.32
CA VAL A 69 2.08 -7.04 -3.84
C VAL A 69 1.85 -6.74 -2.36
N PHE A 70 0.63 -6.94 -1.89
CA PHE A 70 0.31 -6.68 -0.48
C PHE A 70 0.83 -7.83 0.37
N THR A 71 0.68 -9.06 -0.12
CA THR A 71 1.16 -10.22 0.60
C THR A 71 2.68 -10.19 0.65
N ALA A 72 3.27 -9.41 -0.26
CA ALA A 72 4.72 -9.28 -0.31
C ALA A 72 5.22 -8.43 0.84
N SER A 73 4.44 -7.40 1.18
CA SER A 73 4.81 -6.51 2.27
C SER A 73 4.05 -6.87 3.55
N VAL A 74 3.36 -8.01 3.54
CA VAL A 74 2.59 -8.45 4.70
C VAL A 74 3.48 -8.71 5.93
N PRO A 75 4.63 -9.32 5.76
CA PRO A 75 5.53 -9.61 6.91
C PRO A 75 6.13 -8.33 7.49
N ILE A 76 5.51 -7.21 7.19
CA ILE A 76 5.99 -5.92 7.69
C ILE A 76 4.80 -5.03 8.06
N PRO A 77 4.36 -5.04 9.30
CA PRO A 77 3.20 -4.23 9.76
C PRO A 77 3.60 -2.77 9.99
N ASP A 78 4.80 -2.42 9.56
CA ASP A 78 5.32 -1.06 9.71
C ASP A 78 5.58 -0.46 8.34
N PHE A 79 4.77 -0.89 7.36
CA PHE A 79 4.95 -0.43 5.98
C PHE A 79 3.87 0.57 5.57
N GLY A 80 4.21 1.38 4.55
CA GLY A 80 3.29 2.38 4.04
C GLY A 80 3.14 2.27 2.53
N LEU A 81 1.92 2.50 2.04
CA LEU A 81 1.64 2.45 0.60
C LEU A 81 0.95 3.74 0.20
N LYS A 82 1.50 4.45 -0.78
CA LYS A 82 0.90 5.71 -1.20
C LYS A 82 0.86 5.81 -2.72
N VAL A 83 -0.32 6.11 -3.24
CA VAL A 83 -0.52 6.26 -4.68
C VAL A 83 -0.92 7.70 -4.95
N GLU A 84 -0.33 8.31 -5.97
CA GLU A 84 -0.63 9.69 -6.32
C GLU A 84 -1.68 9.74 -7.43
N ARG A 85 -1.61 10.78 -8.25
CA ARG A 85 -2.52 10.91 -9.37
C ARG A 85 -2.10 9.92 -10.45
N ASP A 86 -0.94 10.16 -11.05
CA ASP A 86 -0.42 9.28 -12.11
C ASP A 86 0.90 8.64 -11.70
N THR A 87 1.29 8.82 -10.43
CA THR A 87 2.55 8.25 -9.92
C THR A 87 2.27 7.43 -8.67
N VAL A 88 3.23 6.57 -8.29
CA VAL A 88 3.05 5.74 -7.10
C VAL A 88 4.33 5.70 -6.25
N THR A 89 4.16 5.92 -4.95
CA THR A 89 5.32 5.93 -4.05
C THR A 89 5.22 4.82 -3.00
N LEU A 90 6.39 4.28 -2.65
CA LEU A 90 6.46 3.20 -1.67
C LEU A 90 7.47 3.53 -0.58
N THR A 91 7.02 3.49 0.68
CA THR A 91 7.92 3.75 1.79
C THR A 91 7.61 2.83 2.95
N GLY A 92 8.63 2.15 3.46
CA GLY A 92 8.44 1.23 4.56
C GLY A 92 9.73 0.99 5.33
N THR A 93 9.62 0.94 6.65
CA THR A 93 10.78 0.71 7.49
C THR A 93 11.23 -0.74 7.34
N ALA A 94 12.44 -0.94 6.82
CA ALA A 94 12.95 -2.29 6.63
C ALA A 94 14.38 -2.44 7.18
N PRO A 95 14.52 -2.68 8.46
CA PRO A 95 15.85 -2.85 9.10
C PRO A 95 16.71 -3.90 8.39
N SER A 96 16.15 -4.52 7.35
CA SER A 96 16.88 -5.54 6.61
C SER A 96 17.67 -4.91 5.46
N SER A 97 17.72 -5.59 4.32
CA SER A 97 18.44 -5.09 3.16
C SER A 97 17.71 -5.44 1.87
N GLU A 98 18.34 -6.24 1.02
CA GLU A 98 17.75 -6.64 -0.24
C GLU A 98 16.32 -7.13 -0.04
N HIS A 99 16.02 -7.55 1.18
CA HIS A 99 14.68 -8.04 1.51
C HIS A 99 13.64 -6.96 1.25
N LYS A 100 14.10 -5.71 1.25
CA LYS A 100 13.21 -4.58 1.01
C LYS A 100 12.96 -4.39 -0.49
N ASP A 101 13.90 -4.87 -1.30
CA ASP A 101 13.79 -4.74 -2.75
C ASP A 101 12.66 -5.61 -3.31
N ALA A 102 12.47 -6.79 -2.73
CA ALA A 102 11.43 -7.69 -3.20
C ALA A 102 10.08 -6.98 -3.26
N VAL A 103 9.86 -6.02 -2.37
CA VAL A 103 8.61 -5.28 -2.34
C VAL A 103 8.48 -4.39 -3.58
N LYS A 104 9.59 -3.81 -4.01
CA LYS A 104 9.59 -2.94 -5.17
C LYS A 104 9.33 -3.73 -6.45
N ARG A 105 9.99 -4.87 -6.59
CA ARG A 105 9.82 -5.71 -7.78
C ARG A 105 8.36 -6.15 -7.93
N ALA A 106 7.74 -6.53 -6.81
CA ALA A 106 6.35 -6.99 -6.84
C ALA A 106 5.43 -5.91 -7.39
N ALA A 107 5.68 -4.66 -7.02
CA ALA A 107 4.85 -3.54 -7.48
C ALA A 107 5.11 -3.24 -8.95
N THR A 108 6.38 -3.17 -9.34
CA THR A 108 6.74 -2.89 -10.73
C THR A 108 5.89 -3.71 -11.69
N SER A 109 5.82 -5.02 -11.42
CA SER A 109 5.06 -5.92 -12.27
C SER A 109 3.57 -5.58 -12.24
N THR A 110 3.10 -5.06 -11.12
CA THR A 110 1.68 -4.74 -10.98
C THR A 110 1.35 -3.35 -11.53
N TRP A 111 2.27 -2.40 -11.42
CA TRP A 111 2.03 -1.05 -11.89
C TRP A 111 3.23 -0.55 -12.70
N PRO A 112 3.53 -1.22 -13.78
CA PRO A 112 4.69 -0.88 -14.65
C PRO A 112 4.51 0.42 -15.46
N ASP A 113 3.29 0.70 -15.91
CA ASP A 113 3.06 1.90 -16.70
C ASP A 113 2.94 3.13 -15.79
N MET A 114 3.02 2.91 -14.49
CA MET A 114 2.95 4.00 -13.52
C MET A 114 4.28 4.17 -12.82
N LYS A 115 4.75 5.41 -12.73
CA LYS A 115 6.02 5.68 -12.08
C LYS A 115 6.00 5.17 -10.64
N ILE A 116 6.94 4.28 -10.33
CA ILE A 116 7.04 3.72 -8.99
C ILE A 116 8.33 4.17 -8.32
N VAL A 117 8.20 4.84 -7.17
CA VAL A 117 9.37 5.29 -6.43
C VAL A 117 9.39 4.65 -5.05
N ASN A 118 10.24 3.63 -4.90
CA ASN A 118 10.36 2.92 -3.64
C ASN A 118 11.66 3.27 -2.95
N ASN A 119 11.60 4.25 -2.06
CA ASN A 119 12.79 4.68 -1.34
C ASN A 119 12.74 4.32 0.13
N ILE A 120 13.20 3.11 0.46
CA ILE A 120 13.24 2.61 1.83
C ILE A 120 14.59 2.90 2.45
N GLU A 121 14.62 3.12 3.76
CA GLU A 121 15.88 3.40 4.45
C GLU A 121 15.91 2.67 5.79
N VAL A 122 17.05 2.09 6.14
CA VAL A 122 17.17 1.37 7.40
C VAL A 122 17.27 2.32 8.58
N THR A 123 16.28 2.25 9.47
CA THR A 123 16.26 3.11 10.64
C THR A 123 16.98 2.45 11.82
N GLY A 124 17.69 3.25 12.60
CA GLY A 124 18.42 2.74 13.75
C GLY A 124 19.92 2.69 13.48
N GLN A 125 20.38 1.53 13.00
CA GLN A 125 21.80 1.36 12.69
C GLN A 125 22.67 1.93 13.81
N ALA A 126 22.08 2.11 14.99
CA ALA A 126 22.82 2.65 16.12
C ALA A 126 23.73 1.58 16.71
N PRO A 127 24.71 1.98 17.48
CA PRO A 127 25.67 1.03 18.11
C PRO A 127 25.03 0.23 19.26
N PRO A 128 25.62 -0.87 19.66
CA PRO A 128 25.10 -1.70 20.77
C PRO A 128 24.66 -0.87 21.97
N GLY A 129 24.09 -1.54 22.97
CA GLY A 129 23.63 -0.84 24.16
C GLY A 129 24.82 -0.43 25.04
N PRO A 130 24.56 0.02 26.24
CA PRO A 130 25.63 0.46 27.18
C PRO A 130 26.67 -0.64 27.39
N PRO A 131 27.86 -0.29 27.83
CA PRO A 131 28.94 -1.29 28.08
C PRO A 131 28.65 -2.18 29.28
N GLY A 1 -17.00 9.40 -24.26
CA GLY A 1 -16.65 8.36 -23.26
C GLY A 1 -15.24 8.60 -22.74
N ALA A 2 -14.26 8.48 -23.62
CA ALA A 2 -12.87 8.70 -23.24
C ALA A 2 -12.57 10.19 -23.13
N SER A 3 -13.58 11.01 -23.38
CA SER A 3 -13.41 12.46 -23.32
C SER A 3 -13.62 12.97 -21.90
N ALA A 4 -12.72 12.58 -20.99
CA ALA A 4 -12.82 12.99 -19.61
C ALA A 4 -11.71 12.35 -18.78
N LEU A 5 -10.87 13.19 -18.16
CA LEU A 5 -9.77 12.69 -17.35
C LEU A 5 -10.13 12.77 -15.88
N SER A 6 -9.87 11.69 -15.15
CA SER A 6 -10.16 11.65 -13.72
C SER A 6 -8.87 11.71 -12.91
N LEU A 7 -8.92 12.35 -11.76
CA LEU A 7 -7.75 12.48 -10.89
C LEU A 7 -8.14 12.46 -9.43
N SER A 8 -7.46 11.63 -8.65
CA SER A 8 -7.72 11.51 -7.22
C SER A 8 -6.50 10.87 -6.57
N LEU A 9 -6.31 11.03 -5.26
CA LEU A 9 -5.15 10.44 -4.59
C LEU A 9 -5.59 9.41 -3.55
N LEU A 10 -4.65 8.53 -3.16
CA LEU A 10 -4.95 7.50 -2.16
C LEU A 10 -3.91 7.55 -1.04
N SER A 11 -4.32 7.14 0.17
CA SER A 11 -3.41 7.15 1.30
C SER A 11 -3.59 5.89 2.16
N ILE A 12 -2.51 5.13 2.34
CA ILE A 12 -2.58 3.91 3.14
C ILE A 12 -1.35 3.79 4.05
N SER A 13 -1.61 3.65 5.35
CA SER A 13 -0.54 3.53 6.33
C SER A 13 -0.75 2.30 7.20
N ARG A 14 0.32 1.53 7.41
CA ARG A 14 0.25 0.33 8.24
C ARG A 14 1.48 0.24 9.14
N SER A 15 1.25 0.41 10.45
CA SER A 15 2.33 0.35 11.44
C SER A 15 1.76 0.50 12.84
N GLY A 16 1.76 -0.60 13.60
CA GLY A 16 1.24 -0.59 14.96
C GLY A 16 0.18 -1.67 15.12
N ASN A 17 -0.75 -1.43 16.06
CA ASN A 17 -1.82 -2.39 16.31
C ASN A 17 -3.04 -2.06 15.44
N THR A 18 -3.14 -0.79 15.05
CA THR A 18 -4.26 -0.35 14.22
C THR A 18 -3.80 -0.04 12.79
N VAL A 19 -4.74 -0.11 11.85
CA VAL A 19 -4.43 0.17 10.45
C VAL A 19 -5.29 1.33 9.94
N THR A 20 -4.70 2.18 9.09
CA THR A 20 -5.42 3.33 8.55
C THR A 20 -5.36 3.36 7.01
N LEU A 21 -6.51 3.13 6.38
CA LEU A 21 -6.58 3.14 4.93
C LEU A 21 -7.84 3.89 4.47
N ILE A 22 -7.63 5.01 3.78
CA ILE A 22 -8.74 5.83 3.29
C ILE A 22 -8.49 6.23 1.84
N GLY A 23 -9.51 6.09 0.99
CA GLY A 23 -9.39 6.45 -0.41
C GLY A 23 -10.69 6.22 -1.16
N ASP A 24 -10.60 6.07 -2.48
CA ASP A 24 -11.78 5.84 -3.31
C ASP A 24 -11.60 4.60 -4.17
N PHE A 25 -12.54 3.66 -4.05
CA PHE A 25 -12.47 2.41 -4.82
C PHE A 25 -13.40 2.46 -6.02
N PRO A 26 -13.17 1.63 -7.01
CA PRO A 26 -14.04 1.57 -8.23
C PRO A 26 -15.38 0.93 -7.93
N ASP A 27 -15.35 -0.16 -7.15
CA ASP A 27 -16.58 -0.86 -6.79
C ASP A 27 -16.45 -1.41 -5.37
N GLU A 28 -17.44 -2.19 -4.95
CA GLU A 28 -17.43 -2.76 -3.60
C GLU A 28 -16.75 -4.13 -3.60
N ALA A 29 -16.98 -4.91 -4.65
CA ALA A 29 -16.38 -6.24 -4.75
C ALA A 29 -14.86 -6.15 -4.78
N ALA A 30 -14.36 -5.00 -5.20
CA ALA A 30 -12.91 -4.78 -5.27
C ALA A 30 -12.27 -4.94 -3.90
N LYS A 31 -12.99 -4.56 -2.86
CA LYS A 31 -12.47 -4.66 -1.51
C LYS A 31 -12.15 -6.11 -1.14
N ALA A 32 -12.97 -7.03 -1.65
CA ALA A 32 -12.78 -8.46 -1.36
C ALA A 32 -11.39 -8.93 -1.78
N ALA A 33 -10.92 -8.45 -2.93
CA ALA A 33 -9.59 -8.84 -3.42
C ALA A 33 -8.50 -8.34 -2.50
N LEU A 34 -8.70 -7.16 -1.94
CA LEU A 34 -7.73 -6.57 -1.03
C LEU A 34 -7.88 -7.17 0.36
N MET A 35 -9.11 -7.17 0.86
CA MET A 35 -9.39 -7.72 2.18
C MET A 35 -8.74 -9.09 2.33
N THR A 36 -8.96 -9.95 1.33
CA THR A 36 -8.37 -11.29 1.38
C THR A 36 -6.89 -11.20 1.72
N ALA A 37 -6.31 -10.03 1.47
CA ALA A 37 -4.91 -9.80 1.77
C ALA A 37 -4.72 -9.55 3.26
N LEU A 38 -5.66 -8.80 3.85
CA LEU A 38 -5.59 -8.50 5.27
C LEU A 38 -5.62 -9.78 6.08
N ASN A 39 -6.43 -10.74 5.63
CA ASN A 39 -6.54 -12.02 6.33
C ASN A 39 -5.16 -12.54 6.71
N GLY A 40 -4.13 -12.00 6.07
CA GLY A 40 -2.76 -12.41 6.34
C GLY A 40 -2.20 -11.66 7.55
N LEU A 41 -2.62 -10.41 7.72
CA LEU A 41 -2.15 -9.61 8.84
C LEU A 41 -3.15 -9.63 9.99
N LEU A 42 -4.41 -9.91 9.66
CA LEU A 42 -5.45 -9.97 10.68
C LEU A 42 -4.96 -10.70 11.91
N ALA A 43 -4.85 -9.99 13.02
CA ALA A 43 -4.38 -10.58 14.28
C ALA A 43 -5.49 -10.52 15.33
N PRO A 44 -5.37 -11.28 16.38
CA PRO A 44 -6.38 -11.31 17.48
C PRO A 44 -6.36 -10.02 18.30
N GLY A 45 -7.49 -9.33 18.33
CA GLY A 45 -7.60 -8.08 19.08
C GLY A 45 -7.11 -6.89 18.25
N VAL A 46 -6.82 -7.14 16.99
CA VAL A 46 -6.35 -6.09 16.10
C VAL A 46 -7.49 -5.17 15.68
N ASN A 47 -7.23 -3.87 15.66
CA ASN A 47 -8.25 -2.91 15.26
C ASN A 47 -8.03 -2.45 13.82
N VAL A 48 -9.12 -2.34 13.08
CA VAL A 48 -9.04 -1.92 11.68
C VAL A 48 -9.93 -0.71 11.44
N ILE A 49 -9.44 0.23 10.64
CA ILE A 49 -10.20 1.43 10.34
C ILE A 49 -10.03 1.78 8.86
N ASP A 50 -10.84 1.15 8.02
CA ASP A 50 -10.77 1.39 6.59
C ASP A 50 -12.09 1.95 6.07
N GLN A 51 -12.05 3.16 5.53
CA GLN A 51 -13.23 3.80 5.00
C GLN A 51 -12.99 4.21 3.56
N ILE A 52 -13.58 3.48 2.63
CA ILE A 52 -13.41 3.73 1.21
C ILE A 52 -14.77 3.94 0.56
N HIS A 53 -14.83 4.86 -0.40
CA HIS A 53 -16.07 5.14 -1.10
C HIS A 53 -16.01 4.65 -2.54
N VAL A 54 -17.18 4.44 -3.14
CA VAL A 54 -17.25 3.97 -4.52
C VAL A 54 -17.24 5.15 -5.48
N ASP A 55 -16.59 4.98 -6.62
CA ASP A 55 -16.50 6.05 -7.62
C ASP A 55 -16.15 5.47 -8.99
N PRO A 56 -16.59 6.10 -10.06
CA PRO A 56 -16.27 5.60 -11.43
C PRO A 56 -14.76 5.62 -11.69
N VAL A 57 -14.19 4.42 -11.85
CA VAL A 57 -12.77 4.23 -12.13
C VAL A 57 -11.89 5.44 -11.85
N VAL A 58 -12.11 6.14 -10.73
CA VAL A 58 -11.29 7.30 -10.41
C VAL A 58 -9.81 6.90 -10.50
N ARG A 59 -8.95 7.89 -10.64
CA ARG A 59 -7.53 7.60 -10.76
C ARG A 59 -6.97 7.12 -9.43
N SER A 60 -7.00 5.80 -9.26
CA SER A 60 -6.50 5.18 -8.04
C SER A 60 -5.81 3.86 -8.35
N LEU A 61 -5.11 3.33 -7.37
CA LEU A 61 -4.39 2.07 -7.54
C LEU A 61 -5.37 0.88 -7.61
N ASP A 62 -5.22 0.07 -8.65
CA ASP A 62 -6.08 -1.10 -8.83
C ASP A 62 -5.59 -2.23 -7.93
N PHE A 63 -6.30 -2.46 -6.84
CA PHE A 63 -5.92 -3.49 -5.88
C PHE A 63 -6.15 -4.91 -6.43
N SER A 64 -6.74 -5.01 -7.61
CA SER A 64 -7.02 -6.33 -8.19
C SER A 64 -5.85 -7.28 -7.96
N SER A 65 -4.64 -6.75 -8.04
CA SER A 65 -3.44 -7.55 -7.84
C SER A 65 -2.61 -7.00 -6.68
N ALA A 66 -3.30 -6.49 -5.66
CA ALA A 66 -2.60 -6.01 -4.49
C ALA A 66 -2.27 -7.17 -3.60
N GLU A 67 -3.04 -8.25 -3.76
CA GLU A 67 -2.78 -9.45 -2.98
C GLU A 67 -1.33 -9.86 -3.16
N PRO A 68 -0.92 -10.20 -4.37
CA PRO A 68 0.49 -10.58 -4.64
C PRO A 68 1.46 -9.53 -4.08
N VAL A 69 1.10 -8.24 -4.18
CA VAL A 69 1.99 -7.20 -3.65
C VAL A 69 1.92 -7.16 -2.12
N PHE A 70 0.77 -6.78 -1.59
CA PHE A 70 0.61 -6.70 -0.13
C PHE A 70 1.16 -7.97 0.52
N THR A 71 0.95 -9.11 -0.14
CA THR A 71 1.45 -10.38 0.38
C THR A 71 2.97 -10.35 0.43
N ALA A 72 3.56 -9.67 -0.54
CA ALA A 72 5.02 -9.56 -0.60
C ALA A 72 5.51 -8.63 0.50
N SER A 73 4.60 -7.84 1.05
CA SER A 73 4.95 -6.90 2.11
C SER A 73 4.39 -7.35 3.46
N VAL A 74 3.81 -8.55 3.49
CA VAL A 74 3.23 -9.08 4.71
C VAL A 74 4.26 -9.14 5.85
N PRO A 75 5.42 -9.71 5.66
CA PRO A 75 6.45 -9.80 6.75
C PRO A 75 6.93 -8.42 7.19
N ILE A 76 6.15 -7.39 6.86
CA ILE A 76 6.50 -6.03 7.24
C ILE A 76 5.23 -5.26 7.63
N PRO A 77 4.75 -5.44 8.84
CA PRO A 77 3.52 -4.76 9.30
C PRO A 77 3.76 -3.28 9.61
N ASP A 78 4.90 -2.78 9.14
CA ASP A 78 5.28 -1.38 9.35
C ASP A 78 5.51 -0.71 8.00
N PHE A 79 4.77 -1.16 6.99
CA PHE A 79 4.93 -0.64 5.64
C PHE A 79 3.88 0.43 5.34
N GLY A 80 4.23 1.32 4.40
CA GLY A 80 3.33 2.39 4.01
C GLY A 80 3.13 2.39 2.49
N LEU A 81 1.91 2.69 2.07
CA LEU A 81 1.58 2.76 0.64
C LEU A 81 1.00 4.14 0.37
N LYS A 82 1.55 4.87 -0.60
CA LYS A 82 1.05 6.19 -0.91
C LYS A 82 0.91 6.39 -2.41
N VAL A 83 -0.27 6.82 -2.82
CA VAL A 83 -0.54 7.09 -4.23
C VAL A 83 -0.86 8.57 -4.40
N GLU A 84 -0.30 9.18 -5.43
CA GLU A 84 -0.53 10.60 -5.70
C GLU A 84 -1.61 10.73 -6.75
N ARG A 85 -1.53 11.79 -7.54
CA ARG A 85 -2.48 12.00 -8.61
C ARG A 85 -2.20 10.98 -9.72
N ASP A 86 -1.05 11.12 -10.38
CA ASP A 86 -0.66 10.21 -11.45
C ASP A 86 0.66 9.51 -11.14
N THR A 87 1.12 9.62 -9.89
CA THR A 87 2.38 8.98 -9.49
C THR A 87 2.15 8.13 -8.25
N VAL A 88 3.05 7.18 -7.98
CA VAL A 88 2.91 6.32 -6.80
C VAL A 88 4.24 6.14 -6.08
N THR A 89 4.22 6.36 -4.76
CA THR A 89 5.45 6.22 -3.96
C THR A 89 5.33 5.09 -2.95
N LEU A 90 6.45 4.41 -2.72
CA LEU A 90 6.51 3.29 -1.79
C LEU A 90 7.53 3.55 -0.68
N THR A 91 7.11 3.41 0.57
CA THR A 91 8.03 3.61 1.70
C THR A 91 7.76 2.58 2.80
N GLY A 92 8.82 1.93 3.26
CA GLY A 92 8.68 0.92 4.31
C GLY A 92 10.00 0.71 5.05
N THR A 93 9.96 0.77 6.38
CA THR A 93 11.17 0.56 7.17
C THR A 93 11.54 -0.92 7.15
N ALA A 94 12.76 -1.22 6.73
CA ALA A 94 13.20 -2.61 6.65
C ALA A 94 14.64 -2.75 7.15
N PRO A 95 14.84 -2.97 8.43
CA PRO A 95 16.21 -3.12 9.02
C PRO A 95 17.06 -4.16 8.27
N SER A 96 16.48 -4.79 7.25
CA SER A 96 17.19 -5.79 6.47
C SER A 96 17.89 -5.14 5.27
N SER A 97 17.57 -5.61 4.07
CA SER A 97 18.18 -5.07 2.86
C SER A 97 17.43 -5.55 1.62
N GLU A 98 18.02 -6.51 0.91
CA GLU A 98 17.39 -7.05 -0.30
C GLU A 98 15.91 -7.33 -0.04
N HIS A 99 15.57 -7.49 1.23
CA HIS A 99 14.20 -7.75 1.63
C HIS A 99 13.24 -6.79 0.93
N LYS A 100 13.78 -5.64 0.52
CA LYS A 100 12.97 -4.63 -0.17
C LYS A 100 12.83 -4.97 -1.65
N ASP A 101 13.83 -5.68 -2.19
CA ASP A 101 13.82 -6.07 -3.59
C ASP A 101 12.49 -6.70 -3.99
N ALA A 102 12.16 -7.83 -3.36
CA ALA A 102 10.91 -8.52 -3.67
C ALA A 102 9.73 -7.56 -3.66
N VAL A 103 9.72 -6.64 -2.69
CA VAL A 103 8.63 -5.68 -2.58
C VAL A 103 8.55 -4.78 -3.81
N LYS A 104 9.70 -4.27 -4.25
CA LYS A 104 9.74 -3.40 -5.41
C LYS A 104 9.37 -4.14 -6.69
N ARG A 105 9.96 -5.31 -6.88
CA ARG A 105 9.67 -6.12 -8.07
C ARG A 105 8.18 -6.43 -8.18
N ALA A 106 7.58 -6.77 -7.05
CA ALA A 106 6.15 -7.11 -7.02
C ALA A 106 5.30 -5.88 -7.31
N ALA A 107 5.64 -4.77 -6.67
CA ALA A 107 4.88 -3.53 -6.85
C ALA A 107 5.03 -2.99 -8.28
N THR A 108 6.27 -2.91 -8.74
CA THR A 108 6.54 -2.40 -10.08
C THR A 108 5.76 -3.19 -11.14
N SER A 109 5.80 -4.52 -11.03
CA SER A 109 5.11 -5.37 -11.99
C SER A 109 3.60 -5.15 -11.95
N THR A 110 3.10 -4.71 -10.79
CA THR A 110 1.68 -4.48 -10.63
C THR A 110 1.29 -3.10 -11.14
N TRP A 111 2.21 -2.16 -11.05
CA TRP A 111 1.97 -0.80 -11.50
C TRP A 111 3.17 -0.31 -12.28
N PRO A 112 3.47 -0.95 -13.39
CA PRO A 112 4.66 -0.62 -14.23
C PRO A 112 4.53 0.68 -15.04
N ASP A 113 3.32 1.04 -15.45
CA ASP A 113 3.14 2.27 -16.25
C ASP A 113 2.93 3.48 -15.36
N MET A 114 2.98 3.27 -14.05
CA MET A 114 2.80 4.37 -13.10
C MET A 114 4.10 4.65 -12.36
N LYS A 115 4.52 5.92 -12.37
CA LYS A 115 5.75 6.30 -11.70
C LYS A 115 5.81 5.65 -10.33
N ILE A 116 6.63 4.60 -10.21
CA ILE A 116 6.78 3.88 -8.95
C ILE A 116 8.20 4.06 -8.40
N VAL A 117 8.29 4.65 -7.22
CA VAL A 117 9.60 4.85 -6.59
C VAL A 117 9.58 4.31 -5.17
N ASN A 118 10.19 3.14 -5.00
CA ASN A 118 10.26 2.49 -3.70
C ASN A 118 11.59 2.86 -3.03
N ASN A 119 11.51 3.79 -2.09
CA ASN A 119 12.73 4.23 -1.40
C ASN A 119 12.72 3.82 0.06
N ILE A 120 13.21 2.62 0.33
CA ILE A 120 13.28 2.08 1.68
C ILE A 120 14.55 2.59 2.36
N GLU A 121 14.48 2.81 3.66
CA GLU A 121 15.65 3.28 4.40
C GLU A 121 15.73 2.55 5.74
N VAL A 122 16.88 1.93 6.01
CA VAL A 122 17.05 1.19 7.26
C VAL A 122 17.20 2.14 8.44
N THR A 123 16.22 2.12 9.34
CA THR A 123 16.26 2.97 10.51
C THR A 123 17.56 2.79 11.28
N GLY A 124 18.41 3.81 11.25
CA GLY A 124 19.69 3.75 11.95
C GLY A 124 20.82 3.42 10.98
N GLN A 125 21.38 4.46 10.39
CA GLN A 125 22.47 4.30 9.43
C GLN A 125 23.78 4.05 10.17
N ALA A 126 23.76 4.18 11.49
CA ALA A 126 24.96 3.96 12.29
C ALA A 126 25.17 2.47 12.56
N PRO A 127 26.36 2.07 12.94
CA PRO A 127 26.68 0.64 13.24
C PRO A 127 26.01 0.16 14.52
N PRO A 128 25.93 -1.14 14.74
CA PRO A 128 25.32 -1.72 15.97
C PRO A 128 25.78 -1.01 17.24
N GLY A 129 25.34 -1.52 18.39
CA GLY A 129 25.72 -0.92 19.67
C GLY A 129 25.29 -1.82 20.83
N PRO A 130 25.44 -1.34 22.04
CA PRO A 130 25.06 -2.12 23.26
C PRO A 130 23.63 -2.66 23.16
N PRO A 131 23.31 -3.68 23.92
CA PRO A 131 21.94 -4.28 23.91
C PRO A 131 20.90 -3.37 24.53
N GLY A 1 -10.14 6.55 -20.10
CA GLY A 1 -10.76 7.56 -19.19
C GLY A 1 -11.01 8.86 -19.95
N ALA A 2 -11.36 9.91 -19.23
CA ALA A 2 -11.63 11.21 -19.85
C ALA A 2 -11.35 12.34 -18.86
N SER A 3 -11.32 12.00 -17.59
CA SER A 3 -11.06 13.00 -16.55
C SER A 3 -9.60 13.47 -16.60
N ALA A 4 -9.39 14.72 -16.19
CA ALA A 4 -8.03 15.27 -16.20
C ALA A 4 -7.85 16.25 -15.04
N LEU A 5 -8.73 17.26 -15.00
CA LEU A 5 -8.65 18.26 -13.94
C LEU A 5 -9.44 17.81 -12.71
N SER A 6 -9.15 16.60 -12.25
CA SER A 6 -9.84 16.05 -11.09
C SER A 6 -8.84 15.38 -10.15
N LEU A 7 -9.21 15.26 -8.88
CA LEU A 7 -8.34 14.62 -7.89
C LEU A 7 -8.67 13.14 -7.76
N SER A 8 -7.63 12.32 -7.60
CA SER A 8 -7.84 10.88 -7.42
C SER A 8 -6.60 10.21 -6.84
N LEU A 9 -6.52 10.15 -5.51
CA LEU A 9 -5.37 9.53 -4.86
C LEU A 9 -5.81 8.61 -3.73
N LEU A 10 -4.93 7.70 -3.34
CA LEU A 10 -5.22 6.76 -2.25
C LEU A 10 -4.20 6.92 -1.13
N SER A 11 -4.63 6.65 0.10
CA SER A 11 -3.75 6.78 1.25
C SER A 11 -3.84 5.54 2.14
N ILE A 12 -2.70 4.94 2.44
CA ILE A 12 -2.66 3.75 3.29
C ILE A 12 -1.45 3.81 4.21
N SER A 13 -1.71 3.88 5.51
CA SER A 13 -0.65 3.94 6.50
C SER A 13 -0.85 2.88 7.57
N ARG A 14 0.20 2.11 7.85
CA ARG A 14 0.14 1.07 8.87
C ARG A 14 1.39 1.13 9.73
N SER A 15 1.21 1.46 11.01
CA SER A 15 2.33 1.56 11.94
C SER A 15 2.51 0.25 12.71
N GLY A 16 1.45 -0.18 13.38
CA GLY A 16 1.49 -1.42 14.16
C GLY A 16 0.24 -1.56 15.02
N ASN A 17 -0.22 -2.79 15.19
CA ASN A 17 -1.42 -3.04 16.00
C ASN A 17 -2.67 -2.65 15.23
N THR A 18 -2.82 -1.36 14.96
CA THR A 18 -3.97 -0.85 14.22
C THR A 18 -3.56 -0.46 12.81
N VAL A 19 -4.51 -0.45 11.88
CA VAL A 19 -4.22 -0.07 10.50
C VAL A 19 -5.11 1.11 10.07
N THR A 20 -4.53 2.02 9.30
CA THR A 20 -5.27 3.20 8.83
C THR A 20 -5.26 3.29 7.31
N LEU A 21 -6.44 3.12 6.71
CA LEU A 21 -6.55 3.19 5.26
C LEU A 21 -7.77 4.02 4.84
N ILE A 22 -7.51 5.11 4.13
CA ILE A 22 -8.58 5.98 3.68
C ILE A 22 -8.30 6.48 2.26
N GLY A 23 -9.28 6.32 1.37
CA GLY A 23 -9.12 6.76 -0.01
C GLY A 23 -10.43 6.62 -0.77
N ASP A 24 -10.36 6.47 -2.09
CA ASP A 24 -11.55 6.33 -2.91
C ASP A 24 -11.42 5.13 -3.86
N PHE A 25 -12.38 4.22 -3.79
CA PHE A 25 -12.36 3.04 -4.64
C PHE A 25 -13.40 3.18 -5.76
N PRO A 26 -13.21 2.52 -6.87
CA PRO A 26 -14.18 2.60 -8.01
C PRO A 26 -15.45 1.82 -7.71
N ASP A 27 -15.30 0.63 -7.13
CA ASP A 27 -16.44 -0.21 -6.79
C ASP A 27 -16.27 -0.78 -5.38
N GLU A 28 -17.22 -1.61 -4.98
CA GLU A 28 -17.17 -2.21 -3.65
C GLU A 28 -16.48 -3.57 -3.66
N ALA A 29 -16.70 -4.33 -4.73
CA ALA A 29 -16.09 -5.66 -4.86
C ALA A 29 -14.56 -5.55 -4.85
N ALA A 30 -14.08 -4.39 -5.26
CA ALA A 30 -12.64 -4.14 -5.31
C ALA A 30 -12.00 -4.40 -3.94
N LYS A 31 -12.76 -4.10 -2.88
CA LYS A 31 -12.26 -4.32 -1.54
C LYS A 31 -11.93 -5.79 -1.30
N ALA A 32 -12.74 -6.67 -1.87
CA ALA A 32 -12.55 -8.11 -1.71
C ALA A 32 -11.13 -8.53 -2.10
N ALA A 33 -10.65 -8.05 -3.24
CA ALA A 33 -9.31 -8.40 -3.70
C ALA A 33 -8.26 -7.95 -2.70
N LEU A 34 -8.50 -6.81 -2.07
CA LEU A 34 -7.57 -6.30 -1.08
C LEU A 34 -7.76 -7.00 0.26
N MET A 35 -9.02 -7.13 0.67
CA MET A 35 -9.35 -7.79 1.93
C MET A 35 -8.69 -9.16 2.00
N THR A 36 -8.89 -9.97 0.97
CA THR A 36 -8.29 -11.30 0.94
C THR A 36 -6.82 -11.21 1.31
N ALA A 37 -6.27 -10.01 1.17
CA ALA A 37 -4.86 -9.76 1.51
C ALA A 37 -4.72 -9.60 3.02
N LEU A 38 -5.68 -8.93 3.63
CA LEU A 38 -5.65 -8.71 5.08
C LEU A 38 -5.63 -10.05 5.81
N ASN A 39 -6.35 -11.02 5.29
CA ASN A 39 -6.40 -12.33 5.91
C ASN A 39 -5.01 -12.77 6.36
N GLY A 40 -4.00 -12.15 5.78
CA GLY A 40 -2.61 -12.48 6.13
C GLY A 40 -2.15 -11.68 7.34
N LEU A 41 -2.65 -10.46 7.48
CA LEU A 41 -2.26 -9.61 8.60
C LEU A 41 -3.24 -9.78 9.76
N LEU A 42 -4.48 -10.14 9.43
CA LEU A 42 -5.51 -10.34 10.45
C LEU A 42 -4.93 -11.04 11.67
N ALA A 43 -4.81 -10.29 12.77
CA ALA A 43 -4.27 -10.84 14.01
C ALA A 43 -5.33 -10.83 15.10
N PRO A 44 -5.12 -11.57 16.16
CA PRO A 44 -6.08 -11.66 17.30
C PRO A 44 -6.09 -10.38 18.13
N GLY A 45 -7.25 -9.71 18.18
CA GLY A 45 -7.37 -8.48 18.95
C GLY A 45 -6.89 -7.27 18.14
N VAL A 46 -6.66 -7.48 16.86
CA VAL A 46 -6.20 -6.39 16.00
C VAL A 46 -7.35 -5.47 15.62
N ASN A 47 -7.12 -4.17 15.68
CA ASN A 47 -8.16 -3.20 15.35
C ASN A 47 -7.95 -2.67 13.94
N VAL A 48 -9.04 -2.52 13.19
CA VAL A 48 -8.97 -2.03 11.82
C VAL A 48 -9.86 -0.81 11.66
N ILE A 49 -9.37 0.18 10.92
CA ILE A 49 -10.12 1.40 10.68
C ILE A 49 -9.93 1.82 9.23
N ASP A 50 -10.69 1.20 8.34
CA ASP A 50 -10.60 1.51 6.91
C ASP A 50 -11.91 2.11 6.40
N GLN A 51 -11.83 3.34 5.89
CA GLN A 51 -13.01 4.00 5.38
C GLN A 51 -12.75 4.49 3.96
N ILE A 52 -13.33 3.79 2.99
CA ILE A 52 -13.18 4.13 1.59
C ILE A 52 -14.53 4.43 0.97
N HIS A 53 -14.56 5.41 0.07
CA HIS A 53 -15.81 5.78 -0.60
C HIS A 53 -15.83 5.22 -2.01
N VAL A 54 -17.03 4.96 -2.52
CA VAL A 54 -17.15 4.43 -3.87
C VAL A 54 -17.23 5.57 -4.88
N ASP A 55 -16.63 5.35 -6.04
CA ASP A 55 -16.63 6.37 -7.08
C ASP A 55 -16.30 5.75 -8.45
N PRO A 56 -17.26 5.18 -9.12
CA PRO A 56 -17.05 4.53 -10.45
C PRO A 56 -16.31 5.44 -11.44
N VAL A 57 -15.94 6.65 -10.99
CA VAL A 57 -15.23 7.59 -11.86
C VAL A 57 -13.77 7.76 -11.43
N VAL A 58 -13.50 7.48 -10.16
CA VAL A 58 -12.14 7.60 -9.63
C VAL A 58 -11.23 6.61 -10.33
N ARG A 59 -9.95 6.60 -9.96
CA ARG A 59 -9.00 5.68 -10.55
C ARG A 59 -8.02 5.24 -9.46
N SER A 60 -7.76 3.95 -9.38
CA SER A 60 -6.86 3.44 -8.35
C SER A 60 -6.01 2.29 -8.87
N LEU A 61 -5.12 1.80 -8.01
CA LEU A 61 -4.25 0.69 -8.38
C LEU A 61 -5.06 -0.58 -8.54
N ASP A 62 -4.78 -1.34 -9.58
CA ASP A 62 -5.52 -2.57 -9.84
C ASP A 62 -5.29 -3.60 -8.74
N PHE A 63 -6.15 -3.57 -7.72
CA PHE A 63 -6.03 -4.49 -6.60
C PHE A 63 -6.04 -5.95 -7.05
N SER A 64 -6.51 -6.18 -8.27
CA SER A 64 -6.57 -7.55 -8.79
C SER A 64 -5.31 -8.32 -8.42
N SER A 65 -4.18 -7.63 -8.46
CA SER A 65 -2.90 -8.25 -8.13
C SER A 65 -2.23 -7.54 -6.94
N ALA A 66 -3.06 -7.10 -6.01
CA ALA A 66 -2.51 -6.46 -4.82
C ALA A 66 -2.15 -7.54 -3.83
N GLU A 67 -2.83 -8.67 -3.91
CA GLU A 67 -2.52 -9.78 -3.04
C GLU A 67 -1.03 -10.08 -3.14
N PRO A 68 -0.56 -10.46 -4.31
CA PRO A 68 0.88 -10.75 -4.50
C PRO A 68 1.76 -9.61 -3.97
N VAL A 69 1.35 -8.36 -4.23
CA VAL A 69 2.14 -7.23 -3.74
C VAL A 69 1.99 -7.07 -2.24
N PHE A 70 0.78 -6.71 -1.80
CA PHE A 70 0.51 -6.52 -0.37
C PHE A 70 1.09 -7.69 0.43
N THR A 71 0.96 -8.89 -0.11
CA THR A 71 1.49 -10.07 0.56
C THR A 71 3.00 -9.99 0.67
N ALA A 72 3.61 -9.32 -0.31
CA ALA A 72 5.05 -9.16 -0.33
C ALA A 72 5.49 -8.17 0.75
N SER A 73 4.55 -7.34 1.20
CA SER A 73 4.83 -6.34 2.23
C SER A 73 4.10 -6.68 3.53
N VAL A 74 3.52 -7.87 3.59
CA VAL A 74 2.79 -8.30 4.78
C VAL A 74 3.68 -8.31 6.03
N PRO A 75 4.89 -8.86 5.96
CA PRO A 75 5.78 -8.91 7.14
C PRO A 75 6.31 -7.53 7.52
N ILE A 76 5.61 -6.50 7.05
CA ILE A 76 6.00 -5.12 7.33
C ILE A 76 4.77 -4.33 7.79
N PRO A 77 4.36 -4.50 9.02
CA PRO A 77 3.17 -3.80 9.58
C PRO A 77 3.47 -2.36 9.98
N ASP A 78 4.64 -1.87 9.58
CA ASP A 78 5.04 -0.51 9.90
C ASP A 78 5.30 0.28 8.62
N PHE A 79 4.55 -0.07 7.57
CA PHE A 79 4.72 0.58 6.26
C PHE A 79 3.43 1.18 5.74
N GLY A 80 3.42 1.43 4.43
CA GLY A 80 2.25 2.00 3.78
C GLY A 80 2.43 2.21 2.28
N LEU A 81 1.30 2.23 1.59
CA LEU A 81 1.27 2.45 0.14
C LEU A 81 0.82 3.88 -0.10
N LYS A 82 1.44 4.56 -1.06
CA LYS A 82 1.05 5.95 -1.33
C LYS A 82 0.88 6.18 -2.83
N VAL A 83 -0.31 6.61 -3.20
CA VAL A 83 -0.62 6.91 -4.60
C VAL A 83 -0.98 8.37 -4.75
N GLU A 84 -0.45 9.02 -5.78
CA GLU A 84 -0.73 10.43 -6.03
C GLU A 84 -1.76 10.57 -7.14
N ARG A 85 -1.66 11.65 -7.90
CA ARG A 85 -2.57 11.85 -9.01
C ARG A 85 -2.35 10.74 -10.04
N ASP A 86 -1.16 10.74 -10.64
CA ASP A 86 -0.82 9.73 -11.65
C ASP A 86 0.53 9.07 -11.35
N THR A 87 0.96 9.14 -10.09
CA THR A 87 2.24 8.54 -9.69
C THR A 87 2.03 7.64 -8.48
N VAL A 88 2.97 6.72 -8.22
CA VAL A 88 2.84 5.82 -7.07
C VAL A 88 4.16 5.68 -6.32
N THR A 89 4.09 5.86 -5.00
CA THR A 89 5.28 5.76 -4.16
C THR A 89 5.10 4.76 -3.01
N LEU A 90 6.16 4.00 -2.76
CA LEU A 90 6.15 2.98 -1.71
C LEU A 90 7.22 3.25 -0.65
N THR A 91 6.83 3.21 0.62
CA THR A 91 7.79 3.43 1.69
C THR A 91 7.53 2.49 2.86
N GLY A 92 8.58 1.82 3.32
CA GLY A 92 8.45 0.88 4.43
C GLY A 92 9.79 0.67 5.13
N THR A 93 9.79 0.76 6.45
CA THR A 93 11.02 0.55 7.21
C THR A 93 11.31 -0.94 7.31
N ALA A 94 12.54 -1.36 6.99
CA ALA A 94 12.87 -2.79 7.05
C ALA A 94 14.26 -3.02 7.62
N PRO A 95 14.55 -4.23 8.04
CA PRO A 95 15.88 -4.60 8.60
C PRO A 95 17.03 -4.05 7.75
N SER A 96 16.71 -3.59 6.55
CA SER A 96 17.73 -3.04 5.64
C SER A 96 18.43 -4.16 4.90
N SER A 97 18.03 -4.39 3.65
CA SER A 97 18.64 -5.44 2.83
C SER A 97 17.79 -5.73 1.59
N GLU A 98 18.30 -6.63 0.75
CA GLU A 98 17.61 -7.02 -0.47
C GLU A 98 16.13 -7.29 -0.21
N HIS A 99 15.80 -7.57 1.04
CA HIS A 99 14.43 -7.85 1.43
C HIS A 99 13.47 -6.84 0.80
N LYS A 100 13.98 -5.66 0.46
CA LYS A 100 13.15 -4.62 -0.14
C LYS A 100 13.00 -4.85 -1.65
N ASP A 101 13.99 -5.51 -2.25
CA ASP A 101 13.96 -5.78 -3.68
C ASP A 101 12.65 -6.44 -4.10
N ALA A 102 12.33 -7.56 -3.46
CA ALA A 102 11.10 -8.28 -3.79
C ALA A 102 9.88 -7.37 -3.72
N VAL A 103 9.83 -6.53 -2.70
CA VAL A 103 8.71 -5.61 -2.53
C VAL A 103 8.60 -4.68 -3.73
N LYS A 104 9.73 -4.10 -4.14
CA LYS A 104 9.74 -3.18 -5.27
C LYS A 104 9.40 -3.91 -6.57
N ARG A 105 10.03 -5.06 -6.77
CA ARG A 105 9.81 -5.85 -7.98
C ARG A 105 8.32 -6.20 -8.12
N ALA A 106 7.70 -6.60 -7.01
CA ALA A 106 6.29 -6.96 -7.03
C ALA A 106 5.41 -5.78 -7.42
N ALA A 107 5.72 -4.62 -6.88
CA ALA A 107 4.93 -3.42 -7.16
C ALA A 107 5.12 -2.99 -8.62
N THR A 108 6.37 -2.93 -9.06
CA THR A 108 6.68 -2.53 -10.42
C THR A 108 5.94 -3.39 -11.44
N SER A 109 5.99 -4.70 -11.25
CA SER A 109 5.32 -5.63 -12.16
C SER A 109 3.82 -5.41 -12.16
N THR A 110 3.29 -4.91 -11.06
CA THR A 110 1.86 -4.66 -10.95
C THR A 110 1.51 -3.29 -11.52
N TRP A 111 2.47 -2.37 -11.48
CA TRP A 111 2.25 -1.02 -11.97
C TRP A 111 3.52 -0.52 -12.66
N PRO A 112 3.92 -1.18 -13.71
CA PRO A 112 5.16 -0.84 -14.46
C PRO A 112 5.07 0.44 -15.30
N ASP A 113 3.88 0.80 -15.76
CA ASP A 113 3.74 2.00 -16.59
C ASP A 113 3.42 3.23 -15.74
N MET A 114 3.43 3.06 -14.42
CA MET A 114 3.14 4.16 -13.51
C MET A 114 4.37 4.51 -12.67
N LYS A 115 4.71 5.80 -12.64
CA LYS A 115 5.87 6.24 -11.86
C LYS A 115 5.92 5.53 -10.52
N ILE A 116 6.77 4.52 -10.43
CA ILE A 116 6.91 3.76 -9.19
C ILE A 116 8.23 4.08 -8.51
N VAL A 117 8.14 4.58 -7.28
CA VAL A 117 9.33 4.91 -6.52
C VAL A 117 9.25 4.26 -5.14
N ASN A 118 10.00 3.17 -4.96
CA ASN A 118 10.00 2.45 -3.69
C ASN A 118 11.31 2.66 -2.97
N ASN A 119 11.27 3.48 -1.93
CA ASN A 119 12.47 3.79 -1.16
C ASN A 119 12.39 3.28 0.28
N ILE A 120 12.81 2.04 0.48
CA ILE A 120 12.85 1.43 1.81
C ILE A 120 14.00 2.02 2.60
N GLU A 121 13.83 2.16 3.92
CA GLU A 121 14.88 2.68 4.77
C GLU A 121 14.95 1.83 6.03
N VAL A 122 16.00 1.99 6.82
CA VAL A 122 16.15 1.20 8.04
C VAL A 122 15.19 1.65 9.13
N THR A 123 14.96 0.78 10.10
CA THR A 123 14.06 1.09 11.21
C THR A 123 14.81 1.85 12.30
N GLY A 124 14.73 3.17 12.26
CA GLY A 124 15.42 4.01 13.25
C GLY A 124 16.91 3.77 13.21
N GLN A 125 17.69 4.85 13.15
CA GLN A 125 19.14 4.75 13.11
C GLN A 125 19.66 4.04 14.37
N ALA A 126 19.50 2.72 14.40
CA ALA A 126 19.97 1.94 15.54
C ALA A 126 21.37 1.40 15.29
N PRO A 127 22.07 1.01 16.32
CA PRO A 127 23.44 0.45 16.19
C PRO A 127 23.44 -0.97 15.64
N PRO A 128 24.54 -1.44 15.09
CA PRO A 128 24.64 -2.81 14.55
C PRO A 128 23.96 -3.84 15.45
N GLY A 129 23.04 -4.62 14.88
CA GLY A 129 22.33 -5.63 15.65
C GLY A 129 20.90 -5.17 15.97
N PRO A 130 20.02 -5.22 15.00
CA PRO A 130 18.60 -4.80 15.20
C PRO A 130 17.91 -5.54 16.34
N PRO A 131 18.07 -6.84 16.43
CA PRO A 131 17.43 -7.64 17.51
C PRO A 131 18.26 -7.63 18.79
N GLY A 1 -4.82 11.63 -16.48
CA GLY A 1 -5.43 12.57 -15.49
C GLY A 1 -4.57 13.82 -15.37
N ALA A 2 -4.50 14.60 -16.44
CA ALA A 2 -3.70 15.82 -16.45
C ALA A 2 -4.59 17.03 -16.19
N SER A 3 -5.86 16.92 -16.57
CA SER A 3 -6.79 18.02 -16.38
C SER A 3 -8.16 17.49 -15.91
N ALA A 4 -8.46 17.68 -14.63
CA ALA A 4 -9.72 17.22 -14.08
C ALA A 4 -9.83 17.60 -12.61
N LEU A 5 -10.90 18.31 -12.26
CA LEU A 5 -11.11 18.72 -10.88
C LEU A 5 -11.59 17.55 -10.04
N SER A 6 -11.74 16.39 -10.69
CA SER A 6 -12.19 15.19 -9.98
C SER A 6 -11.14 14.74 -8.98
N LEU A 7 -11.48 14.79 -7.70
CA LEU A 7 -10.57 14.37 -6.65
C LEU A 7 -10.09 12.95 -6.89
N SER A 8 -8.91 12.62 -6.37
CA SER A 8 -8.34 11.29 -6.51
C SER A 8 -7.27 11.12 -5.44
N LEU A 9 -7.56 10.31 -4.44
CA LEU A 9 -6.60 10.05 -3.37
C LEU A 9 -6.59 8.58 -3.01
N LEU A 10 -5.43 8.03 -2.70
CA LEU A 10 -5.32 6.64 -2.32
C LEU A 10 -4.13 6.46 -1.39
N SER A 11 -4.38 6.44 -0.08
CA SER A 11 -3.32 6.31 0.89
C SER A 11 -3.63 5.21 1.91
N ILE A 12 -2.66 4.34 2.13
CA ILE A 12 -2.83 3.25 3.09
C ILE A 12 -1.68 3.21 4.08
N SER A 13 -2.04 3.11 5.36
CA SER A 13 -1.04 3.05 6.43
C SER A 13 -1.15 1.74 7.18
N ARG A 14 0.00 1.14 7.49
CA ARG A 14 0.02 -0.13 8.22
C ARG A 14 1.09 -0.07 9.30
N SER A 15 0.67 -0.10 10.55
CA SER A 15 1.59 -0.04 11.68
C SER A 15 1.65 -1.38 12.41
N GLY A 16 0.48 -1.90 12.76
CA GLY A 16 0.41 -3.19 13.46
C GLY A 16 -0.93 -3.36 14.16
N ASN A 17 -0.96 -3.10 15.46
CA ASN A 17 -2.19 -3.23 16.23
C ASN A 17 -3.39 -2.71 15.45
N THR A 18 -3.36 -1.41 15.13
CA THR A 18 -4.44 -0.79 14.38
C THR A 18 -3.99 -0.48 12.96
N VAL A 19 -4.95 -0.42 12.04
CA VAL A 19 -4.64 -0.13 10.64
C VAL A 19 -5.35 1.16 10.20
N THR A 20 -4.65 1.96 9.40
CA THR A 20 -5.21 3.23 8.92
C THR A 20 -5.24 3.27 7.40
N LEU A 21 -6.45 3.21 6.84
CA LEU A 21 -6.62 3.25 5.39
C LEU A 21 -7.64 4.31 5.01
N ILE A 22 -7.25 5.15 4.05
CA ILE A 22 -8.12 6.24 3.60
C ILE A 22 -7.90 6.53 2.12
N GLY A 23 -9.00 6.62 1.37
CA GLY A 23 -8.91 6.91 -0.07
C GLY A 23 -10.26 6.77 -0.75
N ASP A 24 -10.24 6.87 -2.08
CA ASP A 24 -11.46 6.76 -2.88
C ASP A 24 -11.36 5.56 -3.82
N PHE A 25 -12.36 4.68 -3.77
CA PHE A 25 -12.37 3.48 -4.61
C PHE A 25 -13.48 3.58 -5.66
N PRO A 26 -13.39 2.83 -6.73
CA PRO A 26 -14.42 2.83 -7.81
C PRO A 26 -15.66 2.04 -7.39
N ASP A 27 -15.42 0.90 -6.76
CA ASP A 27 -16.51 0.05 -6.30
C ASP A 27 -16.21 -0.47 -4.90
N GLU A 28 -17.12 -1.28 -4.38
CA GLU A 28 -16.95 -1.84 -3.04
C GLU A 28 -16.34 -3.24 -3.11
N ALA A 29 -16.62 -3.96 -4.19
CA ALA A 29 -16.07 -5.30 -4.36
C ALA A 29 -14.55 -5.26 -4.40
N ALA A 30 -14.02 -4.14 -4.90
CA ALA A 30 -12.58 -3.96 -5.00
C ALA A 30 -11.91 -4.27 -3.66
N LYS A 31 -12.65 -4.05 -2.58
CA LYS A 31 -12.13 -4.30 -1.24
C LYS A 31 -11.85 -5.80 -1.05
N ALA A 32 -12.67 -6.63 -1.66
CA ALA A 32 -12.52 -8.08 -1.54
C ALA A 32 -11.13 -8.54 -2.00
N ALA A 33 -10.63 -7.96 -3.08
CA ALA A 33 -9.31 -8.34 -3.61
C ALA A 33 -8.21 -7.95 -2.63
N LEU A 34 -8.36 -6.79 -2.00
CA LEU A 34 -7.35 -6.35 -1.04
C LEU A 34 -7.56 -7.03 0.30
N MET A 35 -8.81 -7.05 0.76
CA MET A 35 -9.14 -7.69 2.04
C MET A 35 -8.48 -9.05 2.13
N THR A 36 -8.66 -9.86 1.09
CA THR A 36 -8.06 -11.20 1.07
C THR A 36 -6.60 -11.12 1.49
N ALA A 37 -6.01 -9.94 1.30
CA ALA A 37 -4.62 -9.71 1.66
C ALA A 37 -4.49 -9.55 3.17
N LEU A 38 -5.44 -8.83 3.77
CA LEU A 38 -5.43 -8.61 5.21
C LEU A 38 -5.45 -9.94 5.97
N ASN A 39 -6.16 -10.91 5.41
CA ASN A 39 -6.26 -12.23 6.04
C ASN A 39 -4.89 -12.66 6.57
N GLY A 40 -3.83 -12.10 6.00
CA GLY A 40 -2.47 -12.43 6.41
C GLY A 40 -2.06 -11.65 7.65
N LEU A 41 -2.56 -10.42 7.76
CA LEU A 41 -2.24 -9.58 8.91
C LEU A 41 -3.25 -9.82 10.03
N LEU A 42 -4.45 -10.21 9.67
CA LEU A 42 -5.50 -10.46 10.65
C LEU A 42 -4.93 -11.15 11.88
N ALA A 43 -4.79 -10.41 12.97
CA ALA A 43 -4.27 -10.95 14.21
C ALA A 43 -5.37 -10.96 15.28
N PRO A 44 -5.20 -11.72 16.32
CA PRO A 44 -6.20 -11.80 17.41
C PRO A 44 -6.33 -10.50 18.19
N GLY A 45 -7.50 -9.88 18.12
CA GLY A 45 -7.75 -8.63 18.82
C GLY A 45 -7.24 -7.43 18.02
N VAL A 46 -6.98 -7.64 16.74
CA VAL A 46 -6.50 -6.55 15.89
C VAL A 46 -7.64 -5.67 15.44
N ASN A 47 -7.45 -4.35 15.53
CA ASN A 47 -8.48 -3.41 15.14
C ASN A 47 -8.20 -2.86 13.74
N VAL A 48 -9.27 -2.69 12.96
CA VAL A 48 -9.14 -2.17 11.60
C VAL A 48 -9.97 -0.90 11.44
N ILE A 49 -9.41 0.08 10.73
CA ILE A 49 -10.10 1.34 10.51
C ILE A 49 -9.89 1.80 9.08
N ASP A 50 -10.64 1.21 8.15
CA ASP A 50 -10.54 1.58 6.75
C ASP A 50 -11.82 2.24 6.27
N GLN A 51 -11.71 3.50 5.84
CA GLN A 51 -12.86 4.23 5.37
C GLN A 51 -12.62 4.73 3.95
N ILE A 52 -13.26 4.08 2.99
CA ILE A 52 -13.12 4.45 1.59
C ILE A 52 -14.47 4.82 1.00
N HIS A 53 -14.47 5.83 0.14
CA HIS A 53 -15.71 6.27 -0.50
C HIS A 53 -15.76 5.75 -1.93
N VAL A 54 -16.97 5.54 -2.44
CA VAL A 54 -17.13 5.06 -3.80
C VAL A 54 -17.20 6.24 -4.75
N ASP A 55 -16.62 6.09 -5.94
CA ASP A 55 -16.62 7.17 -6.92
C ASP A 55 -16.37 6.65 -8.33
N PRO A 56 -17.38 6.16 -8.99
CA PRO A 56 -17.25 5.61 -10.38
C PRO A 56 -16.69 6.63 -11.37
N VAL A 57 -16.37 7.83 -10.89
CA VAL A 57 -15.84 8.88 -11.77
C VAL A 57 -14.32 8.98 -11.63
N VAL A 58 -13.83 9.00 -10.39
CA VAL A 58 -12.40 9.09 -10.15
C VAL A 58 -11.75 7.77 -10.57
N ARG A 59 -10.51 7.54 -10.15
CA ARG A 59 -9.83 6.30 -10.51
C ARG A 59 -8.93 5.84 -9.35
N SER A 60 -8.68 4.54 -9.29
CA SER A 60 -7.85 3.99 -8.23
C SER A 60 -6.86 2.96 -8.78
N LEU A 61 -5.90 2.60 -7.93
CA LEU A 61 -4.88 1.62 -8.30
C LEU A 61 -5.50 0.25 -8.48
N ASP A 62 -4.98 -0.53 -9.43
CA ASP A 62 -5.48 -1.87 -9.67
C ASP A 62 -4.74 -2.85 -8.77
N PHE A 63 -5.38 -3.27 -7.68
CA PHE A 63 -4.75 -4.18 -6.73
C PHE A 63 -4.98 -5.64 -7.09
N SER A 64 -5.59 -5.91 -8.24
CA SER A 64 -5.86 -7.28 -8.64
C SER A 64 -4.67 -8.19 -8.31
N SER A 65 -3.48 -7.60 -8.32
CA SER A 65 -2.25 -8.32 -8.02
C SER A 65 -1.53 -7.69 -6.83
N ALA A 66 -2.31 -7.19 -5.89
CA ALA A 66 -1.73 -6.59 -4.69
C ALA A 66 -1.45 -7.69 -3.70
N GLU A 67 -2.20 -8.78 -3.80
CA GLU A 67 -1.97 -9.90 -2.91
C GLU A 67 -0.49 -10.24 -2.95
N PRO A 68 0.03 -10.65 -4.09
CA PRO A 68 1.48 -10.98 -4.21
C PRO A 68 2.38 -9.84 -3.73
N VAL A 69 2.01 -8.59 -4.06
CA VAL A 69 2.82 -7.45 -3.62
C VAL A 69 2.62 -7.18 -2.12
N PHE A 70 1.41 -6.76 -1.76
CA PHE A 70 1.08 -6.47 -0.36
C PHE A 70 1.63 -7.57 0.55
N THR A 71 1.53 -8.81 0.10
CA THR A 71 2.02 -9.95 0.88
C THR A 71 3.54 -9.86 1.02
N ALA A 72 4.20 -9.32 0.01
CA ALA A 72 5.65 -9.19 0.03
C ALA A 72 6.07 -8.19 1.11
N SER A 73 5.14 -7.33 1.51
CA SER A 73 5.41 -6.32 2.53
C SER A 73 4.67 -6.61 3.83
N VAL A 74 3.98 -7.75 3.86
CA VAL A 74 3.23 -8.15 5.05
C VAL A 74 4.13 -8.44 6.25
N PRO A 75 5.21 -9.18 6.10
CA PRO A 75 6.11 -9.50 7.25
C PRO A 75 6.69 -8.25 7.91
N ILE A 76 6.07 -7.11 7.65
CA ILE A 76 6.51 -5.84 8.21
C ILE A 76 5.34 -4.84 8.19
N PRO A 77 4.37 -5.00 9.07
CA PRO A 77 3.18 -4.10 9.09
C PRO A 77 3.51 -2.66 9.48
N ASP A 78 4.70 -2.20 9.07
CA ASP A 78 5.13 -0.84 9.39
C ASP A 78 5.38 -0.06 8.09
N PHE A 79 4.62 -0.38 7.05
CA PHE A 79 4.81 0.28 5.74
C PHE A 79 3.53 0.96 5.24
N GLY A 80 3.50 1.16 3.92
CA GLY A 80 2.35 1.79 3.30
C GLY A 80 2.49 1.95 1.79
N LEU A 81 1.33 2.15 1.16
CA LEU A 81 1.23 2.35 -0.29
C LEU A 81 0.68 3.75 -0.56
N LYS A 82 1.27 4.45 -1.52
CA LYS A 82 0.80 5.79 -1.84
C LYS A 82 0.64 5.94 -3.35
N VAL A 83 -0.56 6.32 -3.78
CA VAL A 83 -0.83 6.51 -5.20
C VAL A 83 -1.67 7.76 -5.42
N GLU A 84 -1.31 8.54 -6.43
CA GLU A 84 -2.02 9.76 -6.74
C GLU A 84 -1.56 10.31 -8.09
N ARG A 85 -2.44 11.01 -8.79
CA ARG A 85 -2.11 11.56 -10.09
C ARG A 85 -1.69 10.44 -11.04
N ASP A 86 -0.43 10.49 -11.47
CA ASP A 86 0.09 9.49 -12.39
C ASP A 86 1.41 8.88 -11.91
N THR A 87 1.65 8.93 -10.61
CA THR A 87 2.89 8.36 -10.05
C THR A 87 2.58 7.54 -8.81
N VAL A 88 3.43 6.55 -8.52
CA VAL A 88 3.22 5.70 -7.35
C VAL A 88 4.51 5.57 -6.53
N THR A 89 4.39 5.74 -5.21
CA THR A 89 5.53 5.65 -4.32
C THR A 89 5.32 4.55 -3.26
N LEU A 90 6.38 3.81 -2.98
CA LEU A 90 6.32 2.73 -2.00
C LEU A 90 7.36 2.94 -0.89
N THR A 91 6.94 2.82 0.36
CA THR A 91 7.86 3.01 1.48
C THR A 91 7.56 2.00 2.59
N GLY A 92 8.61 1.32 3.07
CA GLY A 92 8.44 0.33 4.13
C GLY A 92 9.72 0.16 4.93
N THR A 93 9.57 0.07 6.25
CA THR A 93 10.73 -0.09 7.14
C THR A 93 11.31 -1.48 6.98
N ALA A 94 12.58 -1.55 6.60
CA ALA A 94 13.23 -2.84 6.41
C ALA A 94 14.57 -2.89 7.14
N PRO A 95 14.58 -3.22 8.40
CA PRO A 95 15.84 -3.30 9.19
C PRO A 95 16.92 -4.11 8.48
N SER A 96 16.53 -4.75 7.37
CA SER A 96 17.46 -5.55 6.59
C SER A 96 17.96 -4.78 5.38
N SER A 97 17.41 -5.11 4.20
CA SER A 97 17.81 -4.43 2.97
C SER A 97 17.06 -4.97 1.76
N GLU A 98 17.57 -6.06 1.18
CA GLU A 98 16.94 -6.67 0.02
C GLU A 98 15.43 -6.79 0.23
N HIS A 99 15.02 -6.78 1.49
CA HIS A 99 13.60 -6.90 1.81
C HIS A 99 12.77 -6.01 0.90
N LYS A 100 13.40 -4.97 0.35
CA LYS A 100 12.70 -4.05 -0.55
C LYS A 100 12.65 -4.61 -1.97
N ASP A 101 13.65 -5.41 -2.33
CA ASP A 101 13.72 -5.98 -3.67
C ASP A 101 12.41 -6.67 -4.07
N ALA A 102 12.04 -7.70 -3.34
CA ALA A 102 10.81 -8.43 -3.64
C ALA A 102 9.62 -7.48 -3.69
N VAL A 103 9.56 -6.57 -2.72
CA VAL A 103 8.46 -5.62 -2.66
C VAL A 103 8.44 -4.71 -3.89
N LYS A 104 9.61 -4.24 -4.30
CA LYS A 104 9.71 -3.36 -5.46
C LYS A 104 9.42 -4.11 -6.75
N ARG A 105 10.05 -5.27 -6.91
CA ARG A 105 9.87 -6.08 -8.10
C ARG A 105 8.39 -6.41 -8.30
N ALA A 106 7.74 -6.85 -7.22
CA ALA A 106 6.33 -7.19 -7.28
C ALA A 106 5.50 -5.97 -7.65
N ALA A 107 5.83 -4.83 -7.05
CA ALA A 107 5.10 -3.59 -7.32
C ALA A 107 5.32 -3.13 -8.75
N THR A 108 6.58 -3.10 -9.18
CA THR A 108 6.92 -2.67 -10.53
C THR A 108 6.16 -3.48 -11.59
N SER A 109 6.16 -4.80 -11.42
CA SER A 109 5.48 -5.67 -12.37
C SER A 109 3.98 -5.38 -12.41
N THR A 110 3.46 -4.84 -11.32
CA THR A 110 2.03 -4.53 -11.24
C THR A 110 1.75 -3.17 -11.84
N TRP A 111 2.74 -2.29 -11.80
CA TRP A 111 2.58 -0.95 -12.33
C TRP A 111 3.89 -0.50 -13.00
N PRO A 112 4.30 -1.18 -14.03
CA PRO A 112 5.57 -0.88 -14.75
C PRO A 112 5.55 0.39 -15.59
N ASP A 113 4.38 0.78 -16.09
CA ASP A 113 4.29 1.98 -16.92
C ASP A 113 4.00 3.21 -16.07
N MET A 114 3.99 3.03 -14.75
CA MET A 114 3.72 4.14 -13.83
C MET A 114 4.95 4.44 -12.97
N LYS A 115 5.33 5.70 -12.91
CA LYS A 115 6.49 6.09 -12.12
C LYS A 115 6.46 5.39 -10.76
N ILE A 116 7.27 4.35 -10.64
CA ILE A 116 7.35 3.59 -9.40
C ILE A 116 8.68 3.83 -8.70
N VAL A 117 8.62 4.33 -7.48
CA VAL A 117 9.83 4.58 -6.71
C VAL A 117 9.68 4.06 -5.30
N ASN A 118 10.31 2.92 -5.03
CA ASN A 118 10.23 2.33 -3.71
C ASN A 118 11.42 2.79 -2.88
N ASN A 119 11.15 3.59 -1.85
CA ASN A 119 12.21 4.10 -1.00
C ASN A 119 12.01 3.71 0.46
N ILE A 120 12.52 2.53 0.82
CA ILE A 120 12.43 2.04 2.18
C ILE A 120 13.33 2.85 3.09
N GLU A 121 12.92 3.03 4.33
CA GLU A 121 13.72 3.78 5.29
C GLU A 121 13.76 3.01 6.61
N VAL A 122 14.92 2.45 6.94
CA VAL A 122 15.05 1.68 8.16
C VAL A 122 15.04 2.59 9.39
N THR A 123 13.99 2.50 10.19
CA THR A 123 13.89 3.33 11.39
C THR A 123 15.19 3.27 12.19
N GLY A 124 15.61 4.42 12.70
CA GLY A 124 16.83 4.49 13.49
C GLY A 124 17.29 5.93 13.66
N GLN A 125 17.48 6.62 12.54
CA GLN A 125 17.91 8.02 12.57
C GLN A 125 16.72 8.94 12.82
N ALA A 126 16.97 10.24 12.85
CA ALA A 126 15.90 11.21 13.08
C ALA A 126 14.93 11.21 11.91
N PRO A 127 13.73 11.72 12.10
CA PRO A 127 12.70 11.77 11.04
C PRO A 127 13.03 12.80 9.96
N PRO A 128 12.44 12.68 8.79
CA PRO A 128 12.69 13.64 7.68
C PRO A 128 12.74 15.08 8.17
N GLY A 129 11.68 15.53 8.81
CA GLY A 129 11.61 16.90 9.33
C GLY A 129 10.48 17.03 10.34
N PRO A 130 9.26 16.85 9.91
CA PRO A 130 8.07 16.95 10.80
C PRO A 130 8.28 16.23 12.13
N PRO A 131 7.53 16.58 13.14
CA PRO A 131 7.67 15.94 14.49
C PRO A 131 7.17 14.49 14.49
N GLY A 1 -10.01 10.40 -25.14
CA GLY A 1 -10.29 10.18 -23.70
C GLY A 1 -9.65 11.29 -22.88
N ALA A 2 -9.48 11.05 -21.58
CA ALA A 2 -8.87 12.04 -20.70
C ALA A 2 -8.53 11.42 -19.34
N SER A 3 -7.27 11.03 -19.18
CA SER A 3 -6.83 10.42 -17.93
C SER A 3 -6.89 11.43 -16.79
N ALA A 4 -6.25 12.58 -16.99
CA ALA A 4 -6.24 13.62 -15.96
C ALA A 4 -7.44 14.55 -16.13
N LEU A 5 -8.19 14.74 -15.05
CA LEU A 5 -9.36 15.61 -15.09
C LEU A 5 -9.82 15.95 -13.68
N SER A 6 -9.73 14.98 -12.78
CA SER A 6 -10.14 15.19 -11.39
C SER A 6 -9.13 14.56 -10.43
N LEU A 7 -9.51 14.47 -9.16
CA LEU A 7 -8.64 13.88 -8.16
C LEU A 7 -8.91 12.40 -8.02
N SER A 8 -7.84 11.62 -7.80
CA SER A 8 -7.99 10.18 -7.61
C SER A 8 -6.74 9.60 -6.98
N LEU A 9 -6.68 9.56 -5.64
CA LEU A 9 -5.51 9.02 -4.95
C LEU A 9 -5.94 8.11 -3.81
N LEU A 10 -5.02 7.26 -3.36
CA LEU A 10 -5.30 6.33 -2.27
C LEU A 10 -4.25 6.48 -1.17
N SER A 11 -4.67 6.25 0.07
CA SER A 11 -3.75 6.36 1.21
C SER A 11 -3.90 5.16 2.13
N ILE A 12 -2.77 4.51 2.42
CA ILE A 12 -2.78 3.35 3.30
C ILE A 12 -1.58 3.37 4.24
N SER A 13 -1.85 3.39 5.54
CA SER A 13 -0.79 3.41 6.54
C SER A 13 -0.99 2.30 7.56
N ARG A 14 0.09 1.59 7.87
CA ARG A 14 0.03 0.50 8.85
C ARG A 14 1.27 0.54 9.72
N SER A 15 1.06 0.80 11.02
CA SER A 15 2.15 0.87 11.98
C SER A 15 1.62 0.79 13.40
N GLY A 16 1.42 -0.45 13.89
CA GLY A 16 0.90 -0.66 15.23
C GLY A 16 -0.05 -1.84 15.26
N ASN A 17 -1.03 -1.79 16.16
CA ASN A 17 -2.00 -2.87 16.26
C ASN A 17 -3.22 -2.57 15.40
N THR A 18 -3.42 -1.30 15.07
CA THR A 18 -4.55 -0.88 14.24
C THR A 18 -4.08 -0.51 12.85
N VAL A 19 -4.99 -0.59 11.87
CA VAL A 19 -4.66 -0.24 10.49
C VAL A 19 -5.45 1.00 10.05
N THR A 20 -4.81 1.85 9.25
CA THR A 20 -5.46 3.08 8.79
C THR A 20 -5.53 3.13 7.26
N LEU A 21 -6.74 3.05 6.72
CA LEU A 21 -6.94 3.10 5.28
C LEU A 21 -8.05 4.09 4.93
N ILE A 22 -7.70 5.07 4.10
CA ILE A 22 -8.67 6.08 3.69
C ILE A 22 -8.41 6.53 2.26
N GLY A 23 -9.46 6.50 1.44
CA GLY A 23 -9.34 6.92 0.04
C GLY A 23 -10.68 6.80 -0.68
N ASP A 24 -10.64 6.84 -2.01
CA ASP A 24 -11.85 6.74 -2.82
C ASP A 24 -11.74 5.56 -3.79
N PHE A 25 -12.73 4.67 -3.76
CA PHE A 25 -12.73 3.49 -4.62
C PHE A 25 -13.83 3.61 -5.68
N PRO A 26 -13.69 2.93 -6.80
CA PRO A 26 -14.73 2.96 -7.88
C PRO A 26 -15.91 2.05 -7.56
N ASP A 27 -15.61 0.86 -7.05
CA ASP A 27 -16.64 -0.11 -6.70
C ASP A 27 -16.49 -0.56 -5.26
N GLU A 28 -17.45 -1.35 -4.78
CA GLU A 28 -17.41 -1.85 -3.42
C GLU A 28 -16.75 -3.22 -3.37
N ALA A 29 -17.01 -4.04 -4.39
CA ALA A 29 -16.42 -5.37 -4.44
C ALA A 29 -14.90 -5.29 -4.52
N ALA A 30 -14.42 -4.18 -5.07
CA ALA A 30 -12.98 -3.95 -5.20
C ALA A 30 -12.28 -4.19 -3.86
N LYS A 31 -13.01 -3.93 -2.77
CA LYS A 31 -12.45 -4.13 -1.44
C LYS A 31 -12.16 -5.61 -1.21
N ALA A 32 -13.00 -6.47 -1.74
CA ALA A 32 -12.83 -7.92 -1.58
C ALA A 32 -11.46 -8.39 -2.09
N ALA A 33 -11.03 -7.86 -3.23
CA ALA A 33 -9.75 -8.26 -3.80
C ALA A 33 -8.59 -7.85 -2.90
N LEU A 34 -8.73 -6.69 -2.26
CA LEU A 34 -7.68 -6.22 -1.36
C LEU A 34 -7.80 -6.90 0.00
N MET A 35 -9.02 -6.90 0.53
CA MET A 35 -9.27 -7.52 1.83
C MET A 35 -8.63 -8.90 1.91
N THR A 36 -8.86 -9.72 0.87
CA THR A 36 -8.27 -11.05 0.84
C THR A 36 -6.78 -10.99 1.14
N ALA A 37 -6.21 -9.80 0.96
CA ALA A 37 -4.79 -9.59 1.21
C ALA A 37 -4.55 -9.43 2.71
N LEU A 38 -5.45 -8.70 3.36
CA LEU A 38 -5.34 -8.47 4.80
C LEU A 38 -5.32 -9.80 5.55
N ASN A 39 -6.05 -10.78 5.03
CA ASN A 39 -6.10 -12.09 5.66
C ASN A 39 -4.71 -12.53 6.11
N GLY A 40 -3.68 -11.90 5.53
CA GLY A 40 -2.31 -12.24 5.88
C GLY A 40 -1.86 -11.49 7.12
N LEU A 41 -2.35 -10.27 7.30
CA LEU A 41 -2.00 -9.47 8.47
C LEU A 41 -2.99 -9.70 9.61
N LEU A 42 -4.20 -10.09 9.26
CA LEU A 42 -5.23 -10.34 10.26
C LEU A 42 -4.64 -11.05 11.48
N ALA A 43 -4.51 -10.30 12.57
CA ALA A 43 -3.95 -10.85 13.81
C ALA A 43 -5.02 -10.87 14.91
N PRO A 44 -4.80 -11.62 15.95
CA PRO A 44 -5.76 -11.71 17.08
C PRO A 44 -5.85 -10.41 17.89
N GLY A 45 -7.07 -9.96 18.16
CA GLY A 45 -7.27 -8.74 18.92
C GLY A 45 -6.85 -7.52 18.10
N VAL A 46 -6.61 -7.71 16.82
CA VAL A 46 -6.20 -6.62 15.95
C VAL A 46 -7.40 -5.77 15.57
N ASN A 47 -7.24 -4.44 15.66
CA ASN A 47 -8.31 -3.53 15.31
C ASN A 47 -8.15 -3.04 13.88
N VAL A 48 -9.27 -2.77 13.21
CA VAL A 48 -9.23 -2.30 11.84
C VAL A 48 -9.96 -0.96 11.73
N ILE A 49 -9.36 -0.03 10.99
CA ILE A 49 -9.97 1.27 10.79
C ILE A 49 -9.80 1.71 9.35
N ASP A 50 -10.63 1.14 8.48
CA ASP A 50 -10.58 1.45 7.06
C ASP A 50 -11.88 2.06 6.59
N GLN A 51 -11.83 3.31 6.16
CA GLN A 51 -13.02 4.00 5.68
C GLN A 51 -12.80 4.51 4.26
N ILE A 52 -13.42 3.82 3.31
CA ILE A 52 -13.29 4.18 1.91
C ILE A 52 -14.66 4.51 1.33
N HIS A 53 -14.70 5.51 0.46
CA HIS A 53 -15.96 5.92 -0.16
C HIS A 53 -16.00 5.53 -1.63
N VAL A 54 -17.20 5.35 -2.15
CA VAL A 54 -17.37 4.97 -3.55
C VAL A 54 -17.46 6.23 -4.41
N ASP A 55 -16.89 6.17 -5.61
CA ASP A 55 -16.91 7.32 -6.51
C ASP A 55 -16.78 6.87 -7.97
N PRO A 56 -17.84 6.41 -8.55
CA PRO A 56 -17.84 5.93 -9.97
C PRO A 56 -17.31 6.96 -10.96
N VAL A 57 -16.99 8.17 -10.48
CA VAL A 57 -16.48 9.21 -11.36
C VAL A 57 -14.95 9.26 -11.32
N VAL A 58 -14.40 9.23 -10.11
CA VAL A 58 -12.95 9.24 -9.95
C VAL A 58 -12.40 7.88 -10.34
N ARG A 59 -11.16 7.59 -9.99
CA ARG A 59 -10.57 6.30 -10.32
C ARG A 59 -9.56 5.89 -9.27
N SER A 60 -9.19 4.62 -9.27
CA SER A 60 -8.23 4.13 -8.29
C SER A 60 -7.26 3.14 -8.92
N LEU A 61 -6.23 2.78 -8.16
CA LEU A 61 -5.23 1.84 -8.64
C LEU A 61 -5.85 0.46 -8.83
N ASP A 62 -5.36 -0.28 -9.81
CA ASP A 62 -5.88 -1.63 -10.07
C ASP A 62 -5.17 -2.60 -9.15
N PHE A 63 -5.79 -2.91 -8.02
CA PHE A 63 -5.18 -3.81 -7.04
C PHE A 63 -5.49 -5.27 -7.33
N SER A 64 -6.19 -5.56 -8.42
CA SER A 64 -6.52 -6.95 -8.75
C SER A 64 -5.32 -7.87 -8.49
N SER A 65 -4.13 -7.28 -8.52
CA SER A 65 -2.89 -8.02 -8.29
C SER A 65 -2.15 -7.41 -7.10
N ALA A 66 -2.91 -6.97 -6.11
CA ALA A 66 -2.32 -6.39 -4.93
C ALA A 66 -2.00 -7.49 -3.93
N GLU A 67 -2.71 -8.61 -4.00
CA GLU A 67 -2.39 -9.69 -3.09
C GLU A 67 -0.93 -10.06 -3.29
N PRO A 68 -0.50 -10.41 -4.49
CA PRO A 68 0.92 -10.72 -4.74
C PRO A 68 1.83 -9.62 -4.17
N VAL A 69 1.47 -8.35 -4.40
CA VAL A 69 2.29 -7.25 -3.91
C VAL A 69 2.14 -7.09 -2.39
N PHE A 70 0.94 -6.70 -1.95
CA PHE A 70 0.69 -6.50 -0.52
C PHE A 70 1.26 -7.67 0.28
N THR A 71 1.13 -8.87 -0.26
CA THR A 71 1.66 -10.06 0.42
C THR A 71 3.18 -9.95 0.54
N ALA A 72 3.79 -9.31 -0.46
CA ALA A 72 5.24 -9.14 -0.47
C ALA A 72 5.66 -8.16 0.63
N SER A 73 4.71 -7.36 1.10
CA SER A 73 5.00 -6.37 2.14
C SER A 73 4.35 -6.76 3.46
N VAL A 74 3.75 -7.95 3.50
CA VAL A 74 3.10 -8.42 4.73
C VAL A 74 4.04 -8.38 5.93
N PRO A 75 5.24 -8.92 5.83
CA PRO A 75 6.20 -8.93 6.98
C PRO A 75 6.69 -7.53 7.32
N ILE A 76 5.93 -6.52 6.88
CA ILE A 76 6.29 -5.13 7.14
C ILE A 76 5.05 -4.36 7.58
N PRO A 77 4.62 -4.54 8.79
CA PRO A 77 3.42 -3.85 9.33
C PRO A 77 3.70 -2.41 9.74
N ASP A 78 4.87 -1.89 9.35
CA ASP A 78 5.27 -0.52 9.68
C ASP A 78 5.50 0.26 8.39
N PHE A 79 4.75 -0.12 7.35
CA PHE A 79 4.91 0.52 6.04
C PHE A 79 3.62 1.15 5.53
N GLY A 80 3.58 1.38 4.21
CA GLY A 80 2.42 1.97 3.58
C GLY A 80 2.56 2.13 2.06
N LEU A 81 1.41 2.24 1.41
CA LEU A 81 1.33 2.42 -0.04
C LEU A 81 0.78 3.80 -0.33
N LYS A 82 1.32 4.47 -1.34
CA LYS A 82 0.85 5.82 -1.68
C LYS A 82 0.69 5.98 -3.18
N VAL A 83 -0.51 6.37 -3.59
CA VAL A 83 -0.81 6.60 -4.99
C VAL A 83 -1.15 8.06 -5.20
N GLU A 84 -0.64 8.68 -6.26
CA GLU A 84 -0.90 10.08 -6.55
C GLU A 84 -1.95 10.23 -7.64
N ARG A 85 -1.82 11.30 -8.41
CA ARG A 85 -2.73 11.56 -9.52
C ARG A 85 -2.23 10.85 -10.77
N ASP A 86 -1.15 10.11 -10.57
CA ASP A 86 -0.54 9.34 -11.67
C ASP A 86 0.80 8.69 -11.29
N THR A 87 1.19 8.77 -10.01
CA THR A 87 2.45 8.17 -9.57
C THR A 87 2.20 7.30 -8.35
N VAL A 88 3.09 6.33 -8.10
CA VAL A 88 2.94 5.44 -6.95
C VAL A 88 4.26 5.30 -6.21
N THR A 89 4.23 5.54 -4.90
CA THR A 89 5.43 5.45 -4.07
C THR A 89 5.31 4.32 -3.04
N LEU A 90 6.43 3.67 -2.77
CA LEU A 90 6.48 2.58 -1.80
C LEU A 90 7.48 2.89 -0.69
N THR A 91 7.04 2.83 0.57
CA THR A 91 7.95 3.10 1.68
C THR A 91 7.68 2.18 2.86
N GLY A 92 8.73 1.55 3.36
CA GLY A 92 8.60 0.64 4.49
C GLY A 92 9.93 0.47 5.21
N THR A 93 9.92 0.60 6.53
CA THR A 93 11.16 0.43 7.29
C THR A 93 11.55 -1.05 7.29
N ALA A 94 12.79 -1.33 6.93
CA ALA A 94 13.26 -2.71 6.89
C ALA A 94 14.66 -2.84 7.51
N PRO A 95 14.75 -3.17 8.77
CA PRO A 95 16.08 -3.30 9.46
C PRO A 95 17.07 -4.14 8.65
N SER A 96 16.60 -4.73 7.56
CA SER A 96 17.46 -5.56 6.73
C SER A 96 18.01 -4.76 5.55
N SER A 97 17.89 -5.30 4.34
CA SER A 97 18.38 -4.61 3.15
C SER A 97 17.63 -5.08 1.90
N GLU A 98 18.24 -6.02 1.18
CA GLU A 98 17.63 -6.56 -0.04
C GLU A 98 16.15 -6.86 0.20
N HIS A 99 15.79 -7.05 1.46
CA HIS A 99 14.41 -7.35 1.81
C HIS A 99 13.45 -6.43 1.07
N LYS A 100 13.94 -5.27 0.66
CA LYS A 100 13.11 -4.30 -0.05
C LYS A 100 13.02 -4.65 -1.54
N ASP A 101 14.03 -5.33 -2.04
CA ASP A 101 14.07 -5.71 -3.46
C ASP A 101 12.78 -6.41 -3.88
N ALA A 102 12.47 -7.53 -3.25
CA ALA A 102 11.27 -8.28 -3.58
C ALA A 102 10.03 -7.38 -3.55
N VAL A 103 9.95 -6.53 -2.53
CA VAL A 103 8.82 -5.62 -2.40
C VAL A 103 8.71 -4.70 -3.60
N LYS A 104 9.84 -4.14 -4.03
CA LYS A 104 9.86 -3.23 -5.17
C LYS A 104 9.57 -3.97 -6.48
N ARG A 105 10.22 -5.11 -6.67
CA ARG A 105 10.02 -5.90 -7.88
C ARG A 105 8.55 -6.26 -8.05
N ALA A 106 7.93 -6.72 -6.96
CA ALA A 106 6.53 -7.11 -6.99
C ALA A 106 5.66 -5.94 -7.44
N ALA A 107 5.98 -4.74 -6.93
CA ALA A 107 5.20 -3.56 -7.27
C ALA A 107 5.40 -3.15 -8.73
N THR A 108 6.66 -3.11 -9.17
CA THR A 108 6.97 -2.71 -10.53
C THR A 108 6.26 -3.61 -11.55
N SER A 109 6.33 -4.91 -11.36
CA SER A 109 5.69 -5.86 -12.27
C SER A 109 4.18 -5.66 -12.29
N THR A 110 3.64 -5.15 -11.18
CA THR A 110 2.21 -4.92 -11.08
C THR A 110 1.85 -3.54 -11.65
N TRP A 111 2.80 -2.62 -11.59
CA TRP A 111 2.56 -1.27 -12.10
C TRP A 111 3.84 -0.76 -12.77
N PRO A 112 4.24 -1.39 -13.84
CA PRO A 112 5.49 -1.03 -14.57
C PRO A 112 5.39 0.26 -15.39
N ASP A 113 4.20 0.65 -15.81
CA ASP A 113 4.05 1.87 -16.61
C ASP A 113 3.73 3.07 -15.72
N MET A 114 3.71 2.84 -14.40
CA MET A 114 3.43 3.90 -13.46
C MET A 114 4.66 4.24 -12.63
N LYS A 115 5.02 5.52 -12.58
CA LYS A 115 6.19 5.94 -11.82
C LYS A 115 6.23 5.23 -10.47
N ILE A 116 7.03 4.17 -10.40
CA ILE A 116 7.16 3.41 -9.17
C ILE A 116 8.52 3.68 -8.52
N VAL A 117 8.49 4.22 -7.31
CA VAL A 117 9.73 4.52 -6.60
C VAL A 117 9.67 4.00 -5.17
N ASN A 118 10.36 2.90 -4.93
CA ASN A 118 10.40 2.30 -3.61
C ASN A 118 11.67 2.73 -2.89
N ASN A 119 11.52 3.63 -1.92
CA ASN A 119 12.68 4.12 -1.17
C ASN A 119 12.62 3.72 0.30
N ILE A 120 13.16 2.54 0.59
CA ILE A 120 13.21 2.02 1.96
C ILE A 120 14.37 2.65 2.71
N GLU A 121 14.21 2.88 4.00
CA GLU A 121 15.27 3.47 4.81
C GLU A 121 15.36 2.73 6.14
N VAL A 122 16.52 2.14 6.42
CA VAL A 122 16.70 1.41 7.67
C VAL A 122 16.82 2.37 8.86
N THR A 123 15.82 2.33 9.73
CA THR A 123 15.82 3.20 10.91
C THR A 123 16.60 2.55 12.05
N GLY A 124 17.35 3.36 12.79
CA GLY A 124 18.13 2.84 13.90
C GLY A 124 19.22 3.83 14.31
N GLN A 125 19.81 4.48 13.32
CA GLN A 125 20.88 5.44 13.58
C GLN A 125 21.86 4.89 14.61
N ALA A 126 21.73 5.38 15.85
CA ALA A 126 22.62 4.92 16.92
C ALA A 126 22.10 3.62 17.52
N PRO A 127 22.94 2.90 18.23
CA PRO A 127 22.54 1.61 18.87
C PRO A 127 21.63 1.82 20.07
N PRO A 128 20.94 0.79 20.51
CA PRO A 128 20.02 0.88 21.68
C PRO A 128 20.65 1.66 22.84
N GLY A 129 21.95 1.88 22.77
CA GLY A 129 22.65 2.61 23.82
C GLY A 129 22.42 1.97 25.18
N PRO A 130 23.01 0.84 25.41
CA PRO A 130 22.87 0.10 26.70
C PRO A 130 23.17 0.99 27.90
N PRO A 131 22.70 0.64 29.07
CA PRO A 131 22.93 1.45 30.31
C PRO A 131 24.38 1.37 30.77
N GLY A 1 -26.33 18.41 -10.05
CA GLY A 1 -25.14 19.19 -10.54
C GLY A 1 -24.20 18.26 -11.29
N ALA A 2 -22.95 18.69 -11.45
CA ALA A 2 -21.96 17.88 -12.14
C ALA A 2 -20.55 18.39 -11.83
N SER A 3 -19.73 17.52 -11.24
CA SER A 3 -18.36 17.89 -10.90
C SER A 3 -17.55 18.15 -12.16
N ALA A 4 -16.46 18.89 -12.00
CA ALA A 4 -15.60 19.23 -13.14
C ALA A 4 -14.14 18.91 -12.81
N LEU A 5 -13.76 19.12 -11.55
CA LEU A 5 -12.40 18.85 -11.12
C LEU A 5 -12.07 17.37 -11.28
N SER A 6 -10.80 17.02 -11.12
CA SER A 6 -10.37 15.65 -11.25
C SER A 6 -9.35 15.28 -10.16
N LEU A 7 -9.73 14.35 -9.30
CA LEU A 7 -8.84 13.91 -8.22
C LEU A 7 -9.05 12.44 -7.92
N SER A 8 -7.96 11.75 -7.59
CA SER A 8 -8.05 10.35 -7.21
C SER A 8 -6.76 9.91 -6.51
N LEU A 9 -6.71 10.06 -5.19
CA LEU A 9 -5.53 9.68 -4.43
C LEU A 9 -5.86 8.62 -3.40
N LEU A 10 -4.85 7.92 -2.91
CA LEU A 10 -5.06 6.87 -1.93
C LEU A 10 -4.01 6.98 -0.81
N SER A 11 -4.41 6.60 0.39
CA SER A 11 -3.50 6.65 1.54
C SER A 11 -3.63 5.36 2.35
N ILE A 12 -2.50 4.68 2.55
CA ILE A 12 -2.50 3.44 3.30
C ILE A 12 -1.32 3.39 4.26
N SER A 13 -1.63 3.31 5.55
CA SER A 13 -0.60 3.25 6.58
C SER A 13 -0.85 2.07 7.51
N ARG A 14 0.17 1.25 7.73
CA ARG A 14 0.05 0.11 8.62
C ARG A 14 1.27 0.04 9.53
N SER A 15 1.06 0.31 10.81
CA SER A 15 2.12 0.28 11.81
C SER A 15 1.56 0.60 13.20
N GLY A 16 1.48 -0.41 14.06
CA GLY A 16 0.95 -0.22 15.41
C GLY A 16 -0.18 -1.19 15.71
N ASN A 17 -0.13 -2.38 15.11
CA ASN A 17 -1.16 -3.38 15.34
C ASN A 17 -2.44 -3.02 14.61
N THR A 18 -2.59 -1.74 14.29
CA THR A 18 -3.77 -1.25 13.57
C THR A 18 -3.39 -0.75 12.19
N VAL A 19 -4.34 -0.72 11.26
CA VAL A 19 -4.05 -0.25 9.91
C VAL A 19 -5.06 0.83 9.50
N THR A 20 -4.54 1.90 8.88
CA THR A 20 -5.38 3.01 8.44
C THR A 20 -5.34 3.16 6.92
N LEU A 21 -6.52 3.09 6.30
CA LEU A 21 -6.62 3.21 4.85
C LEU A 21 -7.87 4.01 4.48
N ILE A 22 -7.65 5.17 3.86
CA ILE A 22 -8.76 6.03 3.45
C ILE A 22 -8.66 6.37 1.96
N GLY A 23 -9.77 6.79 1.38
CA GLY A 23 -9.78 7.15 -0.04
C GLY A 23 -11.10 6.82 -0.72
N ASP A 24 -11.09 6.85 -2.05
CA ASP A 24 -12.30 6.57 -2.83
C ASP A 24 -12.02 5.44 -3.83
N PHE A 25 -12.98 4.52 -3.96
CA PHE A 25 -12.83 3.40 -4.87
C PHE A 25 -13.90 3.43 -5.96
N PRO A 26 -13.66 2.79 -7.09
CA PRO A 26 -14.64 2.75 -8.21
C PRO A 26 -15.78 1.79 -7.93
N ASP A 27 -15.44 0.62 -7.40
CA ASP A 27 -16.45 -0.40 -7.10
C ASP A 27 -16.34 -0.83 -5.64
N GLU A 28 -17.32 -1.61 -5.18
CA GLU A 28 -17.32 -2.08 -3.81
C GLU A 28 -16.65 -3.44 -3.69
N ALA A 29 -16.87 -4.30 -4.68
CA ALA A 29 -16.27 -5.63 -4.69
C ALA A 29 -14.74 -5.50 -4.70
N ALA A 30 -14.27 -4.39 -5.25
CA ALA A 30 -12.83 -4.14 -5.33
C ALA A 30 -12.18 -4.30 -3.95
N LYS A 31 -12.97 -4.01 -2.91
CA LYS A 31 -12.46 -4.14 -1.55
C LYS A 31 -12.18 -5.60 -1.21
N ALA A 32 -13.03 -6.51 -1.69
CA ALA A 32 -12.86 -7.93 -1.41
C ALA A 32 -11.48 -8.43 -1.83
N ALA A 33 -11.04 -8.05 -3.02
CA ALA A 33 -9.73 -8.48 -3.51
C ALA A 33 -8.62 -8.00 -2.59
N LEU A 34 -8.81 -6.81 -2.03
CA LEU A 34 -7.80 -6.26 -1.12
C LEU A 34 -7.96 -6.89 0.26
N MET A 35 -9.18 -6.90 0.77
CA MET A 35 -9.44 -7.47 2.08
C MET A 35 -8.81 -8.86 2.17
N THR A 36 -9.06 -9.69 1.16
CA THR A 36 -8.50 -11.03 1.15
C THR A 36 -7.00 -10.96 1.42
N ALA A 37 -6.42 -9.80 1.14
CA ALA A 37 -4.99 -9.59 1.37
C ALA A 37 -4.72 -9.47 2.87
N LEU A 38 -5.61 -8.76 3.57
CA LEU A 38 -5.46 -8.58 5.00
C LEU A 38 -5.47 -9.93 5.70
N ASN A 39 -6.27 -10.86 5.18
CA ASN A 39 -6.36 -12.19 5.76
C ASN A 39 -4.97 -12.71 6.14
N GLY A 40 -3.95 -12.16 5.50
CA GLY A 40 -2.58 -12.58 5.78
C GLY A 40 -2.02 -11.85 7.00
N LEU A 41 -2.45 -10.61 7.19
CA LEU A 41 -1.98 -9.82 8.34
C LEU A 41 -2.96 -9.91 9.49
N LEU A 42 -4.19 -10.36 9.18
CA LEU A 42 -5.22 -10.48 10.21
C LEU A 42 -4.67 -11.18 11.45
N ALA A 43 -4.51 -10.42 12.53
CA ALA A 43 -3.99 -10.97 13.78
C ALA A 43 -5.05 -10.86 14.87
N PRO A 44 -4.90 -11.59 15.94
CA PRO A 44 -5.85 -11.57 17.08
C PRO A 44 -5.78 -10.25 17.86
N GLY A 45 -6.91 -9.56 17.93
CA GLY A 45 -6.97 -8.28 18.65
C GLY A 45 -6.61 -7.13 17.72
N VAL A 46 -6.33 -7.46 16.47
CA VAL A 46 -5.97 -6.45 15.47
C VAL A 46 -7.19 -5.60 15.11
N ASN A 47 -7.03 -4.28 15.16
CA ASN A 47 -8.12 -3.37 14.84
C ASN A 47 -7.88 -2.72 13.48
N VAL A 48 -8.90 -2.75 12.62
CA VAL A 48 -8.77 -2.16 11.30
C VAL A 48 -9.64 -0.91 11.19
N ILE A 49 -9.10 0.13 10.57
CA ILE A 49 -9.82 1.38 10.39
C ILE A 49 -9.76 1.81 8.93
N ASP A 50 -10.58 1.17 8.10
CA ASP A 50 -10.59 1.48 6.68
C ASP A 50 -11.96 2.02 6.26
N GLN A 51 -11.98 3.27 5.81
CA GLN A 51 -13.23 3.89 5.39
C GLN A 51 -13.10 4.33 3.93
N ILE A 52 -13.73 3.57 3.05
CA ILE A 52 -13.69 3.85 1.62
C ILE A 52 -15.07 4.21 1.09
N HIS A 53 -15.10 5.15 0.17
CA HIS A 53 -16.35 5.58 -0.44
C HIS A 53 -16.33 5.25 -1.93
N VAL A 54 -17.50 5.08 -2.51
CA VAL A 54 -17.59 4.76 -3.94
C VAL A 54 -17.64 6.04 -4.77
N ASP A 55 -17.01 5.99 -5.94
CA ASP A 55 -16.98 7.15 -6.83
C ASP A 55 -16.86 6.70 -8.28
N PRO A 56 -17.95 6.23 -8.85
CA PRO A 56 -17.97 5.71 -10.25
C PRO A 56 -17.43 6.71 -11.29
N VAL A 57 -17.05 7.92 -10.86
CA VAL A 57 -16.52 8.90 -11.81
C VAL A 57 -15.00 8.99 -11.70
N VAL A 58 -14.51 9.10 -10.48
CA VAL A 58 -13.06 9.17 -10.28
C VAL A 58 -12.47 7.80 -10.59
N ARG A 59 -11.21 7.58 -10.23
CA ARG A 59 -10.59 6.29 -10.51
C ARG A 59 -9.55 5.97 -9.44
N SER A 60 -9.11 4.72 -9.40
CA SER A 60 -8.12 4.33 -8.40
C SER A 60 -7.18 3.26 -8.96
N LEU A 61 -6.17 2.93 -8.17
CA LEU A 61 -5.19 1.93 -8.55
C LEU A 61 -5.88 0.56 -8.67
N ASP A 62 -5.44 -0.25 -9.63
CA ASP A 62 -6.03 -1.58 -9.79
C ASP A 62 -5.42 -2.54 -8.79
N PHE A 63 -6.10 -2.77 -7.68
CA PHE A 63 -5.59 -3.65 -6.64
C PHE A 63 -5.84 -5.12 -6.96
N SER A 64 -6.49 -5.40 -8.07
CA SER A 64 -6.77 -6.79 -8.44
C SER A 64 -5.56 -7.67 -8.16
N SER A 65 -4.37 -7.10 -8.35
CA SER A 65 -3.11 -7.82 -8.12
C SER A 65 -2.37 -7.22 -6.93
N ALA A 66 -3.12 -6.79 -5.92
CA ALA A 66 -2.51 -6.23 -4.74
C ALA A 66 -2.18 -7.34 -3.76
N GLU A 67 -2.88 -8.46 -3.86
CA GLU A 67 -2.58 -9.56 -2.96
C GLU A 67 -1.11 -9.95 -3.14
N PRO A 68 -0.69 -10.30 -4.35
CA PRO A 68 0.73 -10.63 -4.58
C PRO A 68 1.64 -9.54 -4.02
N VAL A 69 1.27 -8.27 -4.23
CA VAL A 69 2.09 -7.18 -3.71
C VAL A 69 1.98 -7.06 -2.19
N PHE A 70 0.78 -6.70 -1.72
CA PHE A 70 0.57 -6.55 -0.28
C PHE A 70 1.14 -7.76 0.46
N THR A 71 0.95 -8.94 -0.11
CA THR A 71 1.47 -10.16 0.52
C THR A 71 2.99 -10.10 0.58
N ALA A 72 3.57 -9.41 -0.39
CA ALA A 72 5.03 -9.26 -0.45
C ALA A 72 5.50 -8.32 0.65
N SER A 73 4.58 -7.53 1.19
CA SER A 73 4.92 -6.58 2.25
C SER A 73 4.30 -7.01 3.59
N VAL A 74 3.69 -8.19 3.60
CA VAL A 74 3.07 -8.70 4.83
C VAL A 74 4.08 -8.80 5.98
N PRO A 75 5.23 -9.41 5.79
CA PRO A 75 6.22 -9.55 6.91
C PRO A 75 6.72 -8.19 7.40
N ILE A 76 6.05 -7.13 6.96
CA ILE A 76 6.42 -5.78 7.37
C ILE A 76 5.16 -5.01 7.77
N PRO A 77 4.68 -5.18 8.98
CA PRO A 77 3.44 -4.49 9.44
C PRO A 77 3.67 -3.01 9.73
N ASP A 78 4.84 -2.51 9.34
CA ASP A 78 5.19 -1.10 9.54
C ASP A 78 5.40 -0.46 8.18
N PHE A 79 4.68 -0.95 7.17
CA PHE A 79 4.83 -0.47 5.80
C PHE A 79 3.79 0.58 5.43
N GLY A 80 4.15 1.41 4.45
CA GLY A 80 3.26 2.46 3.96
C GLY A 80 3.09 2.38 2.45
N LEU A 81 1.88 2.65 1.98
CA LEU A 81 1.59 2.62 0.54
C LEU A 81 0.95 3.95 0.15
N LYS A 82 1.50 4.63 -0.86
CA LYS A 82 0.96 5.90 -1.28
C LYS A 82 0.82 5.97 -2.80
N VAL A 83 -0.37 6.34 -3.25
CA VAL A 83 -0.63 6.47 -4.67
C VAL A 83 -1.01 7.91 -4.99
N GLU A 84 -0.42 8.47 -6.04
CA GLU A 84 -0.71 9.84 -6.42
C GLU A 84 -1.75 9.87 -7.52
N ARG A 85 -1.68 10.88 -8.38
CA ARG A 85 -2.60 10.98 -9.50
C ARG A 85 -2.22 9.92 -10.54
N ASP A 86 -1.07 10.12 -11.18
CA ASP A 86 -0.59 9.18 -12.20
C ASP A 86 0.74 8.55 -11.78
N THR A 87 1.14 8.76 -10.52
CA THR A 87 2.40 8.21 -10.01
C THR A 87 2.14 7.46 -8.72
N VAL A 88 3.06 6.56 -8.33
CA VAL A 88 2.90 5.80 -7.10
C VAL A 88 4.21 5.73 -6.32
N THR A 89 4.14 6.03 -5.02
CA THR A 89 5.33 6.03 -4.18
C THR A 89 5.26 4.93 -3.11
N LEU A 90 6.41 4.36 -2.80
CA LEU A 90 6.49 3.27 -1.81
C LEU A 90 7.47 3.62 -0.69
N THR A 91 7.03 3.47 0.56
CA THR A 91 7.89 3.74 1.70
C THR A 91 7.63 2.73 2.81
N GLY A 92 8.71 2.11 3.31
CA GLY A 92 8.56 1.13 4.38
C GLY A 92 9.86 0.96 5.16
N THR A 93 9.79 1.08 6.48
CA THR A 93 10.98 0.92 7.31
C THR A 93 11.38 -0.56 7.33
N ALA A 94 12.60 -0.84 6.88
CA ALA A 94 13.08 -2.21 6.84
C ALA A 94 14.52 -2.30 7.37
N PRO A 95 14.69 -2.45 8.67
CA PRO A 95 16.05 -2.54 9.28
C PRO A 95 16.95 -3.57 8.60
N SER A 96 16.42 -4.26 7.58
CA SER A 96 17.19 -5.25 6.86
C SER A 96 17.92 -4.61 5.67
N SER A 97 17.58 -5.04 4.47
CA SER A 97 18.20 -4.51 3.27
C SER A 97 17.49 -5.02 2.01
N GLU A 98 18.10 -5.97 1.32
CA GLU A 98 17.51 -6.53 0.12
C GLU A 98 16.04 -6.84 0.36
N HIS A 99 15.68 -6.99 1.63
CA HIS A 99 14.30 -7.27 2.01
C HIS A 99 13.34 -6.35 1.26
N LYS A 100 13.84 -5.20 0.82
CA LYS A 100 13.01 -4.24 0.10
C LYS A 100 12.90 -4.63 -1.37
N ASP A 101 13.93 -5.32 -1.88
CA ASP A 101 13.96 -5.73 -3.27
C ASP A 101 12.66 -6.43 -3.67
N ALA A 102 12.36 -7.54 -3.01
CA ALA A 102 11.15 -8.30 -3.32
C ALA A 102 9.93 -7.38 -3.36
N VAL A 103 9.86 -6.45 -2.40
CA VAL A 103 8.74 -5.53 -2.34
C VAL A 103 8.65 -4.69 -3.61
N LYS A 104 9.79 -4.16 -4.05
CA LYS A 104 9.83 -3.34 -5.25
C LYS A 104 9.51 -4.17 -6.50
N ARG A 105 10.15 -5.32 -6.62
CA ARG A 105 9.93 -6.20 -7.77
C ARG A 105 8.45 -6.55 -7.90
N ALA A 106 7.79 -6.74 -6.77
CA ALA A 106 6.38 -7.09 -6.76
C ALA A 106 5.51 -5.90 -7.17
N ALA A 107 5.82 -4.72 -6.64
CA ALA A 107 5.05 -3.52 -6.95
C ALA A 107 5.24 -3.07 -8.40
N THR A 108 6.50 -2.91 -8.80
CA THR A 108 6.79 -2.46 -10.16
C THR A 108 6.12 -3.35 -11.20
N SER A 109 6.22 -4.66 -11.02
CA SER A 109 5.62 -5.60 -11.97
C SER A 109 4.10 -5.47 -11.98
N THR A 110 3.54 -4.94 -10.90
CA THR A 110 2.10 -4.78 -10.80
C THR A 110 1.67 -3.42 -11.34
N TRP A 111 2.55 -2.45 -11.23
CA TRP A 111 2.25 -1.10 -11.68
C TRP A 111 3.44 -0.55 -12.46
N PRO A 112 3.75 -1.15 -13.58
CA PRO A 112 4.91 -0.75 -14.43
C PRO A 112 4.68 0.54 -15.22
N ASP A 113 3.46 0.79 -15.66
CA ASP A 113 3.17 1.99 -16.43
C ASP A 113 3.04 3.20 -15.50
N MET A 114 3.09 2.94 -14.20
CA MET A 114 3.00 4.01 -13.21
C MET A 114 4.33 4.19 -12.52
N LYS A 115 4.80 5.43 -12.44
CA LYS A 115 6.07 5.72 -11.79
C LYS A 115 6.08 5.14 -10.38
N ILE A 116 6.92 4.13 -10.17
CA ILE A 116 7.02 3.50 -8.86
C ILE A 116 8.36 3.83 -8.21
N VAL A 117 8.32 4.50 -7.06
CA VAL A 117 9.56 4.85 -6.36
C VAL A 117 9.55 4.24 -4.96
N ASN A 118 10.31 3.15 -4.82
CA ASN A 118 10.41 2.47 -3.54
C ASN A 118 11.73 2.83 -2.87
N ASN A 119 11.67 3.84 -2.01
CA ASN A 119 12.88 4.28 -1.32
C ASN A 119 12.86 3.94 0.16
N ILE A 120 13.32 2.74 0.48
CA ILE A 120 13.38 2.27 1.86
C ILE A 120 14.73 2.59 2.45
N GLU A 121 14.78 2.88 3.74
CA GLU A 121 16.04 3.17 4.42
C GLU A 121 16.29 2.10 5.48
N VAL A 122 17.51 2.03 6.00
CA VAL A 122 17.84 1.04 7.02
C VAL A 122 18.18 1.70 8.34
N THR A 123 17.46 1.32 9.39
CA THR A 123 17.69 1.88 10.72
C THR A 123 19.02 1.39 11.28
N GLY A 124 20.04 2.24 11.23
CA GLY A 124 21.36 1.88 11.73
C GLY A 124 22.15 1.12 10.69
N GLN A 125 23.28 1.69 10.28
CA GLN A 125 24.13 1.07 9.28
C GLN A 125 24.34 -0.40 9.60
N ALA A 126 24.01 -1.27 8.65
CA ALA A 126 24.17 -2.71 8.85
C ALA A 126 25.57 -3.16 8.42
N PRO A 127 26.01 -4.29 8.88
CA PRO A 127 27.36 -4.82 8.52
C PRO A 127 27.41 -5.31 7.07
N PRO A 128 28.59 -5.41 6.50
CA PRO A 128 28.76 -5.89 5.10
C PRO A 128 27.82 -7.04 4.76
N GLY A 129 26.68 -6.71 4.17
CA GLY A 129 25.70 -7.73 3.80
C GLY A 129 26.30 -8.69 2.77
N PRO A 130 25.48 -9.52 2.18
CA PRO A 130 25.94 -10.50 1.16
C PRO A 130 26.67 -9.84 -0.01
N PRO A 131 26.17 -8.75 -0.55
CA PRO A 131 26.83 -8.05 -1.69
C PRO A 131 27.93 -7.11 -1.23
N GLY A 1 -11.78 5.34 -19.69
CA GLY A 1 -13.09 5.68 -19.04
C GLY A 1 -13.14 7.18 -18.77
N ALA A 2 -12.92 7.55 -17.51
CA ALA A 2 -12.93 8.97 -17.13
C ALA A 2 -11.60 9.63 -17.45
N SER A 3 -11.49 10.91 -17.14
CA SER A 3 -10.27 11.66 -17.41
C SER A 3 -9.46 11.82 -16.13
N ALA A 4 -8.14 11.88 -16.27
CA ALA A 4 -7.26 12.04 -15.11
C ALA A 4 -7.48 13.40 -14.45
N LEU A 5 -8.20 14.28 -15.15
CA LEU A 5 -8.47 15.61 -14.62
C LEU A 5 -9.08 15.51 -13.22
N SER A 6 -9.90 14.49 -13.01
CA SER A 6 -10.54 14.29 -11.71
C SER A 6 -9.52 13.83 -10.68
N LEU A 7 -9.93 13.83 -9.41
CA LEU A 7 -9.04 13.41 -8.34
C LEU A 7 -9.18 11.92 -8.07
N SER A 8 -8.07 11.27 -7.75
CA SER A 8 -8.10 9.85 -7.43
C SER A 8 -6.82 9.45 -6.69
N LEU A 9 -6.82 9.56 -5.37
CA LEU A 9 -5.64 9.21 -4.58
C LEU A 9 -5.97 8.15 -3.55
N LEU A 10 -4.94 7.48 -3.04
CA LEU A 10 -5.13 6.44 -2.04
C LEU A 10 -4.09 6.59 -0.94
N SER A 11 -4.50 6.34 0.30
CA SER A 11 -3.59 6.46 1.44
C SER A 11 -3.72 5.26 2.36
N ILE A 12 -2.60 4.61 2.65
CA ILE A 12 -2.61 3.45 3.53
C ILE A 12 -1.41 3.47 4.48
N SER A 13 -1.71 3.51 5.76
CA SER A 13 -0.67 3.53 6.79
C SER A 13 -0.84 2.35 7.74
N ARG A 14 0.26 1.66 8.02
CA ARG A 14 0.20 0.52 8.93
C ARG A 14 1.43 0.49 9.83
N SER A 15 1.20 0.76 11.12
CA SER A 15 2.28 0.78 12.11
C SER A 15 1.68 0.91 13.52
N GLY A 16 1.68 -0.20 14.24
CA GLY A 16 1.14 -0.23 15.60
C GLY A 16 0.15 -1.37 15.78
N ASN A 17 -0.99 -1.07 16.39
CA ASN A 17 -2.01 -2.07 16.61
C ASN A 17 -3.23 -1.80 15.73
N THR A 18 -3.35 -0.56 15.26
CA THR A 18 -4.47 -0.18 14.41
C THR A 18 -3.98 0.20 13.01
N VAL A 19 -4.89 0.09 12.03
CA VAL A 19 -4.54 0.42 10.66
C VAL A 19 -5.39 1.59 10.17
N THR A 20 -4.77 2.48 9.39
CA THR A 20 -5.47 3.66 8.86
C THR A 20 -5.36 3.74 7.34
N LEU A 21 -6.49 3.50 6.66
CA LEU A 21 -6.51 3.56 5.20
C LEU A 21 -7.80 4.23 4.72
N ILE A 22 -7.67 5.42 4.12
CA ILE A 22 -8.84 6.15 3.63
C ILE A 22 -8.69 6.46 2.15
N GLY A 23 -9.81 6.74 1.48
CA GLY A 23 -9.78 7.05 0.06
C GLY A 23 -11.13 6.78 -0.61
N ASP A 24 -11.12 6.83 -1.94
CA ASP A 24 -12.33 6.59 -2.73
C ASP A 24 -12.12 5.45 -3.70
N PHE A 25 -13.11 4.54 -3.78
CA PHE A 25 -13.03 3.40 -4.67
C PHE A 25 -14.08 3.51 -5.78
N PRO A 26 -13.90 2.80 -6.88
CA PRO A 26 -14.88 2.83 -8.00
C PRO A 26 -16.11 1.98 -7.67
N ASP A 27 -15.87 0.83 -7.08
CA ASP A 27 -16.95 -0.08 -6.71
C ASP A 27 -16.72 -0.64 -5.31
N GLU A 28 -17.59 -1.55 -4.89
CA GLU A 28 -17.45 -2.14 -3.56
C GLU A 28 -16.78 -3.50 -3.65
N ALA A 29 -17.03 -4.24 -4.72
CA ALA A 29 -16.42 -5.56 -4.89
C ALA A 29 -14.90 -5.44 -4.90
N ALA A 30 -14.40 -4.30 -5.34
CA ALA A 30 -12.97 -4.05 -5.39
C ALA A 30 -12.33 -4.32 -4.04
N LYS A 31 -13.12 -4.17 -2.98
CA LYS A 31 -12.62 -4.41 -1.63
C LYS A 31 -12.28 -5.88 -1.43
N ALA A 32 -13.09 -6.75 -2.01
CA ALA A 32 -12.88 -8.19 -1.88
C ALA A 32 -11.49 -8.62 -2.34
N ALA A 33 -11.02 -8.06 -3.45
CA ALA A 33 -9.70 -8.42 -3.97
C ALA A 33 -8.60 -7.99 -3.02
N LEU A 34 -8.78 -6.83 -2.39
CA LEU A 34 -7.77 -6.35 -1.45
C LEU A 34 -7.95 -7.04 -0.09
N MET A 35 -9.18 -7.12 0.36
CA MET A 35 -9.47 -7.76 1.63
C MET A 35 -8.76 -9.11 1.72
N THR A 36 -8.91 -9.93 0.68
CA THR A 36 -8.26 -11.23 0.68
C THR A 36 -6.81 -11.08 1.12
N ALA A 37 -6.28 -9.88 0.98
CA ALA A 37 -4.91 -9.61 1.38
C ALA A 37 -4.84 -9.41 2.89
N LEU A 38 -5.87 -8.76 3.45
CA LEU A 38 -5.91 -8.53 4.88
C LEU A 38 -5.85 -9.87 5.62
N ASN A 39 -6.56 -10.85 5.10
CA ASN A 39 -6.60 -12.18 5.72
C ASN A 39 -5.22 -12.57 6.25
N GLY A 40 -4.19 -12.24 5.48
CA GLY A 40 -2.82 -12.57 5.89
C GLY A 40 -2.37 -11.71 7.06
N LEU A 41 -2.87 -10.48 7.11
CA LEU A 41 -2.51 -9.56 8.19
C LEU A 41 -3.40 -9.79 9.41
N LEU A 42 -4.63 -10.23 9.14
CA LEU A 42 -5.61 -10.49 10.21
C LEU A 42 -4.93 -11.04 11.46
N ALA A 43 -4.69 -10.16 12.43
CA ALA A 43 -4.06 -10.56 13.68
C ALA A 43 -5.04 -10.44 14.85
N PRO A 44 -4.73 -11.01 15.98
CA PRO A 44 -5.62 -10.96 17.18
C PRO A 44 -5.61 -9.58 17.84
N GLY A 45 -6.76 -9.19 18.41
CA GLY A 45 -6.88 -7.90 19.09
C GLY A 45 -6.53 -6.75 18.15
N VAL A 46 -6.30 -7.07 16.89
CA VAL A 46 -5.95 -6.04 15.90
C VAL A 46 -7.19 -5.24 15.49
N ASN A 47 -7.05 -3.92 15.53
CA ASN A 47 -8.15 -3.04 15.16
C ASN A 47 -7.94 -2.50 13.74
N VAL A 48 -9.03 -2.27 13.02
CA VAL A 48 -8.94 -1.77 11.65
C VAL A 48 -9.81 -0.53 11.49
N ILE A 49 -9.27 0.47 10.81
CA ILE A 49 -10.00 1.71 10.56
C ILE A 49 -9.89 2.10 9.09
N ASP A 50 -10.68 1.44 8.26
CA ASP A 50 -10.67 1.70 6.83
C ASP A 50 -12.02 2.21 6.37
N GLN A 51 -12.04 3.46 5.88
CA GLN A 51 -13.28 4.06 5.40
C GLN A 51 -13.13 4.47 3.95
N ILE A 52 -13.75 3.70 3.06
CA ILE A 52 -13.68 3.97 1.63
C ILE A 52 -15.07 4.29 1.08
N HIS A 53 -15.13 5.23 0.16
CA HIS A 53 -16.40 5.63 -0.45
C HIS A 53 -16.42 5.25 -1.93
N VAL A 54 -17.62 5.08 -2.48
CA VAL A 54 -17.75 4.72 -3.88
C VAL A 54 -17.82 5.99 -4.74
N ASP A 55 -17.22 5.94 -5.92
CA ASP A 55 -17.21 7.08 -6.83
C ASP A 55 -17.10 6.63 -8.28
N PRO A 56 -18.17 6.16 -8.84
CA PRO A 56 -18.21 5.65 -10.24
C PRO A 56 -17.63 6.60 -11.28
N VAL A 57 -17.20 7.80 -10.88
CA VAL A 57 -16.64 8.76 -11.83
C VAL A 57 -15.12 8.79 -11.72
N VAL A 58 -14.62 8.84 -10.48
CA VAL A 58 -13.18 8.86 -10.25
C VAL A 58 -12.65 7.44 -10.47
N ARG A 59 -11.40 7.19 -10.09
CA ARG A 59 -10.84 5.86 -10.28
C ARG A 59 -9.82 5.57 -9.18
N SER A 60 -9.44 4.30 -9.06
CA SER A 60 -8.48 3.91 -8.04
C SER A 60 -7.44 2.96 -8.62
N LEU A 61 -6.36 2.76 -7.88
CA LEU A 61 -5.30 1.87 -8.31
C LEU A 61 -5.86 0.46 -8.53
N ASP A 62 -5.31 -0.25 -9.50
CA ASP A 62 -5.76 -1.61 -9.78
C ASP A 62 -5.04 -2.57 -8.86
N PHE A 63 -5.70 -2.95 -7.77
CA PHE A 63 -5.09 -3.86 -6.80
C PHE A 63 -5.49 -5.31 -7.02
N SER A 64 -6.27 -5.56 -8.08
CA SER A 64 -6.72 -6.93 -8.36
C SER A 64 -5.59 -7.93 -8.14
N SER A 65 -4.35 -7.46 -8.33
CA SER A 65 -3.17 -8.31 -8.14
C SER A 65 -2.31 -7.77 -7.00
N ALA A 66 -2.97 -7.23 -5.99
CA ALA A 66 -2.27 -6.70 -4.84
C ALA A 66 -2.02 -7.82 -3.85
N GLU A 67 -2.76 -8.91 -3.96
CA GLU A 67 -2.55 -10.02 -3.05
C GLU A 67 -1.10 -10.48 -3.17
N PRO A 68 -0.65 -10.87 -4.35
CA PRO A 68 0.76 -11.28 -4.55
C PRO A 68 1.73 -10.19 -4.10
N VAL A 69 1.44 -8.93 -4.46
CA VAL A 69 2.32 -7.82 -4.08
C VAL A 69 2.17 -7.46 -2.59
N PHE A 70 0.99 -6.96 -2.23
CA PHE A 70 0.72 -6.56 -0.85
C PHE A 70 1.22 -7.61 0.13
N THR A 71 1.03 -8.88 -0.20
CA THR A 71 1.49 -9.96 0.67
C THR A 71 3.00 -9.91 0.80
N ALA A 72 3.66 -9.62 -0.32
CA ALA A 72 5.11 -9.54 -0.34
C ALA A 72 5.59 -8.18 0.17
N SER A 73 4.72 -7.18 0.08
CA SER A 73 5.07 -5.84 0.54
C SER A 73 4.54 -5.56 1.94
N VAL A 74 4.05 -6.60 2.63
CA VAL A 74 3.55 -6.41 3.98
C VAL A 74 4.16 -7.41 4.97
N PRO A 75 5.42 -7.74 4.84
CA PRO A 75 6.10 -8.69 5.78
C PRO A 75 6.34 -8.03 7.14
N ILE A 76 6.32 -6.70 7.14
CA ILE A 76 6.53 -5.94 8.38
C ILE A 76 5.28 -5.09 8.68
N PRO A 77 4.74 -5.14 9.87
CA PRO A 77 3.51 -4.36 10.23
C PRO A 77 3.76 -2.87 10.40
N ASP A 78 4.90 -2.40 9.92
CA ASP A 78 5.26 -0.98 10.02
C ASP A 78 5.50 -0.39 8.64
N PHE A 79 4.75 -0.92 7.66
CA PHE A 79 4.91 -0.48 6.27
C PHE A 79 3.79 0.47 5.84
N GLY A 80 4.11 1.29 4.85
CA GLY A 80 3.14 2.26 4.34
C GLY A 80 3.06 2.21 2.81
N LEU A 81 1.86 2.45 2.29
CA LEU A 81 1.63 2.45 0.84
C LEU A 81 0.95 3.76 0.46
N LYS A 82 1.50 4.47 -0.51
CA LYS A 82 0.93 5.74 -0.93
C LYS A 82 0.82 5.81 -2.44
N VAL A 83 -0.35 6.20 -2.92
CA VAL A 83 -0.60 6.33 -4.34
C VAL A 83 -0.98 7.78 -4.65
N GLU A 84 -0.41 8.34 -5.71
CA GLU A 84 -0.70 9.71 -6.10
C GLU A 84 -1.70 9.72 -7.24
N ARG A 85 -1.62 10.73 -8.10
CA ARG A 85 -2.52 10.80 -9.25
C ARG A 85 -2.20 9.67 -10.21
N ASP A 86 -1.02 9.74 -10.84
CA ASP A 86 -0.58 8.72 -11.78
C ASP A 86 0.76 8.12 -11.37
N THR A 87 1.16 8.35 -10.12
CA THR A 87 2.43 7.83 -9.61
C THR A 87 2.18 7.06 -8.31
N VAL A 88 3.10 6.17 -7.95
CA VAL A 88 2.95 5.40 -6.72
C VAL A 88 4.28 5.31 -5.96
N THR A 89 4.26 5.68 -4.68
CA THR A 89 5.47 5.65 -3.87
C THR A 89 5.38 4.58 -2.78
N LEU A 90 6.51 3.96 -2.47
CA LEU A 90 6.57 2.91 -1.46
C LEU A 90 7.56 3.25 -0.36
N THR A 91 7.12 3.16 0.90
CA THR A 91 8.01 3.44 2.02
C THR A 91 7.73 2.48 3.16
N GLY A 92 8.78 1.85 3.69
CA GLY A 92 8.62 0.91 4.78
C GLY A 92 9.92 0.73 5.57
N THR A 93 9.82 0.77 6.90
CA THR A 93 11.00 0.59 7.74
C THR A 93 11.44 -0.88 7.68
N ALA A 94 12.65 -1.11 7.17
CA ALA A 94 13.16 -2.48 7.06
C ALA A 94 14.62 -2.56 7.52
N PRO A 95 14.86 -2.79 8.78
CA PRO A 95 16.25 -2.89 9.33
C PRO A 95 17.14 -3.85 8.53
N SER A 96 16.57 -4.47 7.50
CA SER A 96 17.33 -5.41 6.68
C SER A 96 18.04 -4.68 5.54
N SER A 97 17.84 -5.15 4.31
CA SER A 97 18.46 -4.53 3.15
C SER A 97 17.75 -4.94 1.86
N GLU A 98 18.44 -5.74 1.04
CA GLU A 98 17.87 -6.20 -0.23
C GLU A 98 16.44 -6.69 0.00
N HIS A 99 16.14 -7.05 1.24
CA HIS A 99 14.82 -7.54 1.58
C HIS A 99 13.74 -6.61 1.01
N LYS A 100 14.11 -5.36 0.77
CA LYS A 100 13.17 -4.39 0.22
C LYS A 100 13.08 -4.50 -1.30
N ASP A 101 14.12 -5.07 -1.91
CA ASP A 101 14.16 -5.22 -3.36
C ASP A 101 13.04 -6.12 -3.87
N ALA A 102 12.87 -7.27 -3.24
CA ALA A 102 11.83 -8.21 -3.66
C ALA A 102 10.47 -7.53 -3.74
N VAL A 103 10.27 -6.52 -2.90
CA VAL A 103 9.00 -5.80 -2.88
C VAL A 103 8.86 -4.89 -4.08
N LYS A 104 9.96 -4.23 -4.46
CA LYS A 104 9.94 -3.32 -5.60
C LYS A 104 9.63 -4.07 -6.90
N ARG A 105 10.29 -5.21 -7.09
CA ARG A 105 10.08 -6.00 -8.30
C ARG A 105 8.62 -6.43 -8.41
N ALA A 106 8.01 -6.76 -7.28
CA ALA A 106 6.62 -7.19 -7.26
C ALA A 106 5.69 -6.06 -7.70
N ALA A 107 5.95 -4.85 -7.20
CA ALA A 107 5.12 -3.70 -7.56
C ALA A 107 5.33 -3.33 -9.02
N THR A 108 6.59 -3.25 -9.44
CA THR A 108 6.90 -2.90 -10.82
C THR A 108 6.02 -3.70 -11.78
N SER A 109 5.94 -5.00 -11.54
CA SER A 109 5.15 -5.88 -12.38
C SER A 109 3.66 -5.55 -12.29
N THR A 110 3.21 -5.09 -11.12
CA THR A 110 1.80 -4.77 -10.93
C THR A 110 1.44 -3.40 -11.48
N TRP A 111 2.37 -2.45 -11.38
CA TRP A 111 2.11 -1.10 -11.86
C TRP A 111 3.30 -0.61 -12.68
N PRO A 112 3.54 -1.21 -13.81
CA PRO A 112 4.68 -0.86 -14.71
C PRO A 112 4.49 0.44 -15.48
N ASP A 113 3.26 0.75 -15.88
CA ASP A 113 3.00 1.98 -16.63
C ASP A 113 2.99 3.19 -15.72
N MET A 114 3.12 2.95 -14.41
CA MET A 114 3.12 4.02 -13.42
C MET A 114 4.48 4.10 -12.74
N LYS A 115 4.99 5.32 -12.56
CA LYS A 115 6.29 5.50 -11.92
C LYS A 115 6.25 4.98 -10.50
N ILE A 116 7.17 4.08 -10.17
CA ILE A 116 7.25 3.51 -8.83
C ILE A 116 8.55 3.92 -8.14
N VAL A 117 8.44 4.54 -6.97
CA VAL A 117 9.61 4.95 -6.22
C VAL A 117 9.59 4.28 -4.84
N ASN A 118 10.40 3.24 -4.70
CA ASN A 118 10.49 2.51 -3.44
C ASN A 118 11.82 2.81 -2.76
N ASN A 119 11.79 3.79 -1.86
CA ASN A 119 13.01 4.19 -1.17
C ASN A 119 12.97 3.83 0.31
N ILE A 120 13.38 2.61 0.64
CA ILE A 120 13.42 2.14 2.00
C ILE A 120 14.80 2.37 2.58
N GLU A 121 14.89 2.62 3.88
CA GLU A 121 16.17 2.87 4.52
C GLU A 121 16.21 2.18 5.88
N VAL A 122 17.37 1.62 6.24
CA VAL A 122 17.49 0.95 7.53
C VAL A 122 17.64 1.95 8.66
N THR A 123 16.68 1.95 9.58
CA THR A 123 16.71 2.87 10.71
C THR A 123 17.29 2.18 11.95
N GLY A 124 17.90 2.96 12.83
CA GLY A 124 18.48 2.41 14.05
C GLY A 124 19.82 3.07 14.37
N GLN A 125 20.69 3.13 13.37
CA GLN A 125 22.00 3.75 13.54
C GLN A 125 21.90 5.25 13.65
N ALA A 126 20.71 5.74 14.00
CA ALA A 126 20.50 7.18 14.14
C ALA A 126 21.57 7.80 15.04
N PRO A 127 21.75 9.09 14.96
CA PRO A 127 22.77 9.81 15.79
C PRO A 127 22.34 9.93 17.26
N PRO A 128 23.26 10.19 18.15
CA PRO A 128 22.95 10.32 19.59
C PRO A 128 21.67 11.11 19.83
N GLY A 129 20.96 10.77 20.91
CA GLY A 129 19.73 11.46 21.25
C GLY A 129 18.89 11.73 19.99
N PRO A 130 18.23 10.73 19.46
CA PRO A 130 17.39 10.88 18.24
C PRO A 130 16.31 11.96 18.38
N PRO A 131 15.61 12.01 19.48
CA PRO A 131 14.55 13.03 19.70
C PRO A 131 15.12 14.36 20.20
N GLY A 1 -14.12 6.54 -18.95
CA GLY A 1 -14.12 7.25 -20.26
C GLY A 1 -13.15 8.42 -20.20
N ALA A 2 -13.69 9.64 -20.21
CA ALA A 2 -12.87 10.84 -20.16
C ALA A 2 -13.67 12.02 -19.61
N SER A 3 -13.11 12.70 -18.62
CA SER A 3 -13.78 13.84 -18.02
C SER A 3 -12.78 14.70 -17.24
N ALA A 4 -12.05 15.54 -17.95
CA ALA A 4 -11.06 16.41 -17.31
C ALA A 4 -10.19 15.60 -16.34
N LEU A 5 -9.29 16.30 -15.66
CA LEU A 5 -8.39 15.63 -14.72
C LEU A 5 -8.87 15.85 -13.28
N SER A 6 -9.34 14.77 -12.66
CA SER A 6 -9.83 14.85 -11.29
C SER A 6 -8.81 14.27 -10.32
N LEU A 7 -9.21 14.14 -9.05
CA LEU A 7 -8.32 13.59 -8.03
C LEU A 7 -8.57 12.11 -7.83
N SER A 8 -7.49 11.35 -7.61
CA SER A 8 -7.62 9.93 -7.37
C SER A 8 -6.35 9.37 -6.74
N LEU A 9 -6.29 9.38 -5.41
CA LEU A 9 -5.10 8.88 -4.70
C LEU A 9 -5.52 8.00 -3.53
N LEU A 10 -4.59 7.17 -3.06
CA LEU A 10 -4.87 6.28 -1.93
C LEU A 10 -3.88 6.52 -0.80
N SER A 11 -4.29 6.13 0.40
CA SER A 11 -3.46 6.28 1.58
C SER A 11 -3.60 5.06 2.48
N ILE A 12 -2.49 4.34 2.69
CA ILE A 12 -2.51 3.15 3.53
C ILE A 12 -1.30 3.12 4.47
N SER A 13 -1.58 3.02 5.76
CA SER A 13 -0.52 2.98 6.76
C SER A 13 -0.70 1.78 7.69
N ARG A 14 0.39 1.05 7.91
CA ARG A 14 0.35 -0.12 8.79
C ARG A 14 1.59 -0.14 9.68
N SER A 15 1.38 0.08 10.98
CA SER A 15 2.46 0.10 11.96
C SER A 15 1.91 -0.10 13.37
N GLY A 16 0.99 0.76 13.75
CA GLY A 16 0.38 0.67 15.08
C GLY A 16 -0.60 -0.50 15.14
N ASN A 17 -0.86 -0.99 16.34
CA ASN A 17 -1.79 -2.11 16.51
C ASN A 17 -3.01 -1.93 15.60
N THR A 18 -3.26 -0.68 15.22
CA THR A 18 -4.39 -0.38 14.35
C THR A 18 -3.91 0.03 12.96
N VAL A 19 -4.79 -0.13 11.96
CA VAL A 19 -4.45 0.24 10.58
C VAL A 19 -5.31 1.42 10.13
N THR A 20 -4.72 2.31 9.34
CA THR A 20 -5.42 3.49 8.86
C THR A 20 -5.45 3.54 7.34
N LEU A 21 -6.65 3.40 6.77
CA LEU A 21 -6.81 3.43 5.32
C LEU A 21 -7.89 4.44 4.92
N ILE A 22 -7.55 5.31 3.98
CA ILE A 22 -8.48 6.33 3.52
C ILE A 22 -8.30 6.61 2.02
N GLY A 23 -9.40 6.60 1.29
CA GLY A 23 -9.36 6.86 -0.14
C GLY A 23 -10.71 6.60 -0.82
N ASP A 24 -10.70 6.62 -2.14
CA ASP A 24 -11.92 6.38 -2.91
C ASP A 24 -11.73 5.24 -3.90
N PHE A 25 -12.70 4.33 -3.94
CA PHE A 25 -12.64 3.19 -4.84
C PHE A 25 -13.65 3.35 -5.98
N PRO A 26 -13.46 2.66 -7.07
CA PRO A 26 -14.40 2.72 -8.23
C PRO A 26 -15.66 1.91 -7.94
N ASP A 27 -15.46 0.74 -7.37
CA ASP A 27 -16.57 -0.15 -7.03
C ASP A 27 -16.41 -0.65 -5.60
N GLU A 28 -17.36 -1.47 -5.16
CA GLU A 28 -17.32 -2.01 -3.81
C GLU A 28 -16.65 -3.39 -3.77
N ALA A 29 -16.92 -4.22 -4.78
CA ALA A 29 -16.33 -5.56 -4.83
C ALA A 29 -14.79 -5.47 -4.88
N ALA A 30 -14.31 -4.40 -5.49
CA ALA A 30 -12.87 -4.18 -5.62
C ALA A 30 -12.19 -4.39 -4.27
N LYS A 31 -12.93 -4.12 -3.19
CA LYS A 31 -12.38 -4.30 -1.85
C LYS A 31 -12.09 -5.77 -1.58
N ALA A 32 -12.95 -6.64 -2.07
CA ALA A 32 -12.78 -8.08 -1.87
C ALA A 32 -11.39 -8.56 -2.26
N ALA A 33 -10.94 -8.19 -3.47
CA ALA A 33 -9.62 -8.62 -3.94
C ALA A 33 -8.53 -8.11 -3.01
N LEU A 34 -8.73 -6.92 -2.45
CA LEU A 34 -7.74 -6.38 -1.52
C LEU A 34 -7.94 -6.98 -0.13
N MET A 35 -9.19 -7.22 0.22
CA MET A 35 -9.52 -7.80 1.52
C MET A 35 -8.75 -9.11 1.72
N THR A 36 -8.84 -10.01 0.75
CA THR A 36 -8.15 -11.28 0.85
C THR A 36 -6.71 -11.04 1.30
N ALA A 37 -6.23 -9.82 1.08
CA ALA A 37 -4.88 -9.46 1.47
C ALA A 37 -4.83 -9.19 2.96
N LEU A 38 -5.89 -8.56 3.48
CA LEU A 38 -5.96 -8.25 4.91
C LEU A 38 -5.94 -9.54 5.72
N ASN A 39 -6.69 -10.52 5.27
CA ASN A 39 -6.76 -11.81 5.95
C ASN A 39 -5.36 -12.30 6.32
N GLY A 40 -4.35 -11.75 5.65
CA GLY A 40 -2.98 -12.15 5.92
C GLY A 40 -2.41 -11.38 7.12
N LEU A 41 -2.84 -10.13 7.27
CA LEU A 41 -2.37 -9.31 8.38
C LEU A 41 -3.34 -9.37 9.56
N LEU A 42 -4.61 -9.63 9.25
CA LEU A 42 -5.63 -9.72 10.29
C LEU A 42 -5.09 -10.44 11.52
N ALA A 43 -4.97 -9.70 12.62
CA ALA A 43 -4.48 -10.27 13.87
C ALA A 43 -5.56 -10.20 14.95
N PRO A 44 -5.39 -10.93 16.01
CA PRO A 44 -6.39 -10.93 17.13
C PRO A 44 -6.35 -9.65 17.95
N GLY A 45 -7.53 -9.17 18.36
CA GLY A 45 -7.61 -7.95 19.14
C GLY A 45 -7.19 -6.73 18.33
N VAL A 46 -6.77 -6.98 17.09
CA VAL A 46 -6.35 -5.90 16.21
C VAL A 46 -7.53 -5.02 15.81
N ASN A 47 -7.31 -3.71 15.79
CA ASN A 47 -8.37 -2.77 15.42
C ASN A 47 -8.18 -2.31 13.98
N VAL A 48 -9.29 -2.12 13.28
CA VAL A 48 -9.23 -1.68 11.88
C VAL A 48 -10.08 -0.44 11.69
N ILE A 49 -9.57 0.51 10.92
CA ILE A 49 -10.29 1.74 10.64
C ILE A 49 -10.12 2.13 9.17
N ASP A 50 -10.85 1.45 8.31
CA ASP A 50 -10.77 1.70 6.87
C ASP A 50 -12.09 2.27 6.36
N GLN A 51 -12.03 3.48 5.78
CA GLN A 51 -13.22 4.12 5.25
C GLN A 51 -13.01 4.51 3.80
N ILE A 52 -13.63 3.75 2.91
CA ILE A 52 -13.53 4.01 1.47
C ILE A 52 -14.90 4.30 0.91
N HIS A 53 -14.97 5.25 -0.03
CA HIS A 53 -16.23 5.61 -0.66
C HIS A 53 -16.17 5.32 -2.15
N VAL A 54 -17.33 5.18 -2.78
CA VAL A 54 -17.37 4.91 -4.21
C VAL A 54 -17.37 6.22 -5.00
N ASP A 55 -16.68 6.20 -6.14
CA ASP A 55 -16.58 7.38 -6.99
C ASP A 55 -16.27 6.95 -8.43
N PRO A 56 -17.27 6.51 -9.15
CA PRO A 56 -17.11 6.01 -10.55
C PRO A 56 -16.26 6.88 -11.47
N VAL A 57 -15.90 8.10 -11.05
CA VAL A 57 -15.10 8.97 -11.92
C VAL A 57 -13.61 8.82 -11.63
N VAL A 58 -13.29 8.29 -10.45
CA VAL A 58 -11.90 8.09 -10.07
C VAL A 58 -11.57 6.60 -10.14
N ARG A 59 -10.33 6.24 -9.81
CA ARG A 59 -9.95 4.83 -9.85
C ARG A 59 -8.84 4.57 -8.84
N SER A 60 -8.37 3.32 -8.81
CA SER A 60 -7.31 2.93 -7.89
C SER A 60 -6.38 1.92 -8.55
N LEU A 61 -5.35 1.52 -7.83
CA LEU A 61 -4.40 0.54 -8.35
C LEU A 61 -5.13 -0.78 -8.56
N ASP A 62 -4.74 -1.52 -9.59
CA ASP A 62 -5.41 -2.78 -9.87
C ASP A 62 -5.24 -3.75 -8.71
N PHE A 63 -6.19 -3.69 -7.77
CA PHE A 63 -6.13 -4.55 -6.60
C PHE A 63 -6.21 -6.03 -6.97
N SER A 64 -6.74 -6.32 -8.15
CA SER A 64 -6.86 -7.71 -8.58
C SER A 64 -5.58 -8.48 -8.23
N SER A 65 -4.44 -7.81 -8.37
CA SER A 65 -3.15 -8.42 -8.06
C SER A 65 -2.46 -7.67 -6.92
N ALA A 66 -3.24 -7.16 -5.97
CA ALA A 66 -2.66 -6.48 -4.83
C ALA A 66 -2.23 -7.54 -3.83
N GLU A 67 -2.88 -8.69 -3.89
CA GLU A 67 -2.53 -9.78 -3.01
C GLU A 67 -1.04 -10.09 -3.19
N PRO A 68 -0.62 -10.51 -4.36
CA PRO A 68 0.81 -10.79 -4.64
C PRO A 68 1.70 -9.66 -4.12
N VAL A 69 1.27 -8.41 -4.32
CA VAL A 69 2.08 -7.28 -3.84
C VAL A 69 1.99 -7.13 -2.32
N PHE A 70 0.80 -6.80 -1.83
CA PHE A 70 0.60 -6.64 -0.39
C PHE A 70 1.19 -7.83 0.35
N THR A 71 1.02 -9.02 -0.22
CA THR A 71 1.56 -10.23 0.39
C THR A 71 3.09 -10.18 0.40
N ALA A 72 3.64 -9.48 -0.58
CA ALA A 72 5.09 -9.35 -0.67
C ALA A 72 5.59 -8.41 0.43
N SER A 73 4.68 -7.65 1.00
CA SER A 73 5.02 -6.71 2.07
C SER A 73 4.44 -7.16 3.41
N VAL A 74 3.81 -8.34 3.41
CA VAL A 74 3.21 -8.86 4.64
C VAL A 74 4.23 -8.93 5.78
N PRO A 75 5.41 -9.49 5.55
CA PRO A 75 6.43 -9.58 6.64
C PRO A 75 6.96 -8.21 7.04
N ILE A 76 6.21 -7.17 6.69
CA ILE A 76 6.59 -5.80 7.02
C ILE A 76 5.36 -5.05 7.52
N PRO A 77 4.97 -5.25 8.75
CA PRO A 77 3.77 -4.58 9.31
C PRO A 77 4.03 -3.12 9.67
N ASP A 78 5.20 -2.61 9.30
CA ASP A 78 5.57 -1.23 9.58
C ASP A 78 5.76 -0.48 8.27
N PHE A 79 4.99 -0.88 7.25
CA PHE A 79 5.10 -0.28 5.93
C PHE A 79 3.80 0.39 5.48
N GLY A 80 3.95 1.39 4.62
CA GLY A 80 2.81 2.14 4.11
C GLY A 80 2.84 2.22 2.58
N LEU A 81 1.64 2.36 2.01
CA LEU A 81 1.49 2.49 0.56
C LEU A 81 0.92 3.87 0.27
N LYS A 82 1.52 4.59 -0.66
CA LYS A 82 1.04 5.93 -0.98
C LYS A 82 0.96 6.15 -2.48
N VAL A 83 -0.23 6.50 -2.95
CA VAL A 83 -0.45 6.75 -4.37
C VAL A 83 -0.85 8.20 -4.58
N GLU A 84 -0.31 8.82 -5.62
CA GLU A 84 -0.61 10.22 -5.94
C GLU A 84 -1.66 10.27 -7.04
N ARG A 85 -1.59 11.33 -7.86
CA ARG A 85 -2.53 11.46 -8.97
C ARG A 85 -2.25 10.36 -9.99
N ASP A 86 -1.10 10.44 -10.65
CA ASP A 86 -0.72 9.46 -11.66
C ASP A 86 0.61 8.79 -11.33
N THR A 87 1.05 8.91 -10.07
CA THR A 87 2.31 8.30 -9.63
C THR A 87 2.07 7.38 -8.44
N VAL A 88 3.05 6.54 -8.11
CA VAL A 88 2.91 5.62 -6.98
C VAL A 88 4.20 5.62 -6.16
N THR A 89 4.06 5.80 -4.85
CA THR A 89 5.22 5.83 -3.96
C THR A 89 5.16 4.74 -2.92
N LEU A 90 6.32 4.16 -2.61
CA LEU A 90 6.42 3.08 -1.64
C LEU A 90 7.43 3.42 -0.56
N THR A 91 7.01 3.34 0.70
CA THR A 91 7.94 3.61 1.80
C THR A 91 7.68 2.65 2.95
N GLY A 92 8.73 1.99 3.41
CA GLY A 92 8.61 1.05 4.52
C GLY A 92 9.93 0.84 5.23
N THR A 93 9.90 0.84 6.55
CA THR A 93 11.12 0.62 7.33
C THR A 93 11.55 -0.83 7.18
N ALA A 94 12.74 -1.05 6.64
CA ALA A 94 13.25 -2.40 6.43
C ALA A 94 14.68 -2.53 6.95
N PRO A 95 14.85 -2.76 8.23
CA PRO A 95 16.21 -2.93 8.84
C PRO A 95 17.07 -3.96 8.11
N SER A 96 16.49 -4.59 7.08
CA SER A 96 17.23 -5.60 6.32
C SER A 96 17.96 -4.95 5.14
N SER A 97 17.92 -5.61 3.99
CA SER A 97 18.59 -5.10 2.80
C SER A 97 17.81 -5.49 1.53
N GLU A 98 18.44 -6.31 0.69
CA GLU A 98 17.80 -6.74 -0.55
C GLU A 98 16.38 -7.25 -0.29
N HIS A 99 16.13 -7.64 0.95
CA HIS A 99 14.80 -8.14 1.32
C HIS A 99 13.74 -7.07 1.10
N LYS A 100 14.17 -5.82 1.10
CA LYS A 100 13.27 -4.69 0.92
C LYS A 100 12.98 -4.46 -0.58
N ASP A 101 13.91 -4.89 -1.43
CA ASP A 101 13.75 -4.71 -2.86
C ASP A 101 12.63 -5.57 -3.42
N ALA A 102 12.47 -6.78 -2.89
CA ALA A 102 11.43 -7.68 -3.37
C ALA A 102 10.07 -6.99 -3.39
N VAL A 103 9.88 -6.02 -2.51
CA VAL A 103 8.61 -5.30 -2.45
C VAL A 103 8.44 -4.37 -3.65
N LYS A 104 9.52 -3.71 -4.04
CA LYS A 104 9.48 -2.78 -5.16
C LYS A 104 9.20 -3.51 -6.47
N ARG A 105 9.90 -4.62 -6.68
CA ARG A 105 9.72 -5.41 -7.89
C ARG A 105 8.28 -5.90 -8.02
N ALA A 106 7.71 -6.34 -6.90
CA ALA A 106 6.34 -6.84 -6.91
C ALA A 106 5.37 -5.77 -7.43
N ALA A 107 5.63 -4.52 -7.08
CA ALA A 107 4.77 -3.43 -7.51
C ALA A 107 4.97 -3.11 -8.99
N THR A 108 6.23 -3.04 -9.43
CA THR A 108 6.54 -2.74 -10.83
C THR A 108 5.75 -3.65 -11.77
N SER A 109 5.77 -4.95 -11.49
CA SER A 109 5.06 -5.91 -12.33
C SER A 109 3.55 -5.69 -12.28
N THR A 110 3.06 -5.14 -11.17
CA THR A 110 1.62 -4.91 -11.02
C THR A 110 1.20 -3.54 -11.53
N TRP A 111 2.09 -2.56 -11.44
CA TRP A 111 1.77 -1.21 -11.88
C TRP A 111 2.94 -0.65 -12.69
N PRO A 112 3.21 -1.24 -13.84
CA PRO A 112 4.34 -0.82 -14.71
C PRO A 112 4.09 0.49 -15.47
N ASP A 113 2.85 0.74 -15.90
CA ASP A 113 2.55 1.96 -16.65
C ASP A 113 2.46 3.16 -15.71
N MET A 114 2.60 2.91 -14.41
CA MET A 114 2.54 3.97 -13.42
C MET A 114 3.90 4.15 -12.76
N LYS A 115 4.34 5.40 -12.64
CA LYS A 115 5.64 5.66 -12.02
C LYS A 115 5.67 5.14 -10.59
N ILE A 116 6.66 4.29 -10.32
CA ILE A 116 6.82 3.72 -8.99
C ILE A 116 8.13 4.19 -8.36
N VAL A 117 8.03 4.83 -7.19
CA VAL A 117 9.22 5.29 -6.49
C VAL A 117 9.27 4.63 -5.12
N ASN A 118 10.13 3.62 -4.99
CA ASN A 118 10.28 2.89 -3.74
C ASN A 118 11.59 3.27 -3.08
N ASN A 119 11.52 4.21 -2.15
CA ASN A 119 12.72 4.66 -1.46
C ASN A 119 12.70 4.26 0.01
N ILE A 120 13.20 3.06 0.30
CA ILE A 120 13.27 2.54 1.65
C ILE A 120 14.63 2.87 2.25
N GLU A 121 14.68 3.08 3.56
CA GLU A 121 15.94 3.39 4.22
C GLU A 121 16.02 2.65 5.55
N VAL A 122 17.19 2.10 5.85
CA VAL A 122 17.36 1.36 7.09
C VAL A 122 17.46 2.31 8.29
N THR A 123 16.49 2.22 9.19
CA THR A 123 16.47 3.08 10.36
C THR A 123 17.77 2.94 11.16
N GLY A 124 18.56 4.00 11.19
CA GLY A 124 19.82 3.99 11.91
C GLY A 124 20.35 5.39 12.13
N GLN A 125 20.50 6.13 11.02
CA GLN A 125 21.00 7.50 11.10
C GLN A 125 20.15 8.33 12.06
N ALA A 126 20.28 9.65 11.99
CA ALA A 126 19.51 10.53 12.85
C ALA A 126 18.02 10.23 12.73
N PRO A 127 17.24 10.64 13.68
CA PRO A 127 15.76 10.41 13.68
C PRO A 127 15.05 11.27 12.64
N PRO A 128 13.84 10.90 12.26
CA PRO A 128 13.05 11.67 11.27
C PRO A 128 13.17 13.18 11.46
N GLY A 129 13.56 13.89 10.40
CA GLY A 129 13.70 15.33 10.48
C GLY A 129 12.36 16.03 10.29
N PRO A 130 12.37 17.33 10.12
CA PRO A 130 11.11 18.12 9.93
C PRO A 130 10.26 17.62 8.75
N PRO A 131 10.86 17.34 7.62
CA PRO A 131 10.12 16.86 6.44
C PRO A 131 9.88 15.35 6.47
N GLY A 1 -11.26 2.96 -22.83
CA GLY A 1 -9.89 3.50 -22.67
C GLY A 1 -9.09 2.61 -21.74
N ALA A 2 -7.90 2.20 -22.19
CA ALA A 2 -7.05 1.33 -21.39
C ALA A 2 -6.33 2.14 -20.31
N SER A 3 -6.24 3.46 -20.52
CA SER A 3 -5.58 4.32 -19.56
C SER A 3 -6.54 4.74 -18.45
N ALA A 4 -6.08 5.64 -17.59
CA ALA A 4 -6.91 6.12 -16.48
C ALA A 4 -7.94 7.10 -16.99
N LEU A 5 -9.21 6.84 -16.68
CA LEU A 5 -10.28 7.72 -17.11
C LEU A 5 -10.32 8.99 -16.27
N SER A 6 -10.16 8.82 -14.96
CA SER A 6 -10.16 9.96 -14.04
C SER A 6 -8.88 9.96 -13.20
N LEU A 7 -8.93 10.65 -12.07
CA LEU A 7 -7.78 10.72 -11.19
C LEU A 7 -8.16 11.03 -9.74
N SER A 8 -7.43 10.43 -8.83
CA SER A 8 -7.63 10.62 -7.39
C SER A 8 -6.36 10.17 -6.67
N LEU A 9 -6.27 10.41 -5.36
CA LEU A 9 -5.09 9.99 -4.60
C LEU A 9 -5.50 8.91 -3.60
N LEU A 10 -4.51 8.14 -3.13
CA LEU A 10 -4.79 7.08 -2.15
C LEU A 10 -3.78 7.13 -1.02
N SER A 11 -4.21 6.78 0.19
CA SER A 11 -3.33 6.79 1.35
C SER A 11 -3.57 5.57 2.23
N ILE A 12 -2.53 4.78 2.46
CA ILE A 12 -2.65 3.58 3.29
C ILE A 12 -1.51 3.49 4.30
N SER A 13 -1.89 3.23 5.55
CA SER A 13 -0.91 3.11 6.63
C SER A 13 -1.13 1.83 7.42
N ARG A 14 -0.04 1.09 7.64
CA ARG A 14 -0.11 -0.16 8.39
C ARG A 14 1.04 -0.23 9.40
N SER A 15 0.69 -0.16 10.68
CA SER A 15 1.67 -0.21 11.76
C SER A 15 1.59 -1.52 12.52
N GLY A 16 0.44 -2.21 12.39
CA GLY A 16 0.25 -3.49 13.07
C GLY A 16 -1.03 -3.45 13.91
N ASN A 17 -0.91 -2.95 15.13
CA ASN A 17 -2.06 -2.86 16.02
C ASN A 17 -3.29 -2.37 15.26
N THR A 18 -3.27 -1.10 14.88
CA THR A 18 -4.38 -0.52 14.14
C THR A 18 -3.97 -0.26 12.69
N VAL A 19 -4.95 -0.21 11.79
CA VAL A 19 -4.68 0.04 10.37
C VAL A 19 -5.50 1.23 9.89
N THR A 20 -4.87 2.12 9.12
CA THR A 20 -5.56 3.31 8.61
C THR A 20 -5.55 3.36 7.09
N LEU A 21 -6.74 3.30 6.49
CA LEU A 21 -6.86 3.36 5.04
C LEU A 21 -7.98 4.32 4.66
N ILE A 22 -7.62 5.36 3.91
CA ILE A 22 -8.58 6.37 3.49
C ILE A 22 -8.47 6.67 2.00
N GLY A 23 -9.57 7.10 1.40
CA GLY A 23 -9.59 7.44 -0.02
C GLY A 23 -10.94 7.12 -0.65
N ASP A 24 -10.93 6.86 -1.95
CA ASP A 24 -12.15 6.56 -2.68
C ASP A 24 -11.94 5.38 -3.62
N PHE A 25 -12.92 4.47 -3.66
CA PHE A 25 -12.83 3.29 -4.52
C PHE A 25 -13.89 3.37 -5.62
N PRO A 26 -13.72 2.63 -6.69
CA PRO A 26 -14.71 2.62 -7.81
C PRO A 26 -15.95 1.80 -7.45
N ASP A 27 -15.71 0.65 -6.83
CA ASP A 27 -16.79 -0.22 -6.42
C ASP A 27 -16.55 -0.75 -5.02
N GLU A 28 -17.44 -1.63 -4.55
CA GLU A 28 -17.31 -2.20 -3.22
C GLU A 28 -16.67 -3.58 -3.28
N ALA A 29 -16.93 -4.31 -4.37
CA ALA A 29 -16.36 -5.64 -4.52
C ALA A 29 -14.84 -5.57 -4.55
N ALA A 30 -14.33 -4.43 -4.99
CA ALA A 30 -12.89 -4.20 -5.06
C ALA A 30 -12.23 -4.48 -3.71
N LYS A 31 -13.02 -4.32 -2.65
CA LYS A 31 -12.51 -4.57 -1.30
C LYS A 31 -12.20 -6.05 -1.10
N ALA A 32 -13.01 -6.91 -1.70
CA ALA A 32 -12.83 -8.35 -1.56
C ALA A 32 -11.46 -8.80 -2.06
N ALA A 33 -10.98 -8.20 -3.16
CA ALA A 33 -9.68 -8.57 -3.71
C ALA A 33 -8.56 -8.16 -2.77
N LEU A 34 -8.69 -7.00 -2.15
CA LEU A 34 -7.67 -6.54 -1.22
C LEU A 34 -7.82 -7.26 0.12
N MET A 35 -9.04 -7.31 0.62
CA MET A 35 -9.30 -7.96 1.89
C MET A 35 -8.55 -9.29 1.95
N THR A 36 -8.62 -10.07 0.88
CA THR A 36 -7.94 -11.36 0.84
C THR A 36 -6.50 -11.22 1.34
N ALA A 37 -5.95 -10.02 1.23
CA ALA A 37 -4.60 -9.76 1.70
C ALA A 37 -4.60 -9.52 3.20
N LEU A 38 -5.66 -8.89 3.70
CA LEU A 38 -5.78 -8.63 5.13
C LEU A 38 -5.80 -9.94 5.91
N ASN A 39 -6.56 -10.91 5.40
CA ASN A 39 -6.67 -12.21 6.04
C ASN A 39 -5.31 -12.69 6.51
N GLY A 40 -4.25 -12.13 5.94
CA GLY A 40 -2.89 -12.51 6.31
C GLY A 40 -2.41 -11.73 7.53
N LEU A 41 -2.85 -10.49 7.66
CA LEU A 41 -2.46 -9.65 8.77
C LEU A 41 -3.45 -9.79 9.92
N LEU A 42 -4.69 -10.11 9.58
CA LEU A 42 -5.73 -10.27 10.59
C LEU A 42 -5.18 -10.97 11.83
N ALA A 43 -5.03 -10.21 12.92
CA ALA A 43 -4.52 -10.75 14.16
C ALA A 43 -5.59 -10.65 15.26
N PRO A 44 -5.42 -11.38 16.33
CA PRO A 44 -6.39 -11.38 17.46
C PRO A 44 -6.36 -10.07 18.24
N GLY A 45 -7.49 -9.36 18.24
CA GLY A 45 -7.59 -8.09 18.95
C GLY A 45 -7.15 -6.92 18.07
N VAL A 46 -6.92 -7.20 16.80
CA VAL A 46 -6.50 -6.16 15.87
C VAL A 46 -7.69 -5.30 15.44
N ASN A 47 -7.50 -3.99 15.49
CA ASN A 47 -8.57 -3.07 15.10
C ASN A 47 -8.29 -2.51 13.70
N VAL A 48 -9.34 -2.40 12.89
CA VAL A 48 -9.19 -1.88 11.54
C VAL A 48 -10.01 -0.61 11.37
N ILE A 49 -9.43 0.38 10.69
CA ILE A 49 -10.12 1.64 10.46
C ILE A 49 -9.95 2.06 9.01
N ASP A 50 -10.73 1.45 8.13
CA ASP A 50 -10.67 1.76 6.71
C ASP A 50 -11.99 2.33 6.23
N GLN A 51 -11.98 3.59 5.79
CA GLN A 51 -13.19 4.23 5.31
C GLN A 51 -13.01 4.71 3.89
N ILE A 52 -13.62 3.99 2.95
CA ILE A 52 -13.52 4.33 1.54
C ILE A 52 -14.91 4.59 0.95
N HIS A 53 -14.98 5.57 0.07
CA HIS A 53 -16.25 5.93 -0.57
C HIS A 53 -16.29 5.42 -2.00
N VAL A 54 -17.50 5.16 -2.49
CA VAL A 54 -17.68 4.69 -3.86
C VAL A 54 -17.81 5.88 -4.81
N ASP A 55 -17.26 5.75 -6.01
CA ASP A 55 -17.34 6.83 -6.99
C ASP A 55 -17.09 6.30 -8.40
N PRO A 56 -18.07 5.70 -9.00
CA PRO A 56 -17.95 5.12 -10.38
C PRO A 56 -17.40 6.13 -11.40
N VAL A 57 -17.04 7.33 -10.96
CA VAL A 57 -16.51 8.35 -11.88
C VAL A 57 -15.01 8.54 -11.68
N VAL A 58 -14.58 8.67 -10.43
CA VAL A 58 -13.15 8.84 -10.14
C VAL A 58 -12.42 7.56 -10.52
N ARG A 59 -11.16 7.43 -10.11
CA ARG A 59 -10.41 6.22 -10.44
C ARG A 59 -9.48 5.87 -9.28
N SER A 60 -9.18 4.58 -9.15
CA SER A 60 -8.31 4.12 -8.07
C SER A 60 -7.28 3.12 -8.59
N LEU A 61 -6.27 2.86 -7.77
CA LEU A 61 -5.23 1.91 -8.15
C LEU A 61 -5.84 0.53 -8.37
N ASP A 62 -5.30 -0.19 -9.35
CA ASP A 62 -5.78 -1.54 -9.63
C ASP A 62 -5.06 -2.52 -8.72
N PHE A 63 -5.73 -2.89 -7.62
CA PHE A 63 -5.12 -3.81 -6.65
C PHE A 63 -5.45 -5.26 -6.97
N SER A 64 -6.14 -5.51 -8.09
CA SER A 64 -6.49 -6.87 -8.45
C SER A 64 -5.31 -7.81 -8.20
N SER A 65 -4.10 -7.27 -8.34
CA SER A 65 -2.88 -8.04 -8.13
C SER A 65 -2.11 -7.49 -6.92
N ALA A 66 -2.85 -7.03 -5.92
CA ALA A 66 -2.20 -6.54 -4.72
C ALA A 66 -1.89 -7.72 -3.83
N GLU A 67 -2.61 -8.82 -4.04
CA GLU A 67 -2.37 -10.01 -3.28
C GLU A 67 -0.88 -10.36 -3.32
N PRO A 68 -0.30 -10.62 -4.48
CA PRO A 68 1.16 -10.92 -4.59
C PRO A 68 2.01 -9.79 -4.04
N VAL A 69 1.62 -8.54 -4.31
CA VAL A 69 2.41 -7.41 -3.82
C VAL A 69 2.25 -7.28 -2.30
N PHE A 70 1.04 -6.93 -1.87
CA PHE A 70 0.78 -6.75 -0.45
C PHE A 70 1.31 -7.94 0.35
N THR A 71 1.15 -9.14 -0.18
CA THR A 71 1.64 -10.33 0.52
C THR A 71 3.16 -10.28 0.64
N ALA A 72 3.80 -9.62 -0.33
CA ALA A 72 5.25 -9.50 -0.32
C ALA A 72 5.69 -8.54 0.78
N SER A 73 4.72 -7.75 1.27
CA SER A 73 5.00 -6.79 2.33
C SER A 73 4.32 -7.20 3.64
N VAL A 74 3.66 -8.36 3.62
CA VAL A 74 2.98 -8.84 4.82
C VAL A 74 3.93 -8.96 6.02
N PRO A 75 5.08 -9.58 5.88
CA PRO A 75 6.02 -9.71 7.03
C PRO A 75 6.55 -8.36 7.52
N ILE A 76 5.85 -7.29 7.15
CA ILE A 76 6.24 -5.96 7.56
C ILE A 76 4.99 -5.13 7.87
N PRO A 77 4.49 -5.19 9.08
CA PRO A 77 3.27 -4.44 9.47
C PRO A 77 3.55 -2.96 9.73
N ASP A 78 4.73 -2.51 9.29
CA ASP A 78 5.15 -1.13 9.47
C ASP A 78 5.43 -0.50 8.12
N PHE A 79 4.70 -0.95 7.10
CA PHE A 79 4.90 -0.46 5.74
C PHE A 79 3.85 0.58 5.35
N GLY A 80 4.22 1.44 4.42
CA GLY A 80 3.32 2.49 3.94
C GLY A 80 3.15 2.41 2.42
N LEU A 81 1.93 2.66 1.96
CA LEU A 81 1.64 2.64 0.53
C LEU A 81 0.91 3.91 0.15
N LYS A 82 1.45 4.67 -0.79
CA LYS A 82 0.84 5.92 -1.20
C LYS A 82 0.79 6.03 -2.71
N VAL A 83 -0.39 6.32 -3.23
CA VAL A 83 -0.57 6.49 -4.66
C VAL A 83 -1.01 7.91 -4.94
N GLU A 84 -0.45 8.53 -5.97
CA GLU A 84 -0.79 9.89 -6.32
C GLU A 84 -1.79 9.91 -7.46
N ARG A 85 -1.72 10.96 -8.27
CA ARG A 85 -2.60 11.08 -9.42
C ARG A 85 -2.16 10.08 -10.49
N ASP A 86 -0.97 10.31 -11.05
CA ASP A 86 -0.44 9.44 -12.10
C ASP A 86 0.88 8.81 -11.68
N THR A 87 1.24 8.95 -10.40
CA THR A 87 2.50 8.39 -9.90
C THR A 87 2.23 7.54 -8.65
N VAL A 88 3.17 6.66 -8.30
CA VAL A 88 3.00 5.81 -7.11
C VAL A 88 4.30 5.75 -6.31
N THR A 89 4.20 6.03 -5.01
CA THR A 89 5.37 6.02 -4.14
C THR A 89 5.30 4.88 -3.12
N LEU A 90 6.46 4.32 -2.78
CA LEU A 90 6.53 3.21 -1.83
C LEU A 90 7.55 3.51 -0.71
N THR A 91 7.11 3.45 0.53
CA THR A 91 8.01 3.70 1.65
C THR A 91 7.69 2.79 2.82
N GLY A 92 8.71 2.11 3.34
CA GLY A 92 8.51 1.22 4.47
C GLY A 92 9.79 0.98 5.26
N THR A 93 9.66 0.91 6.57
CA THR A 93 10.81 0.69 7.43
C THR A 93 11.29 -0.75 7.29
N ALA A 94 12.52 -0.92 6.81
CA ALA A 94 13.08 -2.26 6.62
C ALA A 94 14.50 -2.32 7.16
N PRO A 95 14.68 -2.58 8.43
CA PRO A 95 16.04 -2.67 9.06
C PRO A 95 16.97 -3.60 8.30
N SER A 96 16.48 -4.21 7.23
CA SER A 96 17.29 -5.12 6.43
C SER A 96 17.87 -4.40 5.22
N SER A 97 17.64 -4.94 4.03
CA SER A 97 18.14 -4.34 2.80
C SER A 97 17.41 -4.91 1.59
N GLU A 98 18.00 -5.95 0.99
CA GLU A 98 17.40 -6.57 -0.19
C GLU A 98 15.90 -6.81 0.04
N HIS A 99 15.52 -6.84 1.31
CA HIS A 99 14.11 -7.06 1.66
C HIS A 99 13.21 -6.19 0.81
N LYS A 100 13.73 -5.08 0.31
CA LYS A 100 12.95 -4.16 -0.52
C LYS A 100 12.90 -4.65 -1.96
N ASP A 101 13.91 -5.40 -2.37
CA ASP A 101 13.99 -5.91 -3.73
C ASP A 101 12.70 -6.65 -4.12
N ALA A 102 12.35 -7.68 -3.35
CA ALA A 102 11.16 -8.47 -3.65
C ALA A 102 9.91 -7.59 -3.65
N VAL A 103 9.80 -6.72 -2.65
CA VAL A 103 8.64 -5.84 -2.55
C VAL A 103 8.57 -4.91 -3.76
N LYS A 104 9.70 -4.32 -4.12
CA LYS A 104 9.75 -3.41 -5.25
C LYS A 104 9.50 -4.15 -6.56
N ARG A 105 10.18 -5.28 -6.73
CA ARG A 105 10.02 -6.08 -7.93
C ARG A 105 8.57 -6.49 -8.11
N ALA A 106 7.93 -6.89 -7.02
CA ALA A 106 6.54 -7.31 -7.06
C ALA A 106 5.62 -6.12 -7.38
N ALA A 107 5.88 -5.00 -6.72
CA ALA A 107 5.07 -3.80 -6.93
C ALA A 107 5.27 -3.25 -8.34
N THR A 108 6.53 -3.14 -8.75
CA THR A 108 6.85 -2.63 -10.08
C THR A 108 6.15 -3.43 -11.17
N SER A 109 6.20 -4.75 -11.06
CA SER A 109 5.57 -5.63 -12.03
C SER A 109 4.06 -5.41 -12.06
N THR A 110 3.53 -4.93 -10.95
CA THR A 110 2.10 -4.67 -10.85
C THR A 110 1.75 -3.29 -11.38
N TRP A 111 2.70 -2.37 -11.29
CA TRP A 111 2.49 -1.01 -11.75
C TRP A 111 3.74 -0.53 -12.48
N PRO A 112 4.04 -1.12 -13.60
CA PRO A 112 5.25 -0.78 -14.41
C PRO A 112 5.11 0.49 -15.25
N ASP A 113 3.92 0.77 -15.76
CA ASP A 113 3.73 1.97 -16.58
C ASP A 113 3.53 3.20 -15.72
N MET A 114 3.55 3.01 -14.40
CA MET A 114 3.37 4.13 -13.47
C MET A 114 4.65 4.38 -12.70
N LYS A 115 5.08 5.64 -12.68
CA LYS A 115 6.31 6.00 -11.98
C LYS A 115 6.31 5.40 -10.57
N ILE A 116 7.20 4.44 -10.34
CA ILE A 116 7.31 3.78 -9.05
C ILE A 116 8.65 4.10 -8.40
N VAL A 117 8.62 4.75 -7.24
CA VAL A 117 9.85 5.08 -6.53
C VAL A 117 9.79 4.58 -5.10
N ASN A 118 10.50 3.48 -4.86
CA ASN A 118 10.52 2.88 -3.53
C ASN A 118 11.73 3.36 -2.76
N ASN A 119 11.51 4.26 -1.80
CA ASN A 119 12.60 4.79 -1.01
C ASN A 119 12.47 4.45 0.48
N ILE A 120 13.00 3.29 0.85
CA ILE A 120 12.98 2.81 2.22
C ILE A 120 14.31 3.14 2.87
N GLU A 121 14.32 3.39 4.18
CA GLU A 121 15.57 3.68 4.88
C GLU A 121 15.92 2.48 5.75
N VAL A 122 17.17 2.40 6.21
CA VAL A 122 17.58 1.27 7.04
C VAL A 122 17.99 1.75 8.43
N THR A 123 17.32 1.22 9.46
CA THR A 123 17.63 1.59 10.83
C THR A 123 19.05 1.19 11.20
N GLY A 124 19.91 2.18 11.39
CA GLY A 124 21.30 1.92 11.74
C GLY A 124 22.00 3.19 12.22
N GLN A 125 22.20 4.12 11.31
CA GLN A 125 22.87 5.38 11.65
C GLN A 125 22.21 6.00 12.88
N ALA A 126 20.95 5.67 13.11
CA ALA A 126 20.23 6.19 14.26
C ALA A 126 20.67 5.49 15.54
N PRO A 127 20.40 6.07 16.68
CA PRO A 127 20.79 5.47 17.99
C PRO A 127 19.93 4.26 18.34
N PRO A 128 20.38 3.44 19.26
CA PRO A 128 19.62 2.23 19.69
C PRO A 128 18.12 2.51 19.81
N GLY A 129 17.36 2.09 18.80
CA GLY A 129 15.92 2.30 18.82
C GLY A 129 15.19 1.10 19.44
N PRO A 130 13.89 1.15 19.48
CA PRO A 130 13.07 0.05 20.06
C PRO A 130 13.48 -1.32 19.52
N PRO A 131 13.17 -2.39 20.22
CA PRO A 131 13.53 -3.77 19.78
C PRO A 131 12.72 -4.22 18.57
N GLY A 1 -14.72 10.51 -21.79
CA GLY A 1 -14.76 11.93 -21.32
C GLY A 1 -15.54 12.02 -20.02
N ALA A 2 -15.41 10.99 -19.18
CA ALA A 2 -16.10 10.96 -17.90
C ALA A 2 -15.91 12.28 -17.16
N SER A 3 -14.67 12.54 -16.74
CA SER A 3 -14.36 13.77 -16.03
C SER A 3 -12.89 14.15 -16.21
N ALA A 4 -12.65 15.40 -16.56
CA ALA A 4 -11.29 15.88 -16.77
C ALA A 4 -10.77 16.60 -15.52
N LEU A 5 -9.47 16.52 -15.30
CA LEU A 5 -8.86 17.17 -14.14
C LEU A 5 -9.62 16.80 -12.88
N SER A 6 -9.24 15.68 -12.27
CA SER A 6 -9.89 15.23 -11.04
C SER A 6 -8.88 14.61 -10.09
N LEU A 7 -9.26 14.48 -8.82
CA LEU A 7 -8.37 13.90 -7.82
C LEU A 7 -8.63 12.41 -7.69
N SER A 8 -7.56 11.64 -7.51
CA SER A 8 -7.71 10.20 -7.33
C SER A 8 -6.43 9.60 -6.73
N LEU A 9 -6.35 9.57 -5.40
CA LEU A 9 -5.17 9.03 -4.73
C LEU A 9 -5.57 8.08 -3.61
N LEU A 10 -4.64 7.23 -3.19
CA LEU A 10 -4.89 6.29 -2.11
C LEU A 10 -3.84 6.43 -1.02
N SER A 11 -4.23 6.18 0.22
CA SER A 11 -3.31 6.29 1.33
C SER A 11 -3.46 5.10 2.29
N ILE A 12 -2.36 4.40 2.52
CA ILE A 12 -2.39 3.25 3.42
C ILE A 12 -1.14 3.22 4.30
N SER A 13 -1.35 3.27 5.60
CA SER A 13 -0.26 3.24 6.56
C SER A 13 -0.41 2.07 7.51
N ARG A 14 0.69 1.38 7.77
CA ARG A 14 0.66 0.23 8.68
C ARG A 14 1.92 0.20 9.52
N SER A 15 1.75 0.46 10.82
CA SER A 15 2.87 0.48 11.76
C SER A 15 2.36 0.56 13.19
N GLY A 16 1.38 -0.29 13.51
CA GLY A 16 0.80 -0.32 14.85
C GLY A 16 -0.30 -1.36 14.93
N ASN A 17 -0.68 -1.70 16.16
CA ASN A 17 -1.72 -2.70 16.37
C ASN A 17 -2.95 -2.39 15.51
N THR A 18 -3.10 -1.12 15.14
CA THR A 18 -4.22 -0.69 14.32
C THR A 18 -3.75 -0.27 12.94
N VAL A 19 -4.67 -0.33 11.96
CA VAL A 19 -4.34 0.05 10.59
C VAL A 19 -5.23 1.21 10.14
N THR A 20 -4.65 2.13 9.37
CA THR A 20 -5.39 3.29 8.87
C THR A 20 -5.44 3.31 7.35
N LEU A 21 -6.66 3.18 6.81
CA LEU A 21 -6.84 3.18 5.36
C LEU A 21 -7.89 4.21 4.95
N ILE A 22 -7.56 5.00 3.94
CA ILE A 22 -8.47 6.03 3.45
C ILE A 22 -8.26 6.31 1.96
N GLY A 23 -9.36 6.27 1.21
CA GLY A 23 -9.30 6.50 -0.23
C GLY A 23 -10.67 6.34 -0.87
N ASP A 24 -10.68 6.18 -2.19
CA ASP A 24 -11.93 6.01 -2.92
C ASP A 24 -11.84 4.82 -3.88
N PHE A 25 -12.84 3.94 -3.82
CA PHE A 25 -12.86 2.75 -4.67
C PHE A 25 -13.92 2.91 -5.77
N PRO A 26 -13.76 2.23 -6.89
CA PRO A 26 -14.75 2.32 -7.99
C PRO A 26 -15.99 1.48 -7.70
N ASP A 27 -15.78 0.28 -7.16
CA ASP A 27 -16.88 -0.61 -6.82
C ASP A 27 -16.71 -1.15 -5.41
N GLU A 28 -17.65 -1.97 -4.96
CA GLU A 28 -17.60 -2.53 -3.62
C GLU A 28 -16.92 -3.90 -3.62
N ALA A 29 -17.17 -4.70 -4.66
CA ALA A 29 -16.57 -6.02 -4.76
C ALA A 29 -15.04 -5.91 -4.80
N ALA A 30 -14.57 -4.76 -5.26
CA ALA A 30 -13.14 -4.52 -5.35
C ALA A 30 -12.47 -4.73 -3.99
N LYS A 31 -13.22 -4.44 -2.93
CA LYS A 31 -12.68 -4.62 -1.58
C LYS A 31 -12.34 -6.08 -1.34
N ALA A 32 -13.16 -6.98 -1.89
CA ALA A 32 -12.93 -8.41 -1.72
C ALA A 32 -11.51 -8.82 -2.10
N ALA A 33 -11.04 -8.33 -3.25
CA ALA A 33 -9.70 -8.66 -3.71
C ALA A 33 -8.64 -8.18 -2.73
N LEU A 34 -8.90 -7.04 -2.09
CA LEU A 34 -7.96 -6.50 -1.13
C LEU A 34 -8.12 -7.18 0.22
N MET A 35 -9.37 -7.33 0.64
CA MET A 35 -9.68 -7.97 1.92
C MET A 35 -8.88 -9.26 2.08
N THR A 36 -8.94 -10.13 1.08
CA THR A 36 -8.21 -11.39 1.14
C THR A 36 -6.77 -11.15 1.56
N ALA A 37 -6.27 -9.95 1.30
CA ALA A 37 -4.91 -9.60 1.67
C ALA A 37 -4.83 -9.38 3.17
N LEU A 38 -5.88 -8.77 3.72
CA LEU A 38 -5.94 -8.49 5.16
C LEU A 38 -6.00 -9.81 5.93
N ASN A 39 -6.85 -10.72 5.47
CA ASN A 39 -6.98 -12.02 6.14
C ASN A 39 -5.61 -12.61 6.42
N GLY A 40 -4.58 -12.07 5.76
CA GLY A 40 -3.23 -12.55 5.95
C GLY A 40 -2.55 -11.88 7.15
N LEU A 41 -2.90 -10.62 7.38
CA LEU A 41 -2.31 -9.87 8.50
C LEU A 41 -3.25 -9.89 9.71
N LEU A 42 -4.55 -9.94 9.42
CA LEU A 42 -5.56 -9.96 10.49
C LEU A 42 -5.07 -10.76 11.69
N ALA A 43 -4.97 -10.08 12.83
CA ALA A 43 -4.52 -10.72 14.06
C ALA A 43 -5.64 -10.71 15.11
N PRO A 44 -5.52 -11.50 16.13
CA PRO A 44 -6.53 -11.57 17.22
C PRO A 44 -6.51 -10.32 18.10
N GLY A 45 -7.61 -9.58 18.09
CA GLY A 45 -7.71 -8.37 18.90
C GLY A 45 -7.25 -7.14 18.12
N VAL A 46 -6.83 -7.36 16.87
CA VAL A 46 -6.36 -6.25 16.03
C VAL A 46 -7.52 -5.34 15.65
N ASN A 47 -7.27 -4.04 15.65
CA ASN A 47 -8.29 -3.07 15.30
C ASN A 47 -8.10 -2.57 13.87
N VAL A 48 -9.19 -2.40 13.15
CA VAL A 48 -9.13 -1.92 11.77
C VAL A 48 -10.03 -0.71 11.57
N ILE A 49 -9.53 0.26 10.81
CA ILE A 49 -10.30 1.48 10.54
C ILE A 49 -10.12 1.88 9.09
N ASP A 50 -10.85 1.21 8.19
CA ASP A 50 -10.76 1.50 6.77
C ASP A 50 -12.07 2.10 6.26
N GLN A 51 -11.99 3.31 5.70
CA GLN A 51 -13.17 3.98 5.18
C GLN A 51 -12.94 4.40 3.73
N ILE A 52 -13.56 3.69 2.82
CA ILE A 52 -13.44 3.99 1.39
C ILE A 52 -14.81 4.30 0.80
N HIS A 53 -14.86 5.25 -0.12
CA HIS A 53 -16.12 5.63 -0.76
C HIS A 53 -16.21 5.02 -2.15
N VAL A 54 -17.44 4.74 -2.58
CA VAL A 54 -17.67 4.18 -3.90
C VAL A 54 -17.84 5.29 -4.94
N ASP A 55 -17.33 5.05 -6.14
CA ASP A 55 -17.43 6.04 -7.21
C ASP A 55 -17.57 5.35 -8.56
N PRO A 56 -18.06 6.05 -9.57
CA PRO A 56 -18.23 5.48 -10.93
C PRO A 56 -17.06 4.58 -11.32
N VAL A 57 -15.92 5.18 -11.63
CA VAL A 57 -14.73 4.42 -12.01
C VAL A 57 -13.49 5.24 -11.71
N VAL A 58 -13.39 5.68 -10.45
CA VAL A 58 -12.25 6.50 -10.04
C VAL A 58 -10.93 5.83 -10.42
N ARG A 59 -10.09 6.60 -11.12
CA ARG A 59 -8.81 6.07 -11.57
C ARG A 59 -7.89 5.83 -10.37
N SER A 60 -7.81 4.57 -9.98
CA SER A 60 -6.98 4.17 -8.85
C SER A 60 -6.17 2.93 -9.21
N LEU A 61 -5.35 2.48 -8.27
CA LEU A 61 -4.53 1.30 -8.50
C LEU A 61 -5.39 0.05 -8.58
N ASP A 62 -5.15 -0.76 -9.59
CA ASP A 62 -5.93 -1.99 -9.78
C ASP A 62 -5.65 -2.99 -8.67
N PHE A 63 -6.46 -2.94 -7.62
CA PHE A 63 -6.30 -3.84 -6.48
C PHE A 63 -6.43 -5.30 -6.92
N SER A 64 -7.00 -5.53 -8.09
CA SER A 64 -7.18 -6.89 -8.58
C SER A 64 -5.94 -7.74 -8.29
N SER A 65 -4.77 -7.10 -8.36
CA SER A 65 -3.50 -7.78 -8.11
C SER A 65 -2.75 -7.10 -6.96
N ALA A 66 -3.49 -6.59 -5.98
CA ALA A 66 -2.86 -5.97 -4.84
C ALA A 66 -2.47 -7.07 -3.86
N GLU A 67 -3.17 -8.19 -3.97
CA GLU A 67 -2.86 -9.32 -3.11
C GLU A 67 -1.39 -9.67 -3.28
N PRO A 68 -0.98 -10.09 -4.46
CA PRO A 68 0.44 -10.44 -4.72
C PRO A 68 1.38 -9.33 -4.26
N VAL A 69 0.99 -8.07 -4.47
CA VAL A 69 1.84 -6.96 -4.03
C VAL A 69 1.78 -6.81 -2.50
N PHE A 70 0.61 -6.43 -2.01
CA PHE A 70 0.42 -6.25 -0.57
C PHE A 70 0.98 -7.46 0.18
N THR A 71 0.81 -8.65 -0.39
CA THR A 71 1.33 -9.87 0.24
C THR A 71 2.85 -9.83 0.28
N ALA A 72 3.44 -9.16 -0.70
CA ALA A 72 4.88 -9.05 -0.77
C ALA A 72 5.37 -8.13 0.34
N SER A 73 4.45 -7.35 0.88
CA SER A 73 4.77 -6.42 1.97
C SER A 73 4.10 -6.84 3.27
N VAL A 74 3.45 -8.01 3.25
CA VAL A 74 2.76 -8.50 4.44
C VAL A 74 3.73 -8.80 5.59
N PRO A 75 4.88 -9.39 5.34
CA PRO A 75 5.84 -9.70 6.43
C PRO A 75 6.51 -8.44 6.97
N ILE A 76 5.87 -7.30 6.69
CA ILE A 76 6.37 -6.01 7.15
C ILE A 76 5.21 -5.14 7.65
N PRO A 77 4.80 -5.29 8.88
CA PRO A 77 3.66 -4.51 9.44
C PRO A 77 4.05 -3.07 9.73
N ASP A 78 5.22 -2.67 9.27
CA ASP A 78 5.73 -1.31 9.47
C ASP A 78 5.98 -0.70 8.10
N PHE A 79 5.18 -1.10 7.13
CA PHE A 79 5.34 -0.66 5.74
C PHE A 79 4.42 0.51 5.38
N GLY A 80 4.77 1.22 4.31
CA GLY A 80 3.96 2.36 3.86
C GLY A 80 3.73 2.28 2.35
N LEU A 81 2.47 2.48 1.95
CA LEU A 81 2.10 2.46 0.54
C LEU A 81 1.39 3.79 0.25
N LYS A 82 1.91 4.57 -0.70
CA LYS A 82 1.30 5.86 -1.01
C LYS A 82 1.15 6.05 -2.51
N VAL A 83 -0.05 6.45 -2.92
CA VAL A 83 -0.34 6.70 -4.31
C VAL A 83 -0.69 8.17 -4.51
N GLU A 84 -0.14 8.80 -5.53
CA GLU A 84 -0.40 10.20 -5.80
C GLU A 84 -1.47 10.33 -6.88
N ARG A 85 -1.38 11.40 -7.65
CA ARG A 85 -2.32 11.60 -8.75
C ARG A 85 -2.09 10.52 -9.80
N ASP A 86 -0.94 10.57 -10.45
CA ASP A 86 -0.60 9.60 -11.49
C ASP A 86 0.76 8.94 -11.22
N THR A 87 1.23 9.06 -9.97
CA THR A 87 2.51 8.47 -9.58
C THR A 87 2.35 7.68 -8.29
N VAL A 88 3.31 6.80 -7.98
CA VAL A 88 3.24 6.00 -6.75
C VAL A 88 4.59 5.94 -6.05
N THR A 89 4.59 6.24 -4.75
CA THR A 89 5.83 6.21 -3.97
C THR A 89 5.83 5.02 -3.02
N LEU A 90 7.02 4.45 -2.80
CA LEU A 90 7.15 3.28 -1.94
C LEU A 90 8.19 3.51 -0.85
N THR A 91 7.79 3.32 0.41
CA THR A 91 8.75 3.51 1.50
C THR A 91 8.46 2.56 2.65
N GLY A 92 9.50 1.84 3.09
CA GLY A 92 9.34 0.91 4.19
C GLY A 92 10.68 0.65 4.89
N THR A 93 10.67 0.69 6.21
CA THR A 93 11.88 0.45 6.98
C THR A 93 12.24 -1.02 6.90
N ALA A 94 13.45 -1.30 6.43
CA ALA A 94 13.90 -2.68 6.28
C ALA A 94 15.13 -2.97 7.15
N PRO A 95 14.94 -3.44 8.37
CA PRO A 95 16.08 -3.76 9.26
C PRO A 95 17.14 -4.62 8.58
N SER A 96 16.82 -5.07 7.36
CA SER A 96 17.73 -5.91 6.59
C SER A 96 18.28 -5.12 5.40
N SER A 97 17.54 -5.15 4.29
CA SER A 97 17.96 -4.44 3.09
C SER A 97 17.19 -4.92 1.86
N GLU A 98 17.73 -5.94 1.20
CA GLU A 98 17.10 -6.51 0.01
C GLU A 98 15.66 -6.94 0.31
N HIS A 99 15.38 -7.19 1.58
CA HIS A 99 14.04 -7.63 1.98
C HIS A 99 12.96 -6.71 1.40
N LYS A 100 13.30 -5.44 1.18
CA LYS A 100 12.35 -4.49 0.62
C LYS A 100 12.32 -4.60 -0.90
N ASP A 101 13.43 -5.09 -1.47
CA ASP A 101 13.53 -5.23 -2.93
C ASP A 101 12.38 -6.04 -3.50
N ALA A 102 12.20 -7.26 -3.02
CA ALA A 102 11.14 -8.14 -3.52
C ALA A 102 9.80 -7.42 -3.53
N VAL A 103 9.61 -6.47 -2.61
CA VAL A 103 8.36 -5.74 -2.54
C VAL A 103 8.23 -4.75 -3.70
N LYS A 104 9.36 -4.15 -4.09
CA LYS A 104 9.35 -3.18 -5.17
C LYS A 104 9.03 -3.84 -6.50
N ARG A 105 9.69 -4.97 -6.77
CA ARG A 105 9.47 -5.70 -8.01
C ARG A 105 8.01 -6.08 -8.15
N ALA A 106 7.40 -6.48 -7.04
CA ALA A 106 6.00 -6.87 -7.05
C ALA A 106 5.12 -5.73 -7.51
N ALA A 107 5.43 -4.51 -7.07
CA ALA A 107 4.65 -3.34 -7.45
C ALA A 107 4.86 -3.00 -8.93
N THR A 108 6.12 -2.95 -9.36
CA THR A 108 6.43 -2.63 -10.76
C THR A 108 5.62 -3.47 -11.72
N SER A 109 5.62 -4.77 -11.52
CA SER A 109 4.89 -5.68 -12.40
C SER A 109 3.39 -5.40 -12.36
N THR A 110 2.92 -4.86 -11.25
CA THR A 110 1.49 -4.57 -11.10
C THR A 110 1.14 -3.16 -11.58
N TRP A 111 2.08 -2.23 -11.46
CA TRP A 111 1.82 -0.86 -11.89
C TRP A 111 3.02 -0.32 -12.68
N PRO A 112 3.18 -0.78 -13.90
CA PRO A 112 4.30 -0.38 -14.78
C PRO A 112 4.11 0.97 -15.46
N ASP A 113 2.88 1.31 -15.84
CA ASP A 113 2.62 2.59 -16.51
C ASP A 113 2.63 3.73 -15.51
N MET A 114 2.82 3.40 -14.24
CA MET A 114 2.86 4.41 -13.18
C MET A 114 4.24 4.45 -12.57
N LYS A 115 4.75 5.65 -12.30
CA LYS A 115 6.07 5.80 -11.72
C LYS A 115 6.12 5.23 -10.31
N ILE A 116 7.09 4.34 -10.09
CA ILE A 116 7.27 3.73 -8.78
C ILE A 116 8.65 4.07 -8.22
N VAL A 117 8.68 4.74 -7.07
CA VAL A 117 9.97 5.09 -6.45
C VAL A 117 10.05 4.45 -5.08
N ASN A 118 10.82 3.36 -5.00
CA ASN A 118 10.98 2.64 -3.75
C ASN A 118 12.29 3.03 -3.09
N ASN A 119 12.20 3.96 -2.13
CA ASN A 119 13.39 4.43 -1.44
C ASN A 119 13.40 3.99 0.01
N ILE A 120 13.95 2.80 0.27
CA ILE A 120 14.03 2.25 1.61
C ILE A 120 14.75 3.20 2.55
N GLU A 121 14.30 3.23 3.79
CA GLU A 121 14.93 4.08 4.79
C GLU A 121 14.98 3.33 6.11
N VAL A 122 16.17 2.82 6.45
CA VAL A 122 16.33 2.07 7.68
C VAL A 122 16.37 3.01 8.89
N THR A 123 15.35 2.89 9.74
CA THR A 123 15.27 3.73 10.93
C THR A 123 14.95 2.87 12.16
N GLY A 124 15.19 3.43 13.34
CA GLY A 124 14.93 2.72 14.59
C GLY A 124 16.11 1.84 14.96
N GLN A 125 16.64 1.10 13.99
CA GLN A 125 17.77 0.22 14.24
C GLN A 125 17.50 -0.65 15.47
N ALA A 126 18.48 -0.69 16.38
CA ALA A 126 18.34 -1.49 17.59
C ALA A 126 17.50 -0.74 18.62
N PRO A 127 16.94 -1.43 19.57
CA PRO A 127 16.09 -0.81 20.63
C PRO A 127 16.93 0.00 21.63
N PRO A 128 16.31 0.89 22.36
CA PRO A 128 17.02 1.72 23.37
C PRO A 128 18.04 0.91 24.18
N GLY A 129 18.84 1.60 24.98
CA GLY A 129 19.85 0.93 25.80
C GLY A 129 19.87 1.53 27.21
N PRO A 130 18.89 1.22 28.00
CA PRO A 130 18.79 1.72 29.41
C PRO A 130 20.06 1.44 30.20
N PRO A 131 20.29 2.17 31.27
CA PRO A 131 21.51 1.97 32.12
C PRO A 131 21.45 0.66 32.91
N GLY A 1 -21.33 15.19 -17.40
CA GLY A 1 -21.74 14.18 -18.42
C GLY A 1 -21.23 12.81 -18.00
N ALA A 2 -20.23 12.31 -18.72
CA ALA A 2 -19.67 11.00 -18.41
C ALA A 2 -18.33 10.80 -19.13
N SER A 3 -17.27 11.33 -18.53
CA SER A 3 -15.94 11.21 -19.11
C SER A 3 -15.14 10.12 -18.41
N ALA A 4 -14.05 9.69 -19.05
CA ALA A 4 -13.21 8.65 -18.47
C ALA A 4 -12.09 9.26 -17.64
N LEU A 5 -11.65 10.45 -18.03
CA LEU A 5 -10.58 11.13 -17.32
C LEU A 5 -11.03 11.50 -15.91
N SER A 6 -10.30 11.01 -14.91
CA SER A 6 -10.63 11.29 -13.52
C SER A 6 -9.38 11.31 -12.65
N LEU A 7 -9.49 11.89 -11.47
CA LEU A 7 -8.37 11.97 -10.55
C LEU A 7 -8.85 11.82 -9.11
N SER A 8 -8.18 10.96 -8.36
CA SER A 8 -8.55 10.73 -6.97
C SER A 8 -7.37 10.10 -6.22
N LEU A 9 -6.77 10.85 -5.31
CA LEU A 9 -5.61 10.36 -4.56
C LEU A 9 -6.04 9.43 -3.41
N LEU A 10 -5.13 8.55 -3.00
CA LEU A 10 -5.41 7.62 -1.92
C LEU A 10 -4.24 7.57 -0.94
N SER A 11 -4.55 7.18 0.28
CA SER A 11 -3.53 7.07 1.33
C SER A 11 -3.73 5.84 2.19
N ILE A 12 -2.69 5.02 2.32
CA ILE A 12 -2.76 3.81 3.14
C ILE A 12 -1.51 3.67 3.99
N SER A 13 -1.70 3.64 5.31
CA SER A 13 -0.59 3.51 6.24
C SER A 13 -0.82 2.32 7.18
N ARG A 14 0.20 1.50 7.36
CA ARG A 14 0.11 0.35 8.25
C ARG A 14 1.37 0.21 9.07
N SER A 15 1.24 0.44 10.39
CA SER A 15 2.35 0.35 11.31
C SER A 15 1.86 0.45 12.75
N GLY A 16 1.42 -0.69 13.29
CA GLY A 16 0.91 -0.73 14.65
C GLY A 16 -0.25 -1.71 14.76
N ASN A 17 -0.73 -1.92 15.98
CA ASN A 17 -1.84 -2.84 16.21
C ASN A 17 -3.07 -2.39 15.41
N THR A 18 -3.05 -1.15 14.95
CA THR A 18 -4.17 -0.61 14.18
C THR A 18 -3.73 -0.26 12.76
N VAL A 19 -4.68 -0.29 11.83
CA VAL A 19 -4.38 0.04 10.43
C VAL A 19 -5.29 1.17 9.94
N THR A 20 -4.74 2.05 9.11
CA THR A 20 -5.50 3.18 8.59
C THR A 20 -5.43 3.23 7.05
N LEU A 21 -6.57 2.96 6.42
CA LEU A 21 -6.65 2.99 4.96
C LEU A 21 -7.89 3.74 4.50
N ILE A 22 -7.70 4.90 3.89
CA ILE A 22 -8.82 5.71 3.41
C ILE A 22 -8.59 6.12 1.97
N GLY A 23 -9.57 5.89 1.09
CA GLY A 23 -9.43 6.25 -0.32
C GLY A 23 -10.76 6.09 -1.04
N ASP A 24 -10.70 6.04 -2.37
CA ASP A 24 -11.92 5.90 -3.19
C ASP A 24 -11.84 4.65 -4.06
N PHE A 25 -12.81 3.76 -3.89
CA PHE A 25 -12.85 2.52 -4.67
C PHE A 25 -13.91 2.61 -5.78
N PRO A 26 -13.77 1.84 -6.83
CA PRO A 26 -14.75 1.84 -7.95
C PRO A 26 -16.04 1.11 -7.58
N ASP A 27 -15.90 -0.02 -6.90
CA ASP A 27 -17.05 -0.80 -6.48
C ASP A 27 -16.89 -1.25 -5.03
N GLU A 28 -17.85 -2.05 -4.55
CA GLU A 28 -17.79 -2.54 -3.18
C GLU A 28 -17.12 -3.90 -3.10
N ALA A 29 -17.36 -4.75 -4.11
CA ALA A 29 -16.75 -6.08 -4.14
C ALA A 29 -15.24 -5.98 -4.25
N ALA A 30 -14.78 -4.92 -4.90
CA ALA A 30 -13.34 -4.69 -5.07
C ALA A 30 -12.62 -4.78 -3.73
N LYS A 31 -13.31 -4.39 -2.66
CA LYS A 31 -12.73 -4.43 -1.33
C LYS A 31 -12.39 -5.87 -0.95
N ALA A 32 -13.20 -6.81 -1.40
CA ALA A 32 -12.99 -8.21 -1.09
C ALA A 32 -11.63 -8.70 -1.59
N ALA A 33 -11.23 -8.24 -2.78
CA ALA A 33 -9.95 -8.65 -3.34
C ALA A 33 -8.81 -8.17 -2.44
N LEU A 34 -8.98 -6.98 -1.89
CA LEU A 34 -7.97 -6.42 -1.00
C LEU A 34 -8.07 -7.07 0.38
N MET A 35 -9.28 -7.10 0.92
CA MET A 35 -9.50 -7.69 2.23
C MET A 35 -8.84 -9.06 2.32
N THR A 36 -9.05 -9.90 1.31
CA THR A 36 -8.44 -11.22 1.30
C THR A 36 -6.95 -11.11 1.59
N ALA A 37 -6.41 -9.92 1.37
CA ALA A 37 -5.00 -9.67 1.61
C ALA A 37 -4.75 -9.45 3.10
N LEU A 38 -5.67 -8.73 3.74
CA LEU A 38 -5.55 -8.46 5.16
C LEU A 38 -5.49 -9.77 5.95
N ASN A 39 -6.20 -10.78 5.45
CA ASN A 39 -6.21 -12.08 6.10
C ASN A 39 -4.81 -12.47 6.55
N GLY A 40 -3.80 -11.85 5.94
CA GLY A 40 -2.41 -12.15 6.29
C GLY A 40 -1.96 -11.34 7.50
N LEU A 41 -2.49 -10.12 7.64
CA LEU A 41 -2.13 -9.28 8.77
C LEU A 41 -3.12 -9.46 9.92
N LEU A 42 -4.33 -9.92 9.59
CA LEU A 42 -5.36 -10.14 10.60
C LEU A 42 -4.75 -10.76 11.85
N ALA A 43 -4.65 -9.96 12.91
CA ALA A 43 -4.10 -10.43 14.18
C ALA A 43 -5.15 -10.39 15.28
N PRO A 44 -4.92 -11.08 16.36
CA PRO A 44 -5.87 -11.11 17.51
C PRO A 44 -5.91 -9.77 18.26
N GLY A 45 -7.12 -9.26 18.49
CA GLY A 45 -7.27 -7.99 19.20
C GLY A 45 -6.82 -6.83 18.32
N VAL A 46 -6.71 -7.09 17.01
CA VAL A 46 -6.29 -6.06 16.07
C VAL A 46 -7.46 -5.17 15.67
N ASN A 47 -7.23 -3.87 15.66
CA ASN A 47 -8.28 -2.92 15.29
C ASN A 47 -8.11 -2.47 13.83
N VAL A 48 -9.22 -2.33 13.12
CA VAL A 48 -9.18 -1.91 11.73
C VAL A 48 -10.02 -0.65 11.53
N ILE A 49 -9.51 0.26 10.72
CA ILE A 49 -10.22 1.51 10.44
C ILE A 49 -10.08 1.85 8.97
N ASP A 50 -10.92 1.23 8.13
CA ASP A 50 -10.89 1.47 6.70
C ASP A 50 -12.21 2.02 6.20
N GLN A 51 -12.16 3.22 5.63
CA GLN A 51 -13.34 3.86 5.11
C GLN A 51 -13.12 4.29 3.66
N ILE A 52 -13.73 3.55 2.75
CA ILE A 52 -13.61 3.82 1.33
C ILE A 52 -14.97 4.14 0.73
N HIS A 53 -15.01 5.08 -0.22
CA HIS A 53 -16.26 5.44 -0.86
C HIS A 53 -16.30 4.87 -2.28
N VAL A 54 -17.51 4.54 -2.74
CA VAL A 54 -17.68 3.98 -4.07
C VAL A 54 -17.86 5.10 -5.10
N ASP A 55 -17.32 4.89 -6.29
CA ASP A 55 -17.42 5.88 -7.35
C ASP A 55 -17.56 5.20 -8.71
N PRO A 56 -18.06 5.90 -9.70
CA PRO A 56 -18.23 5.33 -11.07
C PRO A 56 -17.03 4.48 -11.49
N VAL A 57 -15.93 5.14 -11.86
CA VAL A 57 -14.72 4.43 -12.28
C VAL A 57 -13.53 5.38 -12.16
N VAL A 58 -13.41 6.02 -11.01
CA VAL A 58 -12.33 6.96 -10.77
C VAL A 58 -10.97 6.34 -11.06
N ARG A 59 -10.11 7.09 -11.73
CA ARG A 59 -8.79 6.60 -12.10
C ARG A 59 -7.93 6.43 -10.85
N SER A 60 -7.91 5.20 -10.36
CA SER A 60 -7.16 4.84 -9.17
C SER A 60 -6.32 3.59 -9.42
N LEU A 61 -5.55 3.19 -8.40
CA LEU A 61 -4.71 2.00 -8.52
C LEU A 61 -5.58 0.75 -8.57
N ASP A 62 -5.39 -0.08 -9.59
CA ASP A 62 -6.17 -1.31 -9.72
C ASP A 62 -5.68 -2.35 -8.71
N PHE A 63 -6.38 -2.45 -7.59
CA PHE A 63 -6.02 -3.39 -6.54
C PHE A 63 -6.19 -4.85 -6.97
N SER A 64 -6.81 -5.06 -8.13
CA SER A 64 -7.04 -6.42 -8.61
C SER A 64 -5.81 -7.31 -8.36
N SER A 65 -4.64 -6.71 -8.38
CA SER A 65 -3.39 -7.43 -8.17
C SER A 65 -2.59 -6.78 -7.04
N ALA A 66 -3.29 -6.26 -6.05
CA ALA A 66 -2.63 -5.65 -4.92
C ALA A 66 -2.29 -6.72 -3.90
N GLU A 67 -2.99 -7.85 -3.95
CA GLU A 67 -2.69 -8.92 -3.02
C GLU A 67 -1.29 -9.45 -3.33
N PRO A 68 -1.02 -9.88 -4.55
CA PRO A 68 0.34 -10.32 -4.91
C PRO A 68 1.38 -9.33 -4.40
N VAL A 69 1.06 -8.03 -4.54
CA VAL A 69 1.99 -7.00 -4.07
C VAL A 69 1.98 -6.91 -2.54
N PHE A 70 0.85 -6.46 -1.97
CA PHE A 70 0.73 -6.33 -0.52
C PHE A 70 1.20 -7.61 0.17
N THR A 71 0.89 -8.76 -0.44
CA THR A 71 1.32 -10.04 0.11
C THR A 71 2.84 -10.06 0.19
N ALA A 72 3.47 -9.58 -0.88
CA ALA A 72 4.92 -9.53 -0.94
C ALA A 72 5.44 -8.62 0.16
N SER A 73 4.55 -7.82 0.74
CA SER A 73 4.91 -6.89 1.82
C SER A 73 4.30 -7.32 3.15
N VAL A 74 3.67 -8.49 3.19
CA VAL A 74 3.06 -8.97 4.42
C VAL A 74 4.07 -9.03 5.58
N PRO A 75 5.22 -9.64 5.40
CA PRO A 75 6.23 -9.71 6.50
C PRO A 75 6.73 -8.34 6.92
N ILE A 76 5.98 -7.30 6.57
CA ILE A 76 6.34 -5.94 6.90
C ILE A 76 5.10 -5.17 7.34
N PRO A 77 4.64 -5.37 8.55
CA PRO A 77 3.42 -4.68 9.05
C PRO A 77 3.67 -3.21 9.35
N ASP A 78 4.81 -2.72 8.88
CA ASP A 78 5.21 -1.33 9.08
C ASP A 78 5.45 -0.70 7.71
N PHE A 79 4.67 -1.17 6.73
CA PHE A 79 4.82 -0.72 5.34
C PHE A 79 3.93 0.48 5.04
N GLY A 80 4.29 1.19 3.97
CA GLY A 80 3.53 2.36 3.55
C GLY A 80 3.25 2.33 2.05
N LEU A 81 2.00 2.62 1.68
CA LEU A 81 1.59 2.64 0.28
C LEU A 81 1.04 4.03 -0.03
N LYS A 82 1.60 4.69 -1.03
CA LYS A 82 1.14 6.03 -1.40
C LYS A 82 0.75 6.06 -2.87
N VAL A 83 -0.50 6.44 -3.15
CA VAL A 83 -0.98 6.49 -4.52
C VAL A 83 -1.61 7.83 -4.82
N GLU A 84 -1.26 8.40 -5.98
CA GLU A 84 -1.81 9.68 -6.39
C GLU A 84 -1.50 9.84 -7.89
N ARG A 85 -2.53 10.16 -8.68
CA ARG A 85 -2.38 10.30 -10.14
C ARG A 85 -0.94 10.56 -10.56
N ASP A 86 -0.39 11.71 -10.19
CA ASP A 86 0.98 12.06 -10.56
C ASP A 86 1.88 10.84 -10.53
N THR A 87 2.34 10.48 -9.34
CA THR A 87 3.23 9.32 -9.18
C THR A 87 2.83 8.49 -7.96
N VAL A 88 3.49 7.33 -7.83
CA VAL A 88 3.24 6.43 -6.72
C VAL A 88 4.53 6.26 -5.92
N THR A 89 4.47 6.45 -4.60
CA THR A 89 5.66 6.34 -3.78
C THR A 89 5.57 5.15 -2.82
N LEU A 90 6.71 4.49 -2.63
CA LEU A 90 6.80 3.34 -1.75
C LEU A 90 7.82 3.57 -0.63
N THR A 91 7.40 3.34 0.61
CA THR A 91 8.31 3.51 1.74
C THR A 91 8.10 2.38 2.75
N GLY A 92 9.19 1.74 3.15
CA GLY A 92 9.11 0.66 4.13
C GLY A 92 10.45 0.45 4.81
N THR A 93 10.49 0.60 6.14
CA THR A 93 11.73 0.39 6.87
C THR A 93 12.05 -1.10 6.89
N ALA A 94 13.27 -1.46 6.48
CA ALA A 94 13.66 -2.87 6.44
C ALA A 94 14.82 -3.14 7.40
N PRO A 95 14.60 -3.77 8.52
CA PRO A 95 15.70 -4.08 9.49
C PRO A 95 16.88 -4.76 8.79
N SER A 96 16.69 -5.10 7.52
CA SER A 96 17.74 -5.76 6.74
C SER A 96 18.16 -4.88 5.57
N SER A 97 17.56 -5.11 4.40
CA SER A 97 17.88 -4.33 3.21
C SER A 97 17.17 -4.91 1.99
N GLU A 98 17.86 -5.79 1.27
CA GLU A 98 17.28 -6.40 0.07
C GLU A 98 15.85 -6.86 0.34
N HIS A 99 15.54 -7.06 1.61
CA HIS A 99 14.21 -7.52 2.00
C HIS A 99 13.14 -6.75 1.23
N LYS A 100 13.45 -5.50 0.87
CA LYS A 100 12.50 -4.68 0.13
C LYS A 100 12.55 -4.99 -1.37
N ASP A 101 13.71 -5.48 -1.83
CA ASP A 101 13.88 -5.81 -3.24
C ASP A 101 12.70 -6.61 -3.77
N ALA A 102 12.49 -7.80 -3.20
CA ALA A 102 11.40 -8.66 -3.63
C ALA A 102 10.08 -7.89 -3.66
N VAL A 103 9.93 -6.93 -2.74
CA VAL A 103 8.70 -6.15 -2.67
C VAL A 103 8.59 -5.19 -3.85
N LYS A 104 9.70 -4.56 -4.23
CA LYS A 104 9.70 -3.62 -5.35
C LYS A 104 9.39 -4.33 -6.66
N ARG A 105 10.07 -5.46 -6.90
CA ARG A 105 9.86 -6.21 -8.13
C ARG A 105 8.38 -6.60 -8.26
N ALA A 106 7.75 -6.87 -7.13
CA ALA A 106 6.35 -7.25 -7.12
C ALA A 106 5.47 -6.06 -7.51
N ALA A 107 5.79 -4.90 -6.95
CA ALA A 107 5.02 -3.69 -7.25
C ALA A 107 5.20 -3.25 -8.69
N THR A 108 6.46 -3.05 -9.08
CA THR A 108 6.77 -2.62 -10.45
C THR A 108 5.93 -3.40 -11.45
N SER A 109 5.91 -4.71 -11.31
CA SER A 109 5.16 -5.57 -12.22
C SER A 109 3.67 -5.29 -12.14
N THR A 110 3.19 -4.80 -11.00
CA THR A 110 1.76 -4.52 -10.84
C THR A 110 1.38 -3.11 -11.29
N TRP A 111 2.29 -2.16 -11.12
CA TRP A 111 2.00 -0.79 -11.51
C TRP A 111 3.17 -0.22 -12.32
N PRO A 112 3.34 -0.71 -13.52
CA PRO A 112 4.46 -0.28 -14.42
C PRO A 112 4.26 1.09 -15.05
N ASP A 113 3.02 1.49 -15.33
CA ASP A 113 2.78 2.79 -15.95
C ASP A 113 2.76 3.90 -14.91
N MET A 114 2.94 3.52 -13.65
CA MET A 114 2.94 4.51 -12.56
C MET A 114 4.34 4.58 -11.95
N LYS A 115 4.81 5.79 -11.70
CA LYS A 115 6.14 5.95 -11.11
C LYS A 115 6.20 5.37 -9.71
N ILE A 116 7.09 4.41 -9.53
CA ILE A 116 7.27 3.76 -8.23
C ILE A 116 8.66 4.04 -7.69
N VAL A 117 8.74 4.69 -6.52
CA VAL A 117 10.05 4.97 -5.93
C VAL A 117 10.19 4.27 -4.58
N ASN A 118 10.94 3.19 -4.59
CA ASN A 118 11.15 2.42 -3.37
C ASN A 118 12.45 2.84 -2.71
N ASN A 119 12.35 3.78 -1.78
CA ASN A 119 13.55 4.28 -1.10
C ASN A 119 13.56 3.88 0.36
N ILE A 120 14.11 2.70 0.63
CA ILE A 120 14.20 2.16 1.97
C ILE A 120 15.30 2.87 2.74
N GLU A 121 15.09 3.03 4.02
CA GLU A 121 16.07 3.67 4.88
C GLU A 121 16.17 2.89 6.19
N VAL A 122 17.27 2.16 6.37
CA VAL A 122 17.45 1.37 7.57
C VAL A 122 17.76 2.26 8.77
N THR A 123 16.88 2.22 9.76
CA THR A 123 17.06 3.02 10.97
C THR A 123 18.27 2.54 11.76
N GLY A 124 19.45 3.07 11.41
CA GLY A 124 20.67 2.68 12.10
C GLY A 124 21.25 1.41 11.51
N GLN A 125 22.57 1.38 11.35
CA GLN A 125 23.23 0.21 10.79
C GLN A 125 22.63 -1.07 11.35
N ALA A 126 22.41 -1.09 12.65
CA ALA A 126 21.83 -2.27 13.30
C ALA A 126 20.31 -2.15 13.36
N PRO A 127 19.62 -3.24 13.55
CA PRO A 127 18.12 -3.25 13.62
C PRO A 127 17.62 -2.63 14.94
N PRO A 128 16.37 -2.21 14.97
CA PRO A 128 15.78 -1.60 16.19
C PRO A 128 16.15 -2.37 17.46
N GLY A 129 16.66 -3.58 17.27
CA GLY A 129 17.05 -4.41 18.41
C GLY A 129 15.83 -5.10 19.02
N PRO A 130 15.98 -5.67 20.18
CA PRO A 130 14.88 -6.39 20.87
C PRO A 130 13.63 -5.50 21.00
N PRO A 131 12.48 -6.10 21.20
CA PRO A 131 11.20 -5.33 21.31
C PRO A 131 11.14 -4.54 22.63
N GLY A 1 -14.18 17.13 -26.63
CA GLY A 1 -13.75 17.95 -25.47
C GLY A 1 -13.91 17.14 -24.18
N ALA A 2 -12.81 16.96 -23.46
CA ALA A 2 -12.83 16.20 -22.21
C ALA A 2 -11.60 16.53 -21.37
N SER A 3 -11.82 17.20 -20.24
CA SER A 3 -10.73 17.57 -19.36
C SER A 3 -11.19 17.55 -17.90
N ALA A 4 -11.85 16.47 -17.51
CA ALA A 4 -12.33 16.34 -16.13
C ALA A 4 -11.17 16.42 -15.15
N LEU A 5 -10.26 15.46 -15.25
CA LEU A 5 -9.10 15.43 -14.36
C LEU A 5 -9.53 15.75 -12.93
N SER A 6 -10.08 14.77 -12.24
CA SER A 6 -10.53 14.97 -10.87
C SER A 6 -9.48 14.45 -9.88
N LEU A 7 -9.86 14.38 -8.61
CA LEU A 7 -8.96 13.90 -7.58
C LEU A 7 -9.05 12.38 -7.46
N SER A 8 -7.91 11.74 -7.21
CA SER A 8 -7.90 10.29 -7.03
C SER A 8 -6.61 9.85 -6.34
N LEU A 9 -6.62 9.81 -5.01
CA LEU A 9 -5.44 9.41 -4.25
C LEU A 9 -5.77 8.28 -3.28
N LEU A 10 -4.74 7.58 -2.84
CA LEU A 10 -4.92 6.48 -1.90
C LEU A 10 -3.87 6.57 -0.79
N SER A 11 -4.27 6.23 0.43
CA SER A 11 -3.35 6.27 1.56
C SER A 11 -3.50 5.03 2.43
N ILE A 12 -2.39 4.32 2.63
CA ILE A 12 -2.42 3.10 3.44
C ILE A 12 -1.21 3.03 4.37
N SER A 13 -1.50 2.88 5.66
CA SER A 13 -0.44 2.78 6.67
C SER A 13 -0.54 1.47 7.44
N ARG A 14 0.60 0.81 7.65
CA ARG A 14 0.62 -0.45 8.38
C ARG A 14 1.78 -0.45 9.37
N SER A 15 1.44 -0.43 10.66
CA SER A 15 2.45 -0.43 11.72
C SER A 15 2.40 -1.74 12.49
N GLY A 16 1.22 -2.34 12.56
CA GLY A 16 1.06 -3.61 13.27
C GLY A 16 -0.21 -3.59 14.12
N ASN A 17 -0.30 -2.61 15.00
CA ASN A 17 -1.46 -2.49 15.88
C ASN A 17 -2.71 -2.16 15.06
N THR A 18 -2.86 -0.89 14.72
CA THR A 18 -4.01 -0.45 13.95
C THR A 18 -3.61 -0.16 12.50
N VAL A 19 -4.57 -0.23 11.58
CA VAL A 19 -4.30 0.05 10.17
C VAL A 19 -5.18 1.19 9.69
N THR A 20 -4.60 2.09 8.90
CA THR A 20 -5.35 3.25 8.40
C THR A 20 -5.40 3.24 6.87
N LEU A 21 -6.61 3.11 6.32
CA LEU A 21 -6.79 3.11 4.88
C LEU A 21 -7.95 4.03 4.49
N ILE A 22 -7.64 5.02 3.66
CA ILE A 22 -8.66 5.97 3.23
C ILE A 22 -8.42 6.41 1.78
N GLY A 23 -9.47 6.35 0.98
CA GLY A 23 -9.38 6.75 -0.42
C GLY A 23 -10.73 6.57 -1.12
N ASP A 24 -10.70 6.51 -2.45
CA ASP A 24 -11.93 6.35 -3.23
C ASP A 24 -11.83 5.11 -4.11
N PHE A 25 -12.81 4.22 -3.99
CA PHE A 25 -12.82 2.99 -4.78
C PHE A 25 -13.86 3.09 -5.90
N PRO A 26 -13.69 2.33 -6.96
CA PRO A 26 -14.67 2.35 -8.09
C PRO A 26 -15.93 1.56 -7.73
N ASP A 27 -15.72 0.41 -7.09
CA ASP A 27 -16.83 -0.44 -6.68
C ASP A 27 -16.60 -0.97 -5.27
N GLU A 28 -17.49 -1.85 -4.82
CA GLU A 28 -17.36 -2.43 -3.49
C GLU A 28 -16.68 -3.80 -3.54
N ALA A 29 -16.93 -4.55 -4.60
CA ALA A 29 -16.32 -5.87 -4.75
C ALA A 29 -14.79 -5.74 -4.76
N ALA A 30 -14.33 -4.56 -5.13
CA ALA A 30 -12.89 -4.29 -5.20
C ALA A 30 -12.25 -4.55 -3.84
N LYS A 31 -13.02 -4.37 -2.78
CA LYS A 31 -12.51 -4.59 -1.43
C LYS A 31 -12.14 -6.05 -1.24
N ALA A 32 -12.91 -6.96 -1.84
CA ALA A 32 -12.64 -8.39 -1.71
C ALA A 32 -11.22 -8.75 -2.14
N ALA A 33 -10.75 -8.14 -3.23
CA ALA A 33 -9.40 -8.44 -3.72
C ALA A 33 -8.35 -7.95 -2.74
N LEU A 34 -8.60 -6.82 -2.11
CA LEU A 34 -7.65 -6.28 -1.14
C LEU A 34 -7.82 -6.97 0.22
N MET A 35 -9.07 -7.11 0.64
CA MET A 35 -9.37 -7.76 1.91
C MET A 35 -8.66 -9.09 2.01
N THR A 36 -8.81 -9.93 0.99
CA THR A 36 -8.17 -11.24 0.99
C THR A 36 -6.71 -11.09 1.39
N ALA A 37 -6.18 -9.88 1.25
CA ALA A 37 -4.80 -9.62 1.59
C ALA A 37 -4.66 -9.41 3.10
N LEU A 38 -5.66 -8.75 3.69
CA LEU A 38 -5.65 -8.49 5.13
C LEU A 38 -5.60 -9.81 5.90
N ASN A 39 -6.33 -10.81 5.39
CA ASN A 39 -6.36 -12.12 6.03
C ASN A 39 -4.97 -12.53 6.49
N GLY A 40 -3.95 -11.92 5.89
CA GLY A 40 -2.57 -12.24 6.23
C GLY A 40 -2.11 -11.43 7.44
N LEU A 41 -2.61 -10.20 7.57
CA LEU A 41 -2.24 -9.34 8.69
C LEU A 41 -3.22 -9.53 9.84
N LEU A 42 -4.44 -9.94 9.51
CA LEU A 42 -5.47 -10.15 10.53
C LEU A 42 -4.87 -10.85 11.75
N ALA A 43 -4.73 -10.11 12.83
CA ALA A 43 -4.18 -10.65 14.07
C ALA A 43 -5.24 -10.60 15.18
N PRO A 44 -5.03 -11.32 16.24
CA PRO A 44 -5.99 -11.36 17.38
C PRO A 44 -5.98 -10.06 18.18
N GLY A 45 -7.11 -9.35 18.18
CA GLY A 45 -7.21 -8.10 18.92
C GLY A 45 -6.75 -6.92 18.06
N VAL A 46 -6.51 -7.18 16.78
CA VAL A 46 -6.07 -6.13 15.87
C VAL A 46 -7.23 -5.22 15.48
N ASN A 47 -6.97 -3.92 15.45
CA ASN A 47 -8.01 -2.96 15.09
C ASN A 47 -7.82 -2.49 13.65
N VAL A 48 -8.93 -2.32 12.94
CA VAL A 48 -8.88 -1.87 11.56
C VAL A 48 -9.79 -0.67 11.36
N ILE A 49 -9.31 0.33 10.62
CA ILE A 49 -10.09 1.52 10.36
C ILE A 49 -9.96 1.90 8.89
N ASP A 50 -10.76 1.27 8.04
CA ASP A 50 -10.72 1.55 6.61
C ASP A 50 -12.01 2.18 6.14
N GLN A 51 -11.91 3.38 5.58
CA GLN A 51 -13.09 4.07 5.08
C GLN A 51 -12.86 4.52 3.64
N ILE A 52 -13.51 3.81 2.72
CA ILE A 52 -13.38 4.09 1.30
C ILE A 52 -14.75 4.35 0.69
N HIS A 53 -14.82 5.30 -0.24
CA HIS A 53 -16.08 5.62 -0.89
C HIS A 53 -16.13 5.02 -2.29
N VAL A 54 -17.35 4.71 -2.75
CA VAL A 54 -17.54 4.14 -4.07
C VAL A 54 -17.73 5.25 -5.09
N ASP A 55 -17.21 5.03 -6.30
CA ASP A 55 -17.34 6.03 -7.36
C ASP A 55 -17.44 5.35 -8.72
N PRO A 56 -17.94 6.03 -9.71
CA PRO A 56 -18.07 5.47 -11.08
C PRO A 56 -16.86 4.61 -11.46
N VAL A 57 -15.75 5.27 -11.78
CA VAL A 57 -14.53 4.57 -12.15
C VAL A 57 -13.39 5.59 -12.24
N VAL A 58 -13.32 6.43 -11.21
CA VAL A 58 -12.31 7.49 -11.15
C VAL A 58 -10.91 6.91 -11.39
N ARG A 59 -10.05 7.73 -11.99
CA ARG A 59 -8.70 7.30 -12.30
C ARG A 59 -7.90 7.13 -11.01
N SER A 60 -7.90 5.90 -10.52
CA SER A 60 -7.20 5.56 -9.28
C SER A 60 -6.36 4.30 -9.47
N LEU A 61 -5.64 3.91 -8.43
CA LEU A 61 -4.82 2.71 -8.49
C LEU A 61 -5.69 1.46 -8.40
N ASP A 62 -5.51 0.54 -9.34
CA ASP A 62 -6.28 -0.70 -9.34
C ASP A 62 -5.57 -1.72 -8.45
N PHE A 63 -6.23 -2.14 -7.37
CA PHE A 63 -5.61 -3.07 -6.44
C PHE A 63 -6.01 -4.52 -6.74
N SER A 64 -6.80 -4.74 -7.79
CA SER A 64 -7.23 -6.09 -8.12
C SER A 64 -6.07 -7.09 -7.96
N SER A 65 -4.84 -6.58 -8.07
CA SER A 65 -3.66 -7.42 -7.93
C SER A 65 -2.77 -6.88 -6.79
N ALA A 66 -3.41 -6.35 -5.76
CA ALA A 66 -2.68 -5.86 -4.62
C ALA A 66 -2.36 -7.03 -3.72
N GLU A 67 -3.10 -8.12 -3.87
CA GLU A 67 -2.83 -9.31 -3.10
C GLU A 67 -1.37 -9.68 -3.29
N PRO A 68 -0.96 -10.02 -4.49
CA PRO A 68 0.46 -10.35 -4.76
C PRO A 68 1.38 -9.28 -4.20
N VAL A 69 0.99 -8.01 -4.32
CA VAL A 69 1.85 -6.94 -3.78
C VAL A 69 1.80 -6.93 -2.25
N PHE A 70 0.65 -6.60 -1.69
CA PHE A 70 0.49 -6.56 -0.24
C PHE A 70 1.06 -7.83 0.40
N THR A 71 0.85 -8.96 -0.28
CA THR A 71 1.36 -10.23 0.22
C THR A 71 2.88 -10.21 0.22
N ALA A 72 3.45 -9.49 -0.73
CA ALA A 72 4.91 -9.39 -0.84
C ALA A 72 5.46 -8.51 0.27
N SER A 73 4.59 -7.69 0.86
CA SER A 73 4.99 -6.79 1.94
C SER A 73 4.38 -7.23 3.28
N VAL A 74 3.77 -8.41 3.28
CA VAL A 74 3.15 -8.93 4.49
C VAL A 74 4.16 -9.06 5.64
N PRO A 75 5.32 -9.65 5.43
CA PRO A 75 6.33 -9.80 6.52
C PRO A 75 6.91 -8.47 6.97
N ILE A 76 6.21 -7.39 6.65
CA ILE A 76 6.66 -6.06 7.05
C ILE A 76 5.47 -5.22 7.53
N PRO A 77 5.10 -5.34 8.78
CA PRO A 77 3.94 -4.58 9.32
C PRO A 77 4.27 -3.11 9.60
N ASP A 78 5.44 -2.68 9.14
CA ASP A 78 5.88 -1.30 9.33
C ASP A 78 6.13 -0.65 7.98
N PHE A 79 5.37 -1.08 6.97
CA PHE A 79 5.54 -0.57 5.62
C PHE A 79 4.49 0.50 5.29
N GLY A 80 4.84 1.36 4.34
CA GLY A 80 3.94 2.43 3.91
C GLY A 80 3.67 2.33 2.42
N LEU A 81 2.42 2.53 2.03
CA LEU A 81 2.03 2.50 0.63
C LEU A 81 1.26 3.77 0.31
N LYS A 82 1.77 4.57 -0.63
CA LYS A 82 1.10 5.82 -0.96
C LYS A 82 1.03 6.04 -2.47
N VAL A 83 -0.15 6.39 -2.94
CA VAL A 83 -0.35 6.66 -4.36
C VAL A 83 -0.75 8.12 -4.53
N GLU A 84 -0.17 8.79 -5.52
CA GLU A 84 -0.47 10.19 -5.77
C GLU A 84 -1.54 10.30 -6.84
N ARG A 85 -1.49 11.39 -7.61
CA ARG A 85 -2.44 11.57 -8.70
C ARG A 85 -2.10 10.58 -9.81
N ASP A 86 -0.95 10.78 -10.45
CA ASP A 86 -0.50 9.91 -11.53
C ASP A 86 0.85 9.28 -11.20
N THR A 87 1.28 9.41 -9.94
CA THR A 87 2.55 8.85 -9.50
C THR A 87 2.33 7.89 -8.32
N VAL A 88 3.33 7.07 -8.00
CA VAL A 88 3.20 6.12 -6.89
C VAL A 88 4.47 6.09 -6.06
N THR A 89 4.33 6.28 -4.74
CA THR A 89 5.48 6.28 -3.85
C THR A 89 5.51 5.02 -2.98
N LEU A 90 6.71 4.51 -2.74
CA LEU A 90 6.88 3.31 -1.93
C LEU A 90 7.97 3.56 -0.88
N THR A 91 7.59 3.52 0.40
CA THR A 91 8.58 3.74 1.46
C THR A 91 8.30 2.84 2.65
N GLY A 92 9.33 2.13 3.10
CA GLY A 92 9.16 1.23 4.24
C GLY A 92 10.48 0.97 4.95
N THR A 93 10.40 0.83 6.27
CA THR A 93 11.59 0.57 7.07
C THR A 93 12.07 -0.85 6.81
N ALA A 94 13.27 -0.96 6.22
CA ALA A 94 13.81 -2.28 5.90
C ALA A 94 15.11 -2.54 6.69
N PRO A 95 15.00 -3.06 7.89
CA PRO A 95 16.19 -3.35 8.74
C PRO A 95 17.25 -4.19 8.00
N SER A 96 16.93 -4.58 6.77
CA SER A 96 17.86 -5.39 5.97
C SER A 96 18.06 -4.78 4.58
N SER A 97 17.16 -3.88 4.19
CA SER A 97 17.25 -3.23 2.89
C SER A 97 16.71 -4.14 1.80
N GLU A 98 17.36 -5.29 1.59
CA GLU A 98 16.92 -6.23 0.56
C GLU A 98 15.49 -6.67 0.83
N HIS A 99 15.15 -6.74 2.11
CA HIS A 99 13.81 -7.16 2.51
C HIS A 99 12.75 -6.47 1.65
N LYS A 100 13.04 -5.24 1.22
CA LYS A 100 12.10 -4.50 0.40
C LYS A 100 12.17 -4.93 -1.07
N ASP A 101 13.30 -5.49 -1.47
CA ASP A 101 13.48 -5.93 -2.86
C ASP A 101 12.30 -6.75 -3.34
N ALA A 102 12.06 -7.90 -2.71
CA ALA A 102 10.97 -8.77 -3.10
C ALA A 102 9.66 -7.99 -3.25
N VAL A 103 9.52 -6.94 -2.45
CA VAL A 103 8.30 -6.13 -2.50
C VAL A 103 8.24 -5.33 -3.80
N LYS A 104 9.38 -4.82 -4.26
CA LYS A 104 9.42 -4.04 -5.49
C LYS A 104 9.02 -4.88 -6.70
N ARG A 105 9.58 -6.08 -6.79
CA ARG A 105 9.27 -6.96 -7.92
C ARG A 105 7.77 -7.20 -8.02
N ALA A 106 7.11 -7.35 -6.88
CA ALA A 106 5.68 -7.59 -6.87
C ALA A 106 4.91 -6.32 -7.24
N ALA A 107 5.33 -5.19 -6.66
CA ALA A 107 4.66 -3.92 -6.94
C ALA A 107 4.86 -3.50 -8.39
N THR A 108 6.13 -3.36 -8.80
CA THR A 108 6.42 -2.95 -10.17
C THR A 108 5.57 -3.73 -11.17
N SER A 109 5.54 -5.04 -11.01
CA SER A 109 4.76 -5.88 -11.91
C SER A 109 3.29 -5.51 -11.88
N THR A 110 2.83 -4.95 -10.76
CA THR A 110 1.43 -4.58 -10.63
C THR A 110 1.13 -3.24 -11.28
N TRP A 111 2.10 -2.32 -11.27
CA TRP A 111 1.89 -1.00 -11.85
C TRP A 111 3.11 -0.59 -12.67
N PRO A 112 3.27 -1.19 -13.82
CA PRO A 112 4.43 -0.92 -14.72
C PRO A 112 4.28 0.35 -15.57
N ASP A 113 3.07 0.64 -16.03
CA ASP A 113 2.86 1.83 -16.87
C ASP A 113 2.75 3.07 -16.00
N MET A 114 2.91 2.89 -14.69
CA MET A 114 2.85 4.00 -13.76
C MET A 114 4.25 4.37 -13.31
N LYS A 115 4.36 5.24 -12.32
CA LYS A 115 5.66 5.64 -11.80
C LYS A 115 5.80 5.17 -10.36
N ILE A 116 6.81 4.37 -10.11
CA ILE A 116 7.05 3.86 -8.75
C ILE A 116 8.42 4.27 -8.24
N VAL A 117 8.42 4.99 -7.13
CA VAL A 117 9.68 5.42 -6.52
C VAL A 117 9.83 4.76 -5.15
N ASN A 118 10.68 3.74 -5.12
CA ASN A 118 10.89 3.00 -3.88
C ASN A 118 12.00 3.66 -3.06
N ASN A 119 11.60 4.47 -2.09
CA ASN A 119 12.57 5.15 -1.25
C ASN A 119 12.46 4.70 0.22
N ILE A 120 13.15 3.62 0.56
CA ILE A 120 13.16 3.08 1.91
C ILE A 120 14.36 3.63 2.67
N GLU A 121 14.23 3.81 3.98
CA GLU A 121 15.34 4.32 4.78
C GLU A 121 15.42 3.55 6.09
N VAL A 122 16.57 2.91 6.34
CA VAL A 122 16.73 2.13 7.56
C VAL A 122 16.93 3.04 8.77
N THR A 123 16.00 2.96 9.71
CA THR A 123 16.09 3.79 10.93
C THR A 123 17.14 3.22 11.89
N GLY A 124 18.09 4.06 12.28
CA GLY A 124 19.14 3.63 13.20
C GLY A 124 20.17 4.74 13.42
N GLN A 125 20.85 5.12 12.34
CA GLN A 125 21.86 6.18 12.43
C GLN A 125 21.32 7.37 13.20
N ALA A 126 22.17 7.99 14.02
CA ALA A 126 21.77 9.14 14.81
C ALA A 126 21.47 10.33 13.89
N PRO A 127 20.74 11.31 14.39
CA PRO A 127 20.39 12.52 13.59
C PRO A 127 21.59 13.45 13.39
N PRO A 128 21.53 14.33 12.42
CA PRO A 128 22.64 15.29 12.14
C PRO A 128 23.23 15.87 13.42
N GLY A 129 24.56 15.90 13.50
CA GLY A 129 25.24 16.43 14.67
C GLY A 129 26.35 17.40 14.26
N PRO A 130 25.99 18.52 13.71
CA PRO A 130 26.98 19.55 13.26
C PRO A 130 27.93 19.99 14.38
N PRO A 131 27.42 20.26 15.56
CA PRO A 131 28.27 20.69 16.70
C PRO A 131 28.87 19.51 17.45
N GLY A 1 -22.84 11.07 -16.89
CA GLY A 1 -22.59 10.91 -18.34
C GLY A 1 -21.12 11.16 -18.64
N ALA A 2 -20.63 12.33 -18.26
CA ALA A 2 -19.24 12.67 -18.49
C ALA A 2 -18.74 13.66 -17.44
N SER A 3 -17.44 13.61 -17.16
CA SER A 3 -16.85 14.51 -16.17
C SER A 3 -15.39 14.79 -16.50
N ALA A 4 -14.93 15.98 -16.12
CA ALA A 4 -13.54 16.36 -16.39
C ALA A 4 -12.63 15.90 -15.26
N LEU A 5 -11.50 16.59 -15.10
CA LEU A 5 -10.55 16.25 -14.06
C LEU A 5 -11.22 16.30 -12.69
N SER A 6 -10.85 15.36 -11.82
CA SER A 6 -11.42 15.30 -10.48
C SER A 6 -10.39 14.81 -9.47
N LEU A 7 -10.76 14.82 -8.20
CA LEU A 7 -9.86 14.37 -7.14
C LEU A 7 -9.99 12.86 -6.96
N SER A 8 -8.86 12.21 -6.68
CA SER A 8 -8.88 10.77 -6.43
C SER A 8 -7.59 10.34 -5.72
N LEU A 9 -7.58 10.38 -4.40
CA LEU A 9 -6.38 10.00 -3.65
C LEU A 9 -6.54 8.63 -3.01
N LEU A 10 -5.42 8.02 -2.66
CA LEU A 10 -5.42 6.70 -2.02
C LEU A 10 -4.24 6.61 -1.06
N SER A 11 -4.54 6.52 0.24
CA SER A 11 -3.49 6.44 1.24
C SER A 11 -3.70 5.24 2.16
N ILE A 12 -2.64 4.48 2.37
CA ILE A 12 -2.71 3.30 3.24
C ILE A 12 -1.56 3.30 4.23
N SER A 13 -1.90 3.15 5.51
CA SER A 13 -0.90 3.13 6.57
C SER A 13 -1.01 1.84 7.39
N ARG A 14 0.13 1.20 7.64
CA ARG A 14 0.14 -0.03 8.42
C ARG A 14 1.31 -0.02 9.39
N SER A 15 0.99 0.08 10.69
CA SER A 15 2.00 0.11 11.74
C SER A 15 1.95 -1.19 12.56
N GLY A 16 0.75 -1.65 12.85
CA GLY A 16 0.57 -2.86 13.63
C GLY A 16 -0.60 -2.71 14.60
N ASN A 17 -1.38 -3.77 14.75
CA ASN A 17 -2.53 -3.73 15.65
C ASN A 17 -3.64 -2.85 15.06
N THR A 18 -3.24 -1.71 14.52
CA THR A 18 -4.20 -0.78 13.93
C THR A 18 -3.74 -0.36 12.53
N VAL A 19 -4.68 -0.39 11.57
CA VAL A 19 -4.36 0.00 10.20
C VAL A 19 -5.24 1.17 9.76
N THR A 20 -4.64 2.11 9.03
CA THR A 20 -5.38 3.29 8.57
C THR A 20 -5.40 3.37 7.05
N LEU A 21 -6.60 3.26 6.46
CA LEU A 21 -6.74 3.34 5.02
C LEU A 21 -7.91 4.24 4.65
N ILE A 22 -7.63 5.30 3.90
CA ILE A 22 -8.65 6.26 3.50
C ILE A 22 -8.56 6.58 2.01
N GLY A 23 -9.68 7.06 1.47
CA GLY A 23 -9.74 7.42 0.05
C GLY A 23 -11.10 7.10 -0.56
N ASP A 24 -11.10 6.90 -1.87
CA ASP A 24 -12.33 6.58 -2.59
C ASP A 24 -12.11 5.42 -3.56
N PHE A 25 -13.07 4.48 -3.58
CA PHE A 25 -12.97 3.32 -4.45
C PHE A 25 -14.01 3.38 -5.55
N PRO A 26 -13.79 2.71 -6.67
CA PRO A 26 -14.75 2.71 -7.80
C PRO A 26 -15.95 1.80 -7.52
N ASP A 27 -15.68 0.63 -6.95
CA ASP A 27 -16.72 -0.32 -6.63
C ASP A 27 -16.55 -0.84 -5.20
N GLU A 28 -17.46 -1.71 -4.78
CA GLU A 28 -17.40 -2.27 -3.43
C GLU A 28 -16.65 -3.60 -3.42
N ALA A 29 -16.84 -4.39 -4.48
CA ALA A 29 -16.18 -5.69 -4.57
C ALA A 29 -14.66 -5.52 -4.56
N ALA A 30 -14.21 -4.39 -5.10
CA ALA A 30 -12.78 -4.11 -5.16
C ALA A 30 -12.13 -4.36 -3.80
N LYS A 31 -12.91 -4.19 -2.75
CA LYS A 31 -12.40 -4.42 -1.40
C LYS A 31 -12.06 -5.89 -1.20
N ALA A 32 -12.88 -6.77 -1.78
CA ALA A 32 -12.67 -8.21 -1.65
C ALA A 32 -11.27 -8.63 -2.08
N ALA A 33 -10.82 -8.13 -3.24
CA ALA A 33 -9.49 -8.49 -3.75
C ALA A 33 -8.40 -8.04 -2.77
N LEU A 34 -8.61 -6.90 -2.14
CA LEU A 34 -7.63 -6.41 -1.17
C LEU A 34 -7.79 -7.13 0.16
N MET A 35 -9.04 -7.30 0.58
CA MET A 35 -9.33 -7.99 1.83
C MET A 35 -8.57 -9.30 1.90
N THR A 36 -8.67 -10.11 0.85
CA THR A 36 -7.97 -11.39 0.82
C THR A 36 -6.52 -11.19 1.26
N ALA A 37 -6.04 -9.96 1.11
CA ALA A 37 -4.67 -9.64 1.51
C ALA A 37 -4.60 -9.47 3.02
N LEU A 38 -5.63 -8.87 3.60
CA LEU A 38 -5.67 -8.66 5.05
C LEU A 38 -5.61 -10.00 5.77
N ASN A 39 -6.33 -10.99 5.23
CA ASN A 39 -6.35 -12.32 5.83
C ASN A 39 -4.95 -12.75 6.26
N GLY A 40 -3.94 -12.19 5.60
CA GLY A 40 -2.56 -12.53 5.92
C GLY A 40 -2.07 -11.77 7.14
N LEU A 41 -2.56 -10.55 7.32
CA LEU A 41 -2.16 -9.73 8.46
C LEU A 41 -3.15 -9.91 9.61
N LEU A 42 -4.36 -10.33 9.29
CA LEU A 42 -5.39 -10.54 10.31
C LEU A 42 -4.78 -11.19 11.55
N ALA A 43 -4.66 -10.40 12.62
CA ALA A 43 -4.09 -10.90 13.87
C ALA A 43 -5.14 -10.84 14.98
N PRO A 44 -4.93 -11.54 16.06
CA PRO A 44 -5.87 -11.56 17.20
C PRO A 44 -5.88 -10.24 17.98
N GLY A 45 -7.01 -9.55 17.97
CA GLY A 45 -7.12 -8.27 18.68
C GLY A 45 -6.74 -7.10 17.78
N VAL A 46 -6.51 -7.39 16.50
CA VAL A 46 -6.14 -6.35 15.55
C VAL A 46 -7.36 -5.51 15.17
N ASN A 47 -7.21 -4.19 15.23
CA ASN A 47 -8.31 -3.30 14.89
C ASN A 47 -8.11 -2.71 13.49
N VAL A 48 -9.20 -2.47 12.78
CA VAL A 48 -9.12 -1.91 11.44
C VAL A 48 -9.97 -0.66 11.33
N ILE A 49 -9.43 0.37 10.67
CA ILE A 49 -10.14 1.61 10.48
C ILE A 49 -10.01 2.07 9.04
N ASP A 50 -10.79 1.45 8.16
CA ASP A 50 -10.76 1.77 6.75
C ASP A 50 -12.09 2.38 6.32
N GLN A 51 -12.04 3.63 5.84
CA GLN A 51 -13.24 4.31 5.40
C GLN A 51 -13.08 4.80 3.96
N ILE A 52 -13.72 4.10 3.05
CA ILE A 52 -13.64 4.44 1.63
C ILE A 52 -15.02 4.69 1.06
N HIS A 53 -15.12 5.67 0.17
CA HIS A 53 -16.39 6.01 -0.45
C HIS A 53 -16.47 5.40 -1.84
N VAL A 54 -17.69 5.08 -2.28
CA VAL A 54 -17.88 4.50 -3.60
C VAL A 54 -18.06 5.62 -4.63
N ASP A 55 -17.51 5.41 -5.82
CA ASP A 55 -17.63 6.39 -6.89
C ASP A 55 -17.35 5.74 -8.24
N PRO A 56 -18.32 5.13 -8.85
CA PRO A 56 -18.13 4.46 -10.18
C PRO A 56 -17.45 5.35 -11.22
N VAL A 57 -17.11 6.59 -10.84
CA VAL A 57 -16.47 7.51 -11.76
C VAL A 57 -15.02 7.78 -11.36
N VAL A 58 -14.73 7.71 -10.07
CA VAL A 58 -13.38 7.95 -9.58
C VAL A 58 -12.39 7.09 -10.36
N ARG A 59 -11.10 7.28 -10.10
CA ARG A 59 -10.07 6.49 -10.76
C ARG A 59 -9.03 6.13 -9.72
N SER A 60 -8.62 4.87 -9.67
CA SER A 60 -7.64 4.45 -8.66
C SER A 60 -6.73 3.35 -9.18
N LEU A 61 -5.79 2.96 -8.34
CA LEU A 61 -4.84 1.92 -8.67
C LEU A 61 -5.55 0.56 -8.69
N ASP A 62 -5.16 -0.31 -9.60
CA ASP A 62 -5.77 -1.63 -9.69
C ASP A 62 -5.05 -2.58 -8.74
N PHE A 63 -5.69 -2.89 -7.62
CA PHE A 63 -5.10 -3.77 -6.63
C PHE A 63 -5.41 -5.24 -6.91
N SER A 64 -6.13 -5.52 -8.00
CA SER A 64 -6.46 -6.89 -8.33
C SER A 64 -5.26 -7.81 -8.09
N SER A 65 -4.07 -7.24 -8.24
CA SER A 65 -2.82 -7.98 -8.03
C SER A 65 -2.06 -7.38 -6.86
N ALA A 66 -2.80 -6.91 -5.86
CA ALA A 66 -2.18 -6.34 -4.70
C ALA A 66 -1.86 -7.47 -3.74
N GLU A 67 -2.59 -8.56 -3.87
CA GLU A 67 -2.32 -9.71 -3.05
C GLU A 67 -0.83 -10.03 -3.17
N PRO A 68 -0.38 -10.39 -4.36
CA PRO A 68 1.06 -10.68 -4.58
C PRO A 68 1.96 -9.58 -4.03
N VAL A 69 1.56 -8.32 -4.21
CA VAL A 69 2.38 -7.21 -3.69
C VAL A 69 2.23 -7.07 -2.18
N PHE A 70 1.03 -6.70 -1.73
CA PHE A 70 0.78 -6.54 -0.30
C PHE A 70 1.35 -7.73 0.46
N THR A 71 1.20 -8.93 -0.11
CA THR A 71 1.74 -10.13 0.52
C THR A 71 3.25 -10.03 0.62
N ALA A 72 3.85 -9.38 -0.37
CA ALA A 72 5.29 -9.20 -0.39
C ALA A 72 5.73 -8.26 0.72
N SER A 73 4.77 -7.49 1.23
CA SER A 73 5.05 -6.54 2.30
C SER A 73 4.37 -6.95 3.61
N VAL A 74 3.78 -8.14 3.62
CA VAL A 74 3.09 -8.63 4.82
C VAL A 74 4.04 -8.76 6.01
N PRO A 75 5.21 -9.34 5.86
CA PRO A 75 6.16 -9.51 7.00
C PRO A 75 6.71 -8.17 7.49
N ILE A 76 6.02 -7.09 7.13
CA ILE A 76 6.43 -5.76 7.54
C ILE A 76 5.18 -4.91 7.86
N PRO A 77 4.69 -4.95 9.08
CA PRO A 77 3.49 -4.18 9.47
C PRO A 77 3.80 -2.70 9.70
N ASP A 78 4.96 -2.28 9.22
CA ASP A 78 5.39 -0.88 9.38
C ASP A 78 5.64 -0.28 8.00
N PHE A 79 4.87 -0.73 7.02
CA PHE A 79 5.04 -0.25 5.65
C PHE A 79 3.98 0.77 5.27
N GLY A 80 4.30 1.56 4.24
CA GLY A 80 3.39 2.59 3.75
C GLY A 80 3.21 2.50 2.24
N LEU A 81 1.99 2.70 1.79
CA LEU A 81 1.68 2.67 0.35
C LEU A 81 0.94 3.94 -0.02
N LYS A 82 1.44 4.66 -1.01
CA LYS A 82 0.80 5.90 -1.42
C LYS A 82 0.71 6.01 -2.93
N VAL A 83 -0.49 6.27 -3.42
CA VAL A 83 -0.72 6.44 -4.85
C VAL A 83 -1.10 7.88 -5.12
N GLU A 84 -0.53 8.49 -6.15
CA GLU A 84 -0.84 9.87 -6.47
C GLU A 84 -1.88 9.92 -7.58
N ARG A 85 -1.82 10.97 -8.38
CA ARG A 85 -2.74 11.10 -9.50
C ARG A 85 -2.38 10.04 -10.55
N ASP A 86 -1.20 10.19 -11.15
CA ASP A 86 -0.73 9.25 -12.16
C ASP A 86 0.63 8.65 -11.78
N THR A 87 1.02 8.81 -10.51
CA THR A 87 2.30 8.29 -10.04
C THR A 87 2.10 7.47 -8.76
N VAL A 88 3.05 6.58 -8.44
CA VAL A 88 2.93 5.76 -7.23
C VAL A 88 4.27 5.70 -6.48
N THR A 89 4.23 6.02 -5.19
CA THR A 89 5.45 6.01 -4.37
C THR A 89 5.38 4.92 -3.30
N LEU A 90 6.54 4.33 -3.00
CA LEU A 90 6.61 3.25 -2.02
C LEU A 90 7.65 3.56 -0.94
N THR A 91 7.25 3.52 0.33
CA THR A 91 8.22 3.76 1.39
C THR A 91 7.87 2.95 2.64
N GLY A 92 8.87 2.22 3.14
CA GLY A 92 8.67 1.39 4.32
C GLY A 92 9.98 1.10 5.03
N THR A 93 9.91 1.01 6.36
CA THR A 93 11.09 0.73 7.16
C THR A 93 11.50 -0.73 6.97
N ALA A 94 12.69 -0.95 6.41
CA ALA A 94 13.19 -2.30 6.17
C ALA A 94 14.57 -2.49 6.77
N PRO A 95 14.65 -2.77 8.05
CA PRO A 95 15.95 -2.98 8.74
C PRO A 95 16.81 -4.05 8.06
N SER A 96 16.28 -4.65 6.99
CA SER A 96 17.01 -5.68 6.25
C SER A 96 17.20 -5.28 4.80
N SER A 97 17.11 -6.25 3.90
CA SER A 97 17.28 -5.99 2.48
C SER A 97 16.37 -6.88 1.63
N GLU A 98 16.40 -8.18 1.91
CA GLU A 98 15.56 -9.13 1.17
C GLU A 98 14.15 -8.59 1.04
N HIS A 99 13.80 -7.67 1.92
CA HIS A 99 12.46 -7.07 1.89
C HIS A 99 12.40 -6.00 0.80
N LYS A 100 13.19 -4.95 0.98
CA LYS A 100 13.21 -3.84 0.03
C LYS A 100 13.18 -4.36 -1.41
N ASP A 101 14.21 -5.11 -1.80
CA ASP A 101 14.29 -5.62 -3.16
C ASP A 101 13.04 -6.39 -3.56
N ALA A 102 12.75 -7.48 -2.85
CA ALA A 102 11.59 -8.30 -3.16
C ALA A 102 10.31 -7.47 -3.22
N VAL A 103 10.17 -6.54 -2.29
CA VAL A 103 8.98 -5.69 -2.24
C VAL A 103 8.89 -4.80 -3.48
N LYS A 104 10.03 -4.22 -3.87
CA LYS A 104 10.05 -3.34 -5.03
C LYS A 104 9.73 -4.11 -6.31
N ARG A 105 10.39 -5.25 -6.49
CA ARG A 105 10.18 -6.07 -7.68
C ARG A 105 8.71 -6.44 -7.82
N ALA A 106 8.08 -6.77 -6.71
CA ALA A 106 6.67 -7.15 -6.71
C ALA A 106 5.79 -5.97 -7.14
N ALA A 107 6.09 -4.80 -6.60
CA ALA A 107 5.32 -3.60 -6.92
C ALA A 107 5.53 -3.17 -8.38
N THR A 108 6.80 -3.02 -8.76
CA THR A 108 7.12 -2.61 -10.13
C THR A 108 6.42 -3.50 -11.16
N SER A 109 6.52 -4.80 -10.97
CA SER A 109 5.90 -5.75 -11.91
C SER A 109 4.39 -5.59 -11.94
N THR A 110 3.83 -5.04 -10.86
CA THR A 110 2.38 -4.85 -10.79
C THR A 110 1.99 -3.48 -11.33
N TRP A 111 2.90 -2.52 -11.24
CA TRP A 111 2.64 -1.18 -11.73
C TRP A 111 3.85 -0.65 -12.47
N PRO A 112 4.22 -1.29 -13.55
CA PRO A 112 5.42 -0.93 -14.35
C PRO A 112 5.24 0.33 -15.20
N ASP A 113 4.04 0.57 -15.72
CA ASP A 113 3.80 1.74 -16.55
C ASP A 113 3.52 2.98 -15.70
N MET A 114 3.56 2.80 -14.38
CA MET A 114 3.31 3.91 -13.46
C MET A 114 4.58 4.27 -12.70
N LYS A 115 4.95 5.54 -12.72
CA LYS A 115 6.15 5.99 -12.03
C LYS A 115 6.21 5.37 -10.63
N ILE A 116 7.11 4.41 -10.46
CA ILE A 116 7.27 3.75 -9.18
C ILE A 116 8.58 4.15 -8.52
N VAL A 117 8.51 4.80 -7.35
CA VAL A 117 9.71 5.21 -6.65
C VAL A 117 9.75 4.60 -5.26
N ASN A 118 10.56 3.56 -5.10
CA ASN A 118 10.69 2.89 -3.82
C ASN A 118 11.95 3.34 -3.11
N ASN A 119 11.79 4.27 -2.17
CA ASN A 119 12.94 4.81 -1.45
C ASN A 119 12.90 4.44 0.04
N ILE A 120 13.46 3.28 0.37
CA ILE A 120 13.53 2.80 1.75
C ILE A 120 14.85 3.19 2.39
N GLU A 121 14.83 3.41 3.69
CA GLU A 121 16.06 3.76 4.42
C GLU A 121 16.11 2.92 5.69
N VAL A 122 17.24 2.26 5.92
CA VAL A 122 17.37 1.42 7.11
C VAL A 122 17.60 2.24 8.38
N THR A 123 16.76 2.03 9.37
CA THR A 123 16.87 2.75 10.64
C THR A 123 18.32 2.75 11.12
N GLY A 124 18.57 3.43 12.24
CA GLY A 124 19.92 3.53 12.81
C GLY A 124 20.79 2.33 12.44
N GLN A 125 20.26 1.13 12.63
CA GLN A 125 21.01 -0.08 12.31
C GLN A 125 22.10 -0.31 13.35
N ALA A 126 23.08 0.58 13.37
CA ALA A 126 24.19 0.44 14.32
C ALA A 126 23.79 1.05 15.68
N PRO A 127 24.42 0.64 16.74
CA PRO A 127 24.11 1.16 18.11
C PRO A 127 24.62 2.58 18.30
N PRO A 128 24.14 3.29 19.30
CA PRO A 128 24.58 4.68 19.58
C PRO A 128 26.10 4.82 19.54
N GLY A 129 26.80 3.69 19.46
CA GLY A 129 28.26 3.70 19.41
C GLY A 129 28.75 2.86 18.23
N PRO A 130 28.66 3.38 17.03
CA PRO A 130 29.11 2.64 15.82
C PRO A 130 30.58 2.21 15.90
N PRO A 131 31.47 3.06 16.34
CA PRO A 131 32.91 2.71 16.46
C PRO A 131 33.22 1.98 17.76
#